data_6CM3
#
_entry.id   6CM3
#
_cell.length_a   1
_cell.length_b   1
_cell.length_c   1
_cell.angle_alpha   90.00
_cell.angle_beta   90.00
_cell.angle_gamma   90.00
#
_symmetry.space_group_name_H-M   'P 1'
#
loop_
_entity.id
_entity.type
_entity.pdbx_description
1 polymer 'Envelope glycoprotein gp160'
2 polymer 'Envelope glycoprotein gp160'
3 polymer 'T-cell surface glycoprotein CD4'
4 polymer '17b Fab light chain'
5 polymer '17b Fab heavy chain'
6 polymer '8ANC195 Fab heavy chain'
7 polymer '8ANC195 Fab light chain'
8 branched 2-acetamido-2-deoxy-beta-D-glucopyranose-(1-4)-2-acetamido-2-deoxy-beta-D-glucopyranose
9 branched alpha-D-mannopyranose-(1-2)-alpha-D-mannopyranose-(1-2)-alpha-D-mannopyranose-(1-3)-[alpha-D-mannopyranose-(1-2)-alpha-D-mannopyranose-(1-6)-[alpha-D-mannopyranose-(1-3)]alpha-D-mannopyranose-(1-6)]beta-D-mannopyranose-(1-4)-2-acetamido-2-deoxy-beta-D-glucopyranose-(1-4)-2-acetamido-2-deoxy-beta-D-glucopyranose
10 branched alpha-D-mannopyranose-(1-2)-alpha-D-mannopyranose-(1-3)-beta-D-mannopyranose-(1-4)-2-acetamido-2-deoxy-beta-D-glucopyranose-(1-4)-2-acetamido-2-deoxy-beta-D-glucopyranose
11 branched alpha-D-mannopyranose-(1-3)-[alpha-D-mannopyranose-(1-6)]beta-D-mannopyranose-(1-4)-2-acetamido-2-deoxy-beta-D-glucopyranose-(1-4)-2-acetamido-2-deoxy-beta-D-glucopyranose
12 non-polymer 2-acetamido-2-deoxy-beta-D-glucopyranose
#
loop_
_entity_poly.entity_id
_entity_poly.type
_entity_poly.pdbx_seq_one_letter_code
_entity_poly.pdbx_strand_id
1 'polypeptide(L)'
;AVGIGAVFLGFLGAAGSTMGAASMTLTVQARNLLSGIVQQQSNLLRAPEAQQHLLKLTVWGIKQLQARVLAVERYLRDQQ
LLGIWGCSGKLICCTNVPWNSSWSNRNLSEIWDNMTWLQWDKEISNYTQIIYGLLEESQNQQEKNEQDLLALD
;
A,B,C
2 'polypeptide(L)'
;AENLWVTVYYGVPVWKDAETTLFCASDAKAYETEKHNVWATHACVPTDPNPQEIHLENVTEEFNMWKNNMVEQMHTDIIS
LWDQSLKPCVKLTPLCVTLQCTNVTNNITDDMRGELKNCSFNMTTELRDKKQKVYSLFYRLDVVQINENQGNRSNNSNKE
YRLINCNTSAITQACPKVSFEPIPIHYCAPAGFAILKCKDKKFNGTGPCPSVSTVQCTHGIKPVVSTQLLLNGSLAEEEV
MIRSENITNNAKNILVQFNTPVQINCTRPNNNTRKSIRIGPGQAFYATGDIIGDIRQAHCNVSKATWNETLGKVVKQLRK
HFGNNTIIRFANSSGGDLEVTTHSFNCGGEFFYCNTSGLFNSTWISNTSVQGSNSTGSNDSITLPCRIKQIINMWQRIGQ
AMYAPPIQGVIRCVSNITGLILTRDGGSTNSTTETFRPGGGDMRDNWRSELYKYKVVKIEPLGVAPTRCKRRVVGRRRRR
R
;
D,E,F
3 'polypeptide(L)'
;KKVVLGKKGDTVELTCTASQKKSIQFHWKNSNQIKILGNQGSFLTKGPSKLNDRADSRRSLWDQGNFPLIIKNLKIEDSD
TYICEVEDQKEEVQLLVFGLTANSDTHLLQGQSLTLTLESPPGSSPSVQCRSPRGKNIQGGKTLSVSQLELQDSGTWTCT
VLQNQKKVEFKIDIVVLAFQKAIDGRHHHHHH
;
G,H,I
4 'polypeptide(L)'
;DIVMTQSPATLSVSPGERATLSCRASESVSSDLAWYQQKPGQAPRLLIYGASTRATGVPARFSGSGSGAEFTLTISSLQS
EDFAVYYCQQYNNWPPRYTFGQGTRLEIKRTVAAPSVFIFPPSDEQLKSGTASVVCLLNNFYPREAKVQWKVDNALQSGN
SQESVTEQDSKDSTYSLSSTLTLSKADYEKHKVYACEVTHQGLSSPVTKSFNRG
;
J,L,N
5 'polypeptide(L)'
;EVQLVESGAEVKKPGSSVKVSCKASGDTFIRYSFTWVRQAPGQGLEWMGRIITILDVAHYAPHLQGRVTITADKSTSTVY
LELRNLRSDDTAVYFCAGVYEGEADEGEYDNNGFLKHWGQGTLVTVSSASTKGPSVFPLAPSSKSTSGGTAALGCLVKDY
FPEPVTVSWNSGALTSGVHTFPAVLQSSGLYSLSSVVTVPSSSLGTQTYICNVNHKPSNTKVDKKVEPK
;
K,M,O
6 'polypeptide(L)'
;QIHLVQSGTEVKKPGSSVTVSCKAYGVNTFGLYAVNWVRQAPGQSLEYIGQIWRWKSSASHHFRGRVLISAVDLTGSSPP
ISSLEIKNLTSDDTAVYFCTTTSTYDKWSGLHHDGVMAFSSWGQGTLISVSAASTKGPSVFPLAPSSKSTSGGTAALGCL
VKDYFPEPVTVSWNSGALTSGVHTFPAVLQSSGLYSLSSVVTVPSSSLGTQTYICNVNHKPSNTKVDKRVEPKSCDKTHH
HHHH
;
P,R,T
7 'polypeptide(L)'
;DIQMTQSPSTLSASIGDTVRISCRASQSITGNWVAWYQQRPGKAPRLLIYRGAALLGGVPSRFSGSAAGTDFTLTIGNLQ
AEDFGTFYCQQYDTYPGTFGQGTKVEVKRTVAAPSVFIFPPSDEQLKSGTASVVCLLNNFYPREAKVQWKVDNALQSGNS
QESVTEQDSKDSTYSLSSTLTLSKADYEKHKVYACEVTHQGLSSPVTKSFNRGEC
;
Q,S,U
#
# COMPACT_ATOMS: atom_id res chain seq x y z
N GLY A 5 -16.75 -5.47 10.42
CA GLY A 5 -17.46 -4.28 10.84
C GLY A 5 -18.59 -3.89 9.92
N ALA A 6 -19.18 -4.88 9.25
CA ALA A 6 -20.30 -4.67 8.35
C ALA A 6 -21.63 -5.07 8.97
N VAL A 7 -21.64 -5.31 10.28
CA VAL A 7 -22.84 -5.74 10.98
C VAL A 7 -23.63 -4.55 11.54
N PHE A 8 -23.29 -3.33 11.13
CA PHE A 8 -24.05 -2.17 11.57
C PHE A 8 -25.38 -2.08 10.86
N LEU A 9 -25.49 -2.65 9.66
CA LEU A 9 -26.76 -2.66 8.97
C LEU A 9 -27.72 -3.68 9.54
N GLY A 10 -27.21 -4.82 10.00
CA GLY A 10 -28.05 -5.86 10.56
C GLY A 10 -28.75 -5.47 11.84
N PHE A 11 -28.27 -4.41 12.51
CA PHE A 11 -28.99 -3.85 13.64
C PHE A 11 -30.35 -3.32 13.21
N LEU A 12 -30.42 -2.75 12.01
CA LEU A 12 -31.57 -1.92 11.69
C LEU A 12 -32.79 -2.69 11.25
N GLY A 13 -32.69 -4.00 11.04
CA GLY A 13 -33.84 -4.77 10.60
C GLY A 13 -34.97 -4.84 11.60
N ALA A 14 -34.69 -4.59 12.86
CA ALA A 14 -35.68 -4.63 13.92
C ALA A 14 -36.27 -3.26 14.23
N ALA A 15 -36.06 -2.27 13.38
CA ALA A 15 -36.75 -1.00 13.57
C ALA A 15 -38.21 -1.17 13.21
N GLY A 16 -39.06 -0.34 13.81
CA GLY A 16 -40.48 -0.41 13.57
C GLY A 16 -41.23 -1.40 14.44
N SER A 17 -40.64 -2.56 14.66
CA SER A 17 -41.19 -3.48 15.63
C SER A 17 -40.87 -2.99 17.03
N THR A 18 -41.56 -3.54 18.02
CA THR A 18 -41.49 -3.04 19.39
C THR A 18 -40.17 -3.46 20.04
N MET A 19 -40.04 -3.16 21.33
CA MET A 19 -38.74 -3.27 21.97
C MET A 19 -38.40 -4.71 22.33
N GLY A 20 -39.39 -5.54 22.64
CA GLY A 20 -39.10 -6.92 22.99
C GLY A 20 -38.70 -7.75 21.78
N ALA A 21 -39.39 -7.55 20.65
CA ALA A 21 -39.02 -8.25 19.43
C ALA A 21 -37.64 -7.82 18.94
N ALA A 22 -37.31 -6.54 19.10
CA ALA A 22 -35.97 -6.08 18.78
C ALA A 22 -34.93 -6.65 19.72
N SER A 23 -35.27 -6.86 21.00
CA SER A 23 -34.33 -7.46 21.93
C SER A 23 -34.08 -8.92 21.63
N MET A 24 -35.08 -9.63 21.09
CA MET A 24 -34.82 -11.00 20.64
C MET A 24 -34.00 -11.00 19.35
N THR A 25 -34.29 -10.06 18.45
CA THR A 25 -33.60 -9.99 17.18
C THR A 25 -32.13 -9.61 17.35
N LEU A 26 -31.80 -8.94 18.46
CA LEU A 26 -30.40 -8.69 18.84
C LEU A 26 -29.58 -9.98 18.87
N THR A 27 -30.00 -10.93 19.70
CA THR A 27 -29.27 -12.18 19.83
C THR A 27 -29.32 -13.01 18.56
N VAL A 28 -30.49 -13.04 17.90
CA VAL A 28 -30.65 -13.87 16.70
C VAL A 28 -29.79 -13.35 15.55
N GLN A 29 -29.96 -12.09 15.18
CA GLN A 29 -29.19 -11.48 14.10
C GLN A 29 -27.75 -11.16 14.50
N ALA A 30 -27.38 -11.32 15.77
CA ALA A 30 -25.97 -11.28 16.09
C ALA A 30 -25.31 -12.64 15.89
N ARG A 31 -26.00 -13.72 16.25
CA ARG A 31 -25.43 -15.04 16.03
C ARG A 31 -25.40 -15.41 14.56
N ASN A 32 -26.38 -14.94 13.78
CA ASN A 32 -26.43 -15.37 12.39
C ASN A 32 -25.52 -14.56 11.48
N LEU A 33 -25.25 -13.29 11.83
CA LEU A 33 -24.50 -12.42 10.93
C LEU A 33 -23.01 -12.42 11.23
N LEU A 34 -22.47 -13.50 11.74
CA LEU A 34 -21.03 -13.63 11.96
C LEU A 34 -20.50 -14.93 11.38
N HIS A 53 0.12 -6.41 -9.72
CA HIS A 53 0.97 -5.49 -8.98
C HIS A 53 1.14 -4.18 -9.74
N LEU A 54 0.13 -3.83 -10.51
CA LEU A 54 0.17 -2.57 -11.24
C LEU A 54 -0.01 -1.44 -10.23
N LEU A 55 0.52 -0.27 -10.58
CA LEU A 55 0.54 0.86 -9.65
C LEU A 55 -0.86 1.36 -9.34
N LYS A 56 -1.81 1.14 -10.23
CA LYS A 56 -3.18 1.55 -9.99
C LYS A 56 -3.98 0.53 -9.19
N LEU A 57 -3.37 -0.59 -8.78
CA LEU A 57 -4.05 -1.57 -7.95
C LEU A 57 -3.62 -1.53 -6.50
N THR A 58 -2.39 -1.12 -6.23
CA THR A 58 -1.97 -0.93 -4.84
C THR A 58 -2.73 0.20 -4.19
N VAL A 59 -3.19 1.18 -4.98
CA VAL A 59 -4.03 2.24 -4.44
C VAL A 59 -5.40 1.69 -4.03
N TRP A 60 -5.93 0.73 -4.80
CA TRP A 60 -7.16 0.09 -4.39
C TRP A 60 -6.97 -0.75 -3.14
N GLY A 61 -5.83 -1.42 -3.03
CA GLY A 61 -5.54 -2.18 -1.83
C GLY A 61 -5.43 -1.31 -0.59
N ILE A 62 -4.78 -0.16 -0.73
CA ILE A 62 -4.65 0.75 0.40
C ILE A 62 -5.98 1.38 0.78
N LYS A 63 -6.83 1.69 -0.21
CA LYS A 63 -8.12 2.27 0.14
C LYS A 63 -9.06 1.26 0.78
N GLN A 64 -9.00 0.00 0.38
CA GLN A 64 -9.81 -1.00 1.07
C GLN A 64 -9.29 -1.27 2.48
N LEU A 65 -7.97 -1.23 2.68
CA LEU A 65 -7.48 -1.34 4.05
C LEU A 65 -7.82 -0.13 4.90
N GLN A 66 -7.87 1.06 4.31
CA GLN A 66 -8.30 2.22 5.08
C GLN A 66 -9.78 2.19 5.37
N ALA A 67 -10.55 1.41 4.62
CA ALA A 67 -11.93 1.17 5.04
C ALA A 67 -11.99 0.20 6.21
N ARG A 68 -11.26 -0.92 6.11
CA ARG A 68 -11.39 -1.99 7.10
C ARG A 68 -10.82 -1.59 8.46
N VAL A 69 -9.66 -0.94 8.48
CA VAL A 69 -9.06 -0.53 9.74
C VAL A 69 -9.88 0.57 10.40
N LEU A 70 -10.52 1.43 9.61
CA LEU A 70 -11.42 2.43 10.17
C LEU A 70 -12.65 1.80 10.80
N ALA A 71 -13.18 0.73 10.18
CA ALA A 71 -14.30 0.04 10.78
C ALA A 71 -13.91 -0.64 12.09
N VAL A 72 -12.70 -1.22 12.13
CA VAL A 72 -12.22 -1.85 13.37
C VAL A 72 -11.99 -0.81 14.46
N GLU A 73 -11.47 0.37 14.10
CA GLU A 73 -11.26 1.40 15.11
C GLU A 73 -12.57 1.98 15.61
N ARG A 74 -13.58 2.09 14.76
CA ARG A 74 -14.88 2.58 15.23
C ARG A 74 -15.53 1.56 16.16
N TYR A 75 -15.37 0.27 15.86
CA TYR A 75 -15.88 -0.75 16.78
C TYR A 75 -15.15 -0.72 18.12
N LEU A 76 -13.82 -0.54 18.11
CA LEU A 76 -13.11 -0.50 19.38
C LEU A 76 -13.43 0.75 20.18
N ARG A 77 -13.71 1.87 19.51
CA ARG A 77 -14.14 3.05 20.25
C ARG A 77 -15.52 2.85 20.85
N ASP A 78 -16.40 2.15 20.14
CA ASP A 78 -17.72 1.86 20.70
C ASP A 78 -17.63 0.87 21.85
N GLN A 79 -16.64 -0.01 21.84
CA GLN A 79 -16.47 -0.88 23.00
C GLN A 79 -15.78 -0.18 24.15
N GLN A 80 -14.95 0.82 23.88
CA GLN A 80 -14.35 1.59 24.97
C GLN A 80 -15.37 2.49 25.65
N LEU A 81 -16.36 2.98 24.91
CA LEU A 81 -17.41 3.75 25.58
C LEU A 81 -18.34 2.87 26.40
N LEU A 82 -18.43 1.58 26.10
CA LEU A 82 -19.04 0.63 27.01
C LEU A 82 -18.07 0.15 28.08
N GLY A 83 -16.78 0.47 27.93
CA GLY A 83 -15.83 0.05 28.94
C GLY A 83 -15.84 0.89 30.18
N ILE A 84 -16.33 2.12 30.07
CA ILE A 84 -16.44 2.98 31.24
C ILE A 84 -17.50 2.45 32.19
N TRP A 85 -18.59 1.94 31.65
CA TRP A 85 -19.78 1.60 32.41
C TRP A 85 -19.77 0.17 32.89
N GLY A 86 -18.66 -0.54 32.71
CA GLY A 86 -18.59 -1.92 33.12
C GLY A 86 -19.35 -2.86 32.22
N CYS A 87 -19.55 -2.49 30.96
CA CYS A 87 -20.34 -3.29 30.04
C CYS A 87 -19.63 -3.49 28.71
N SER A 88 -18.31 -3.57 28.74
CA SER A 88 -17.56 -3.81 27.52
C SER A 88 -17.71 -5.25 27.09
N GLY A 89 -18.02 -5.46 25.81
CA GLY A 89 -18.17 -6.77 25.26
C GLY A 89 -19.55 -7.37 25.42
N LYS A 90 -20.26 -7.02 26.48
CA LYS A 90 -21.60 -7.55 26.69
C LYS A 90 -22.56 -6.90 25.72
N LEU A 91 -23.36 -7.73 25.05
CA LEU A 91 -24.39 -7.21 24.17
C LEU A 91 -25.54 -6.63 24.97
N ILE A 92 -25.80 -7.18 26.15
CA ILE A 92 -26.83 -6.73 27.08
C ILE A 92 -26.25 -6.80 28.47
N CYS A 93 -26.27 -5.69 29.20
CA CYS A 93 -25.79 -5.72 30.57
C CYS A 93 -26.80 -5.02 31.46
N CYS A 94 -26.81 -5.39 32.73
CA CYS A 94 -27.78 -4.89 33.68
C CYS A 94 -27.02 -4.24 34.82
N THR A 95 -27.05 -2.91 34.88
CA THR A 95 -26.16 -2.15 35.75
C THR A 95 -26.74 -2.01 37.15
N ASN A 96 -26.16 -1.12 37.94
CA ASN A 96 -26.53 -0.87 39.33
C ASN A 96 -26.81 0.61 39.55
N VAL A 97 -27.57 1.21 38.65
CA VAL A 97 -27.97 2.60 38.81
C VAL A 97 -29.49 2.64 38.88
N PRO A 98 -30.09 2.88 40.04
CA PRO A 98 -31.54 2.76 40.15
C PRO A 98 -32.24 3.93 39.50
N TRP A 99 -33.37 3.65 38.85
CA TRP A 99 -34.16 4.70 38.23
C TRP A 99 -34.83 5.59 39.27
N ASN A 100 -34.42 6.85 39.29
CA ASN A 100 -35.34 7.90 39.71
C ASN A 100 -36.53 7.82 38.78
N SER A 101 -37.71 7.63 39.35
CA SER A 101 -38.86 7.29 38.52
C SER A 101 -39.51 8.50 37.89
N SER A 102 -38.83 9.65 37.86
CA SER A 102 -39.23 10.75 37.01
C SER A 102 -38.63 10.65 35.62
N TRP A 103 -38.19 9.48 35.22
CA TRP A 103 -37.65 9.21 33.90
C TRP A 103 -38.59 8.16 33.33
N SER A 104 -39.59 8.59 32.57
CA SER A 104 -40.62 7.73 31.97
C SER A 104 -41.36 6.94 33.05
N ASN A 105 -42.12 7.67 33.85
CA ASN A 105 -42.95 7.10 34.91
C ASN A 105 -44.10 6.35 34.24
N ARG A 106 -43.81 5.10 33.87
CA ARG A 106 -44.66 4.36 32.95
C ARG A 106 -44.61 2.89 33.32
N ASN A 107 -45.76 2.23 33.27
CA ASN A 107 -45.86 0.80 33.50
C ASN A 107 -45.12 0.08 32.38
N LEU A 108 -44.12 -0.74 32.74
CA LEU A 108 -43.17 -1.21 31.74
C LEU A 108 -43.71 -2.30 30.84
N SER A 109 -44.92 -2.78 31.07
CA SER A 109 -45.63 -3.52 30.03
C SER A 109 -45.87 -2.61 28.82
N GLU A 110 -46.26 -1.36 29.08
CA GLU A 110 -46.47 -0.40 28.00
C GLU A 110 -45.16 -0.01 27.33
N ILE A 111 -44.06 0.01 28.09
CA ILE A 111 -42.74 0.22 27.52
C ILE A 111 -42.39 -0.90 26.54
N TRP A 112 -42.38 -2.14 27.02
CA TRP A 112 -41.87 -3.20 26.17
C TRP A 112 -42.90 -3.73 25.20
N ASP A 113 -44.11 -3.17 25.16
CA ASP A 113 -45.09 -3.63 24.20
C ASP A 113 -45.64 -2.55 23.28
N ASN A 114 -45.68 -1.29 23.70
CA ASN A 114 -46.35 -0.27 22.92
C ASN A 114 -45.40 0.73 22.30
N MET A 115 -44.09 0.53 22.42
CA MET A 115 -43.14 1.52 21.97
C MET A 115 -42.05 0.88 21.14
N THR A 116 -41.44 1.70 20.30
CA THR A 116 -40.27 1.35 19.52
C THR A 116 -39.11 2.18 20.00
N TRP A 117 -37.92 1.87 19.50
CA TRP A 117 -36.71 2.49 20.03
C TRP A 117 -36.58 3.94 19.63
N LEU A 118 -37.10 4.31 18.47
CA LEU A 118 -37.12 5.69 18.04
C LEU A 118 -37.93 6.55 19.00
N GLN A 119 -38.99 5.97 19.54
CA GLN A 119 -39.80 6.68 20.50
C GLN A 119 -39.08 6.84 21.84
N TRP A 120 -38.18 5.93 22.18
CA TRP A 120 -37.38 6.13 23.38
C TRP A 120 -36.33 7.19 23.20
N ASP A 121 -35.64 7.17 22.05
CA ASP A 121 -34.65 8.21 21.78
C ASP A 121 -35.31 9.58 21.69
N LYS A 122 -36.59 9.63 21.32
CA LYS A 122 -37.29 10.90 21.41
C LYS A 122 -37.69 11.21 22.86
N GLU A 123 -38.10 10.21 23.62
CA GLU A 123 -38.78 10.50 24.89
C GLU A 123 -37.82 10.81 26.02
N ILE A 124 -36.81 9.99 26.22
CA ILE A 124 -35.92 10.26 27.35
C ILE A 124 -34.69 11.02 26.91
N SER A 125 -34.82 11.81 25.85
CA SER A 125 -33.67 12.55 25.32
C SER A 125 -33.16 13.59 26.30
N ASN A 126 -34.03 14.12 27.16
CA ASN A 126 -33.57 15.11 28.13
C ASN A 126 -33.07 14.51 29.42
N TYR A 127 -33.00 13.20 29.52
CA TYR A 127 -32.50 12.54 30.71
C TYR A 127 -31.26 11.72 30.42
N THR A 128 -30.79 11.68 29.18
CA THR A 128 -29.80 10.69 28.79
C THR A 128 -28.40 11.08 29.23
N GLN A 129 -28.09 12.38 29.23
CA GLN A 129 -26.82 12.82 29.79
C GLN A 129 -26.74 12.57 31.28
N ILE A 130 -27.89 12.67 31.97
CA ILE A 130 -27.94 12.36 33.39
C ILE A 130 -27.67 10.89 33.64
N ILE A 131 -28.25 10.02 32.81
CA ILE A 131 -28.05 8.58 32.97
C ILE A 131 -26.61 8.21 32.64
N TYR A 132 -26.02 8.88 31.65
CA TYR A 132 -24.62 8.60 31.32
C TYR A 132 -23.69 9.08 32.43
N GLY A 133 -23.99 10.22 33.04
CA GLY A 133 -23.20 10.68 34.17
C GLY A 133 -23.32 9.75 35.37
N LEU A 134 -24.50 9.19 35.59
CA LEU A 134 -24.67 8.27 36.70
C LEU A 134 -23.99 6.94 36.44
N LEU A 135 -24.02 6.47 35.18
CA LEU A 135 -23.32 5.23 34.86
C LEU A 135 -21.81 5.40 34.90
N GLU A 136 -21.31 6.60 34.60
CA GLU A 136 -19.89 6.84 34.80
C GLU A 136 -19.55 6.92 36.28
N GLU A 137 -20.37 7.62 37.07
CA GLU A 137 -20.08 7.84 38.47
C GLU A 137 -20.27 6.59 39.32
N SER A 138 -21.04 5.61 38.84
CA SER A 138 -21.23 4.37 39.58
C SER A 138 -20.20 3.32 39.21
N GLN A 139 -19.01 3.73 38.78
CA GLN A 139 -17.84 2.87 38.74
C GLN A 139 -16.78 3.32 39.73
N ASN A 140 -17.19 4.10 40.74
CA ASN A 140 -16.25 4.68 41.68
C ASN A 140 -16.72 4.43 43.11
N GLY B 5 -1.76 -11.68 16.63
CA GLY B 5 -2.66 -12.79 16.36
C GLY B 5 -1.93 -14.06 15.96
N ALA B 6 -0.71 -14.22 16.47
CA ALA B 6 0.10 -15.41 16.21
C ALA B 6 0.10 -16.37 17.39
N VAL B 7 -0.79 -16.16 18.36
CA VAL B 7 -0.86 -16.99 19.56
C VAL B 7 -1.83 -18.15 19.38
N PHE B 8 -2.29 -18.41 18.16
CA PHE B 8 -3.17 -19.55 17.93
C PHE B 8 -2.39 -20.85 17.95
N LEU B 9 -1.10 -20.81 17.67
CA LEU B 9 -0.29 -22.02 17.73
C LEU B 9 0.04 -22.39 19.17
N GLY B 10 0.24 -21.40 20.03
CA GLY B 10 0.57 -21.66 21.43
C GLY B 10 -0.53 -22.33 22.21
N PHE B 11 -1.77 -22.30 21.70
CA PHE B 11 -2.85 -23.08 22.28
C PHE B 11 -2.54 -24.56 22.18
N LEU B 12 -1.92 -24.99 21.10
CA LEU B 12 -1.93 -26.41 20.77
C LEU B 12 -0.88 -27.21 21.52
N GLY B 13 0.02 -26.57 22.26
CA GLY B 13 1.05 -27.32 22.97
C GLY B 13 0.53 -28.22 24.05
N ALA B 14 -0.67 -27.95 24.55
CA ALA B 14 -1.29 -28.73 25.61
C ALA B 14 -2.22 -29.81 25.09
N ALA B 15 -2.17 -30.14 23.80
CA ALA B 15 -2.92 -31.28 23.32
C ALA B 15 -2.25 -32.56 23.78
N GLY B 16 -3.04 -33.61 23.91
CA GLY B 16 -2.53 -34.89 24.37
C GLY B 16 -2.50 -35.04 25.86
N SER B 17 -2.10 -34.00 26.59
CA SER B 17 -2.22 -34.02 28.02
C SER B 17 -3.68 -33.80 28.41
N THR B 18 -3.99 -34.10 29.66
CA THR B 18 -5.38 -34.12 30.12
C THR B 18 -5.91 -32.70 30.29
N MET B 19 -7.12 -32.59 30.82
CA MET B 19 -7.81 -31.31 30.78
C MET B 19 -7.33 -30.35 31.86
N GLY B 20 -6.89 -30.86 33.01
CA GLY B 20 -6.41 -29.97 34.06
C GLY B 20 -5.05 -29.37 33.73
N ALA B 21 -4.15 -30.17 33.18
CA ALA B 21 -2.85 -29.67 32.77
C ALA B 21 -2.99 -28.66 31.64
N ALA B 22 -3.93 -28.89 30.72
CA ALA B 22 -4.22 -27.91 29.68
C ALA B 22 -4.82 -26.64 30.25
N SER B 23 -5.63 -26.75 31.29
CA SER B 23 -6.21 -25.55 31.90
C SER B 23 -5.16 -24.73 32.64
N MET B 24 -4.12 -25.37 33.19
CA MET B 24 -3.03 -24.61 33.76
C MET B 24 -2.17 -23.98 32.66
N THR B 25 -1.95 -24.73 31.57
CA THR B 25 -1.13 -24.26 30.47
C THR B 25 -1.78 -23.08 29.75
N LEU B 26 -3.11 -22.97 29.82
CA LEU B 26 -3.83 -21.78 29.34
C LEU B 26 -3.26 -20.50 29.92
N THR B 27 -3.27 -20.38 31.25
CA THR B 27 -2.80 -19.18 31.90
C THR B 27 -1.29 -18.99 31.73
N VAL B 28 -0.53 -20.08 31.80
CA VAL B 28 0.93 -19.98 31.70
C VAL B 28 1.36 -19.53 30.30
N GLN B 29 0.95 -20.27 29.27
CA GLN B 29 1.29 -19.94 27.91
C GLN B 29 0.51 -18.75 27.36
N ALA B 30 -0.46 -18.22 28.09
CA ALA B 30 -1.02 -16.94 27.71
C ALA B 30 -0.20 -15.79 28.26
N ARG B 31 0.29 -15.92 29.50
CA ARG B 31 1.12 -14.87 30.06
C ARG B 31 2.48 -14.81 29.40
N ASN B 32 3.02 -15.96 28.99
CA ASN B 32 4.38 -15.96 28.45
C ASN B 32 4.43 -15.56 26.99
N LEU B 33 3.38 -15.84 26.22
CA LEU B 33 3.41 -15.61 24.78
C LEU B 33 2.88 -14.25 24.36
N LEU B 34 3.01 -13.25 25.23
CA LEU B 34 2.63 -11.89 24.87
C LEU B 34 3.75 -10.92 25.21
N HIS B 53 11.32 2.01 -1.60
CA HIS B 53 10.03 2.45 -2.12
C HIS B 53 9.84 1.97 -3.54
N LEU B 54 10.43 0.84 -3.87
CA LEU B 54 10.26 0.27 -5.19
C LEU B 54 8.84 -0.28 -5.28
N LEU B 55 8.33 -0.34 -6.51
CA LEU B 55 6.94 -0.72 -6.72
C LEU B 55 6.67 -2.16 -6.33
N LYS B 56 7.68 -3.00 -6.36
CA LYS B 56 7.53 -4.39 -5.95
C LYS B 56 7.65 -4.60 -4.45
N LEU B 57 7.86 -3.54 -3.67
CA LEU B 57 7.92 -3.66 -2.22
C LEU B 57 6.68 -3.14 -1.53
N THR B 58 5.97 -2.18 -2.13
CA THR B 58 4.69 -1.76 -1.59
C THR B 58 3.67 -2.88 -1.67
N VAL B 59 3.81 -3.78 -2.64
CA VAL B 59 2.93 -4.94 -2.71
C VAL B 59 3.20 -5.89 -1.55
N TRP B 60 4.45 -6.03 -1.15
CA TRP B 60 4.76 -6.84 0.03
C TRP B 60 4.22 -6.18 1.29
N GLY B 61 4.30 -4.86 1.37
CA GLY B 61 3.75 -4.16 2.52
C GLY B 61 2.24 -4.32 2.63
N ILE B 62 1.55 -4.24 1.49
CA ILE B 62 0.10 -4.40 1.50
C ILE B 62 -0.29 -5.84 1.82
N LYS B 63 0.46 -6.82 1.34
CA LYS B 63 0.09 -8.20 1.66
C LYS B 63 0.37 -8.55 3.11
N GLN B 64 1.42 -7.99 3.71
CA GLN B 64 1.61 -8.22 5.14
C GLN B 64 0.57 -7.51 5.99
N LEU B 65 0.12 -6.33 5.56
CA LEU B 65 -1.00 -5.71 6.28
C LEU B 65 -2.30 -6.46 6.10
N GLN B 66 -2.53 -7.06 4.94
CA GLN B 66 -3.73 -7.87 4.78
C GLN B 66 -3.64 -9.17 5.56
N ALA B 67 -2.44 -9.60 5.93
CA ALA B 67 -2.37 -10.70 6.90
C ALA B 67 -2.71 -10.23 8.30
N ARG B 68 -2.12 -9.10 8.73
CA ARG B 68 -2.25 -8.66 10.11
C ARG B 68 -3.66 -8.19 10.45
N VAL B 69 -4.28 -7.43 9.55
CA VAL B 69 -5.63 -6.95 9.80
C VAL B 69 -6.64 -8.09 9.77
N LEU B 70 -6.39 -9.12 8.94
CA LEU B 70 -7.24 -10.29 8.95
C LEU B 70 -7.12 -11.07 10.26
N ALA B 71 -5.91 -11.15 10.81
CA ALA B 71 -5.75 -11.80 12.11
C ALA B 71 -6.47 -11.04 13.22
N VAL B 72 -6.40 -9.70 13.17
CA VAL B 72 -7.09 -8.89 14.16
C VAL B 72 -8.61 -9.03 14.02
N GLU B 73 -9.11 -9.09 12.79
CA GLU B 73 -10.55 -9.25 12.61
C GLU B 73 -11.03 -10.63 13.03
N ARG B 74 -10.22 -11.67 12.83
CA ARG B 74 -10.63 -12.99 13.29
C ARG B 74 -10.63 -13.06 14.81
N TYR B 75 -9.67 -12.39 15.45
CA TYR B 75 -9.70 -12.33 16.92
C TYR B 75 -10.91 -11.56 17.43
N LEU B 76 -11.27 -10.44 16.78
CA LEU B 76 -12.45 -9.70 17.25
C LEU B 76 -13.73 -10.45 17.00
N ARG B 77 -13.81 -11.24 15.93
CA ARG B 77 -14.99 -12.07 15.73
C ARG B 77 -15.08 -13.16 16.78
N ASP B 78 -13.94 -13.73 17.17
CA ASP B 78 -13.96 -14.73 18.23
C ASP B 78 -14.30 -14.13 19.58
N GLN B 79 -13.97 -12.86 19.80
CA GLN B 79 -14.41 -12.21 21.04
C GLN B 79 -15.87 -11.80 20.98
N GLN B 80 -16.40 -11.50 19.80
CA GLN B 80 -17.82 -11.19 19.70
C GLN B 80 -18.68 -12.43 19.90
N LEU B 81 -18.20 -13.60 19.50
CA LEU B 81 -18.96 -14.81 19.79
C LEU B 81 -18.91 -15.18 21.26
N LEU B 82 -17.90 -14.75 22.00
CA LEU B 82 -17.94 -14.80 23.45
C LEU B 82 -18.70 -13.63 24.04
N GLY B 83 -19.03 -12.61 23.24
CA GLY B 83 -19.75 -11.48 23.75
C GLY B 83 -21.22 -11.74 23.94
N ILE B 84 -21.77 -12.72 23.22
CA ILE B 84 -23.16 -13.08 23.39
C ILE B 84 -23.39 -13.71 24.75
N TRP B 85 -22.45 -14.53 25.19
CA TRP B 85 -22.61 -15.38 26.35
C TRP B 85 -22.16 -14.71 27.63
N GLY B 86 -21.83 -13.42 27.57
CA GLY B 86 -21.34 -12.74 28.76
C GLY B 86 -19.94 -13.11 29.15
N CYS B 87 -19.13 -13.56 28.20
CA CYS B 87 -17.77 -14.01 28.50
C CYS B 87 -16.76 -13.41 27.56
N SER B 88 -17.00 -12.19 27.11
CA SER B 88 -16.04 -11.52 26.24
C SER B 88 -14.82 -11.08 27.03
N GLY B 89 -13.64 -11.39 26.51
CA GLY B 89 -12.41 -11.02 27.14
C GLY B 89 -11.91 -11.98 28.19
N LYS B 90 -12.82 -12.68 28.87
CA LYS B 90 -12.40 -13.63 29.89
C LYS B 90 -11.83 -14.87 29.23
N LEU B 91 -10.66 -15.28 29.71
CA LEU B 91 -10.07 -16.51 29.21
C LEU B 91 -10.82 -17.73 29.75
N ILE B 92 -11.36 -17.62 30.95
CA ILE B 92 -12.16 -18.65 31.61
C ILE B 92 -13.33 -17.96 32.28
N CYS B 93 -14.55 -18.39 31.96
CA CYS B 93 -15.71 -17.82 32.62
C CYS B 93 -16.61 -18.94 33.09
N CYS B 94 -17.40 -18.67 34.13
CA CYS B 94 -18.25 -19.67 34.75
C CYS B 94 -19.69 -19.16 34.69
N THR B 95 -20.49 -19.75 33.82
CA THR B 95 -21.79 -19.20 33.47
C THR B 95 -22.86 -19.65 34.47
N ASN B 96 -24.12 -19.44 34.09
CA ASN B 96 -25.28 -19.75 34.92
C ASN B 96 -26.27 -20.61 34.15
N VAL B 97 -25.76 -21.64 33.48
CA VAL B 97 -26.63 -22.58 32.79
C VAL B 97 -26.40 -23.95 33.39
N PRO B 98 -27.34 -24.48 34.17
CA PRO B 98 -27.07 -25.73 34.88
C PRO B 98 -27.11 -26.92 33.94
N TRP B 99 -26.20 -27.87 34.18
CA TRP B 99 -26.17 -29.10 33.40
C TRP B 99 -27.39 -29.97 33.68
N ASN B 100 -28.21 -30.15 32.66
CA ASN B 100 -28.98 -31.38 32.56
C ASN B 100 -27.96 -32.50 32.51
N SER B 101 -28.07 -33.43 33.45
CA SER B 101 -27.00 -34.40 33.64
C SER B 101 -27.07 -35.55 32.67
N SER B 102 -27.85 -35.45 31.60
CA SER B 102 -27.76 -36.36 30.48
C SER B 102 -26.73 -35.90 29.46
N TRP B 103 -25.80 -35.04 29.86
CA TRP B 103 -24.71 -34.56 29.02
C TRP B 103 -23.46 -35.01 29.76
N SER B 104 -22.92 -36.17 29.39
CA SER B 104 -21.74 -36.78 30.03
C SER B 104 -21.99 -37.00 31.53
N ASN B 105 -22.89 -37.93 31.80
CA ASN B 105 -23.23 -38.33 33.17
C ASN B 105 -22.04 -39.10 33.73
N ARG B 106 -21.08 -38.34 34.26
CA ARG B 106 -19.76 -38.87 34.53
C ARG B 106 -19.19 -38.16 35.75
N ASN B 107 -18.54 -38.93 36.63
CA ASN B 107 -17.88 -38.38 37.79
C ASN B 107 -16.72 -37.50 37.32
N LEU B 108 -16.72 -36.22 37.71
CA LEU B 108 -15.85 -35.26 37.05
C LEU B 108 -14.38 -35.37 37.45
N SER B 109 -14.05 -36.22 38.41
CA SER B 109 -12.66 -36.65 38.55
C SER B 109 -12.20 -37.36 37.29
N GLU B 110 -13.05 -38.22 36.74
CA GLU B 110 -12.72 -38.92 35.50
C GLU B 110 -12.68 -37.98 34.31
N ILE B 111 -13.50 -36.92 34.33
CA ILE B 111 -13.43 -35.87 33.32
C ILE B 111 -12.08 -35.17 33.37
N TRP B 112 -11.73 -34.60 34.50
CA TRP B 112 -10.55 -33.76 34.51
C TRP B 112 -9.27 -34.55 34.69
N ASP B 113 -9.33 -35.88 34.76
CA ASP B 113 -8.11 -36.65 34.87
C ASP B 113 -7.92 -37.70 33.79
N ASN B 114 -8.97 -38.23 33.19
CA ASN B 114 -8.82 -39.35 32.27
C ASN B 114 -9.11 -38.98 30.83
N MET B 115 -9.33 -37.71 30.52
CA MET B 115 -9.75 -37.32 29.20
C MET B 115 -8.94 -36.14 28.70
N THR B 116 -8.87 -36.03 27.38
CA THR B 116 -8.29 -34.89 26.70
C THR B 116 -9.39 -34.16 25.96
N TRP B 117 -9.04 -33.00 25.41
CA TRP B 117 -10.05 -32.13 24.83
C TRP B 117 -10.62 -32.67 23.53
N LEU B 118 -9.80 -33.41 22.79
CA LEU B 118 -10.29 -34.05 21.57
C LEU B 118 -11.36 -35.07 21.88
N GLN B 119 -11.25 -35.73 23.03
CA GLN B 119 -12.27 -36.67 23.44
C GLN B 119 -13.55 -35.96 23.86
N TRP B 120 -13.46 -34.74 24.36
CA TRP B 120 -14.69 -33.98 24.63
C TRP B 120 -15.37 -33.50 23.37
N ASP B 121 -14.59 -32.98 22.42
CA ASP B 121 -15.19 -32.57 21.15
C ASP B 121 -15.78 -33.76 20.40
N LYS B 122 -15.26 -34.97 20.64
CA LYS B 122 -15.94 -36.13 20.11
C LYS B 122 -17.18 -36.48 20.92
N GLU B 123 -17.12 -36.35 22.25
CA GLU B 123 -18.15 -36.98 23.08
C GLU B 123 -19.41 -36.14 23.18
N ILE B 124 -19.29 -34.85 23.48
CA ILE B 124 -20.51 -34.07 23.63
C ILE B 124 -20.86 -33.32 22.35
N SER B 125 -20.45 -33.88 21.21
CA SER B 125 -20.69 -33.22 19.94
C SER B 125 -22.18 -33.11 19.61
N ASN B 126 -23.00 -34.03 20.11
CA ASN B 126 -24.42 -33.96 19.84
C ASN B 126 -25.19 -33.14 20.85
N TYR B 127 -24.51 -32.49 21.78
CA TYR B 127 -25.16 -31.66 22.76
C TYR B 127 -24.70 -30.22 22.67
N THR B 128 -23.79 -29.90 21.76
CA THR B 128 -23.10 -28.62 21.81
C THR B 128 -23.96 -27.50 21.26
N GLN B 129 -24.77 -27.77 20.25
CA GLN B 129 -25.71 -26.75 19.78
C GLN B 129 -26.77 -26.45 20.83
N ILE B 130 -27.13 -27.44 21.64
CA ILE B 130 -28.07 -27.24 22.73
C ILE B 130 -27.46 -26.34 23.79
N ILE B 131 -26.18 -26.57 24.12
CA ILE B 131 -25.52 -25.75 25.13
C ILE B 131 -25.31 -24.33 24.62
N TYR B 132 -25.05 -24.18 23.32
CA TYR B 132 -24.90 -22.83 22.76
C TYR B 132 -26.23 -22.10 22.75
N GLY B 133 -27.32 -22.80 22.44
CA GLY B 133 -28.63 -22.18 22.51
C GLY B 133 -29.01 -21.78 23.93
N LEU B 134 -28.63 -22.58 24.91
CA LEU B 134 -28.93 -22.23 26.29
C LEU B 134 -28.07 -21.07 26.78
N LEU B 135 -26.81 -21.02 26.35
CA LEU B 135 -25.97 -19.89 26.74
C LEU B 135 -26.39 -18.61 26.05
N GLU B 136 -26.96 -18.69 24.84
CA GLU B 136 -27.54 -17.50 24.24
C GLU B 136 -28.82 -17.09 24.96
N GLU B 137 -29.67 -18.06 25.28
CA GLU B 137 -30.98 -17.75 25.86
C GLU B 137 -30.88 -17.33 27.32
N SER B 138 -29.77 -17.63 28.00
CA SER B 138 -29.59 -17.20 29.38
C SER B 138 -28.90 -15.86 29.49
N GLN B 139 -29.03 -15.01 28.48
CA GLN B 139 -28.72 -13.59 28.58
C GLN B 139 -29.98 -12.74 28.45
N ASN B 140 -31.14 -13.35 28.69
CA ASN B 140 -32.41 -12.66 28.51
C ASN B 140 -33.30 -12.85 29.73
N GLY C 5 -5.89 4.79 18.87
CA GLY C 5 -4.86 4.43 19.82
C GLY C 5 -3.94 5.59 20.17
N ALA C 6 -4.47 6.80 20.12
CA ALA C 6 -3.74 8.01 20.47
C ALA C 6 -4.10 8.53 21.84
N VAL C 7 -4.81 7.73 22.64
CA VAL C 7 -5.24 8.14 23.97
C VAL C 7 -4.24 7.74 25.04
N PHE C 8 -3.04 7.32 24.64
CA PHE C 8 -2.02 6.99 25.63
C PHE C 8 -1.41 8.24 26.25
N LEU C 9 -1.47 9.36 25.55
CA LEU C 9 -0.98 10.61 26.11
C LEU C 9 -1.95 11.20 27.11
N GLY C 10 -3.25 11.03 26.88
CA GLY C 10 -4.25 11.57 27.78
C GLY C 10 -4.26 10.94 29.16
N PHE C 11 -3.64 9.77 29.30
CA PHE C 11 -3.43 9.18 30.61
C PHE C 11 -2.54 10.06 31.46
N LEU C 12 -1.55 10.71 30.84
CA LEU C 12 -0.47 11.28 31.62
C LEU C 12 -0.78 12.62 32.23
N GLY C 13 -1.92 13.23 31.89
CA GLY C 13 -2.24 14.54 32.44
C GLY C 13 -2.46 14.55 33.94
N ALA C 14 -2.77 13.40 34.52
CA ALA C 14 -3.03 13.27 35.94
C ALA C 14 -1.80 12.86 36.73
N ALA C 15 -0.61 12.92 36.14
CA ALA C 15 0.59 12.68 36.93
C ALA C 15 0.84 13.87 37.83
N GLY C 16 1.51 13.61 38.95
CA GLY C 16 1.80 14.65 39.91
C GLY C 16 0.71 14.90 40.92
N SER C 17 -0.54 14.87 40.49
CA SER C 17 -1.64 14.90 41.42
C SER C 17 -1.78 13.53 42.08
N THR C 18 -2.53 13.49 43.17
CA THR C 18 -2.62 12.30 44.00
C THR C 18 -3.48 11.24 43.33
N MET C 19 -3.73 10.14 44.05
CA MET C 19 -4.30 8.98 43.41
C MET C 19 -5.80 9.11 43.21
N GLY C 20 -6.50 9.82 44.11
CA GLY C 20 -7.93 9.97 43.95
C GLY C 20 -8.30 10.91 42.81
N ALA C 21 -7.57 12.02 42.68
CA ALA C 21 -7.80 12.93 41.57
C ALA C 21 -7.47 12.27 40.23
N ALA C 22 -6.44 11.44 40.21
CA ALA C 22 -6.14 10.68 39.00
C ALA C 22 -7.21 9.64 38.71
N SER C 23 -7.82 9.05 39.74
CA SER C 23 -8.87 8.09 39.51
C SER C 23 -10.14 8.74 38.98
N MET C 24 -10.40 9.99 39.36
CA MET C 24 -11.52 10.72 38.75
C MET C 24 -11.19 11.12 37.31
N THR C 25 -9.93 11.53 37.09
CA THR C 25 -9.50 11.98 35.77
C THR C 25 -9.50 10.83 34.77
N LEU C 26 -9.36 9.59 35.25
CA LEU C 26 -9.54 8.39 34.41
C LEU C 26 -10.87 8.42 33.66
N THR C 27 -11.97 8.48 34.40
CA THR C 27 -13.29 8.45 33.78
C THR C 27 -13.55 9.72 32.96
N VAL C 28 -13.11 10.88 33.47
CA VAL C 28 -13.39 12.14 32.77
C VAL C 28 -12.63 12.21 31.45
N GLN C 29 -11.31 12.05 31.49
CA GLN C 29 -10.49 12.09 30.28
C GLN C 29 -10.61 10.83 29.43
N ALA C 30 -11.31 9.80 29.90
CA ALA C 30 -11.65 8.72 29.00
C ALA C 30 -12.92 9.03 28.22
N ARG C 31 -13.91 9.63 28.87
CA ARG C 31 -15.14 9.98 28.17
C ARG C 31 -14.92 11.13 27.19
N ASN C 32 -14.02 12.06 27.53
CA ASN C 32 -13.87 13.23 26.68
C ASN C 32 -12.96 12.98 25.48
N LEU C 33 -11.99 12.08 25.61
CA LEU C 33 -10.99 11.88 24.56
C LEU C 33 -11.36 10.79 23.57
N LEU C 34 -12.66 10.56 23.36
CA LEU C 34 -13.10 9.60 22.36
C LEU C 34 -14.15 10.23 21.45
N HIS C 53 -2.15 9.09 -6.79
CA HIS C 53 -1.76 7.70 -6.91
C HIS C 53 -0.32 7.58 -7.38
N LEU C 54 0.49 8.58 -7.03
CA LEU C 54 1.89 8.54 -7.37
C LEU C 54 2.57 7.49 -6.50
N LEU C 55 3.66 6.94 -7.02
CA LEU C 55 4.33 5.83 -6.35
C LEU C 55 4.92 6.23 -5.01
N LYS C 56 5.23 7.51 -4.83
CA LYS C 56 5.76 7.98 -3.57
C LYS C 56 4.68 8.32 -2.56
N LEU C 57 3.40 8.14 -2.90
CA LEU C 57 2.32 8.38 -1.95
C LEU C 57 1.72 7.09 -1.39
N THR C 58 1.76 6.00 -2.16
CA THR C 58 1.34 4.72 -1.62
C THR C 58 2.26 4.26 -0.49
N VAL C 59 3.53 4.68 -0.52
CA VAL C 59 4.43 4.37 0.57
C VAL C 59 4.02 5.12 1.84
N TRP C 60 3.55 6.36 1.69
CA TRP C 60 3.04 7.08 2.85
C TRP C 60 1.76 6.43 3.38
N GLY C 61 0.91 5.95 2.47
CA GLY C 61 -0.30 5.26 2.91
C GLY C 61 0.01 3.99 3.68
N ILE C 62 0.98 3.23 3.20
CA ILE C 62 1.37 1.99 3.88
C ILE C 62 2.03 2.27 5.22
N LYS C 63 2.83 3.33 5.30
CA LYS C 63 3.46 3.61 6.59
C LYS C 63 2.48 4.14 7.62
N GLN C 64 1.47 4.90 7.19
CA GLN C 64 0.45 5.31 8.15
C GLN C 64 -0.42 4.15 8.58
N LEU C 65 -0.70 3.19 7.68
CA LEU C 65 -1.41 2.00 8.12
C LEU C 65 -0.58 1.13 9.04
N GLN C 66 0.73 1.07 8.83
CA GLN C 66 1.56 0.32 9.75
C GLN C 66 1.71 1.02 11.09
N ALA C 67 1.43 2.31 11.16
CA ALA C 67 1.30 2.93 12.47
C ALA C 67 -0.02 2.55 13.14
N ARG C 68 -1.13 2.66 12.39
CA ARG C 68 -2.44 2.48 13.00
C ARG C 68 -2.71 1.04 13.42
N VAL C 69 -2.33 0.07 12.59
CA VAL C 69 -2.54 -1.33 12.94
C VAL C 69 -1.65 -1.75 14.09
N LEU C 70 -0.45 -1.17 14.19
CA LEU C 70 0.40 -1.44 15.34
C LEU C 70 -0.20 -0.87 16.62
N ALA C 71 -0.82 0.30 16.55
CA ALA C 71 -1.49 0.83 17.74
C ALA C 71 -2.66 -0.03 18.16
N VAL C 72 -3.43 -0.54 17.19
CA VAL C 72 -4.55 -1.42 17.50
C VAL C 72 -4.06 -2.74 18.10
N GLU C 73 -2.96 -3.28 17.58
CA GLU C 73 -2.45 -4.53 18.15
C GLU C 73 -1.87 -4.34 19.54
N ARG C 74 -1.26 -3.19 19.81
CA ARG C 74 -0.76 -2.94 21.17
C ARG C 74 -1.91 -2.77 22.15
N TYR C 75 -3.00 -2.14 21.71
CA TYR C 75 -4.19 -2.06 22.57
C TYR C 75 -4.80 -3.43 22.82
N LEU C 76 -4.87 -4.29 21.80
CA LEU C 76 -5.44 -5.60 22.02
C LEU C 76 -4.56 -6.47 22.89
N ARG C 77 -3.24 -6.32 22.81
CA ARG C 77 -2.36 -7.04 23.72
C ARG C 77 -2.53 -6.56 25.15
N ASP C 78 -2.74 -5.25 25.33
CA ASP C 78 -2.97 -4.74 26.67
C ASP C 78 -4.33 -5.18 27.22
N GLN C 79 -5.30 -5.41 26.35
CA GLN C 79 -6.56 -5.97 26.83
C GLN C 79 -6.48 -7.46 27.08
N GLN C 80 -5.63 -8.17 26.35
CA GLN C 80 -5.45 -9.60 26.62
C GLN C 80 -4.71 -9.83 27.93
N LEU C 81 -3.80 -8.93 28.31
CA LEU C 81 -3.18 -9.08 29.62
C LEU C 81 -4.11 -8.74 30.76
N LEU C 82 -5.15 -7.94 30.51
CA LEU C 82 -6.25 -7.83 31.46
C LEU C 82 -7.26 -8.95 31.31
N GLY C 83 -7.15 -9.75 30.24
CA GLY C 83 -8.09 -10.84 30.06
C GLY C 83 -7.80 -12.03 30.93
N ILE C 84 -6.55 -12.18 31.37
CA ILE C 84 -6.19 -13.27 32.26
C ILE C 84 -6.85 -13.08 33.61
N TRP C 85 -6.91 -11.84 34.08
CA TRP C 85 -7.28 -11.52 35.45
C TRP C 85 -8.76 -11.28 35.59
N GLY C 86 -9.55 -11.53 34.54
CA GLY C 86 -10.96 -11.28 34.60
C GLY C 86 -11.33 -9.82 34.55
N CYS C 87 -10.48 -8.98 33.97
CA CYS C 87 -10.72 -7.55 33.95
C CYS C 87 -10.53 -6.97 32.55
N SER C 88 -10.85 -7.75 31.53
CA SER C 88 -10.73 -7.25 30.17
C SER C 88 -11.86 -6.27 29.87
N GLY C 89 -11.49 -5.12 29.31
CA GLY C 89 -12.46 -4.10 28.96
C GLY C 89 -12.81 -3.15 30.08
N LYS C 90 -12.77 -3.61 31.32
CA LYS C 90 -13.08 -2.74 32.44
C LYS C 90 -11.95 -1.75 32.68
N LEU C 91 -12.31 -0.48 32.80
CA LEU C 91 -11.31 0.52 33.12
C LEU C 91 -10.88 0.41 34.57
N ILE C 92 -11.78 -0.02 35.44
CA ILE C 92 -11.53 -0.23 36.87
C ILE C 92 -12.23 -1.52 37.25
N CYS C 93 -11.50 -2.46 37.83
CA CYS C 93 -12.13 -3.69 38.29
C CYS C 93 -11.65 -3.99 39.71
N CYS C 94 -12.48 -4.71 40.45
CA CYS C 94 -12.21 -5.00 41.85
C CYS C 94 -12.19 -6.50 42.02
N THR C 95 -10.99 -7.06 42.21
CA THR C 95 -10.79 -8.50 42.13
C THR C 95 -11.10 -9.19 43.45
N ASN C 96 -10.69 -10.44 43.57
CA ASN C 96 -10.93 -11.29 44.73
C ASN C 96 -9.62 -11.88 45.25
N VAL C 97 -8.60 -11.05 45.35
CA VAL C 97 -7.33 -11.49 45.90
C VAL C 97 -7.04 -10.65 47.14
N PRO C 98 -7.15 -11.20 48.33
CA PRO C 98 -7.04 -10.36 49.53
C PRO C 98 -5.60 -9.98 49.79
N TRP C 99 -5.41 -8.74 50.24
CA TRP C 99 -4.06 -8.27 50.60
C TRP C 99 -3.54 -8.96 51.84
N ASN C 100 -2.47 -9.73 51.67
CA ASN C 100 -1.52 -9.91 52.74
C ASN C 100 -1.03 -8.52 53.10
N SER C 101 -1.20 -8.13 54.35
CA SER C 101 -0.98 -6.74 54.72
C SER C 101 0.47 -6.40 54.95
N SER C 102 1.40 -7.25 54.53
CA SER C 102 2.79 -6.89 54.43
C SER C 102 3.13 -6.25 53.10
N TRP C 103 2.14 -5.73 52.39
CA TRP C 103 2.29 -5.04 51.12
C TRP C 103 1.73 -3.66 51.40
N SER C 104 2.60 -2.70 51.76
CA SER C 104 2.22 -1.33 52.12
C SER C 104 1.22 -1.32 53.28
N ASN C 105 1.73 -1.71 54.44
CA ASN C 105 0.96 -1.72 55.68
C ASN C 105 0.73 -0.27 56.10
N ARG C 106 -0.30 0.32 55.53
CA ARG C 106 -0.48 1.76 55.55
C ARG C 106 -1.96 2.08 55.59
N ASN C 107 -2.32 3.08 56.40
CA ASN C 107 -3.70 3.55 56.47
C ASN C 107 -4.06 4.18 55.13
N LEU C 108 -5.12 3.68 54.49
CA LEU C 108 -5.34 3.99 53.08
C LEU C 108 -5.88 5.39 52.84
N SER C 109 -6.19 6.15 53.88
CA SER C 109 -6.33 7.59 53.72
C SER C 109 -5.01 8.19 53.27
N GLU C 110 -3.90 7.74 53.86
CA GLU C 110 -2.58 8.22 53.45
C GLU C 110 -2.22 7.74 52.06
N ILE C 111 -2.69 6.55 51.67
CA ILE C 111 -2.51 6.08 50.29
C ILE C 111 -3.22 7.00 49.31
N TRP C 112 -4.53 7.18 49.47
CA TRP C 112 -5.26 7.89 48.45
C TRP C 112 -5.19 9.40 48.61
N ASP C 113 -4.44 9.91 49.59
CA ASP C 113 -4.33 11.35 49.72
C ASP C 113 -2.89 11.87 49.69
N ASN C 114 -1.91 11.09 50.10
CA ASN C 114 -0.57 11.61 50.26
C ASN C 114 0.41 11.07 49.23
N MET C 115 -0.05 10.29 48.26
CA MET C 115 0.85 9.63 47.34
C MET C 115 0.38 9.81 45.91
N THR C 116 1.34 9.71 45.00
CA THR C 116 1.10 9.69 43.57
C THR C 116 1.46 8.32 43.04
N TRP C 117 1.15 8.09 41.77
CA TRP C 117 1.29 6.76 41.21
C TRP C 117 2.74 6.35 41.00
N LEU C 118 3.60 7.32 40.74
CA LEU C 118 5.02 7.06 40.63
C LEU C 118 5.59 6.54 41.93
N GLN C 119 5.05 7.03 43.05
CA GLN C 119 5.48 6.55 44.34
C GLN C 119 4.98 5.14 44.62
N TRP C 120 3.85 4.74 44.03
CA TRP C 120 3.44 3.35 44.15
C TRP C 120 4.29 2.41 43.32
N ASP C 121 4.58 2.80 42.07
CA ASP C 121 5.44 1.98 41.24
C ASP C 121 6.84 1.88 41.84
N LYS C 122 7.26 2.87 42.61
CA LYS C 122 8.50 2.70 43.36
C LYS C 122 8.31 1.81 44.57
N GLU C 123 7.18 1.94 45.28
CA GLU C 123 7.09 1.36 46.61
C GLU C 123 6.76 -0.13 46.59
N ILE C 124 5.76 -0.54 45.83
CA ILE C 124 5.42 -1.96 45.87
C ILE C 124 6.05 -2.70 44.70
N SER C 125 7.19 -2.20 44.22
CA SER C 125 7.86 -2.83 43.09
C SER C 125 8.34 -4.23 43.39
N ASN C 126 8.65 -4.54 44.65
CA ASN C 126 9.10 -5.88 44.98
C ASN C 126 7.97 -6.83 45.33
N TYR C 127 6.73 -6.40 45.18
CA TYR C 127 5.60 -7.25 45.46
C TYR C 127 4.73 -7.46 44.24
N THR C 128 5.08 -6.85 43.11
CA THR C 128 4.16 -6.77 41.99
C THR C 128 4.09 -8.07 41.21
N GLN C 129 5.21 -8.79 41.10
CA GLN C 129 5.17 -10.10 40.47
C GLN C 129 4.37 -11.09 41.31
N ILE C 130 4.40 -10.92 42.64
CA ILE C 130 3.59 -11.74 43.52
C ILE C 130 2.11 -11.48 43.32
N ILE C 131 1.73 -10.20 43.18
CA ILE C 131 0.34 -9.85 42.97
C ILE C 131 -0.14 -10.32 41.61
N TYR C 132 0.74 -10.27 40.60
CA TYR C 132 0.36 -10.76 39.28
C TYR C 132 0.20 -12.26 39.27
N GLY C 133 1.07 -12.97 40.00
CA GLY C 133 0.91 -14.41 40.12
C GLY C 133 -0.37 -14.80 40.85
N LEU C 134 -0.74 -14.02 41.87
CA LEU C 134 -1.98 -14.31 42.58
C LEU C 134 -3.21 -13.99 41.74
N LEU C 135 -3.15 -12.92 40.96
CA LEU C 135 -4.28 -12.60 40.09
C LEU C 135 -4.41 -13.58 38.95
N GLU C 136 -3.30 -14.17 38.49
CA GLU C 136 -3.41 -15.26 37.52
C GLU C 136 -3.97 -16.52 38.18
N GLU C 137 -3.48 -16.85 39.38
CA GLU C 137 -3.87 -18.10 40.02
C GLU C 137 -5.29 -18.05 40.58
N SER C 138 -5.85 -16.86 40.78
CA SER C 138 -7.22 -16.76 41.26
C SER C 138 -8.23 -16.69 40.12
N GLN C 139 -7.91 -17.27 38.98
CA GLN C 139 -8.89 -17.58 37.94
C GLN C 139 -9.04 -19.08 37.76
N ASN C 140 -8.64 -19.86 38.77
CA ASN C 140 -8.66 -21.30 38.69
C ASN C 140 -9.33 -21.91 39.91
N ASN D 3 -25.29 -26.92 41.73
CA ASN D 3 -24.21 -27.89 41.84
C ASN D 3 -23.10 -27.55 40.86
N LEU D 4 -23.13 -28.21 39.69
CA LEU D 4 -22.09 -28.06 38.69
C LEU D 4 -22.74 -27.70 37.36
N TRP D 5 -22.06 -26.87 36.58
CA TRP D 5 -22.66 -26.30 35.39
C TRP D 5 -21.60 -25.83 34.41
N VAL D 6 -22.06 -25.17 33.35
CA VAL D 6 -21.27 -24.93 32.14
C VAL D 6 -20.17 -23.93 32.40
N THR D 7 -18.97 -24.20 31.86
CA THR D 7 -17.81 -23.37 32.08
C THR D 7 -17.14 -23.10 30.74
N VAL D 8 -17.43 -21.95 30.13
CA VAL D 8 -16.90 -21.66 28.80
C VAL D 8 -15.43 -21.32 28.90
N TYR D 9 -14.61 -22.01 28.12
CA TYR D 9 -13.18 -21.75 28.04
C TYR D 9 -12.85 -21.08 26.72
N TYR D 10 -11.56 -20.84 26.52
CA TYR D 10 -11.07 -20.27 25.27
C TYR D 10 -9.59 -20.58 25.19
N GLY D 11 -9.13 -21.04 24.04
CA GLY D 11 -7.80 -21.54 23.91
C GLY D 11 -7.70 -23.04 24.01
N VAL D 12 -8.73 -23.75 23.62
CA VAL D 12 -8.80 -25.19 23.83
C VAL D 12 -8.10 -25.90 22.67
N PRO D 13 -7.20 -26.84 22.93
CA PRO D 13 -6.53 -27.57 21.84
C PRO D 13 -7.40 -28.60 21.13
N VAL D 14 -8.20 -28.16 20.16
CA VAL D 14 -9.05 -29.05 19.38
C VAL D 14 -8.85 -28.75 17.90
N TRP D 15 -8.68 -29.79 17.09
CA TRP D 15 -8.52 -29.61 15.65
C TRP D 15 -9.81 -29.87 14.90
N LYS D 16 -9.74 -29.66 13.59
CA LYS D 16 -10.64 -30.21 12.60
C LYS D 16 -9.77 -30.58 11.41
N ASP D 17 -10.39 -30.77 10.25
CA ASP D 17 -9.64 -30.79 9.01
C ASP D 17 -10.12 -29.65 8.13
N ALA D 18 -9.27 -29.28 7.18
CA ALA D 18 -9.57 -28.17 6.29
C ALA D 18 -9.04 -28.49 4.91
N GLU D 19 -9.62 -27.83 3.91
CA GLU D 19 -9.22 -28.01 2.53
C GLU D 19 -9.13 -26.65 1.85
N THR D 20 -8.41 -25.73 2.48
CA THR D 20 -8.61 -24.31 2.27
C THR D 20 -7.47 -23.68 1.48
N THR D 21 -7.59 -22.35 1.33
CA THR D 21 -6.59 -21.54 0.67
C THR D 21 -5.37 -21.42 1.56
N LEU D 22 -4.20 -21.34 0.95
CA LEU D 22 -2.94 -21.60 1.64
C LEU D 22 -1.85 -20.95 0.83
N PHE D 23 -1.17 -19.97 1.42
CA PHE D 23 -0.38 -19.04 0.62
C PHE D 23 1.12 -19.34 0.70
N CYS D 24 1.77 -19.19 -0.45
CA CYS D 24 3.21 -19.14 -0.66
C CYS D 24 3.75 -17.83 -0.05
N ALA D 25 5.09 -17.61 0.07
CA ALA D 25 6.29 -18.41 -0.21
C ALA D 25 7.43 -17.98 0.67
N SER D 26 8.63 -18.27 0.15
CA SER D 26 9.91 -17.82 0.69
C SER D 26 10.22 -16.40 0.25
N ASP D 27 11.47 -16.03 0.48
CA ASP D 27 11.98 -14.68 0.28
C ASP D 27 12.73 -14.63 -1.04
N ALA D 28 12.16 -13.95 -2.02
CA ALA D 28 12.80 -13.79 -3.32
C ALA D 28 13.77 -12.61 -3.26
N LYS D 29 14.28 -12.19 -4.41
CA LYS D 29 15.24 -11.11 -4.40
C LYS D 29 14.57 -9.75 -4.60
N ALA D 30 13.57 -9.70 -5.50
CA ALA D 30 12.87 -8.47 -5.91
C ALA D 30 13.81 -7.43 -6.51
N TYR D 31 14.92 -7.88 -7.07
CA TYR D 31 15.72 -7.03 -7.95
C TYR D 31 16.28 -7.81 -9.14
N GLU D 32 15.85 -9.04 -9.36
CA GLU D 32 16.45 -9.90 -10.36
C GLU D 32 15.47 -10.17 -11.50
N THR D 33 16.00 -10.76 -12.56
CA THR D 33 15.22 -11.16 -13.72
C THR D 33 15.12 -12.66 -13.86
N GLU D 34 15.64 -13.40 -12.89
CA GLU D 34 15.33 -14.81 -12.74
C GLU D 34 13.83 -14.99 -12.61
N LYS D 35 13.28 -15.93 -13.37
CA LYS D 35 11.83 -15.97 -13.53
C LYS D 35 11.12 -16.47 -12.28
N HIS D 36 11.77 -17.35 -11.50
CA HIS D 36 11.19 -17.70 -10.22
C HIS D 36 11.21 -16.52 -9.25
N ASN D 37 12.24 -15.68 -9.32
CA ASN D 37 12.27 -14.51 -8.45
C ASN D 37 11.22 -13.49 -8.86
N VAL D 38 10.98 -13.34 -10.16
CA VAL D 38 9.95 -12.42 -10.62
C VAL D 38 8.57 -12.92 -10.22
N TRP D 39 8.34 -14.23 -10.35
CA TRP D 39 7.07 -14.80 -9.95
C TRP D 39 6.85 -14.69 -8.45
N ALA D 40 7.85 -15.09 -7.66
CA ALA D 40 7.73 -15.04 -6.21
C ALA D 40 7.64 -13.62 -5.68
N THR D 41 8.15 -12.65 -6.42
CA THR D 41 7.87 -11.26 -6.09
C THR D 41 6.42 -10.93 -6.35
N HIS D 42 5.95 -11.14 -7.57
CA HIS D 42 4.65 -10.63 -7.96
C HIS D 42 3.49 -11.47 -7.47
N ALA D 43 3.73 -12.60 -6.80
CA ALA D 43 2.61 -13.45 -6.41
C ALA D 43 2.76 -14.10 -5.04
N CYS D 44 3.73 -13.72 -4.22
CA CYS D 44 3.91 -14.35 -2.92
C CYS D 44 4.40 -13.32 -1.90
N VAL D 45 4.53 -13.75 -0.66
CA VAL D 45 4.88 -12.85 0.45
C VAL D 45 6.28 -13.22 0.94
N PRO D 46 6.97 -12.37 1.71
CA PRO D 46 8.29 -12.77 2.22
C PRO D 46 8.22 -13.77 3.35
N THR D 47 9.37 -14.16 3.90
CA THR D 47 9.40 -15.10 4.99
C THR D 47 9.08 -14.40 6.31
N ASP D 48 9.27 -15.14 7.38
CA ASP D 48 9.25 -14.62 8.74
C ASP D 48 10.38 -15.33 9.46
N PRO D 49 11.41 -14.61 9.92
CA PRO D 49 12.64 -15.28 10.41
C PRO D 49 12.47 -16.04 11.71
N ASN D 50 11.31 -16.01 12.35
CA ASN D 50 11.08 -16.74 13.60
C ASN D 50 9.92 -17.70 13.40
N PRO D 51 10.15 -18.90 12.88
CA PRO D 51 9.09 -19.90 12.84
C PRO D 51 8.83 -20.45 14.23
N GLN D 52 7.61 -20.91 14.45
CA GLN D 52 7.16 -21.38 15.76
C GLN D 52 6.82 -22.86 15.65
N GLU D 53 7.84 -23.71 15.77
CA GLU D 53 7.61 -25.15 15.78
C GLU D 53 7.31 -25.58 17.20
N ILE D 54 6.02 -25.74 17.50
CA ILE D 54 5.59 -26.27 18.79
C ILE D 54 5.54 -27.78 18.68
N HIS D 55 6.45 -28.46 19.37
CA HIS D 55 6.40 -29.90 19.42
C HIS D 55 5.27 -30.32 20.36
N LEU D 56 4.49 -31.29 19.94
CA LEU D 56 3.32 -31.65 20.73
C LEU D 56 3.66 -32.73 21.74
N GLU D 57 2.73 -32.95 22.66
CA GLU D 57 2.80 -33.99 23.67
C GLU D 57 2.39 -35.32 23.07
N ASN D 58 1.99 -36.27 23.91
CA ASN D 58 1.68 -37.61 23.46
C ASN D 58 0.41 -37.69 22.61
N VAL D 59 0.43 -37.07 21.43
CA VAL D 59 -0.67 -37.15 20.49
C VAL D 59 -0.33 -38.20 19.45
N THR D 60 -1.34 -38.64 18.71
CA THR D 60 -1.13 -39.63 17.66
C THR D 60 -2.10 -39.29 16.54
N GLU D 61 -1.60 -38.57 15.54
CA GLU D 61 -2.36 -38.32 14.33
C GLU D 61 -2.08 -39.41 13.30
N GLU D 62 -3.06 -39.65 12.44
CA GLU D 62 -2.91 -40.63 11.39
C GLU D 62 -2.89 -39.88 10.06
N PHE D 63 -1.71 -39.79 9.47
CA PHE D 63 -1.58 -39.07 8.22
C PHE D 63 -1.90 -39.97 7.06
N ASN D 64 -2.20 -39.36 5.92
CA ASN D 64 -2.45 -40.10 4.70
C ASN D 64 -1.88 -39.26 3.57
N MET D 65 -0.76 -39.70 3.02
CA MET D 65 -0.05 -38.92 2.03
C MET D 65 -0.80 -38.85 0.71
N TRP D 66 -1.55 -39.89 0.38
CA TRP D 66 -2.15 -40.04 -0.92
C TRP D 66 -3.50 -39.37 -1.04
N LYS D 67 -4.01 -38.79 0.02
CA LYS D 67 -5.30 -38.12 0.04
C LYS D 67 -5.17 -36.75 0.66
N ASN D 68 -4.18 -36.00 0.18
CA ASN D 68 -3.79 -34.73 0.75
C ASN D 68 -4.24 -33.61 -0.17
N ASN D 69 -4.89 -32.61 0.40
CA ASN D 69 -5.36 -31.48 -0.39
C ASN D 69 -4.34 -30.37 -0.51
N MET D 70 -3.09 -30.62 -0.14
CA MET D 70 -2.04 -29.64 -0.33
C MET D 70 -1.35 -29.79 -1.66
N VAL D 71 -1.40 -30.98 -2.25
CA VAL D 71 -0.69 -31.26 -3.48
C VAL D 71 -1.33 -30.53 -4.64
N GLU D 72 -2.66 -30.55 -4.72
CA GLU D 72 -3.38 -29.91 -5.82
C GLU D 72 -3.18 -28.41 -5.81
N GLN D 73 -2.97 -27.85 -4.63
CA GLN D 73 -2.88 -26.40 -4.54
C GLN D 73 -1.49 -25.90 -4.97
N MET D 74 -0.43 -26.57 -4.56
CA MET D 74 0.86 -26.15 -5.11
C MET D 74 1.02 -26.58 -6.55
N HIS D 75 0.27 -27.58 -7.00
CA HIS D 75 0.28 -27.93 -8.40
C HIS D 75 -0.31 -26.82 -9.24
N THR D 76 -1.44 -26.25 -8.80
CA THR D 76 -2.03 -25.09 -9.48
C THR D 76 -1.09 -23.89 -9.45
N ASP D 77 -0.37 -23.69 -8.34
CA ASP D 77 0.58 -22.58 -8.30
C ASP D 77 1.75 -22.77 -9.28
N ILE D 78 2.21 -24.01 -9.46
CA ILE D 78 3.31 -24.20 -10.41
C ILE D 78 2.81 -24.18 -11.86
N ILE D 79 1.54 -24.53 -12.09
CA ILE D 79 0.93 -24.27 -13.39
C ILE D 79 0.95 -22.78 -13.70
N SER D 80 0.66 -21.95 -12.69
CA SER D 80 0.73 -20.51 -12.90
C SER D 80 2.17 -20.04 -13.15
N LEU D 81 3.13 -20.62 -12.42
CA LEU D 81 4.52 -20.22 -12.57
C LEU D 81 5.04 -20.53 -13.96
N TRP D 82 4.78 -21.73 -14.45
CA TRP D 82 5.23 -22.14 -15.76
C TRP D 82 4.44 -21.52 -16.90
N ASP D 83 3.19 -21.12 -16.67
CA ASP D 83 2.50 -20.37 -17.71
C ASP D 83 2.94 -18.93 -17.76
N GLN D 84 3.47 -18.37 -16.67
CA GLN D 84 3.92 -16.99 -16.74
C GLN D 84 5.40 -16.85 -17.06
N SER D 85 6.20 -17.87 -16.84
CA SER D 85 7.64 -17.72 -17.07
C SER D 85 8.06 -18.16 -18.46
N LEU D 86 7.87 -19.43 -18.79
CA LEU D 86 8.35 -19.99 -20.05
C LEU D 86 7.25 -19.88 -21.09
N LYS D 87 7.16 -18.72 -21.71
CA LYS D 87 6.18 -18.51 -22.76
C LYS D 87 6.64 -19.21 -24.02
N PRO D 88 5.89 -20.18 -24.53
CA PRO D 88 6.33 -20.90 -25.72
C PRO D 88 6.14 -20.08 -26.97
N CYS D 89 6.83 -20.50 -28.03
CA CYS D 89 6.65 -19.88 -29.33
C CYS D 89 5.29 -20.24 -29.91
N VAL D 90 4.99 -21.54 -30.00
CA VAL D 90 3.73 -22.01 -30.53
C VAL D 90 3.15 -23.06 -29.59
N LYS D 91 1.90 -22.87 -29.16
CA LYS D 91 1.16 -23.89 -28.45
C LYS D 91 0.29 -24.67 -29.41
N LEU D 92 0.01 -25.93 -29.08
CA LEU D 92 -1.03 -26.70 -29.76
C LEU D 92 -1.90 -27.38 -28.72
N THR D 93 -2.90 -26.67 -28.23
CA THR D 93 -3.78 -27.30 -27.27
C THR D 93 -5.17 -27.48 -27.84
N PRO D 94 -5.75 -28.66 -27.72
CA PRO D 94 -7.06 -28.91 -28.33
C PRO D 94 -8.20 -28.32 -27.50
N LEU D 95 -9.38 -28.31 -28.11
CA LEU D 95 -10.58 -27.81 -27.45
C LEU D 95 -11.61 -28.90 -27.22
N CYS D 96 -12.03 -29.59 -28.29
CA CYS D 96 -13.03 -30.68 -28.26
C CYS D 96 -14.35 -30.20 -27.65
N VAL D 97 -14.98 -29.25 -28.34
CA VAL D 97 -16.20 -28.63 -27.86
C VAL D 97 -17.38 -29.55 -28.17
N THR D 98 -18.09 -29.97 -27.12
CA THR D 98 -19.32 -30.73 -27.31
C THR D 98 -20.44 -29.79 -27.73
N LYS D 159 -21.93 -33.27 -28.06
CA LYS D 159 -22.56 -32.73 -29.26
C LYS D 159 -21.56 -32.50 -30.39
N GLU D 160 -21.63 -33.25 -31.49
CA GLU D 160 -22.60 -34.33 -31.71
C GLU D 160 -21.93 -35.42 -32.56
N TYR D 161 -21.70 -36.60 -32.01
CA TYR D 161 -21.86 -36.92 -30.59
C TYR D 161 -20.62 -37.69 -30.15
N ARG D 162 -20.01 -38.35 -31.14
CA ARG D 162 -18.74 -39.05 -30.96
C ARG D 162 -17.59 -38.36 -31.69
N LEU D 163 -17.91 -37.53 -32.68
CA LEU D 163 -16.95 -36.77 -33.47
C LEU D 163 -16.96 -35.32 -32.99
N ILE D 164 -16.90 -35.20 -31.67
CA ILE D 164 -16.84 -33.93 -30.95
C ILE D 164 -15.76 -33.04 -31.55
N ASN D 165 -16.11 -31.77 -31.79
CA ASN D 165 -15.34 -30.88 -32.64
C ASN D 165 -14.02 -30.49 -32.00
N CYS D 166 -12.96 -31.24 -32.30
CA CYS D 166 -11.65 -31.03 -31.69
C CYS D 166 -10.80 -30.14 -32.59
N ASN D 167 -11.11 -28.85 -32.56
CA ASN D 167 -10.30 -27.84 -33.24
C ASN D 167 -9.02 -27.63 -32.46
N THR D 168 -7.92 -28.19 -32.96
CA THR D 168 -6.64 -28.02 -32.30
C THR D 168 -6.12 -26.61 -32.51
N SER D 169 -6.44 -25.72 -31.58
CA SER D 169 -6.09 -24.32 -31.70
C SER D 169 -4.58 -24.11 -31.55
N ALA D 170 -4.12 -22.92 -31.90
CA ALA D 170 -2.71 -22.60 -31.80
C ALA D 170 -2.54 -21.14 -31.43
N ILE D 171 -1.59 -20.86 -30.56
CA ILE D 171 -1.28 -19.52 -30.10
C ILE D 171 0.19 -19.25 -30.40
N THR D 172 0.47 -18.10 -31.00
CA THR D 172 1.84 -17.68 -31.25
C THR D 172 2.17 -16.49 -30.36
N GLN D 173 3.16 -16.65 -29.51
CA GLN D 173 3.64 -15.58 -28.65
C GLN D 173 5.13 -15.40 -28.89
N ALA D 174 5.67 -14.31 -28.34
CA ALA D 174 7.09 -14.04 -28.48
C ALA D 174 7.90 -14.93 -27.54
N CYS D 175 9.11 -15.27 -27.97
CA CYS D 175 9.99 -16.15 -27.20
C CYS D 175 11.30 -15.44 -26.86
N PRO D 176 11.34 -14.66 -25.79
CA PRO D 176 12.63 -14.23 -25.26
C PRO D 176 13.27 -15.37 -24.48
N LYS D 177 14.58 -15.51 -24.66
CA LYS D 177 15.30 -16.53 -23.90
C LYS D 177 15.42 -16.08 -22.45
N VAL D 178 14.84 -16.86 -21.55
CA VAL D 178 14.71 -16.46 -20.16
C VAL D 178 15.69 -17.26 -19.32
N SER D 179 15.97 -16.75 -18.12
CA SER D 179 16.73 -17.49 -17.14
C SER D 179 15.82 -18.36 -16.31
N PHE D 180 16.39 -19.36 -15.64
CA PHE D 180 15.54 -20.35 -14.97
C PHE D 180 16.37 -21.07 -13.91
N GLU D 181 16.03 -20.84 -12.66
CA GLU D 181 16.66 -21.54 -11.53
C GLU D 181 15.68 -21.49 -10.37
N PRO D 182 15.15 -22.65 -9.94
CA PRO D 182 14.06 -22.65 -8.95
C PRO D 182 14.56 -22.36 -7.54
N ILE D 183 13.87 -21.47 -6.86
CA ILE D 183 14.16 -21.08 -5.47
C ILE D 183 13.24 -21.89 -4.57
N PRO D 184 13.55 -22.07 -3.28
CA PRO D 184 12.61 -22.77 -2.41
C PRO D 184 11.36 -21.94 -2.13
N ILE D 185 10.28 -22.64 -1.80
CA ILE D 185 8.97 -22.05 -1.58
C ILE D 185 8.43 -22.58 -0.25
N HIS D 186 7.92 -21.69 0.59
CA HIS D 186 7.36 -22.07 1.88
C HIS D 186 5.84 -21.89 1.84
N TYR D 187 5.10 -22.98 1.87
CA TYR D 187 3.64 -22.89 1.84
C TYR D 187 3.11 -22.64 3.24
N CYS D 188 2.79 -21.40 3.53
CA CYS D 188 2.25 -21.03 4.84
C CYS D 188 0.75 -21.25 4.88
N ALA D 189 0.23 -21.39 6.08
CA ALA D 189 -1.20 -21.50 6.35
C ALA D 189 -1.70 -20.20 6.94
N PRO D 190 -2.93 -19.77 6.64
CA PRO D 190 -3.36 -18.43 7.07
C PRO D 190 -3.66 -18.33 8.56
N ALA D 191 -4.20 -17.20 8.99
CA ALA D 191 -4.51 -17.01 10.40
C ALA D 191 -5.72 -17.82 10.78
N GLY D 192 -5.56 -18.71 11.75
CA GLY D 192 -6.63 -19.58 12.19
C GLY D 192 -6.40 -21.04 11.87
N PHE D 193 -5.39 -21.36 11.08
CA PHE D 193 -5.06 -22.71 10.69
C PHE D 193 -3.65 -23.03 11.16
N ALA D 194 -3.24 -24.28 10.97
CA ALA D 194 -1.96 -24.74 11.44
C ALA D 194 -1.58 -25.97 10.65
N ILE D 195 -0.30 -26.25 10.55
CA ILE D 195 0.18 -27.35 9.73
C ILE D 195 0.89 -28.35 10.62
N LEU D 196 0.36 -29.57 10.69
CA LEU D 196 1.01 -30.59 11.49
C LEU D 196 2.22 -31.14 10.73
N LYS D 197 3.01 -31.95 11.42
CA LYS D 197 4.25 -32.42 10.82
C LYS D 197 4.67 -33.71 11.48
N CYS D 198 5.09 -34.69 10.69
CA CYS D 198 5.54 -35.97 11.22
C CYS D 198 7.05 -35.93 11.38
N LYS D 199 7.53 -36.02 12.60
CA LYS D 199 8.96 -36.03 12.87
C LYS D 199 9.51 -37.45 12.96
N ASP D 200 8.70 -38.46 12.66
CA ASP D 200 9.19 -39.83 12.64
C ASP D 200 10.05 -40.04 11.40
N LYS D 201 11.30 -40.47 11.62
CA LYS D 201 12.26 -40.55 10.54
C LYS D 201 12.02 -41.74 9.62
N LYS D 202 11.29 -42.75 10.08
CA LYS D 202 11.01 -43.94 9.28
C LYS D 202 9.52 -44.03 8.94
N PHE D 203 8.91 -42.90 8.61
CA PHE D 203 7.47 -42.81 8.38
C PHE D 203 7.13 -43.30 6.98
N ASN D 204 6.08 -44.14 6.87
CA ASN D 204 5.63 -44.62 5.57
C ASN D 204 5.18 -43.46 4.70
N GLY D 205 4.14 -42.77 5.15
CA GLY D 205 3.31 -41.94 4.31
C GLY D 205 1.86 -42.09 4.73
N THR D 206 1.51 -43.26 5.23
CA THR D 206 0.22 -43.50 5.86
C THR D 206 0.45 -43.93 7.30
N GLY D 207 -0.62 -44.29 7.98
CA GLY D 207 -0.52 -44.85 9.30
C GLY D 207 -0.40 -43.78 10.37
N PRO D 208 -0.31 -44.20 11.64
CA PRO D 208 -0.19 -43.24 12.73
C PRO D 208 1.25 -42.78 12.91
N CYS D 209 1.42 -41.47 13.03
CA CYS D 209 2.72 -40.89 13.34
C CYS D 209 2.69 -40.38 14.77
N PRO D 210 3.45 -40.95 15.70
CA PRO D 210 3.34 -40.53 17.09
C PRO D 210 4.09 -39.23 17.40
N SER D 211 5.08 -38.85 16.62
CA SER D 211 5.90 -37.67 16.92
C SER D 211 5.43 -36.46 16.12
N VAL D 212 4.20 -36.05 16.34
CA VAL D 212 3.61 -34.94 15.60
C VAL D 212 4.07 -33.63 16.22
N SER D 213 4.62 -32.74 15.41
CA SER D 213 4.86 -31.37 15.81
C SER D 213 3.96 -30.45 15.00
N THR D 214 3.98 -29.17 15.32
CA THR D 214 3.09 -28.22 14.69
C THR D 214 3.89 -27.02 14.22
N VAL D 215 3.78 -26.68 12.94
CA VAL D 215 4.43 -25.52 12.37
C VAL D 215 3.38 -24.63 11.75
N GLN D 216 3.77 -23.38 11.54
CA GLN D 216 2.92 -22.45 10.81
C GLN D 216 3.13 -22.55 9.31
N CYS D 217 4.35 -22.82 8.87
CA CYS D 217 4.68 -22.77 7.47
C CYS D 217 5.69 -23.87 7.15
N THR D 218 5.61 -24.41 5.94
CA THR D 218 6.39 -25.59 5.58
C THR D 218 7.85 -25.24 5.37
N HIS D 219 8.65 -26.25 5.04
CA HIS D 219 10.05 -26.02 4.78
C HIS D 219 10.24 -25.65 3.32
N GLY D 220 11.50 -25.48 2.92
CA GLY D 220 11.83 -25.04 1.59
C GLY D 220 11.59 -26.10 0.54
N ILE D 221 10.65 -25.85 -0.36
CA ILE D 221 10.28 -26.80 -1.40
C ILE D 221 10.62 -26.19 -2.74
N LYS D 222 11.46 -26.87 -3.51
CA LYS D 222 11.89 -26.36 -4.79
C LYS D 222 10.95 -26.84 -5.88
N PRO D 223 10.34 -25.96 -6.64
CA PRO D 223 9.53 -26.40 -7.77
C PRO D 223 10.38 -26.95 -8.90
N VAL D 224 10.83 -28.18 -8.75
CA VAL D 224 11.70 -28.83 -9.72
C VAL D 224 10.89 -29.84 -10.50
N VAL D 225 10.81 -29.67 -11.80
CA VAL D 225 10.01 -30.50 -12.68
C VAL D 225 10.93 -31.46 -13.40
N SER D 226 10.72 -32.76 -13.20
CA SER D 226 11.56 -33.77 -13.83
C SER D 226 10.80 -35.08 -13.85
N THR D 227 11.24 -35.97 -14.73
CA THR D 227 10.68 -37.32 -14.82
C THR D 227 11.79 -38.32 -14.55
N GLN D 228 11.41 -39.46 -13.96
CA GLN D 228 12.23 -40.63 -13.66
C GLN D 228 13.31 -40.44 -12.61
N LEU D 229 13.53 -39.20 -12.16
CA LEU D 229 14.55 -38.89 -11.16
C LEU D 229 14.10 -37.61 -10.48
N LEU D 230 14.26 -37.55 -9.17
CA LEU D 230 13.77 -36.42 -8.40
C LEU D 230 14.98 -35.54 -8.07
N LEU D 231 15.15 -34.47 -8.83
CA LEU D 231 16.34 -33.65 -8.72
C LEU D 231 16.15 -32.59 -7.65
N ASN D 232 17.24 -32.30 -6.93
CA ASN D 232 17.33 -31.23 -5.93
C ASN D 232 16.31 -31.38 -4.79
N GLY D 233 15.84 -32.57 -4.52
CA GLY D 233 14.83 -32.76 -3.50
C GLY D 233 15.41 -32.80 -2.11
N SER D 234 14.62 -33.32 -1.18
CA SER D 234 15.03 -33.50 0.20
C SER D 234 15.38 -34.95 0.46
N LEU D 235 16.07 -35.18 1.57
CA LEU D 235 16.68 -36.46 1.87
C LEU D 235 16.05 -37.07 3.10
N ALA D 236 15.91 -38.39 3.08
CA ALA D 236 15.39 -39.11 4.24
C ALA D 236 16.43 -39.10 5.36
N GLU D 237 15.94 -39.18 6.59
CA GLU D 237 16.82 -39.00 7.74
C GLU D 237 17.63 -40.24 8.05
N GLU D 238 17.00 -41.41 8.00
CA GLU D 238 17.66 -42.64 8.46
C GLU D 238 17.94 -43.61 7.33
N GLU D 239 16.91 -44.05 6.60
CA GLU D 239 17.07 -45.11 5.61
C GLU D 239 16.37 -44.73 4.32
N VAL D 240 16.67 -45.49 3.27
CA VAL D 240 16.01 -45.30 1.98
C VAL D 240 14.55 -45.73 2.10
N MET D 241 13.64 -44.79 1.92
CA MET D 241 12.23 -45.08 2.11
C MET D 241 11.56 -45.39 0.80
N ILE D 242 10.53 -46.22 0.88
CA ILE D 242 9.78 -46.68 -0.28
C ILE D 242 8.30 -46.45 -0.01
N ARG D 243 7.67 -45.65 -0.85
CA ARG D 243 6.31 -45.19 -0.62
C ARG D 243 5.46 -45.52 -1.83
N SER D 244 4.23 -45.96 -1.59
CA SER D 244 3.32 -46.23 -2.68
C SER D 244 1.89 -46.10 -2.19
N GLU D 245 1.00 -45.72 -3.10
CA GLU D 245 -0.41 -45.71 -2.76
C GLU D 245 -0.93 -47.11 -2.52
N ASN D 246 -0.50 -48.06 -3.36
CA ASN D 246 -0.96 -49.43 -3.25
C ASN D 246 0.11 -50.30 -3.91
N ILE D 247 0.97 -50.91 -3.10
CA ILE D 247 1.77 -52.01 -3.61
C ILE D 247 0.82 -53.17 -3.83
N THR D 248 1.13 -53.98 -4.86
CA THR D 248 0.38 -55.03 -5.57
C THR D 248 -0.53 -54.43 -6.64
N ASN D 249 -0.59 -53.11 -6.80
CA ASN D 249 -1.43 -52.58 -7.86
C ASN D 249 -0.74 -52.66 -9.21
N ASN D 250 0.59 -52.61 -9.24
CA ASN D 250 1.43 -52.65 -10.44
C ASN D 250 1.13 -51.52 -11.41
N ALA D 251 0.51 -50.45 -10.94
CA ALA D 251 0.24 -49.29 -11.77
C ALA D 251 0.40 -48.00 -10.98
N LYS D 252 0.98 -48.07 -9.79
CA LYS D 252 1.17 -46.91 -8.93
C LYS D 252 2.68 -46.66 -8.78
N ASN D 253 3.07 -45.40 -8.88
CA ASN D 253 4.47 -45.04 -8.97
C ASN D 253 5.14 -45.20 -7.62
N ILE D 254 6.08 -46.13 -7.53
CA ILE D 254 6.80 -46.38 -6.30
C ILE D 254 7.82 -45.26 -6.09
N LEU D 255 7.59 -44.41 -5.11
CA LEU D 255 8.53 -43.33 -4.82
C LEU D 255 9.63 -43.86 -3.91
N VAL D 256 10.87 -43.73 -4.35
CA VAL D 256 12.02 -44.21 -3.59
C VAL D 256 12.84 -43.02 -3.19
N GLN D 257 12.89 -42.71 -1.91
CA GLN D 257 13.65 -41.56 -1.44
C GLN D 257 14.96 -42.03 -0.83
N PHE D 258 16.06 -41.39 -1.24
CA PHE D 258 17.40 -41.74 -0.83
C PHE D 258 17.74 -41.10 0.50
N ASN D 259 18.84 -41.57 1.09
CA ASN D 259 19.42 -40.93 2.25
C ASN D 259 20.68 -40.14 1.94
N THR D 260 21.35 -40.44 0.83
CA THR D 260 22.53 -39.70 0.39
C THR D 260 22.33 -39.19 -1.02
N PRO D 261 22.75 -37.96 -1.31
CA PRO D 261 22.57 -37.41 -2.65
C PRO D 261 23.58 -37.98 -3.63
N VAL D 262 23.09 -38.55 -4.73
CA VAL D 262 23.93 -39.00 -5.81
C VAL D 262 24.06 -37.86 -6.81
N GLN D 263 25.22 -37.23 -6.84
CA GLN D 263 25.39 -36.02 -7.62
C GLN D 263 25.52 -36.36 -9.10
N ILE D 264 24.95 -35.51 -9.95
CA ILE D 264 24.96 -35.70 -11.39
C ILE D 264 25.42 -34.40 -12.04
N ASN D 265 26.20 -34.51 -13.11
CA ASN D 265 26.71 -33.36 -13.85
C ASN D 265 26.25 -33.44 -15.29
N CYS D 266 25.24 -32.66 -15.64
CA CYS D 266 24.79 -32.55 -17.02
C CYS D 266 25.40 -31.30 -17.63
N THR D 267 26.29 -31.49 -18.58
CA THR D 267 27.05 -30.39 -19.18
C THR D 267 26.86 -30.40 -20.69
N ARG D 268 26.64 -29.21 -21.25
CA ARG D 268 26.71 -29.01 -22.68
C ARG D 268 28.01 -28.28 -22.96
N PRO D 269 29.02 -28.93 -23.53
CA PRO D 269 30.27 -28.22 -23.83
C PRO D 269 30.20 -27.44 -25.12
N ASN D 270 31.32 -26.87 -25.54
CA ASN D 270 31.40 -26.16 -26.81
C ASN D 270 31.94 -27.06 -27.93
N ILE D 292 30.09 -29.12 -34.92
CA ILE D 292 30.69 -28.34 -33.85
C ILE D 292 29.91 -27.03 -33.64
N GLY D 293 29.51 -26.73 -32.40
CA GLY D 293 29.70 -27.61 -31.25
C GLY D 293 28.61 -28.63 -31.03
N ASP D 294 27.82 -28.89 -32.08
CA ASP D 294 26.73 -29.86 -32.11
C ASP D 294 25.71 -29.55 -31.01
N ILE D 295 25.00 -28.45 -31.24
CA ILE D 295 24.11 -27.81 -30.26
C ILE D 295 23.04 -28.72 -29.67
N ARG D 296 22.73 -29.84 -30.33
CA ARG D 296 21.74 -30.80 -29.87
C ARG D 296 22.37 -31.96 -29.10
N GLN D 297 23.45 -31.70 -28.37
CA GLN D 297 24.20 -32.79 -27.77
C GLN D 297 24.76 -32.35 -26.42
N ALA D 298 24.56 -33.20 -25.41
CA ALA D 298 25.15 -33.00 -24.10
C ALA D 298 25.30 -34.38 -23.46
N HIS D 299 25.92 -34.41 -22.29
CA HIS D 299 26.19 -35.69 -21.64
C HIS D 299 26.11 -35.48 -20.14
N CYS D 300 25.76 -36.55 -19.42
CA CYS D 300 25.59 -36.48 -17.98
C CYS D 300 26.39 -37.57 -17.31
N ASN D 301 27.08 -37.21 -16.23
CA ASN D 301 27.96 -38.13 -15.52
C ASN D 301 27.42 -38.43 -14.13
N VAL D 302 27.26 -39.71 -13.84
CA VAL D 302 26.86 -40.20 -12.53
C VAL D 302 28.03 -40.99 -11.95
N SER D 303 28.42 -40.67 -10.72
CA SER D 303 29.57 -41.28 -10.07
C SER D 303 29.29 -42.75 -9.80
N LYS D 304 29.89 -43.61 -10.62
CA LYS D 304 29.81 -45.05 -10.43
C LYS D 304 30.46 -45.45 -9.10
N ALA D 305 29.91 -46.49 -8.49
CA ALA D 305 30.20 -47.06 -7.17
C ALA D 305 29.78 -46.14 -6.02
N THR D 306 29.30 -44.93 -6.31
CA THR D 306 28.35 -44.27 -5.44
C THR D 306 26.94 -44.63 -5.86
N TRP D 307 26.73 -44.83 -7.16
CA TRP D 307 25.44 -45.25 -7.67
C TRP D 307 25.14 -46.70 -7.30
N ASN D 308 26.17 -47.55 -7.32
CA ASN D 308 25.95 -48.97 -7.01
C ASN D 308 25.58 -49.16 -5.55
N GLU D 309 26.18 -48.39 -4.65
CA GLU D 309 25.83 -48.46 -3.24
C GLU D 309 24.38 -48.06 -3.01
N THR D 310 23.94 -47.04 -3.75
CA THR D 310 22.57 -46.57 -3.65
C THR D 310 21.59 -47.63 -4.14
N LEU D 311 21.89 -48.27 -5.27
CA LEU D 311 21.02 -49.35 -5.71
C LEU D 311 21.07 -50.55 -4.79
N GLY D 312 22.19 -50.78 -4.11
CA GLY D 312 22.25 -51.84 -3.12
C GLY D 312 21.32 -51.60 -1.96
N LYS D 313 21.29 -50.36 -1.45
CA LYS D 313 20.40 -50.03 -0.35
C LYS D 313 18.94 -50.09 -0.78
N VAL D 314 18.67 -49.66 -2.02
CA VAL D 314 17.30 -49.72 -2.56
C VAL D 314 16.84 -51.17 -2.69
N VAL D 315 17.72 -52.06 -3.14
CA VAL D 315 17.33 -53.45 -3.28
C VAL D 315 17.19 -54.12 -1.91
N LYS D 316 17.93 -53.67 -0.90
CA LYS D 316 17.69 -54.16 0.46
C LYS D 316 16.30 -53.80 0.96
N GLN D 317 15.88 -52.55 0.75
CA GLN D 317 14.54 -52.15 1.20
C GLN D 317 13.43 -52.82 0.38
N LEU D 318 13.68 -53.03 -0.92
CA LEU D 318 12.71 -53.74 -1.75
C LEU D 318 12.60 -55.20 -1.39
N ARG D 319 13.68 -55.82 -0.92
CA ARG D 319 13.56 -57.19 -0.43
C ARG D 319 12.88 -57.22 0.93
N LYS D 320 13.02 -56.15 1.72
CA LYS D 320 12.24 -56.06 2.96
C LYS D 320 10.75 -55.95 2.68
N HIS D 321 10.37 -55.34 1.57
CA HIS D 321 8.97 -55.40 1.18
C HIS D 321 8.59 -56.73 0.55
N PHE D 322 9.45 -57.33 -0.28
CA PHE D 322 8.98 -58.41 -1.13
C PHE D 322 9.43 -59.80 -0.70
N GLY D 323 10.54 -59.92 0.04
CA GLY D 323 10.96 -61.23 0.49
C GLY D 323 12.40 -61.59 0.15
N ASN D 324 12.58 -62.61 -0.68
CA ASN D 324 13.91 -63.06 -1.11
C ASN D 324 13.92 -63.30 -2.62
N ASN D 325 13.42 -62.33 -3.37
CA ASN D 325 13.38 -62.39 -4.82
C ASN D 325 14.65 -61.84 -5.44
N THR D 326 14.83 -62.18 -6.71
CA THR D 326 15.91 -61.64 -7.54
C THR D 326 15.36 -60.45 -8.31
N ILE D 327 15.99 -59.30 -8.14
CA ILE D 327 15.51 -58.09 -8.81
C ILE D 327 16.13 -58.06 -10.21
N ILE D 328 15.49 -58.74 -11.16
CA ILE D 328 16.10 -59.05 -12.45
C ILE D 328 15.12 -58.56 -13.52
N ARG D 329 15.28 -57.32 -13.98
CA ARG D 329 16.32 -56.41 -13.51
C ARG D 329 15.73 -55.03 -13.30
N PHE D 330 16.54 -54.06 -12.90
CA PHE D 330 16.16 -52.69 -13.17
C PHE D 330 16.26 -52.52 -14.68
N ALA D 331 15.14 -52.49 -15.38
CA ALA D 331 15.17 -52.51 -16.83
C ALA D 331 15.27 -51.09 -17.38
N ASN D 332 15.09 -50.98 -18.70
CA ASN D 332 14.96 -49.71 -19.37
C ASN D 332 13.51 -49.26 -19.27
N SER D 333 13.25 -48.04 -19.71
CA SER D 333 11.87 -47.59 -19.81
C SER D 333 11.14 -48.39 -20.88
N SER D 334 9.86 -48.65 -20.63
CA SER D 334 9.13 -49.56 -21.50
C SER D 334 8.71 -48.92 -22.81
N GLY D 335 8.74 -47.60 -22.90
CA GLY D 335 8.37 -46.93 -24.12
C GLY D 335 7.30 -45.90 -23.90
N GLY D 336 6.63 -45.49 -24.97
CA GLY D 336 5.54 -44.54 -24.83
C GLY D 336 5.92 -43.14 -25.25
N ASP D 337 5.67 -42.19 -24.37
CA ASP D 337 5.96 -40.81 -24.69
C ASP D 337 7.45 -40.55 -24.50
N LEU D 338 7.93 -39.47 -25.11
CA LEU D 338 9.34 -39.14 -25.04
C LEU D 338 9.72 -38.61 -23.67
N GLU D 339 8.84 -37.85 -23.03
CA GLU D 339 9.19 -37.22 -21.76
C GLU D 339 9.17 -38.18 -20.59
N VAL D 340 8.52 -39.33 -20.71
CA VAL D 340 8.55 -40.33 -19.64
C VAL D 340 9.56 -41.44 -19.91
N THR D 341 9.92 -41.67 -21.16
CA THR D 341 10.94 -42.67 -21.46
C THR D 341 12.30 -42.21 -20.98
N THR D 342 12.53 -40.92 -21.03
CA THR D 342 13.84 -40.33 -20.78
C THR D 342 13.77 -39.43 -19.55
N HIS D 343 14.92 -39.19 -18.95
CA HIS D 343 15.02 -38.24 -17.83
C HIS D 343 14.90 -36.83 -18.38
N SER D 344 13.66 -36.40 -18.56
CA SER D 344 13.42 -35.02 -18.96
C SER D 344 13.62 -34.10 -17.78
N PHE D 345 14.30 -32.98 -18.00
CA PHE D 345 14.31 -31.90 -17.01
C PHE D 345 14.61 -30.59 -17.72
N ASN D 346 14.59 -29.52 -16.96
CA ASN D 346 14.92 -28.19 -17.46
C ASN D 346 16.20 -27.75 -16.78
N CYS D 347 17.03 -27.05 -17.54
CA CYS D 347 18.25 -26.48 -16.96
C CYS D 347 18.64 -25.29 -17.83
N GLY D 348 18.74 -24.12 -17.19
CA GLY D 348 19.08 -22.91 -17.91
C GLY D 348 18.08 -22.47 -18.95
N GLY D 349 16.84 -22.90 -18.83
CA GLY D 349 15.86 -22.63 -19.85
C GLY D 349 15.89 -23.59 -21.01
N GLU D 350 16.81 -24.55 -21.04
CA GLU D 350 16.87 -25.54 -22.10
C GLU D 350 16.39 -26.89 -21.57
N PHE D 351 15.66 -27.62 -22.40
CA PHE D 351 15.01 -28.85 -21.96
C PHE D 351 15.88 -30.05 -22.34
N PHE D 352 16.44 -30.72 -21.35
CA PHE D 352 17.32 -31.84 -21.60
C PHE D 352 16.54 -33.12 -21.50
N TYR D 353 16.66 -33.99 -22.50
CA TYR D 353 16.07 -35.33 -22.46
C TYR D 353 17.23 -36.31 -22.48
N CYS D 354 17.53 -36.92 -21.35
CA CYS D 354 18.69 -37.80 -21.24
C CYS D 354 18.37 -39.22 -21.71
N ASN D 355 19.20 -40.18 -21.34
CA ASN D 355 18.98 -41.58 -21.68
C ASN D 355 19.45 -42.38 -20.48
N THR D 356 18.51 -42.83 -19.66
CA THR D 356 18.82 -43.48 -18.40
C THR D 356 18.91 -45.01 -18.57
N SER D 357 19.22 -45.48 -19.77
CA SER D 357 19.21 -46.91 -20.02
C SER D 357 20.42 -47.59 -19.41
N GLY D 358 21.56 -46.92 -19.43
CA GLY D 358 22.75 -47.51 -18.83
C GLY D 358 22.79 -47.42 -17.32
N LEU D 359 22.04 -46.48 -16.75
CA LEU D 359 22.03 -46.29 -15.31
C LEU D 359 21.18 -47.32 -14.59
N PHE D 360 20.26 -47.97 -15.30
CA PHE D 360 19.37 -49.01 -14.79
C PHE D 360 19.59 -50.26 -15.63
N ASN D 361 20.57 -51.09 -15.28
CA ASN D 361 20.66 -52.41 -15.89
C ASN D 361 21.43 -53.29 -14.91
N SER D 362 20.71 -54.03 -14.07
CA SER D 362 21.38 -54.91 -13.11
C SER D 362 20.44 -55.94 -12.52
N THR D 363 20.83 -57.21 -12.58
CA THR D 363 20.14 -58.24 -11.82
C THR D 363 20.82 -58.43 -10.48
N TRP D 364 20.05 -58.87 -9.50
CA TRP D 364 20.47 -58.88 -8.10
C TRP D 364 20.11 -60.21 -7.45
N ILE D 365 21.02 -61.16 -7.48
CA ILE D 365 20.80 -62.42 -6.79
C ILE D 365 20.99 -62.19 -5.29
N SER D 366 20.33 -63.01 -4.49
CA SER D 366 20.41 -62.88 -3.04
C SER D 366 21.45 -63.82 -2.45
N ASP D 380 35.39 -45.86 -15.27
CA ASP D 380 34.81 -45.52 -13.99
C ASP D 380 33.39 -44.99 -14.15
N SER D 381 33.25 -43.68 -14.34
CA SER D 381 31.97 -43.00 -14.32
C SER D 381 31.12 -43.38 -15.53
N ILE D 382 29.81 -43.21 -15.38
CA ILE D 382 28.84 -43.55 -16.41
C ILE D 382 28.46 -42.27 -17.14
N THR D 383 28.49 -42.30 -18.47
CA THR D 383 28.10 -41.16 -19.28
C THR D 383 26.72 -41.43 -19.88
N LEU D 384 25.82 -40.46 -19.74
CA LEU D 384 24.45 -40.62 -20.20
C LEU D 384 24.21 -39.73 -21.41
N PRO D 385 23.88 -40.29 -22.57
CA PRO D 385 23.74 -39.49 -23.79
C PRO D 385 22.51 -38.61 -23.77
N CYS D 386 22.66 -37.31 -23.57
CA CYS D 386 21.53 -36.45 -23.24
C CYS D 386 21.39 -35.36 -24.30
N ARG D 387 20.39 -35.50 -25.18
CA ARG D 387 20.15 -34.53 -26.23
C ARG D 387 19.38 -33.33 -25.68
N ILE D 388 19.05 -32.38 -26.56
CA ILE D 388 18.21 -31.23 -26.23
C ILE D 388 17.12 -31.15 -27.26
N LYS D 389 15.87 -31.31 -26.83
CA LYS D 389 14.77 -31.44 -27.76
C LYS D 389 13.78 -30.31 -27.55
N GLN D 390 13.11 -29.91 -28.64
CA GLN D 390 12.39 -28.63 -28.64
C GLN D 390 10.97 -28.67 -29.18
N ILE D 391 10.46 -29.82 -29.56
CA ILE D 391 9.01 -29.91 -29.75
C ILE D 391 8.52 -30.77 -28.60
N ILE D 392 8.14 -30.13 -27.51
CA ILE D 392 7.91 -30.78 -26.25
C ILE D 392 6.43 -31.07 -26.08
N ASN D 393 6.15 -32.05 -25.24
CA ASN D 393 4.82 -32.25 -24.70
C ASN D 393 4.71 -31.45 -23.42
N MET D 394 3.66 -30.65 -23.31
CA MET D 394 3.43 -29.94 -22.07
C MET D 394 3.09 -30.92 -20.96
N TRP D 395 3.56 -30.63 -19.76
CA TRP D 395 3.08 -31.35 -18.60
C TRP D 395 1.97 -30.59 -17.89
N GLN D 396 1.80 -29.31 -18.20
CA GLN D 396 0.76 -28.52 -17.57
C GLN D 396 -0.62 -29.03 -17.94
N ARG D 397 -0.77 -29.47 -19.17
CA ARG D 397 -2.04 -29.91 -19.72
C ARG D 397 -1.73 -30.80 -20.91
N ILE D 398 -2.73 -31.08 -21.72
CA ILE D 398 -2.53 -31.85 -22.94
C ILE D 398 -2.24 -30.87 -24.06
N GLY D 399 -1.04 -30.92 -24.59
CA GLY D 399 -0.67 -30.02 -25.67
C GLY D 399 0.74 -30.30 -26.10
N GLN D 400 1.20 -29.48 -27.04
CA GLN D 400 2.60 -29.48 -27.44
C GLN D 400 3.07 -28.05 -27.55
N ALA D 401 4.37 -27.85 -27.31
CA ALA D 401 4.96 -26.53 -27.39
C ALA D 401 6.23 -26.59 -28.18
N MET D 402 6.61 -25.45 -28.75
CA MET D 402 7.84 -25.30 -29.49
C MET D 402 8.61 -24.16 -28.88
N TYR D 403 9.90 -24.35 -28.65
CA TYR D 403 10.71 -23.33 -28.00
C TYR D 403 11.77 -22.78 -28.95
N ALA D 404 12.50 -21.80 -28.44
CA ALA D 404 13.58 -21.18 -29.19
C ALA D 404 14.72 -22.16 -29.39
N PRO D 405 15.54 -21.95 -30.41
CA PRO D 405 16.80 -22.70 -30.56
C PRO D 405 17.72 -22.49 -29.37
N PRO D 406 18.69 -23.39 -29.12
CA PRO D 406 19.47 -23.33 -27.87
C PRO D 406 20.37 -22.13 -27.73
N ILE D 407 21.10 -22.09 -26.61
CA ILE D 407 21.77 -20.91 -26.17
C ILE D 407 23.23 -20.99 -26.59
N GLN D 408 23.97 -19.91 -26.37
CA GLN D 408 25.33 -19.69 -26.86
C GLN D 408 26.31 -20.79 -26.46
N GLY D 409 26.58 -20.91 -25.16
CA GLY D 409 27.73 -21.68 -24.73
C GLY D 409 27.51 -22.74 -23.68
N VAL D 410 28.35 -22.72 -22.65
CA VAL D 410 28.43 -23.82 -21.69
C VAL D 410 27.23 -23.77 -20.75
N ILE D 411 26.59 -24.93 -20.58
CA ILE D 411 25.45 -25.07 -19.67
C ILE D 411 25.84 -26.06 -18.58
N ARG D 412 25.79 -25.62 -17.32
CA ARG D 412 26.16 -26.44 -16.18
C ARG D 412 24.92 -26.74 -15.34
N CYS D 413 24.77 -28.00 -14.95
CA CYS D 413 23.56 -28.47 -14.27
C CYS D 413 23.92 -29.34 -13.08
N VAL D 414 24.80 -28.84 -12.21
CA VAL D 414 25.20 -29.57 -11.00
C VAL D 414 23.99 -29.79 -10.10
N SER D 415 23.65 -31.06 -9.85
CA SER D 415 22.37 -31.39 -9.25
C SER D 415 22.56 -32.42 -8.15
N ASN D 416 21.44 -32.94 -7.66
CA ASN D 416 21.42 -34.06 -6.71
C ASN D 416 20.29 -34.98 -7.11
N ILE D 417 20.58 -36.24 -7.38
CA ILE D 417 19.51 -37.20 -7.51
C ILE D 417 19.14 -37.68 -6.12
N THR D 418 18.01 -37.20 -5.61
CA THR D 418 17.56 -37.59 -4.28
C THR D 418 16.31 -38.45 -4.34
N GLY D 419 16.04 -39.08 -5.46
CA GLY D 419 14.81 -39.84 -5.55
C GLY D 419 14.78 -40.71 -6.78
N LEU D 420 13.77 -41.56 -6.83
CA LEU D 420 13.47 -42.33 -8.01
C LEU D 420 11.96 -42.38 -8.15
N ILE D 421 11.50 -42.80 -9.32
CA ILE D 421 10.11 -43.17 -9.53
C ILE D 421 10.11 -44.47 -10.29
N LEU D 422 9.63 -45.53 -9.68
CA LEU D 422 9.67 -46.84 -10.31
C LEU D 422 8.25 -47.35 -10.53
N THR D 423 8.12 -48.32 -11.43
CA THR D 423 6.90 -49.09 -11.52
C THR D 423 7.26 -50.57 -11.47
N ARG D 424 6.31 -51.46 -11.75
CA ARG D 424 6.59 -52.87 -11.67
C ARG D 424 6.09 -53.63 -12.89
N ASP D 425 6.16 -54.95 -12.81
CA ASP D 425 5.57 -55.85 -13.80
C ASP D 425 4.74 -56.88 -13.06
N GLY D 426 3.46 -56.96 -13.39
CA GLY D 426 2.61 -57.96 -12.76
C GLY D 426 2.93 -59.36 -13.22
N GLY D 427 2.45 -60.33 -12.45
CA GLY D 427 2.72 -61.74 -12.74
C GLY D 427 4.17 -62.13 -12.44
N SER D 428 4.45 -63.42 -12.59
CA SER D 428 3.52 -64.46 -13.00
C SER D 428 3.73 -65.69 -12.11
N THR D 429 3.12 -66.80 -12.51
CA THR D 429 3.28 -68.04 -11.78
C THR D 429 4.49 -68.81 -12.29
N SER D 431 8.63 -68.12 -9.14
CA SER D 431 7.90 -67.25 -8.22
C SER D 431 7.18 -65.99 -8.82
N THR D 432 7.80 -65.08 -9.59
CA THR D 432 9.14 -65.11 -10.22
C THR D 432 9.95 -63.90 -9.83
N THR D 433 11.05 -63.67 -10.56
CA THR D 433 11.86 -62.48 -10.40
C THR D 433 11.06 -61.23 -10.75
N GLU D 434 11.51 -60.10 -10.22
CA GLU D 434 10.80 -58.84 -10.39
C GLU D 434 11.63 -57.84 -11.18
N THR D 435 10.92 -56.99 -11.92
CA THR D 435 11.53 -56.06 -12.87
C THR D 435 10.96 -54.68 -12.64
N PHE D 436 11.83 -53.70 -12.41
CA PHE D 436 11.44 -52.36 -11.99
C PHE D 436 11.80 -51.36 -13.07
N ARG D 437 10.94 -51.18 -14.00
CA ARG D 437 11.18 -50.16 -14.99
C ARG D 437 10.86 -48.79 -14.40
N PRO D 438 11.69 -47.79 -14.64
CA PRO D 438 11.38 -46.45 -14.17
C PRO D 438 10.24 -45.84 -14.95
N GLY D 439 9.60 -44.87 -14.32
CA GLY D 439 8.47 -44.18 -14.91
C GLY D 439 8.36 -42.79 -14.33
N GLY D 440 7.20 -42.20 -14.40
CA GLY D 440 7.02 -40.85 -13.91
C GLY D 440 6.18 -40.08 -14.87
N GLY D 441 6.20 -38.76 -14.74
CA GLY D 441 5.44 -37.94 -15.65
C GLY D 441 4.28 -37.25 -14.97
N ASP D 442 3.60 -37.95 -14.08
CA ASP D 442 2.60 -37.31 -13.23
C ASP D 442 3.34 -36.44 -12.23
N MET D 443 3.23 -35.13 -12.39
CA MET D 443 4.05 -34.23 -11.59
C MET D 443 3.59 -34.12 -10.15
N ARG D 444 2.38 -34.57 -9.84
CA ARG D 444 1.98 -34.60 -8.45
C ARG D 444 2.73 -35.65 -7.65
N ASP D 445 3.29 -36.66 -8.31
CA ASP D 445 4.22 -37.55 -7.63
C ASP D 445 5.50 -36.84 -7.24
N ASN D 446 5.82 -35.72 -7.88
CA ASN D 446 6.93 -34.92 -7.37
C ASN D 446 6.54 -34.18 -6.11
N TRP D 447 5.25 -33.93 -5.89
CA TRP D 447 4.86 -33.13 -4.74
C TRP D 447 4.22 -33.96 -3.67
N ARG D 448 4.15 -35.28 -3.86
CA ARG D 448 3.94 -36.19 -2.76
C ARG D 448 5.24 -36.76 -2.26
N SER D 449 6.35 -36.08 -2.55
CA SER D 449 7.64 -36.41 -2.00
C SER D 449 8.17 -35.32 -1.10
N GLU D 450 7.55 -34.15 -1.10
CA GLU D 450 8.02 -33.04 -0.29
C GLU D 450 6.92 -32.43 0.54
N LEU D 451 5.66 -32.56 0.12
CA LEU D 451 4.50 -32.34 0.97
C LEU D 451 4.05 -33.61 1.66
N TYR D 452 4.99 -34.49 1.93
CA TYR D 452 4.79 -35.80 2.49
C TYR D 452 4.49 -35.76 3.98
N LYS D 453 5.12 -34.86 4.72
CA LYS D 453 5.06 -34.84 6.16
C LYS D 453 3.87 -34.06 6.72
N TYR D 454 3.10 -33.40 5.90
CA TYR D 454 2.27 -32.28 6.36
C TYR D 454 0.80 -32.63 6.32
N LYS D 455 0.01 -31.75 6.92
CA LYS D 455 -1.43 -31.87 7.06
C LYS D 455 -1.94 -30.54 7.56
N VAL D 456 -3.11 -30.11 7.09
CA VAL D 456 -3.66 -28.80 7.44
C VAL D 456 -4.85 -29.01 8.35
N VAL D 457 -4.83 -28.36 9.51
CA VAL D 457 -5.91 -28.47 10.48
C VAL D 457 -6.48 -27.10 10.78
N LYS D 458 -7.70 -27.09 11.28
CA LYS D 458 -8.38 -25.89 11.72
C LYS D 458 -8.44 -25.89 13.23
N ILE D 459 -8.10 -24.77 13.84
CA ILE D 459 -8.02 -24.66 15.29
C ILE D 459 -9.34 -24.12 15.81
N GLU D 460 -10.09 -24.96 16.54
CA GLU D 460 -11.33 -24.52 17.17
C GLU D 460 -11.10 -24.39 18.66
N PRO D 461 -11.00 -23.18 19.20
CA PRO D 461 -10.49 -22.99 20.56
C PRO D 461 -11.56 -22.92 21.65
N LEU D 462 -12.81 -23.25 21.38
CA LEU D 462 -13.93 -22.90 22.24
C LEU D 462 -14.58 -24.17 22.78
N GLY D 463 -14.49 -24.40 24.09
CA GLY D 463 -15.03 -25.61 24.68
C GLY D 463 -15.80 -25.31 25.94
N VAL D 464 -16.64 -26.28 26.35
CA VAL D 464 -17.46 -26.16 27.55
C VAL D 464 -17.21 -27.37 28.45
N ALA D 465 -17.53 -27.22 29.72
CA ALA D 465 -17.08 -28.17 30.74
C ALA D 465 -17.91 -27.95 32.00
N PRO D 466 -17.86 -28.89 32.95
CA PRO D 466 -18.46 -28.63 34.27
C PRO D 466 -17.64 -27.67 35.13
N THR D 467 -18.20 -27.34 36.29
CA THR D 467 -17.54 -26.46 37.27
C THR D 467 -17.74 -26.98 38.67
N ARG D 468 -17.21 -26.22 39.62
CA ARG D 468 -17.60 -26.26 41.02
C ARG D 468 -17.76 -24.84 41.54
N CYS D 469 -18.39 -23.98 40.75
CA CYS D 469 -18.56 -22.58 41.12
C CYS D 469 -19.59 -22.38 42.23
N ASN E 3 -35.64 -2.46 42.86
CA ASN E 3 -36.76 -2.77 41.99
C ASN E 3 -36.29 -2.88 40.55
N LEU E 4 -36.41 -1.79 39.80
CA LEU E 4 -36.10 -1.77 38.38
C LEU E 4 -35.13 -0.62 38.11
N TRP E 5 -34.21 -0.84 37.17
CA TRP E 5 -33.12 0.09 36.97
C TRP E 5 -32.52 -0.05 35.59
N VAL E 6 -31.42 0.66 35.35
CA VAL E 6 -30.90 0.95 34.02
C VAL E 6 -30.31 -0.31 33.41
N THR E 7 -30.57 -0.53 32.12
CA THR E 7 -30.13 -1.72 31.42
C THR E 7 -29.49 -1.30 30.10
N VAL E 8 -28.17 -1.20 30.06
CA VAL E 8 -27.50 -0.71 28.86
C VAL E 8 -27.50 -1.79 27.80
N TYR E 9 -27.98 -1.45 26.62
CA TYR E 9 -27.99 -2.35 25.47
C TYR E 9 -26.95 -1.92 24.46
N TYR E 10 -26.90 -2.64 23.35
CA TYR E 10 -26.00 -2.31 22.25
C TYR E 10 -26.52 -3.00 21.02
N GLY E 11 -26.58 -2.28 19.90
CA GLY E 11 -27.24 -2.77 18.73
C GLY E 11 -28.65 -2.28 18.58
N VAL E 12 -28.94 -1.09 19.08
CA VAL E 12 -30.31 -0.60 19.12
C VAL E 12 -30.63 0.09 17.79
N PRO E 13 -31.76 -0.22 17.15
CA PRO E 13 -32.12 0.44 15.89
C PRO E 13 -32.61 1.87 16.04
N VAL E 14 -31.69 2.83 16.11
CA VAL E 14 -32.02 4.25 16.22
C VAL E 14 -31.22 5.02 15.18
N TRP E 15 -31.87 5.92 14.45
CA TRP E 15 -31.19 6.74 13.47
C TRP E 15 -30.89 8.13 14.00
N LYS E 16 -30.21 8.89 13.16
CA LYS E 16 -30.16 10.35 13.20
C LYS E 16 -30.18 10.80 11.75
N ASP E 17 -29.79 12.04 11.51
CA ASP E 17 -29.47 12.46 10.16
C ASP E 17 -28.02 12.88 10.09
N ALA E 18 -27.47 12.87 8.89
CA ALA E 18 -26.07 13.20 8.69
C ALA E 18 -25.92 13.97 7.39
N GLU E 19 -24.83 14.72 7.30
CA GLU E 19 -24.53 15.52 6.12
C GLU E 19 -23.06 15.36 5.76
N THR E 20 -22.62 14.11 5.68
CA THR E 20 -21.22 13.77 5.83
C THR E 20 -20.56 13.38 4.52
N THR E 21 -19.29 13.00 4.64
CA THR E 21 -18.49 12.53 3.53
C THR E 21 -18.96 11.13 3.13
N LEU E 22 -18.87 10.83 1.85
CA LEU E 22 -19.62 9.73 1.26
C LEU E 22 -18.93 9.36 -0.03
N PHE E 23 -18.38 8.15 -0.10
CA PHE E 23 -17.40 7.84 -1.13
C PHE E 23 -17.99 7.03 -2.27
N CYS E 24 -17.55 7.37 -3.48
CA CYS E 24 -17.68 6.64 -4.73
C CYS E 24 -16.84 5.35 -4.65
N ALA E 25 -16.96 4.39 -5.60
CA ALA E 25 -17.79 4.21 -6.80
C ALA E 25 -17.95 2.74 -7.12
N SER E 26 -18.25 2.52 -8.39
CA SER E 26 -18.29 1.20 -9.02
C SER E 26 -16.91 0.73 -9.41
N ASP E 27 -16.90 -0.33 -10.22
CA ASP E 27 -15.70 -1.06 -10.59
C ASP E 27 -15.29 -0.61 -11.99
N ALA E 28 -14.19 0.11 -12.09
CA ALA E 28 -13.66 0.57 -13.36
C ALA E 28 -12.82 -0.54 -13.97
N LYS E 29 -12.09 -0.22 -15.03
CA LYS E 29 -11.29 -1.26 -15.69
C LYS E 29 -9.87 -1.30 -15.15
N ALA E 30 -9.28 -0.11 -14.91
CA ALA E 30 -7.88 0.07 -14.50
C ALA E 30 -6.89 -0.50 -15.50
N TYR E 31 -7.28 -0.59 -16.76
CA TYR E 31 -6.34 -0.81 -17.85
C TYR E 31 -6.68 0.00 -19.09
N GLU E 32 -7.63 0.92 -19.00
CA GLU E 32 -8.13 1.62 -20.18
C GLU E 32 -7.75 3.09 -20.12
N THR E 33 -7.98 3.77 -21.26
CA THR E 33 -7.73 5.19 -21.39
C THR E 33 -9.01 5.98 -21.54
N GLU E 34 -10.16 5.31 -21.43
CA GLU E 34 -11.43 5.99 -21.22
C GLU E 34 -11.35 6.86 -19.98
N LYS E 35 -11.80 8.11 -20.11
CA LYS E 35 -11.50 9.09 -19.08
C LYS E 35 -12.31 8.87 -17.81
N HIS E 36 -13.51 8.32 -17.91
CA HIS E 36 -14.21 7.91 -16.70
C HIS E 36 -13.54 6.74 -16.02
N ASN E 37 -12.94 5.83 -16.79
CA ASN E 37 -12.23 4.72 -16.17
C ASN E 37 -10.95 5.19 -15.50
N VAL E 38 -10.27 6.16 -16.09
CA VAL E 38 -9.05 6.70 -15.48
C VAL E 38 -9.40 7.45 -14.20
N TRP E 39 -10.49 8.23 -14.22
CA TRP E 39 -10.92 8.95 -13.03
C TRP E 39 -11.37 7.99 -11.93
N ALA E 40 -12.21 7.03 -12.27
CA ALA E 40 -12.71 6.07 -11.29
C ALA E 40 -11.62 5.17 -10.75
N THR E 41 -10.56 4.97 -11.51
CA THR E 41 -9.37 4.32 -10.95
C THR E 41 -8.70 5.22 -9.94
N HIS E 42 -8.33 6.42 -10.35
CA HIS E 42 -7.46 7.24 -9.52
C HIS E 42 -8.19 7.94 -8.38
N ALA E 43 -9.51 7.81 -8.27
CA ALA E 43 -10.21 8.55 -7.23
C ALA E 43 -11.36 7.81 -6.57
N CYS E 44 -11.52 6.51 -6.80
CA CYS E 44 -12.63 5.78 -6.21
C CYS E 44 -12.17 4.36 -5.87
N VAL E 45 -13.07 3.59 -5.24
CA VAL E 45 -12.75 2.25 -4.75
C VAL E 45 -13.55 1.24 -5.58
N PRO E 46 -13.21 -0.05 -5.57
CA PRO E 46 -14.02 -1.01 -6.33
C PRO E 46 -15.35 -1.34 -5.68
N THR E 47 -16.12 -2.22 -6.29
CA THR E 47 -17.42 -2.60 -5.73
C THR E 47 -17.24 -3.61 -4.61
N ASP E 48 -18.34 -4.16 -4.16
CA ASP E 48 -18.39 -5.30 -3.27
C ASP E 48 -19.53 -6.17 -3.78
N PRO E 49 -19.25 -7.39 -4.24
CA PRO E 49 -20.28 -8.17 -4.96
C PRO E 49 -21.44 -8.65 -4.11
N ASN E 50 -21.45 -8.42 -2.80
CA ASN E 50 -22.54 -8.84 -1.93
C ASN E 50 -23.10 -7.60 -1.22
N PRO E 51 -24.03 -6.89 -1.85
CA PRO E 51 -24.72 -5.81 -1.14
C PRO E 51 -25.69 -6.39 -0.14
N GLN E 52 -25.96 -5.61 0.92
CA GLN E 52 -26.81 -6.05 2.02
C GLN E 52 -28.03 -5.16 2.09
N GLU E 53 -29.05 -5.49 1.28
CA GLU E 53 -30.30 -4.74 1.32
C GLU E 53 -31.18 -5.37 2.40
N ILE E 54 -31.21 -4.75 3.57
CA ILE E 54 -32.08 -5.16 4.65
C ILE E 54 -33.40 -4.42 4.47
N HIS E 55 -34.45 -5.15 4.11
CA HIS E 55 -35.77 -4.55 4.05
C HIS E 55 -36.29 -4.35 5.46
N LEU E 56 -36.86 -3.19 5.73
CA LEU E 56 -37.26 -2.90 7.09
C LEU E 56 -38.70 -3.34 7.34
N GLU E 57 -39.07 -3.33 8.62
CA GLU E 57 -40.41 -3.63 9.09
C GLU E 57 -41.29 -2.41 8.91
N ASN E 58 -42.40 -2.36 9.65
CA ASN E 58 -43.38 -1.30 9.48
C ASN E 58 -42.87 0.06 9.95
N VAL E 59 -41.86 0.61 9.28
CA VAL E 59 -41.36 1.94 9.56
C VAL E 59 -41.98 2.89 8.55
N THR E 60 -41.89 4.18 8.85
CA THR E 60 -42.41 5.20 7.94
C THR E 60 -41.50 6.40 8.03
N GLU E 61 -40.55 6.50 7.10
CA GLU E 61 -39.72 7.68 6.98
C GLU E 61 -40.35 8.67 6.02
N GLU E 62 -40.05 9.94 6.24
CA GLU E 62 -40.56 10.99 5.39
C GLU E 62 -39.38 11.58 4.63
N PHE E 63 -39.29 11.26 3.35
CA PHE E 63 -38.18 11.73 2.55
C PHE E 63 -38.48 13.11 2.01
N ASN E 64 -37.44 13.80 1.60
CA ASN E 64 -37.59 15.10 0.98
C ASN E 64 -36.50 15.20 -0.09
N MET E 65 -36.90 15.10 -1.34
CA MET E 65 -35.94 15.03 -2.43
C MET E 65 -35.23 16.35 -2.64
N TRP E 66 -35.90 17.46 -2.36
CA TRP E 66 -35.41 18.78 -2.71
C TRP E 66 -34.51 19.38 -1.65
N LYS E 67 -34.29 18.70 -0.54
CA LYS E 67 -33.45 19.18 0.55
C LYS E 67 -32.48 18.09 0.95
N ASN E 68 -31.81 17.53 -0.04
CA ASN E 68 -30.96 16.36 0.13
C ASN E 68 -29.51 16.79 0.02
N ASN E 69 -28.69 16.36 0.97
CA ASN E 69 -27.28 16.70 0.97
C ASN E 69 -26.43 15.72 0.20
N MET E 70 -27.04 14.83 -0.57
CA MET E 70 -26.28 13.93 -1.43
C MET E 70 -26.03 14.51 -2.79
N VAL E 71 -26.87 15.45 -3.23
CA VAL E 71 -26.78 15.99 -4.58
C VAL E 71 -25.54 16.87 -4.71
N GLU E 72 -25.28 17.71 -3.71
CA GLU E 72 -24.14 18.61 -3.77
C GLU E 72 -22.84 17.86 -3.77
N GLN E 73 -22.82 16.69 -3.16
CA GLN E 73 -21.57 15.96 -3.04
C GLN E 73 -21.21 15.23 -4.32
N MET E 74 -22.19 14.61 -4.99
CA MET E 74 -21.84 14.04 -6.28
C MET E 74 -21.69 15.13 -7.34
N HIS E 75 -22.28 16.30 -7.11
CA HIS E 75 -22.06 17.41 -8.02
C HIS E 75 -20.62 17.87 -7.97
N THR E 76 -20.07 17.99 -6.76
CA THR E 76 -18.65 18.31 -6.61
C THR E 76 -17.75 17.24 -7.21
N ASP E 77 -18.13 15.97 -7.07
CA ASP E 77 -17.33 14.90 -7.68
C ASP E 77 -17.35 14.98 -9.21
N ILE E 78 -18.48 15.34 -9.81
CA ILE E 78 -18.50 15.42 -11.26
C ILE E 78 -17.82 16.71 -11.76
N ILE E 79 -17.81 17.76 -10.95
CA ILE E 79 -16.95 18.92 -11.25
C ILE E 79 -15.49 18.50 -11.30
N SER E 80 -15.08 17.63 -10.39
CA SER E 80 -13.72 17.11 -10.43
C SER E 80 -13.46 16.24 -11.65
N LEU E 81 -14.45 15.42 -12.02
CA LEU E 81 -14.31 14.53 -13.17
C LEU E 81 -14.15 15.32 -14.46
N TRP E 82 -15.00 16.31 -14.67
CA TRP E 82 -14.94 17.12 -15.87
C TRP E 82 -13.79 18.11 -15.87
N ASP E 83 -13.28 18.51 -14.72
CA ASP E 83 -12.07 19.32 -14.75
C ASP E 83 -10.82 18.50 -14.99
N GLN E 84 -10.85 17.20 -14.68
CA GLN E 84 -9.67 16.40 -14.94
C GLN E 84 -9.69 15.69 -16.28
N SER E 85 -10.86 15.49 -16.88
CA SER E 85 -10.91 14.73 -18.13
C SER E 85 -10.85 15.63 -19.35
N LEU E 86 -11.84 16.51 -19.52
CA LEU E 86 -11.94 17.32 -20.73
C LEU E 86 -11.23 18.65 -20.49
N LYS E 87 -9.92 18.64 -20.69
CA LYS E 87 -9.14 19.85 -20.54
C LYS E 87 -9.38 20.75 -21.75
N PRO E 88 -9.90 21.94 -21.57
CA PRO E 88 -10.18 22.81 -22.71
C PRO E 88 -8.91 23.44 -23.25
N CYS E 89 -9.03 23.93 -24.48
CA CYS E 89 -7.93 24.67 -25.07
C CYS E 89 -7.77 26.03 -24.41
N VAL E 90 -8.85 26.80 -24.34
CA VAL E 90 -8.83 28.13 -23.73
C VAL E 90 -10.03 28.25 -22.80
N LYS E 91 -9.78 28.62 -21.55
CA LYS E 91 -10.84 29.00 -20.62
C LYS E 91 -11.00 30.51 -20.61
N LEU E 92 -12.21 30.96 -20.30
CA LEU E 92 -12.45 32.37 -19.99
C LEU E 92 -13.29 32.45 -18.73
N THR E 93 -12.66 32.41 -17.58
CA THR E 93 -13.43 32.54 -16.36
C THR E 93 -13.10 33.83 -15.63
N PRO E 94 -14.10 34.58 -15.22
CA PRO E 94 -13.84 35.88 -14.58
C PRO E 94 -13.41 35.73 -13.13
N LEU E 95 -12.94 36.84 -12.57
CA LEU E 95 -12.51 36.89 -11.17
C LEU E 95 -13.39 37.80 -10.34
N CYS E 96 -13.52 39.07 -10.72
CA CYS E 96 -14.31 40.09 -10.03
C CYS E 96 -13.87 40.25 -8.58
N VAL E 97 -12.62 40.70 -8.42
CA VAL E 97 -12.01 40.84 -7.10
C VAL E 97 -12.49 42.13 -6.46
N THR E 98 -13.16 42.01 -5.31
CA THR E 98 -13.53 43.18 -4.53
C THR E 98 -12.30 43.73 -3.82
N LYS E 159 -15.02 46.29 -3.18
CA LYS E 159 -13.96 47.28 -3.37
C LYS E 159 -13.51 47.36 -4.83
N GLU E 160 -13.73 48.49 -5.51
CA GLU E 160 -14.44 49.66 -5.01
C GLU E 160 -15.22 50.30 -6.15
N TYR E 161 -16.56 50.29 -6.10
CA TYR E 161 -17.35 49.54 -5.14
C TYR E 161 -18.45 48.83 -5.92
N ARG E 162 -18.81 49.43 -7.06
CA ARG E 162 -19.73 48.85 -8.02
C ARG E 162 -19.04 48.38 -9.30
N LEU E 163 -17.86 48.90 -9.57
CA LEU E 163 -17.04 48.56 -10.74
C LEU E 163 -15.91 47.63 -10.31
N ILE E 164 -16.34 46.62 -9.52
CA ILE E 164 -15.47 45.57 -9.01
C ILE E 164 -14.64 44.97 -10.14
N ASN E 165 -13.35 44.80 -9.89
CA ASN E 165 -12.36 44.56 -10.94
C ASN E 165 -12.52 43.17 -11.53
N CYS E 166 -13.27 43.08 -12.62
CA CYS E 166 -13.58 41.80 -13.26
C CYS E 166 -12.59 41.54 -14.38
N ASN E 167 -11.37 41.15 -14.00
CA ASN E 167 -10.36 40.73 -14.95
C ASN E 167 -10.71 39.34 -15.46
N THR E 168 -11.23 39.27 -16.68
CA THR E 168 -11.59 37.99 -17.27
C THR E 168 -10.32 37.24 -17.66
N SER E 169 -9.82 36.40 -16.76
CA SER E 169 -8.57 35.69 -16.98
C SER E 169 -8.75 34.62 -18.03
N ALA E 170 -7.62 34.08 -18.50
CA ALA E 170 -7.64 33.05 -19.52
C ALA E 170 -6.49 32.09 -19.28
N ILE E 171 -6.76 30.80 -19.46
CA ILE E 171 -5.79 29.74 -19.30
C ILE E 171 -5.71 28.97 -20.60
N THR E 172 -4.50 28.73 -21.09
CA THR E 172 -4.28 27.92 -22.27
C THR E 172 -3.61 26.61 -21.87
N GLN E 173 -4.27 25.50 -22.14
CA GLN E 173 -3.74 24.18 -21.89
C GLN E 173 -3.76 23.38 -23.18
N ALA E 174 -3.10 22.23 -23.17
CA ALA E 174 -3.07 21.37 -24.34
C ALA E 174 -4.38 20.62 -24.48
N CYS E 175 -4.77 20.35 -25.73
CA CYS E 175 -6.03 19.67 -26.04
C CYS E 175 -5.77 18.37 -26.78
N PRO E 176 -5.49 17.27 -26.08
CA PRO E 176 -5.55 15.96 -26.73
C PRO E 176 -7.00 15.53 -26.87
N LYS E 177 -7.31 14.94 -28.01
CA LYS E 177 -8.67 14.42 -28.21
C LYS E 177 -8.84 13.16 -27.37
N VAL E 178 -9.77 13.21 -26.43
CA VAL E 178 -9.94 12.16 -25.44
C VAL E 178 -11.17 11.33 -25.78
N SER E 179 -11.23 10.13 -25.21
CA SER E 179 -12.42 9.32 -25.29
C SER E 179 -13.35 9.65 -24.13
N PHE E 180 -14.62 9.28 -24.27
CA PHE E 180 -15.61 9.73 -23.30
C PHE E 180 -16.83 8.81 -23.36
N GLU E 181 -17.04 8.05 -22.31
CA GLU E 181 -18.22 7.21 -22.17
C GLU E 181 -18.45 6.96 -20.68
N PRO E 182 -19.55 7.46 -20.12
CA PRO E 182 -19.71 7.42 -18.66
C PRO E 182 -20.11 6.04 -18.15
N ILE E 183 -19.43 5.59 -17.10
CA ILE E 183 -19.68 4.31 -16.46
C ILE E 183 -20.57 4.57 -15.26
N PRO E 184 -21.29 3.58 -14.72
CA PRO E 184 -22.08 3.83 -13.51
C PRO E 184 -21.20 4.03 -12.30
N ILE E 185 -21.76 4.71 -11.31
CA ILE E 185 -21.06 5.11 -10.08
C ILE E 185 -21.94 4.73 -8.91
N HIS E 186 -21.38 4.07 -7.90
CA HIS E 186 -22.10 3.68 -6.70
C HIS E 186 -21.63 4.53 -5.53
N TYR E 187 -22.49 5.40 -5.02
CA TYR E 187 -22.12 6.25 -3.89
C TYR E 187 -22.33 5.49 -2.59
N CYS E 188 -21.25 4.95 -2.04
CA CYS E 188 -21.33 4.22 -0.79
C CYS E 188 -21.27 5.18 0.39
N ALA E 189 -21.75 4.71 1.52
CA ALA E 189 -21.68 5.42 2.79
C ALA E 189 -20.63 4.75 3.67
N PRO E 190 -19.90 5.50 4.50
CA PRO E 190 -18.78 4.90 5.23
C PRO E 190 -19.21 4.00 6.39
N ALA E 191 -18.25 3.55 7.18
CA ALA E 191 -18.56 2.68 8.31
C ALA E 191 -19.20 3.48 9.42
N GLY E 192 -20.41 3.09 9.80
CA GLY E 192 -21.16 3.78 10.82
C GLY E 192 -22.39 4.48 10.30
N PHE E 193 -22.57 4.57 8.99
CA PHE E 193 -23.71 5.21 8.38
C PHE E 193 -24.45 4.19 7.52
N ALA E 194 -25.58 4.61 6.97
CA ALA E 194 -26.42 3.71 6.21
C ALA E 194 -27.30 4.56 5.31
N ILE E 195 -27.75 3.98 4.21
CA ILE E 195 -28.53 4.72 3.23
C ILE E 195 -29.91 4.12 3.12
N LEU E 196 -30.94 4.89 3.46
CA LEU E 196 -32.29 4.39 3.34
C LEU E 196 -32.72 4.42 1.88
N LYS E 197 -33.87 3.83 1.59
CA LYS E 197 -34.29 3.71 0.21
C LYS E 197 -35.81 3.54 0.17
N CYS E 198 -36.46 4.25 -0.74
CA CYS E 198 -37.91 4.16 -0.89
C CYS E 198 -38.22 3.15 -1.98
N LYS E 199 -38.87 2.05 -1.60
CA LYS E 199 -39.26 1.04 -2.57
C LYS E 199 -40.68 1.24 -3.08
N ASP E 200 -41.32 2.34 -2.73
CA ASP E 200 -42.64 2.66 -3.25
C ASP E 200 -42.52 3.08 -4.71
N LYS E 201 -43.23 2.37 -5.59
CA LYS E 201 -43.06 2.60 -7.03
C LYS E 201 -43.73 3.87 -7.51
N LYS E 202 -44.69 4.41 -6.76
CA LYS E 202 -45.39 5.62 -7.14
C LYS E 202 -45.07 6.77 -6.19
N PHE E 203 -43.80 6.88 -5.80
CA PHE E 203 -43.35 7.85 -4.81
C PHE E 203 -43.19 9.23 -5.45
N ASN E 204 -43.69 10.27 -4.78
CA ASN E 204 -43.54 11.64 -5.26
C ASN E 204 -42.08 12.01 -5.33
N GLY E 205 -41.42 12.03 -4.18
CA GLY E 205 -40.18 12.74 -3.95
C GLY E 205 -40.21 13.37 -2.58
N THR E 206 -41.40 13.72 -2.10
CA THR E 206 -41.61 14.16 -0.74
C THR E 206 -42.61 13.22 -0.07
N GLY E 207 -42.98 13.54 1.15
CA GLY E 207 -44.01 12.79 1.84
C GLY E 207 -43.49 11.53 2.50
N PRO E 208 -44.37 10.79 3.16
CA PRO E 208 -43.96 9.56 3.82
C PRO E 208 -43.88 8.40 2.85
N CYS E 209 -42.78 7.65 2.92
CA CYS E 209 -42.62 6.44 2.15
C CYS E 209 -42.70 5.25 3.10
N PRO E 210 -43.73 4.41 3.01
CA PRO E 210 -43.86 3.32 3.98
C PRO E 210 -42.96 2.13 3.72
N SER E 211 -42.51 1.92 2.50
CA SER E 211 -41.71 0.74 2.16
C SER E 211 -40.22 1.06 2.15
N VAL E 212 -39.70 1.46 3.29
CA VAL E 212 -38.30 1.84 3.40
C VAL E 212 -37.44 0.59 3.55
N SER E 213 -36.44 0.46 2.70
CA SER E 213 -35.39 -0.53 2.90
C SER E 213 -34.09 0.18 3.20
N THR E 214 -33.06 -0.59 3.49
CA THR E 214 -31.78 -0.04 3.90
C THR E 214 -30.68 -0.70 3.11
N VAL E 215 -29.86 0.12 2.44
CA VAL E 215 -28.72 -0.37 1.69
C VAL E 215 -27.46 0.30 2.22
N GLN E 216 -26.33 -0.32 1.91
CA GLN E 216 -25.05 0.30 2.21
C GLN E 216 -24.61 1.25 1.12
N CYS E 217 -24.91 0.94 -0.14
CA CYS E 217 -24.38 1.71 -1.24
C CYS E 217 -25.44 1.79 -2.33
N THR E 218 -25.45 2.90 -3.07
CA THR E 218 -26.52 3.19 -4.02
C THR E 218 -26.40 2.32 -5.26
N HIS E 219 -27.34 2.50 -6.18
CA HIS E 219 -27.30 1.75 -7.42
C HIS E 219 -26.44 2.49 -8.43
N GLY E 220 -26.37 1.94 -9.63
CA GLY E 220 -25.53 2.49 -10.68
C GLY E 220 -26.04 3.79 -11.24
N ILE E 221 -25.28 4.86 -11.03
CA ILE E 221 -25.66 6.20 -11.47
C ILE E 221 -24.66 6.67 -12.50
N LYS E 222 -25.14 6.99 -13.69
CA LYS E 222 -24.26 7.40 -14.76
C LYS E 222 -24.10 8.90 -14.74
N PRO E 223 -22.90 9.42 -14.63
CA PRO E 223 -22.69 10.87 -14.74
C PRO E 223 -22.92 11.37 -16.15
N VAL E 224 -24.18 11.52 -16.54
CA VAL E 224 -24.54 11.94 -17.88
C VAL E 224 -25.01 13.38 -17.81
N VAL E 225 -24.33 14.25 -18.54
CA VAL E 225 -24.59 15.68 -18.53
C VAL E 225 -25.36 16.04 -19.79
N SER E 226 -26.57 16.57 -19.62
CA SER E 226 -27.40 16.93 -20.76
C SER E 226 -28.42 17.95 -20.31
N THR E 227 -28.97 18.68 -21.27
CA THR E 227 -30.05 19.63 -21.02
C THR E 227 -31.27 19.21 -21.81
N GLN E 228 -32.44 19.51 -21.26
CA GLN E 228 -33.78 19.31 -21.84
C GLN E 228 -34.21 17.87 -22.02
N LEU E 229 -33.32 16.91 -21.81
CA LEU E 229 -33.61 15.50 -21.96
C LEU E 229 -32.65 14.75 -21.07
N LEU E 230 -33.12 13.72 -20.38
CA LEU E 230 -32.30 13.01 -19.41
C LEU E 230 -31.86 11.70 -20.08
N LEU E 231 -30.64 11.67 -20.58
CA LEU E 231 -30.18 10.54 -21.36
C LEU E 231 -29.59 9.47 -20.46
N ASN E 232 -29.82 8.21 -20.84
CA ASN E 232 -29.26 7.01 -20.20
C ASN E 232 -29.63 6.90 -18.72
N GLY E 233 -30.73 7.50 -18.30
CA GLY E 233 -31.10 7.47 -16.90
C GLY E 233 -31.80 6.18 -16.50
N SER E 234 -32.46 6.23 -15.36
CA SER E 234 -33.23 5.11 -14.85
C SER E 234 -34.72 5.34 -15.11
N LEU E 235 -35.48 4.27 -14.98
CA LEU E 235 -36.87 4.23 -15.41
C LEU E 235 -37.78 4.01 -14.22
N ALA E 236 -38.93 4.66 -14.24
CA ALA E 236 -39.92 4.47 -13.20
C ALA E 236 -40.55 3.09 -13.33
N GLU E 237 -41.00 2.55 -12.19
CA GLU E 237 -41.45 1.17 -12.17
C GLU E 237 -42.86 1.01 -12.73
N GLU E 238 -43.78 1.89 -12.37
CA GLU E 238 -45.17 1.71 -12.73
C GLU E 238 -45.68 2.74 -13.73
N GLU E 239 -45.58 4.03 -13.42
CA GLU E 239 -46.19 5.06 -14.25
C GLU E 239 -45.21 6.20 -14.45
N VAL E 240 -45.55 7.07 -15.40
CA VAL E 240 -44.76 8.27 -15.66
C VAL E 240 -44.92 9.22 -14.50
N MET E 241 -43.81 9.49 -13.80
CA MET E 241 -43.89 10.31 -12.60
C MET E 241 -43.53 11.76 -12.91
N ILE E 242 -44.12 12.66 -12.13
CA ILE E 242 -43.93 14.08 -12.31
C ILE E 242 -43.55 14.68 -10.96
N ARG E 243 -42.38 15.29 -10.89
CA ARG E 243 -41.80 15.74 -9.65
C ARG E 243 -41.47 17.22 -9.75
N SER E 244 -41.72 17.95 -8.68
CA SER E 244 -41.37 19.36 -8.66
C SER E 244 -41.16 19.81 -7.23
N GLU E 245 -40.31 20.80 -7.05
CA GLU E 245 -40.15 21.39 -5.74
C GLU E 245 -41.41 22.13 -5.32
N ASN E 246 -42.02 22.84 -6.26
CA ASN E 246 -43.21 23.63 -5.97
C ASN E 246 -43.94 23.81 -7.29
N ILE E 247 -44.96 23.00 -7.52
CA ILE E 247 -45.91 23.34 -8.57
C ILE E 247 -46.71 24.55 -8.08
N THR E 248 -47.10 25.41 -9.02
CA THR E 248 -47.62 26.79 -8.98
C THR E 248 -46.49 27.81 -8.85
N ASN E 249 -45.23 27.40 -8.79
CA ASN E 249 -44.19 28.41 -8.72
C ASN E 249 -43.86 28.96 -10.10
N ASN E 250 -44.06 28.17 -11.16
CA ASN E 250 -43.80 28.53 -12.56
C ASN E 250 -42.34 28.89 -12.82
N ALA E 251 -41.44 28.49 -11.94
CA ALA E 251 -40.01 28.73 -12.12
C ALA E 251 -39.20 27.55 -11.64
N LYS E 252 -39.83 26.42 -11.36
CA LYS E 252 -39.16 25.22 -10.89
C LYS E 252 -39.27 24.13 -11.94
N ASN E 253 -38.17 23.44 -12.18
CA ASN E 253 -38.08 22.52 -13.31
C ASN E 253 -38.87 21.25 -13.02
N ILE E 254 -39.93 21.04 -13.78
CA ILE E 254 -40.78 19.85 -13.63
C ILE E 254 -40.03 18.65 -14.19
N LEU E 255 -39.60 17.74 -13.33
CA LEU E 255 -38.92 16.54 -13.78
C LEU E 255 -39.96 15.49 -14.14
N VAL E 256 -39.91 15.00 -15.36
CA VAL E 256 -40.86 14.00 -15.85
C VAL E 256 -40.09 12.74 -16.13
N GLN E 257 -40.31 11.69 -15.35
CA GLN E 257 -39.61 10.44 -15.55
C GLN E 257 -40.52 9.44 -16.26
N PHE E 258 -39.98 8.81 -17.30
CA PHE E 258 -40.72 7.88 -18.14
C PHE E 258 -40.73 6.50 -17.53
N ASN E 259 -41.59 5.64 -18.07
CA ASN E 259 -41.58 4.22 -17.76
C ASN E 259 -40.99 3.36 -18.86
N THR E 260 -40.96 3.86 -20.09
CA THR E 260 -40.35 3.16 -21.21
C THR E 260 -39.30 4.04 -21.88
N PRO E 261 -38.16 3.47 -22.26
CA PRO E 261 -37.11 4.27 -22.88
C PRO E 261 -37.43 4.58 -24.34
N VAL E 262 -37.43 5.87 -24.68
CA VAL E 262 -37.59 6.31 -26.05
C VAL E 262 -36.19 6.44 -26.65
N GLN E 263 -35.83 5.51 -27.52
CA GLN E 263 -34.47 5.44 -28.02
C GLN E 263 -34.23 6.53 -29.05
N ILE E 264 -33.03 7.09 -29.04
CA ILE E 264 -32.64 8.16 -29.96
C ILE E 264 -31.30 7.79 -30.59
N ASN E 265 -31.14 8.12 -31.87
CA ASN E 265 -29.92 7.83 -32.62
C ASN E 265 -29.35 9.13 -33.14
N CYS E 266 -28.31 9.65 -32.49
CA CYS E 266 -27.60 10.81 -32.97
C CYS E 266 -26.35 10.35 -33.70
N THR E 267 -26.32 10.56 -35.01
CA THR E 267 -25.25 10.06 -35.86
C THR E 267 -24.63 11.21 -36.63
N ARG E 268 -23.31 11.23 -36.70
CA ARG E 268 -22.58 12.09 -37.61
C ARG E 268 -22.06 11.21 -38.73
N PRO E 269 -22.62 11.28 -39.93
CA PRO E 269 -22.11 10.45 -41.02
C PRO E 269 -20.89 11.06 -41.68
N ASN E 270 -20.42 10.44 -42.76
CA ASN E 270 -19.31 10.97 -43.54
C ASN E 270 -19.78 11.79 -44.74
N ILE E 292 -18.59 18.56 -47.77
CA ILE E 292 -18.42 17.14 -47.52
C ILE E 292 -17.17 16.92 -46.65
N GLY E 293 -17.30 16.18 -45.54
CA GLY E 293 -18.57 15.64 -45.07
C GLY E 293 -19.37 16.56 -44.18
N ASP E 294 -19.05 17.86 -44.23
CA ASP E 294 -19.71 18.93 -43.49
C ASP E 294 -19.66 18.65 -41.98
N ILE E 295 -18.44 18.76 -41.46
CA ILE E 295 -18.07 18.34 -40.10
C ILE E 295 -18.91 18.96 -39.00
N ARG E 296 -19.61 20.06 -39.26
CA ARG E 296 -20.46 20.73 -38.30
C ARG E 296 -21.92 20.31 -38.43
N GLN E 297 -22.18 19.07 -38.80
CA GLN E 297 -23.54 18.66 -39.12
C GLN E 297 -23.77 17.22 -38.68
N ALA E 298 -24.88 17.00 -38.00
CA ALA E 298 -25.33 15.67 -37.64
C ALA E 298 -26.85 15.72 -37.50
N HIS E 299 -27.46 14.56 -37.28
CA HIS E 299 -28.91 14.49 -37.20
C HIS E 299 -29.29 13.41 -36.20
N CYS E 300 -30.45 13.58 -35.59
CA CYS E 300 -30.91 12.65 -34.57
C CYS E 300 -32.31 12.18 -34.89
N ASN E 301 -32.54 10.87 -34.74
CA ASN E 301 -33.82 10.26 -35.07
C ASN E 301 -34.51 9.74 -33.83
N VAL E 302 -35.76 10.17 -33.65
CA VAL E 302 -36.62 9.70 -32.58
C VAL E 302 -37.78 8.96 -33.22
N SER E 303 -38.04 7.75 -32.74
CA SER E 303 -39.06 6.87 -33.30
C SER E 303 -40.45 7.47 -33.06
N LYS E 304 -41.02 8.04 -34.11
CA LYS E 304 -42.38 8.56 -34.07
C LYS E 304 -43.37 7.44 -33.80
N ALA E 305 -44.44 7.78 -33.10
CA ALA E 305 -45.52 6.93 -32.57
C ALA E 305 -45.06 6.01 -31.46
N THR E 306 -43.77 5.98 -31.13
CA THR E 306 -43.32 5.67 -29.79
C THR E 306 -43.22 6.94 -28.98
N TRP E 307 -42.85 8.03 -29.63
CA TRP E 307 -42.79 9.32 -28.97
C TRP E 307 -44.18 9.85 -28.65
N ASN E 308 -45.14 9.63 -29.55
CA ASN E 308 -46.49 10.14 -29.33
C ASN E 308 -47.16 9.42 -28.16
N GLU E 309 -46.92 8.12 -28.01
CA GLU E 309 -47.48 7.39 -26.87
C GLU E 309 -46.92 7.92 -25.55
N THR E 310 -45.64 8.25 -25.57
CA THR E 310 -44.99 8.81 -24.38
C THR E 310 -45.56 10.17 -24.02
N LEU E 311 -45.77 11.04 -25.01
CA LEU E 311 -46.39 12.32 -24.70
C LEU E 311 -47.85 12.16 -24.28
N GLY E 312 -48.53 11.11 -24.77
CA GLY E 312 -49.89 10.86 -24.32
C GLY E 312 -49.94 10.49 -22.84
N LYS E 313 -49.01 9.64 -22.41
CA LYS E 313 -48.97 9.27 -20.99
C LYS E 313 -48.57 10.46 -20.11
N VAL E 314 -47.65 11.29 -20.61
CA VAL E 314 -47.24 12.49 -19.89
C VAL E 314 -48.40 13.47 -19.76
N VAL E 315 -49.20 13.62 -20.80
CA VAL E 315 -50.34 14.53 -20.71
C VAL E 315 -51.44 13.96 -19.82
N LYS E 316 -51.56 12.63 -19.73
CA LYS E 316 -52.49 12.05 -18.76
C LYS E 316 -52.09 12.37 -17.33
N GLN E 317 -50.80 12.24 -17.02
CA GLN E 317 -50.35 12.56 -15.66
C GLN E 317 -50.44 14.05 -15.35
N LEU E 318 -50.17 14.89 -16.36
CA LEU E 318 -50.29 16.33 -16.17
C LEU E 318 -51.74 16.76 -16.01
N ARG E 319 -52.68 16.06 -16.63
CA ARG E 319 -54.08 16.37 -16.37
C ARG E 319 -54.51 15.85 -15.00
N LYS E 320 -53.88 14.77 -14.52
CA LYS E 320 -54.13 14.34 -13.15
C LYS E 320 -53.63 15.36 -12.13
N HIS E 321 -52.58 16.10 -12.46
CA HIS E 321 -52.20 17.22 -11.61
C HIS E 321 -53.09 18.44 -11.83
N PHE E 322 -53.48 18.76 -13.06
CA PHE E 322 -54.03 20.08 -13.32
C PHE E 322 -55.54 20.10 -13.54
N GLY E 323 -56.15 18.98 -13.97
CA GLY E 323 -57.59 18.97 -14.15
C GLY E 323 -58.05 18.50 -15.52
N ASN E 324 -58.70 19.40 -16.27
CA ASN E 324 -59.18 19.10 -17.62
C ASN E 324 -58.83 20.24 -18.57
N ASN E 325 -57.56 20.64 -18.55
CA ASN E 325 -57.04 21.70 -19.42
C ASN E 325 -56.56 21.14 -20.74
N THR E 326 -56.40 22.05 -21.70
CA THR E 326 -55.79 21.75 -23.00
C THR E 326 -54.33 22.11 -22.92
N ILE E 327 -53.46 21.14 -23.21
CA ILE E 327 -52.03 21.37 -23.13
C ILE E 327 -51.59 21.96 -24.47
N ILE E 328 -51.71 23.27 -24.61
CA ILE E 328 -51.60 23.94 -25.90
C ILE E 328 -50.56 25.05 -25.76
N ARG E 329 -49.30 24.74 -26.04
CA ARG E 329 -48.85 23.43 -26.49
C ARG E 329 -47.57 23.05 -25.74
N PHE E 330 -47.02 21.89 -26.04
CA PHE E 330 -45.60 21.73 -25.79
C PHE E 330 -44.88 22.63 -26.77
N ALA E 331 -44.36 23.76 -26.32
CA ALA E 331 -43.83 24.75 -27.24
C ALA E 331 -42.36 24.49 -27.51
N ASN E 332 -41.72 25.44 -28.17
CA ASN E 332 -40.29 25.45 -28.37
C ASN E 332 -39.63 26.04 -27.13
N SER E 333 -38.31 25.99 -27.06
CA SER E 333 -37.60 26.69 -26.00
C SER E 333 -37.78 28.19 -26.16
N SER E 334 -37.86 28.89 -25.03
CA SER E 334 -38.20 30.30 -25.08
C SER E 334 -37.04 31.17 -25.50
N GLY E 335 -35.83 30.66 -25.45
CA GLY E 335 -34.68 31.44 -25.84
C GLY E 335 -33.63 31.49 -24.76
N GLY E 336 -32.72 32.45 -24.85
CA GLY E 336 -31.71 32.60 -23.84
C GLY E 336 -30.36 32.07 -24.25
N ASP E 337 -29.78 31.21 -23.41
CA ASP E 337 -28.48 30.69 -23.71
C ASP E 337 -28.60 29.58 -24.73
N LEU E 338 -27.48 29.25 -25.37
CA LEU E 338 -27.47 28.23 -26.41
C LEU E 338 -27.61 26.83 -25.82
N GLU E 339 -27.00 26.59 -24.66
CA GLU E 339 -26.98 25.26 -24.10
C GLU E 339 -28.30 24.85 -23.46
N VAL E 340 -29.17 25.81 -23.14
CA VAL E 340 -30.48 25.48 -22.60
C VAL E 340 -31.58 25.53 -23.66
N THR E 341 -31.38 26.28 -24.73
CA THR E 341 -32.35 26.31 -25.81
C THR E 341 -32.38 24.98 -26.55
N THR E 342 -31.24 24.32 -26.62
CA THR E 342 -31.06 23.13 -27.44
C THR E 342 -30.71 21.96 -26.54
N HIS E 343 -30.94 20.76 -27.06
CA HIS E 343 -30.55 19.53 -26.36
C HIS E 343 -29.03 19.39 -26.47
N SER E 344 -28.33 20.06 -25.57
CA SER E 344 -26.90 19.89 -25.49
C SER E 344 -26.56 18.58 -24.83
N PHE E 345 -25.59 17.86 -25.39
CA PHE E 345 -25.01 16.73 -24.69
C PHE E 345 -23.60 16.48 -25.24
N ASN E 346 -22.93 15.52 -24.64
CA ASN E 346 -21.61 15.11 -25.08
C ASN E 346 -21.70 13.70 -25.63
N CYS E 347 -20.94 13.43 -26.68
CA CYS E 347 -20.88 12.08 -27.23
C CYS E 347 -19.55 11.94 -27.94
N GLY E 348 -18.76 10.96 -27.53
CA GLY E 348 -17.46 10.74 -28.11
C GLY E 348 -16.47 11.86 -27.93
N GLY E 349 -16.66 12.69 -26.91
CA GLY E 349 -15.84 13.87 -26.75
C GLY E 349 -16.27 15.06 -27.58
N GLU E 350 -17.30 14.93 -28.41
CA GLU E 350 -17.79 16.03 -29.21
C GLU E 350 -19.11 16.52 -28.64
N PHE E 351 -19.32 17.83 -28.64
CA PHE E 351 -20.48 18.42 -27.98
C PHE E 351 -21.56 18.68 -29.01
N PHE E 352 -22.67 17.95 -28.90
CA PHE E 352 -23.76 18.07 -29.86
C PHE E 352 -24.80 19.01 -29.30
N TYR E 353 -25.21 19.99 -30.09
CA TYR E 353 -26.33 20.86 -29.74
C TYR E 353 -27.43 20.62 -30.75
N CYS E 354 -28.48 19.92 -30.35
CA CYS E 354 -29.53 19.53 -31.29
C CYS E 354 -30.56 20.64 -31.46
N ASN E 355 -31.74 20.30 -31.97
CA ASN E 355 -32.82 21.25 -32.14
C ASN E 355 -34.10 20.48 -31.85
N THR E 356 -34.65 20.66 -30.65
CA THR E 356 -35.78 19.89 -30.19
C THR E 356 -37.11 20.59 -30.50
N SER E 357 -37.12 21.43 -31.54
CA SER E 357 -38.32 22.21 -31.82
C SER E 357 -39.40 21.37 -32.45
N GLY E 358 -39.02 20.41 -33.31
CA GLY E 358 -40.00 19.56 -33.92
C GLY E 358 -40.50 18.45 -33.03
N LEU E 359 -39.73 18.10 -32.00
CA LEU E 359 -40.12 17.04 -31.08
C LEU E 359 -41.17 17.48 -30.08
N PHE E 360 -41.30 18.79 -29.86
CA PHE E 360 -42.27 19.39 -28.94
C PHE E 360 -43.11 20.38 -29.75
N ASN E 361 -44.18 19.90 -30.38
CA ASN E 361 -45.16 20.81 -30.96
C ASN E 361 -46.47 20.06 -31.04
N SER E 362 -47.33 20.21 -30.03
CA SER E 362 -48.62 19.53 -30.06
C SER E 362 -49.60 20.12 -29.06
N THR E 363 -50.79 20.45 -29.51
CA THR E 363 -51.88 20.79 -28.61
C THR E 363 -52.71 19.53 -28.34
N TRP E 364 -53.34 19.50 -27.17
CA TRP E 364 -53.97 18.29 -26.65
C TRP E 364 -55.34 18.63 -26.10
N ILE E 365 -56.37 18.49 -26.92
CA ILE E 365 -57.73 18.67 -26.45
C ILE E 365 -58.13 17.43 -25.65
N SER E 366 -59.06 17.62 -24.72
CA SER E 366 -59.52 16.52 -23.88
C SER E 366 -60.79 15.89 -24.43
N ASP E 380 -42.31 8.95 -41.50
CA ASP E 380 -42.39 8.26 -40.21
C ASP E 380 -41.57 9.00 -39.16
N SER E 381 -40.29 8.64 -39.03
CA SER E 381 -39.44 9.11 -37.95
C SER E 381 -39.15 10.60 -38.06
N ILE E 382 -38.80 11.20 -36.93
CA ILE E 382 -38.52 12.62 -36.83
C ILE E 382 -37.01 12.81 -36.86
N THR E 383 -36.53 13.72 -37.70
CA THR E 383 -35.12 14.04 -37.79
C THR E 383 -34.87 15.37 -37.09
N LEU E 384 -33.88 15.40 -36.20
CA LEU E 384 -33.58 16.60 -35.43
C LEU E 384 -32.26 17.19 -35.90
N PRO E 385 -32.26 18.43 -36.40
CA PRO E 385 -31.03 19.01 -36.96
C PRO E 385 -30.02 19.36 -35.91
N CYS E 386 -28.95 18.58 -35.78
CA CYS E 386 -28.08 18.65 -34.61
C CYS E 386 -26.66 19.02 -35.04
N ARG E 387 -26.26 20.27 -34.82
CA ARG E 387 -24.93 20.72 -35.18
C ARG E 387 -23.91 20.30 -34.12
N ILE E 388 -22.66 20.71 -34.30
CA ILE E 388 -21.58 20.48 -33.33
C ILE E 388 -20.90 21.81 -33.10
N LYS E 389 -20.97 22.31 -31.87
CA LYS E 389 -20.52 23.66 -31.59
C LYS E 389 -19.39 23.62 -30.59
N GLN E 390 -18.48 24.60 -30.68
CA GLN E 390 -17.20 24.49 -29.99
C GLN E 390 -16.74 25.72 -29.23
N ILE E 391 -17.54 26.77 -29.16
CA ILE E 391 -17.28 27.78 -28.16
C ILE E 391 -18.40 27.64 -27.15
N ILE E 392 -18.16 26.85 -26.12
CA ILE E 392 -19.19 26.38 -25.23
C ILE E 392 -19.24 27.27 -24.00
N ASN E 393 -20.39 27.27 -23.35
CA ASN E 393 -20.52 27.78 -21.99
C ASN E 393 -20.27 26.62 -21.05
N MET E 394 -19.39 26.82 -20.08
CA MET E 394 -19.20 25.80 -19.06
C MET E 394 -20.44 25.65 -18.21
N TRP E 395 -20.74 24.42 -17.83
CA TRP E 395 -21.74 24.21 -16.80
C TRP E 395 -21.12 24.06 -15.43
N GLN E 396 -19.81 23.84 -15.36
CA GLN E 396 -19.14 23.68 -14.07
C GLN E 396 -19.19 24.97 -13.27
N ARG E 397 -19.09 26.10 -13.95
CA ARG E 397 -19.04 27.40 -13.34
C ARG E 397 -19.43 28.42 -14.40
N ILE E 398 -19.18 29.69 -14.14
CA ILE E 398 -19.44 30.72 -15.11
C ILE E 398 -18.17 30.92 -15.93
N GLY E 399 -18.25 30.59 -17.22
CA GLY E 399 -17.09 30.75 -18.07
C GLY E 399 -17.45 30.32 -19.47
N GLN E 400 -16.44 30.35 -20.34
CA GLN E 400 -16.55 29.80 -21.67
C GLN E 400 -15.30 28.99 -21.97
N ALA E 401 -15.47 27.99 -22.81
CA ALA E 401 -14.35 27.14 -23.20
C ALA E 401 -14.35 26.96 -24.70
N MET E 402 -13.17 26.64 -25.22
CA MET E 402 -12.99 26.37 -26.64
C MET E 402 -12.33 25.00 -26.75
N TYR E 403 -12.85 24.17 -27.64
CA TYR E 403 -12.33 22.81 -27.78
C TYR E 403 -11.68 22.61 -29.14
N ALA E 404 -11.13 21.42 -29.31
CA ALA E 404 -10.48 21.03 -30.55
C ALA E 404 -11.51 20.91 -31.66
N PRO E 405 -11.08 21.03 -32.91
CA PRO E 405 -11.94 20.71 -34.06
C PRO E 405 -12.38 19.26 -34.04
N PRO E 406 -13.48 18.90 -34.74
CA PRO E 406 -14.07 17.56 -34.56
C PRO E 406 -13.20 16.41 -35.07
N ILE E 407 -13.74 15.21 -34.95
CA ILE E 407 -12.98 14.00 -35.09
C ILE E 407 -13.17 13.47 -36.51
N GLN E 408 -12.42 12.42 -36.85
CA GLN E 408 -12.29 11.87 -38.19
C GLN E 408 -13.62 11.47 -38.82
N GLY E 409 -14.29 10.48 -38.24
CA GLY E 409 -15.37 9.82 -38.96
C GLY E 409 -16.69 9.67 -38.26
N VAL E 410 -17.23 8.45 -38.26
CA VAL E 410 -18.61 8.21 -37.85
C VAL E 410 -18.70 8.25 -36.33
N ILE E 411 -19.69 8.99 -35.82
CA ILE E 411 -19.95 9.10 -34.39
C ILE E 411 -21.33 8.54 -34.12
N ARG E 412 -21.41 7.52 -33.28
CA ARG E 412 -22.66 6.86 -32.94
C ARG E 412 -23.02 7.14 -31.49
N CYS E 413 -24.28 7.48 -31.25
CA CYS E 413 -24.74 7.92 -29.93
C CYS E 413 -26.06 7.26 -29.57
N VAL E 414 -26.11 5.92 -29.66
CA VAL E 414 -27.31 5.18 -29.32
C VAL E 414 -27.63 5.35 -27.84
N SER E 415 -28.79 5.92 -27.54
CA SER E 415 -29.09 6.40 -26.20
C SER E 415 -30.48 5.96 -25.77
N ASN E 416 -30.92 6.50 -24.64
CA ASN E 416 -32.29 6.33 -24.15
C ASN E 416 -32.75 7.67 -23.61
N ILE E 417 -33.84 8.20 -24.12
CA ILE E 417 -34.45 9.34 -23.45
C ILE E 417 -35.35 8.79 -22.35
N THR E 418 -34.90 8.90 -21.10
CA THR E 418 -35.68 8.42 -19.98
C THR E 418 -36.19 9.56 -19.11
N GLY E 419 -36.28 10.76 -19.66
CA GLY E 419 -36.68 11.87 -18.82
C GLY E 419 -36.99 13.10 -19.63
N LEU E 420 -37.56 14.08 -18.95
CA LEU E 420 -37.74 15.40 -19.51
C LEU E 420 -37.44 16.40 -18.42
N ILE E 421 -37.28 17.66 -18.82
CA ILE E 421 -37.26 18.78 -17.89
C ILE E 421 -38.13 19.85 -18.49
N LEU E 422 -39.24 20.17 -17.84
CA LEU E 422 -40.17 21.13 -18.38
C LEU E 422 -40.29 22.32 -17.46
N THR E 423 -40.79 23.43 -18.00
CA THR E 423 -41.22 24.55 -17.17
C THR E 423 -42.64 24.91 -17.56
N ARG E 424 -43.14 26.05 -17.07
CA ARG E 424 -44.51 26.42 -17.38
C ARG E 424 -44.62 27.87 -17.80
N ASP E 425 -45.86 28.34 -17.94
CA ASP E 425 -46.17 29.73 -18.18
C ASP E 425 -47.24 30.15 -17.17
N GLY E 426 -46.94 31.17 -16.37
CA GLY E 426 -47.91 31.66 -15.42
C GLY E 426 -49.06 32.38 -16.09
N GLY E 427 -50.15 32.53 -15.33
CA GLY E 427 -51.34 33.16 -15.86
C GLY E 427 -52.09 32.27 -16.84
N SER E 428 -53.25 32.75 -17.29
CA SER E 428 -53.87 34.02 -16.90
C SER E 428 -55.34 33.80 -16.64
N THR E 429 -56.08 34.91 -16.51
CA THR E 429 -57.52 34.83 -16.31
C THR E 429 -58.25 34.79 -17.65
N SER E 431 -59.63 29.88 -18.90
CA SER E 431 -59.05 29.31 -17.68
C SER E 431 -57.56 29.62 -17.37
N THR E 432 -56.56 29.40 -18.23
CA THR E 432 -56.60 29.07 -19.66
C THR E 432 -55.81 27.80 -19.95
N THR E 433 -55.54 27.56 -21.24
CA THR E 433 -54.68 26.46 -21.66
C THR E 433 -53.26 26.65 -21.13
N GLU E 434 -52.53 25.54 -21.05
CA GLU E 434 -51.19 25.56 -20.48
C GLU E 434 -50.13 25.21 -21.51
N THR E 435 -48.95 25.76 -21.32
CA THR E 435 -47.87 25.68 -22.30
C THR E 435 -46.60 25.27 -21.58
N PHE E 436 -45.98 24.18 -22.03
CA PHE E 436 -44.85 23.55 -21.33
C PHE E 436 -43.60 23.66 -22.17
N ARG E 437 -42.92 24.75 -22.05
CA ARG E 437 -41.66 24.86 -22.75
C ARG E 437 -40.59 24.06 -22.01
N PRO E 438 -39.75 23.31 -22.72
CA PRO E 438 -38.67 22.60 -22.05
C PRO E 438 -37.60 23.57 -21.56
N GLY E 439 -36.84 23.10 -20.58
CA GLY E 439 -35.78 23.88 -20.00
C GLY E 439 -34.73 22.96 -19.44
N GLY E 440 -33.94 23.45 -18.50
CA GLY E 440 -32.88 22.64 -17.93
C GLY E 440 -31.65 23.48 -17.78
N GLY E 441 -30.52 22.83 -17.60
CA GLY E 441 -29.27 23.55 -17.48
C GLY E 441 -28.69 23.49 -16.09
N ASP E 442 -29.54 23.57 -15.08
CA ASP E 442 -29.11 23.31 -13.71
C ASP E 442 -28.85 21.82 -13.59
N MET E 443 -27.58 21.44 -13.48
CA MET E 443 -27.23 20.02 -13.55
C MET E 443 -27.61 19.26 -12.30
N ARG E 444 -27.91 19.95 -11.20
CA ARG E 444 -28.38 19.23 -10.03
C ARG E 444 -29.79 18.69 -10.23
N ASP E 445 -30.55 19.24 -11.17
CA ASP E 445 -31.79 18.59 -11.56
C ASP E 445 -31.55 17.27 -12.27
N ASN E 446 -30.35 17.05 -12.80
CA ASN E 446 -30.04 15.71 -13.28
C ASN E 446 -29.78 14.75 -12.12
N TRP E 447 -29.40 15.26 -10.96
CA TRP E 447 -29.04 14.37 -9.87
C TRP E 447 -30.10 14.35 -8.79
N ARG E 448 -31.19 15.07 -8.99
CA ARG E 448 -32.39 14.84 -8.23
C ARG E 448 -33.35 13.96 -9.00
N SER E 449 -32.84 13.21 -9.97
CA SER E 449 -33.60 12.21 -10.69
C SER E 449 -33.06 10.82 -10.44
N GLU E 450 -31.89 10.70 -9.85
CA GLU E 450 -31.28 9.40 -9.62
C GLU E 450 -30.85 9.20 -8.18
N LEU E 451 -30.56 10.30 -7.47
CA LEU E 451 -30.47 10.31 -6.01
C LEU E 451 -31.79 10.63 -5.35
N TYR E 452 -32.87 10.27 -6.02
CA TYR E 452 -34.24 10.55 -5.64
C TYR E 452 -34.73 9.68 -4.48
N LYS E 453 -34.31 8.43 -4.44
CA LYS E 453 -34.85 7.45 -3.50
C LYS E 453 -34.14 7.44 -2.16
N TYR E 454 -33.06 8.19 -1.98
CA TYR E 454 -32.07 7.88 -0.97
C TYR E 454 -32.09 8.93 0.14
N LYS E 455 -31.37 8.61 1.21
CA LYS E 455 -31.27 9.42 2.42
C LYS E 455 -30.15 8.82 3.25
N VAL E 456 -29.37 9.65 3.92
CA VAL E 456 -28.22 9.19 4.69
C VAL E 456 -28.53 9.34 6.17
N VAL E 457 -28.39 8.26 6.92
CA VAL E 457 -28.66 8.28 8.35
C VAL E 457 -27.43 7.83 9.11
N LYS E 458 -27.38 8.21 10.38
CA LYS E 458 -26.34 7.80 11.30
C LYS E 458 -26.91 6.79 12.27
N ILE E 459 -26.19 5.70 12.49
CA ILE E 459 -26.68 4.61 13.32
C ILE E 459 -26.14 4.81 14.74
N GLU E 460 -27.03 5.10 15.68
CA GLU E 460 -26.64 5.21 17.09
C GLU E 460 -27.14 3.99 17.84
N PRO E 461 -26.28 3.05 18.20
CA PRO E 461 -26.74 1.73 18.66
C PRO E 461 -26.89 1.58 20.17
N LEU E 462 -26.84 2.65 20.94
CA LEU E 462 -26.65 2.56 22.39
C LEU E 462 -27.88 3.12 23.10
N GLY E 463 -28.60 2.26 23.82
CA GLY E 463 -29.82 2.69 24.48
C GLY E 463 -29.90 2.14 25.90
N VAL E 464 -30.76 2.76 26.70
CA VAL E 464 -30.96 2.36 28.09
C VAL E 464 -32.45 2.12 28.34
N ALA E 465 -32.74 1.35 29.38
CA ALA E 465 -34.08 0.80 29.56
C ALA E 465 -34.22 0.33 31.00
N PRO E 466 -35.43 0.03 31.47
CA PRO E 466 -35.60 -0.63 32.76
C PRO E 466 -35.22 -2.11 32.74
N THR E 467 -35.27 -2.73 33.93
CA THR E 467 -34.98 -4.14 34.09
C THR E 467 -35.94 -4.79 35.07
N ARG E 468 -35.72 -6.07 35.31
CA ARG E 468 -36.24 -6.79 36.46
C ARG E 468 -35.12 -7.65 37.04
N CYS E 469 -33.92 -7.10 37.13
CA CYS E 469 -32.76 -7.84 37.63
C CYS E 469 -32.82 -8.08 39.14
N ASN F 3 -11.96 -7.45 53.95
CA ASN F 3 -11.69 -6.06 54.28
C ASN F 3 -11.32 -5.29 53.01
N LEU F 4 -10.02 -5.16 52.76
CA LEU F 4 -9.51 -4.38 51.63
C LEU F 4 -8.56 -5.25 50.82
N TRP F 5 -8.57 -5.06 49.51
CA TRP F 5 -7.86 -5.96 48.62
C TRP F 5 -7.57 -5.28 47.28
N VAL F 6 -7.04 -6.07 46.35
CA VAL F 6 -6.38 -5.59 45.14
C VAL F 6 -7.39 -4.99 44.19
N THR F 7 -7.04 -3.86 43.58
CA THR F 7 -7.93 -3.12 42.68
C THR F 7 -7.16 -2.77 41.42
N VAL F 8 -7.30 -3.56 40.38
CA VAL F 8 -6.53 -3.34 39.16
C VAL F 8 -7.09 -2.15 38.41
N TYR F 9 -6.23 -1.19 38.09
CA TYR F 9 -6.60 -0.02 37.32
C TYR F 9 -6.03 -0.13 35.92
N TYR F 10 -6.26 0.91 35.12
CA TYR F 10 -5.70 1.00 33.78
C TYR F 10 -5.75 2.46 33.36
N GLY F 11 -4.67 2.95 32.80
CA GLY F 11 -4.52 4.35 32.55
C GLY F 11 -3.74 5.09 33.61
N VAL F 12 -2.81 4.41 34.26
CA VAL F 12 -2.11 4.98 35.40
C VAL F 12 -0.92 5.80 34.90
N PRO F 13 -0.74 7.03 35.37
CA PRO F 13 0.41 7.83 34.95
C PRO F 13 1.74 7.41 35.56
N VAL F 14 2.40 6.43 34.97
CA VAL F 14 3.71 5.94 35.43
C VAL F 14 4.64 5.86 34.24
N TRP F 15 5.86 6.37 34.39
CA TRP F 15 6.85 6.30 33.33
C TRP F 15 7.84 5.18 33.55
N LYS F 16 8.73 5.03 32.57
CA LYS F 16 10.01 4.36 32.69
C LYS F 16 10.99 5.18 31.87
N ASP F 17 12.13 4.59 31.53
CA ASP F 17 12.97 5.15 30.50
C ASP F 17 13.09 4.16 29.36
N ALA F 18 13.44 4.68 28.20
CA ALA F 18 13.54 3.85 27.01
C ALA F 18 14.71 4.33 26.16
N GLU F 19 15.22 3.44 25.33
CA GLU F 19 16.34 3.74 24.44
C GLU F 19 16.04 3.18 23.06
N THR F 20 14.87 3.50 22.54
CA THR F 20 14.23 2.72 21.51
C THR F 20 14.26 3.40 20.14
N THR F 21 13.62 2.72 19.19
CA THR F 21 13.48 3.22 17.83
C THR F 21 12.46 4.35 17.83
N LEU F 22 12.68 5.32 16.94
CA LEU F 22 12.05 6.62 17.06
C LEU F 22 12.08 7.27 15.70
N PHE F 23 10.91 7.50 15.11
CA PHE F 23 10.84 7.76 13.68
C PHE F 23 10.67 9.24 13.36
N CYS F 24 11.35 9.66 12.29
CA CYS F 24 11.21 10.92 11.57
C CYS F 24 9.85 10.91 10.84
N ALA F 25 9.38 12.04 10.26
CA ALA F 25 9.84 13.43 10.15
C ALA F 25 8.66 14.37 9.96
N SER F 26 9.01 15.52 9.38
CA SER F 26 8.08 16.53 8.91
C SER F 26 7.53 16.18 7.53
N ASP F 27 6.89 17.18 6.93
CA ASP F 27 6.15 17.04 5.68
C ASP F 27 7.02 17.58 4.57
N ALA F 28 7.49 16.67 3.70
CA ALA F 28 8.30 17.06 2.55
C ALA F 28 7.37 17.44 1.41
N LYS F 29 7.92 17.62 0.22
CA LYS F 29 7.10 18.03 -0.90
C LYS F 29 6.57 16.84 -1.69
N ALA F 30 7.44 15.83 -1.90
CA ALA F 30 7.18 14.63 -2.72
C ALA F 30 6.85 14.98 -4.17
N TYR F 31 7.34 16.13 -4.65
CA TYR F 31 7.38 16.41 -6.07
C TYR F 31 8.65 17.12 -6.48
N GLU F 32 9.64 17.24 -5.60
CA GLU F 32 10.82 18.04 -5.86
C GLU F 32 12.05 17.16 -5.99
N THR F 33 13.13 17.79 -6.44
CA THR F 33 14.43 17.15 -6.59
C THR F 33 15.44 17.67 -5.59
N GLU F 34 15.02 18.55 -4.68
CA GLU F 34 15.79 18.87 -3.50
C GLU F 34 16.08 17.61 -2.72
N LYS F 35 17.35 17.43 -2.32
CA LYS F 35 17.78 16.13 -1.82
C LYS F 35 17.23 15.82 -0.44
N HIS F 36 17.00 16.84 0.39
CA HIS F 36 16.31 16.59 1.64
C HIS F 36 14.86 16.22 1.41
N ASN F 37 14.23 16.77 0.38
CA ASN F 37 12.85 16.40 0.10
C ASN F 37 12.76 14.99 -0.44
N VAL F 38 13.74 14.58 -1.25
CA VAL F 38 13.76 13.21 -1.77
C VAL F 38 14.01 12.22 -0.65
N TRP F 39 14.92 12.55 0.27
CA TRP F 39 15.18 11.68 1.41
C TRP F 39 13.99 11.59 2.34
N ALA F 40 13.41 12.73 2.70
CA ALA F 40 12.28 12.74 3.61
C ALA F 40 11.04 12.11 2.99
N THR F 41 10.94 12.09 1.67
CA THR F 41 9.92 11.30 1.02
C THR F 41 10.22 9.81 1.20
N HIS F 42 11.39 9.36 0.77
CA HIS F 42 11.63 7.94 0.68
C HIS F 42 11.97 7.29 2.02
N ALA F 43 12.07 8.05 3.11
CA ALA F 43 12.47 7.43 4.36
C ALA F 43 11.75 7.97 5.60
N CYS F 44 10.70 8.76 5.47
CA CYS F 44 10.02 9.33 6.63
C CYS F 44 8.52 9.42 6.35
N VAL F 45 7.76 9.84 7.35
CA VAL F 45 6.30 9.88 7.29
C VAL F 45 5.87 11.35 7.30
N PRO F 46 4.63 11.69 6.92
CA PRO F 46 4.23 13.10 6.98
C PRO F 46 3.93 13.56 8.40
N THR F 47 3.51 14.81 8.55
CA THR F 47 3.21 15.34 9.87
C THR F 47 1.83 14.89 10.32
N ASP F 48 1.38 15.47 11.41
CA ASP F 48 0.01 15.36 11.88
C ASP F 48 -0.35 16.75 12.38
N PRO F 49 -1.34 17.42 11.77
CA PRO F 49 -1.56 18.85 12.06
C PRO F 49 -2.10 19.15 13.45
N ASN F 50 -2.41 18.16 14.26
CA ASN F 50 -2.90 18.37 15.63
C ASN F 50 -1.96 17.70 16.62
N PRO F 51 -0.89 18.38 17.02
CA PRO F 51 -0.06 17.84 18.11
C PRO F 51 -0.77 17.97 19.44
N GLN F 52 -0.44 17.07 20.36
CA GLN F 52 -1.10 17.00 21.67
C GLN F 52 -0.08 17.31 22.75
N GLU F 53 0.13 18.59 23.01
CA GLU F 53 1.02 18.99 24.10
C GLU F 53 0.22 19.03 25.38
N ILE F 54 0.33 17.97 26.18
CA ILE F 54 -0.30 17.92 27.50
C ILE F 54 0.70 18.51 28.49
N HIS F 55 0.38 19.68 29.02
CA HIS F 55 1.20 20.24 30.08
C HIS F 55 0.93 19.50 31.37
N LEU F 56 1.98 19.16 32.09
CA LEU F 56 1.80 18.34 33.27
C LEU F 56 1.57 19.20 34.50
N GLU F 57 1.16 18.54 35.58
CA GLU F 57 0.98 19.13 36.88
C GLU F 57 2.32 19.26 37.60
N ASN F 58 2.28 19.38 38.92
CA ASN F 58 3.49 19.62 39.68
C ASN F 58 4.45 18.44 39.70
N VAL F 59 5.00 18.07 38.55
CA VAL F 59 6.00 17.01 38.46
C VAL F 59 7.37 17.68 38.41
N THR F 60 8.39 16.88 38.65
CA THR F 60 9.77 17.38 38.61
C THR F 60 10.64 16.26 38.06
N GLU F 61 10.90 16.31 36.76
CA GLU F 61 11.85 15.41 36.13
C GLU F 61 13.24 16.02 36.14
N GLU F 62 14.24 15.16 36.16
CA GLU F 62 15.63 15.61 36.14
C GLU F 62 16.22 15.17 34.80
N PHE F 63 16.40 16.13 33.91
CA PHE F 63 16.92 15.84 32.60
C PHE F 63 18.43 15.81 32.64
N ASN F 64 19.02 15.19 31.63
CA ASN F 64 20.46 15.16 31.49
C ASN F 64 20.75 15.21 30.01
N MET F 65 21.23 16.35 29.53
CA MET F 65 21.40 16.56 28.11
C MET F 65 22.53 15.73 27.55
N TRP F 66 23.55 15.47 28.36
CA TRP F 66 24.78 14.87 27.88
C TRP F 66 24.74 13.34 27.87
N LYS F 67 23.65 12.75 28.32
CA LYS F 67 23.50 11.29 28.38
C LYS F 67 22.18 10.90 27.76
N ASN F 68 21.92 11.43 26.57
CA ASN F 68 20.65 11.31 25.90
C ASN F 68 20.80 10.35 24.73
N ASN F 69 19.88 9.39 24.63
CA ASN F 69 19.93 8.41 23.56
C ASN F 69 19.17 8.85 22.33
N MET F 70 18.78 10.13 22.24
CA MET F 70 18.15 10.63 21.04
C MET F 70 19.16 11.20 20.06
N VAL F 71 20.33 11.60 20.55
CA VAL F 71 21.33 12.23 19.70
C VAL F 71 21.94 11.23 18.73
N GLU F 72 22.25 10.04 19.22
CA GLU F 72 22.87 9.02 18.37
C GLU F 72 21.94 8.57 17.27
N GLN F 73 20.64 8.62 17.53
CA GLN F 73 19.71 8.12 16.55
C GLN F 73 19.48 9.10 15.41
N MET F 74 19.36 10.40 15.71
CA MET F 74 19.28 11.32 14.58
C MET F 74 20.64 11.51 13.93
N HIS F 75 21.72 11.21 14.64
CA HIS F 75 23.03 11.23 14.02
C HIS F 75 23.15 10.15 12.97
N THR F 76 22.68 8.94 13.29
CA THR F 76 22.64 7.87 12.29
C THR F 76 21.74 8.20 11.12
N ASP F 77 20.61 8.86 11.38
CA ASP F 77 19.73 9.27 10.28
C ASP F 77 20.39 10.30 9.37
N ILE F 78 21.17 11.22 9.92
CA ILE F 78 21.82 12.20 9.05
C ILE F 78 23.03 11.61 8.33
N ILE F 79 23.67 10.59 8.92
CA ILE F 79 24.66 9.81 8.19
C ILE F 79 24.02 9.16 6.96
N SER F 80 22.80 8.66 7.12
CA SER F 80 22.09 8.09 5.97
C SER F 80 21.73 9.15 4.95
N LEU F 81 21.32 10.34 5.41
CA LEU F 81 20.94 11.42 4.51
C LEU F 81 22.11 11.88 3.67
N TRP F 82 23.25 12.11 4.31
CA TRP F 82 24.44 12.56 3.60
C TRP F 82 25.11 11.47 2.79
N ASP F 83 24.92 10.20 3.13
CA ASP F 83 25.44 9.17 2.25
C ASP F 83 24.54 8.94 1.04
N GLN F 84 23.26 9.29 1.12
CA GLN F 84 22.41 9.12 -0.04
C GLN F 84 22.29 10.36 -0.91
N SER F 85 22.58 11.54 -0.38
CA SER F 85 22.38 12.75 -1.18
C SER F 85 23.66 13.18 -1.89
N LEU F 86 24.70 13.51 -1.14
CA LEU F 86 25.92 14.06 -1.72
C LEU F 86 26.89 12.91 -2.00
N LYS F 87 26.70 12.29 -3.14
CA LYS F 87 27.58 11.21 -3.56
C LYS F 87 28.91 11.80 -4.02
N PRO F 88 30.02 11.49 -3.39
CA PRO F 88 31.30 12.07 -3.79
C PRO F 88 31.84 11.43 -5.05
N CYS F 89 32.78 12.14 -5.66
CA CYS F 89 33.46 11.59 -6.82
C CYS F 89 34.39 10.47 -6.41
N VAL F 90 35.27 10.72 -5.45
CA VAL F 90 36.23 9.74 -4.96
C VAL F 90 36.21 9.75 -3.44
N LYS F 91 36.00 8.59 -2.83
CA LYS F 91 36.19 8.41 -1.40
C LYS F 91 37.58 7.86 -1.11
N LEU F 92 38.11 8.17 0.06
CA LEU F 92 39.31 7.51 0.57
C LEU F 92 39.05 7.09 2.01
N THR F 93 38.45 5.94 2.22
CA THR F 93 38.24 5.51 3.59
C THR F 93 39.06 4.27 3.89
N PRO F 94 39.77 4.26 5.01
CA PRO F 94 40.65 3.12 5.32
C PRO F 94 39.86 1.93 5.85
N LEU F 95 40.56 0.80 5.94
CA LEU F 95 39.98 -0.43 6.45
C LEU F 95 40.65 -0.89 7.74
N CYS F 96 41.97 -1.07 7.74
CA CYS F 96 42.77 -1.51 8.88
C CYS F 96 42.27 -2.85 9.44
N VAL F 97 42.37 -3.88 8.60
CA VAL F 97 41.86 -5.21 8.93
C VAL F 97 42.88 -5.91 9.84
N THR F 98 42.44 -6.26 11.04
CA THR F 98 43.28 -7.07 11.93
C THR F 98 43.27 -8.52 11.46
N LYS F 159 45.86 -8.43 14.22
CA LYS F 159 46.61 -9.34 13.37
C LYS F 159 47.16 -8.64 12.12
N GLU F 160 48.48 -8.50 11.99
CA GLU F 160 49.48 -8.93 12.97
C GLU F 160 50.66 -7.96 12.95
N TYR F 161 50.89 -7.19 14.01
CA TYR F 161 49.99 -7.07 15.16
C TYR F 161 49.87 -5.59 15.47
N ARG F 162 50.91 -4.85 15.10
CA ARG F 162 50.94 -3.39 15.19
C ARG F 162 50.87 -2.72 13.83
N LEU F 163 51.23 -3.45 12.77
CA LEU F 163 51.21 -2.99 11.38
C LEU F 163 49.99 -3.55 10.69
N ILE F 164 48.86 -3.42 11.40
CA ILE F 164 47.54 -3.84 10.93
C ILE F 164 47.28 -3.30 9.54
N ASN F 165 46.78 -4.17 8.66
CA ASN F 165 46.79 -3.93 7.22
C ASN F 165 45.79 -2.84 6.83
N CYS F 166 46.27 -1.59 6.76
CA CYS F 166 45.41 -0.44 6.48
C CYS F 166 45.44 -0.14 4.99
N ASN F 167 44.70 -0.96 4.24
CA ASN F 167 44.49 -0.73 2.82
C ASN F 167 43.50 0.42 2.66
N THR F 168 44.01 1.60 2.30
CA THR F 168 43.15 2.75 2.10
C THR F 168 42.38 2.60 0.80
N SER F 169 41.19 2.03 0.87
CA SER F 169 40.39 1.74 -0.31
C SER F 169 39.85 3.03 -0.93
N ALA F 170 39.33 2.90 -2.14
CA ALA F 170 38.81 4.06 -2.85
C ALA F 170 37.62 3.63 -3.69
N ILE F 171 36.59 4.45 -3.72
CA ILE F 171 35.38 4.20 -4.48
C ILE F 171 35.17 5.39 -5.42
N THR F 172 34.91 5.10 -6.69
CA THR F 172 34.59 6.14 -7.66
C THR F 172 33.13 6.02 -8.06
N GLN F 173 32.37 7.06 -7.82
CA GLN F 173 30.97 7.13 -8.20
C GLN F 173 30.76 8.37 -9.05
N ALA F 174 29.59 8.46 -9.68
CA ALA F 174 29.26 9.61 -10.50
C ALA F 174 28.90 10.80 -9.62
N CYS F 175 29.21 12.00 -10.12
CA CYS F 175 28.95 13.24 -9.39
C CYS F 175 28.01 14.15 -10.16
N PRO F 176 26.70 13.95 -10.05
CA PRO F 176 25.79 14.99 -10.53
C PRO F 176 25.73 16.13 -9.52
N LYS F 177 25.69 17.36 -10.03
CA LYS F 177 25.56 18.50 -9.15
C LYS F 177 24.14 18.56 -8.61
N VAL F 178 24.00 18.44 -7.30
CA VAL F 178 22.71 18.30 -6.66
C VAL F 178 22.33 19.60 -5.99
N SER F 179 21.03 19.75 -5.71
CA SER F 179 20.56 20.85 -4.89
C SER F 179 20.60 20.46 -3.42
N PHE F 180 20.55 21.46 -2.55
CA PHE F 180 20.78 21.18 -1.14
C PHE F 180 20.21 22.33 -0.31
N GLU F 181 19.15 22.06 0.44
CA GLU F 181 18.56 23.01 1.36
C GLU F 181 17.82 22.24 2.43
N PRO F 182 18.26 22.28 3.69
CA PRO F 182 17.69 21.39 4.71
C PRO F 182 16.32 21.86 5.19
N ILE F 183 15.39 20.92 5.26
CA ILE F 183 14.02 21.16 5.73
C ILE F 183 13.97 20.76 7.19
N PRO F 184 13.01 21.22 7.99
CA PRO F 184 12.92 20.76 9.37
C PRO F 184 12.45 19.31 9.45
N ILE F 185 12.80 18.66 10.56
CA ILE F 185 12.54 17.25 10.80
C ILE F 185 11.92 17.12 12.18
N HIS F 186 10.83 16.36 12.28
CA HIS F 186 10.15 16.13 13.55
C HIS F 186 10.37 14.69 13.98
N TYR F 187 11.13 14.48 15.05
CA TYR F 187 11.38 13.12 15.53
C TYR F 187 10.23 12.67 16.42
N CYS F 188 9.34 11.88 15.87
CA CYS F 188 8.20 11.38 16.62
C CYS F 188 8.59 10.12 17.38
N ALA F 189 7.83 9.82 18.42
CA ALA F 189 7.96 8.61 19.20
C ALA F 189 6.82 7.67 18.86
N PRO F 190 7.03 6.35 18.87
CA PRO F 190 5.99 5.44 18.38
C PRO F 190 4.82 5.27 19.34
N ALA F 191 3.92 4.35 19.02
CA ALA F 191 2.76 4.12 19.87
C ALA F 191 3.19 3.40 21.13
N GLY F 192 2.91 4.01 22.27
CA GLY F 192 3.29 3.47 23.56
C GLY F 192 4.35 4.25 24.28
N PHE F 193 4.96 5.22 23.62
CA PHE F 193 6.01 6.06 24.19
C PHE F 193 5.56 7.50 24.16
N ALA F 194 6.36 8.37 24.74
CA ALA F 194 6.02 9.77 24.84
C ALA F 194 7.30 10.55 25.07
N ILE F 195 7.29 11.82 24.70
CA ILE F 195 8.48 12.63 24.78
C ILE F 195 8.24 13.79 25.75
N LEU F 196 9.01 13.82 26.82
CA LEU F 196 8.87 14.92 27.76
C LEU F 196 9.54 16.17 27.22
N LYS F 197 9.34 17.29 27.89
CA LYS F 197 9.84 18.54 27.36
C LYS F 197 10.00 19.54 28.50
N CYS F 198 11.12 20.25 28.52
CA CYS F 198 11.38 21.25 29.55
C CYS F 198 10.94 22.61 29.03
N LYS F 199 9.94 23.19 29.67
CA LYS F 199 9.47 24.52 29.29
C LYS F 199 10.13 25.62 30.11
N ASP F 200 11.11 25.29 30.93
CA ASP F 200 11.85 26.29 31.68
C ASP F 200 12.77 27.05 30.73
N LYS F 201 12.62 28.37 30.68
CA LYS F 201 13.33 29.17 29.68
C LYS F 201 14.79 29.36 30.04
N LYS F 202 15.17 29.17 31.29
CA LYS F 202 16.55 29.34 31.74
C LYS F 202 17.16 28.01 32.18
N PHE F 203 16.86 26.95 31.43
CA PHE F 203 17.27 25.60 31.78
C PHE F 203 18.72 25.36 31.38
N ASN F 204 19.51 24.75 32.30
CA ASN F 204 20.89 24.43 32.01
C ASN F 204 20.98 23.45 30.85
N GLY F 205 20.42 22.26 31.05
CA GLY F 205 20.74 21.08 30.28
C GLY F 205 20.77 19.88 31.21
N THR F 206 21.15 20.11 32.46
CA THR F 206 21.04 19.10 33.51
C THR F 206 20.13 19.63 34.60
N GLY F 207 20.01 18.88 35.68
CA GLY F 207 19.28 19.32 36.83
C GLY F 207 17.79 19.09 36.71
N PRO F 208 17.04 19.47 37.74
CA PRO F 208 15.59 19.29 37.71
C PRO F 208 14.90 20.41 36.93
N CYS F 209 13.99 20.02 36.05
CA CYS F 209 13.15 20.97 35.33
C CYS F 209 11.74 20.86 35.86
N PRO F 210 11.21 21.88 36.54
CA PRO F 210 9.88 21.75 37.14
C PRO F 210 8.73 21.90 36.16
N SER F 211 8.94 22.55 35.02
CA SER F 211 7.84 22.82 34.09
C SER F 211 7.85 21.82 32.93
N VAL F 212 7.68 20.55 33.27
CA VAL F 212 7.70 19.49 32.28
C VAL F 212 6.35 19.41 31.57
N SER F 213 6.37 19.46 30.25
CA SER F 213 5.20 19.13 29.46
C SER F 213 5.47 17.85 28.69
N THR F 214 4.45 17.38 27.99
CA THR F 214 4.56 16.10 27.29
C THR F 214 4.06 16.28 25.87
N VAL F 215 4.89 15.90 24.90
CA VAL F 215 4.52 15.96 23.50
C VAL F 215 4.68 14.58 22.90
N GLN F 216 4.04 14.38 21.76
CA GLN F 216 4.21 13.15 21.00
C GLN F 216 5.42 13.24 20.07
N CYS F 217 5.68 14.42 19.52
CA CYS F 217 6.70 14.55 18.49
C CYS F 217 7.40 15.88 18.67
N THR F 218 8.68 15.93 18.32
CA THR F 218 9.51 17.09 18.62
C THR F 218 9.19 18.24 17.68
N HIS F 219 9.88 19.37 17.88
CA HIS F 219 9.68 20.51 17.01
C HIS F 219 10.58 20.39 15.79
N GLY F 220 10.55 21.41 14.94
CA GLY F 220 11.27 21.39 13.69
C GLY F 220 12.77 21.53 13.86
N ILE F 221 13.50 20.48 13.50
CA ILE F 221 14.95 20.46 13.67
C ILE F 221 15.57 20.37 12.29
N LYS F 222 16.42 21.34 11.97
CA LYS F 222 17.03 21.40 10.66
C LYS F 222 18.35 20.64 10.69
N PRO F 223 18.54 19.64 9.86
CA PRO F 223 19.85 18.99 9.78
C PRO F 223 20.90 19.88 9.13
N VAL F 224 21.42 20.83 9.90
CA VAL F 224 22.39 21.79 9.41
C VAL F 224 23.75 21.41 9.96
N VAL F 225 24.69 21.14 9.06
CA VAL F 225 26.03 20.69 9.40
C VAL F 225 26.98 21.86 9.27
N SER F 226 27.63 22.24 10.37
CA SER F 226 28.56 23.35 10.36
C SER F 226 29.50 23.21 11.53
N THR F 227 30.64 23.89 11.44
CA THR F 227 31.60 23.96 12.52
C THR F 227 31.76 25.40 12.96
N GLN F 228 32.05 25.59 14.25
CA GLN F 228 32.34 26.86 14.93
C GLN F 228 31.20 27.84 15.02
N LEU F 229 30.08 27.58 14.35
CA LEU F 229 28.92 28.46 14.36
C LEU F 229 27.72 27.58 14.07
N LEU F 230 26.62 27.82 14.77
CA LEU F 230 25.44 26.98 14.65
C LEU F 230 24.43 27.73 13.78
N LEU F 231 24.37 27.36 12.51
CA LEU F 231 23.56 28.10 11.56
C LEU F 231 22.13 27.59 11.55
N ASN F 232 21.19 28.52 11.38
CA ASN F 232 19.75 28.24 11.22
C ASN F 232 19.15 27.50 12.40
N GLY F 233 19.73 27.60 13.57
CA GLY F 233 19.24 26.87 14.72
C GLY F 233 18.06 27.55 15.38
N SER F 234 17.79 27.13 16.61
CA SER F 234 16.74 27.71 17.42
C SER F 234 17.32 28.66 18.45
N LEU F 235 16.46 29.47 19.02
CA LEU F 235 16.85 30.61 19.85
C LEU F 235 16.37 30.42 21.28
N ALA F 236 17.20 30.84 22.23
CA ALA F 236 16.81 30.78 23.63
C ALA F 236 15.73 31.82 23.91
N GLU F 237 14.90 31.53 24.91
CA GLU F 237 13.72 32.35 25.13
C GLU F 237 14.06 33.64 25.88
N GLU F 238 14.91 33.57 26.91
CA GLU F 238 15.15 34.72 27.77
C GLU F 238 16.56 35.27 27.64
N GLU F 239 17.59 34.45 27.89
CA GLU F 239 18.95 34.95 27.96
C GLU F 239 19.87 34.03 27.18
N VAL F 240 21.09 34.52 26.94
CA VAL F 240 22.11 33.74 26.27
C VAL F 240 22.56 32.61 27.20
N MET F 241 22.32 31.37 26.79
CA MET F 241 22.60 30.24 27.66
C MET F 241 23.95 29.64 27.33
N ILE F 242 24.59 29.07 28.34
CA ILE F 242 25.90 28.47 28.23
C ILE F 242 25.84 27.07 28.82
N ARG F 243 26.14 26.08 27.99
CA ARG F 243 25.96 24.69 28.34
C ARG F 243 27.27 23.95 28.16
N SER F 244 27.56 23.04 29.08
CA SER F 244 28.77 22.24 28.96
C SER F 244 28.56 20.94 29.73
N GLU F 245 29.23 19.89 29.25
CA GLU F 245 29.23 18.64 29.99
C GLU F 245 29.97 18.79 31.31
N ASN F 246 31.09 19.50 31.27
CA ASN F 246 31.92 19.66 32.47
C ASN F 246 32.74 20.93 32.25
N ILE F 247 32.29 22.03 32.82
CA ILE F 247 33.19 23.18 32.96
C ILE F 247 34.24 22.80 33.99
N THR F 248 35.46 23.31 33.80
CA THR F 248 36.79 23.00 34.39
C THR F 248 37.44 21.83 33.67
N ASN F 249 36.80 21.21 32.68
CA ASN F 249 37.48 20.12 31.99
C ASN F 249 38.45 20.64 30.94
N ASN F 250 38.19 21.83 30.39
CA ASN F 250 39.00 22.49 29.35
C ASN F 250 39.14 21.66 28.09
N ALA F 251 38.26 20.69 27.88
CA ALA F 251 38.29 19.87 26.68
C ALA F 251 36.87 19.55 26.21
N LYS F 252 35.86 20.21 26.77
CA LYS F 252 34.48 19.99 26.42
C LYS F 252 33.92 21.25 25.76
N ASN F 253 33.19 21.06 24.68
CA ASN F 253 32.77 22.16 23.83
C ASN F 253 31.67 22.96 24.51
N ILE F 254 31.97 24.20 24.85
CA ILE F 254 31.00 25.09 25.50
C ILE F 254 30.00 25.56 24.46
N LEU F 255 28.77 25.09 24.56
CA LEU F 255 27.72 25.50 23.64
C LEU F 255 27.11 26.81 24.13
N VAL F 256 27.13 27.84 23.29
CA VAL F 256 26.60 29.15 23.65
C VAL F 256 25.43 29.41 22.75
N GLN F 257 24.23 29.46 23.30
CA GLN F 257 23.04 29.70 22.51
C GLN F 257 22.59 31.14 22.69
N PHE F 258 22.32 31.82 21.58
CA PHE F 258 21.95 33.22 21.55
C PHE F 258 20.46 33.39 21.80
N ASN F 259 20.07 34.63 22.07
CA ASN F 259 18.66 35.00 22.11
C ASN F 259 18.20 35.77 20.89
N THR F 260 19.13 36.40 20.15
CA THR F 260 18.81 37.10 18.93
C THR F 260 19.66 36.57 17.77
N PRO F 261 19.06 36.41 16.59
CA PRO F 261 19.84 35.88 15.46
C PRO F 261 20.74 36.94 14.86
N VAL F 262 22.02 36.63 14.77
CA VAL F 262 22.99 37.48 14.09
C VAL F 262 23.06 37.02 12.65
N GLN F 263 22.51 37.80 11.74
CA GLN F 263 22.37 37.37 10.36
C GLN F 263 23.70 37.49 9.64
N ILE F 264 23.97 36.53 8.76
CA ILE F 264 25.21 36.47 8.00
C ILE F 264 24.87 36.28 6.53
N ASN F 265 25.62 36.94 5.65
CA ASN F 265 25.42 36.84 4.21
C ASN F 265 26.69 36.32 3.55
N CYS F 266 26.70 35.05 3.19
CA CYS F 266 27.81 34.46 2.44
C CYS F 266 27.42 34.42 0.98
N THR F 267 28.11 35.22 0.17
CA THR F 267 27.78 35.38 -1.24
C THR F 267 29.01 35.07 -2.09
N ARG F 268 28.79 34.33 -3.16
CA ARG F 268 29.78 34.17 -4.21
C ARG F 268 29.32 35.01 -5.39
N PRO F 269 29.96 36.13 -5.68
CA PRO F 269 29.53 36.93 -6.83
C PRO F 269 30.10 36.41 -8.14
N ASN F 270 29.87 37.14 -9.22
CA ASN F 270 30.44 36.80 -10.52
C ASN F 270 31.73 37.56 -10.79
N ILE F 292 38.79 36.09 -12.95
CA ILE F 292 37.37 36.42 -13.07
C ILE F 292 36.59 35.16 -13.53
N GLY F 293 35.52 34.80 -12.82
CA GLY F 293 35.09 35.45 -11.60
C GLY F 293 35.74 34.91 -10.32
N ASP F 294 36.86 34.21 -10.50
CA ASP F 294 37.67 33.64 -9.41
C ASP F 294 36.82 32.70 -8.56
N ILE F 295 36.49 31.56 -9.18
CA ILE F 295 35.52 30.59 -8.69
C ILE F 295 35.81 30.06 -7.29
N ARG F 296 37.03 30.19 -6.79
CA ARG F 296 37.43 29.75 -5.47
C ARG F 296 37.38 30.87 -4.45
N GLN F 297 36.46 31.82 -4.59
CA GLN F 297 36.48 33.01 -3.75
C GLN F 297 35.06 33.45 -3.45
N ALA F 298 34.81 33.73 -2.17
CA ALA F 298 33.55 34.30 -1.73
C ALA F 298 33.83 35.07 -0.45
N HIS F 299 32.81 35.77 0.05
CA HIS F 299 33.00 36.60 1.23
C HIS F 299 31.72 36.59 2.04
N CYS F 300 31.86 36.80 3.35
CA CYS F 300 30.71 36.75 4.24
C CYS F 300 30.68 37.99 5.10
N ASN F 301 29.49 38.58 5.25
CA ASN F 301 29.31 39.81 5.97
C ASN F 301 28.50 39.59 7.24
N VAL F 302 29.06 40.01 8.37
CA VAL F 302 28.38 39.99 9.67
C VAL F 302 28.19 41.42 10.11
N SER F 303 26.95 41.76 10.49
CA SER F 303 26.58 43.12 10.86
C SER F 303 27.29 43.51 12.15
N LYS F 304 28.32 44.33 12.01
CA LYS F 304 29.04 44.89 13.15
C LYS F 304 28.11 45.76 13.99
N ALA F 305 28.36 45.77 15.29
CA ALA F 305 27.60 46.39 16.38
C ALA F 305 26.24 45.75 16.61
N THR F 306 25.85 44.78 15.80
CA THR F 306 24.96 43.72 16.23
C THR F 306 25.77 42.56 16.78
N TRP F 307 26.94 42.33 16.19
CA TRP F 307 27.84 41.29 16.67
C TRP F 307 28.46 41.67 18.01
N ASN F 308 28.79 42.95 18.19
CA ASN F 308 29.42 43.37 19.43
C ASN F 308 28.46 43.28 20.61
N GLU F 309 27.17 43.57 20.40
CA GLU F 309 26.18 43.43 21.45
C GLU F 309 26.04 41.97 21.87
N THR F 310 26.10 41.07 20.90
CA THR F 310 26.01 39.64 21.15
C THR F 310 27.21 39.16 21.96
N LEU F 311 28.43 39.59 21.59
CA LEU F 311 29.58 39.22 22.40
C LEU F 311 29.55 39.86 23.78
N GLY F 312 28.93 41.03 23.91
CA GLY F 312 28.79 41.63 25.23
C GLY F 312 27.90 40.80 26.14
N LYS F 313 26.78 40.30 25.61
CA LYS F 313 25.89 39.46 26.40
C LYS F 313 26.54 38.12 26.74
N VAL F 314 27.32 37.58 25.79
CA VAL F 314 28.04 36.33 26.03
C VAL F 314 29.08 36.50 27.12
N VAL F 315 29.79 37.63 27.12
CA VAL F 315 30.79 37.86 28.16
C VAL F 315 30.15 38.14 29.51
N LYS F 316 28.94 38.71 29.52
CA LYS F 316 28.21 38.84 30.79
C LYS F 316 27.88 37.47 31.38
N GLN F 317 27.39 36.55 30.56
CA GLN F 317 27.05 35.22 31.07
C GLN F 317 28.30 34.43 31.46
N LEU F 318 29.40 34.60 30.72
CA LEU F 318 30.65 33.95 31.06
C LEU F 318 31.26 34.50 32.35
N ARG F 319 31.05 35.79 32.64
CA ARG F 319 31.48 36.29 33.93
C ARG F 319 30.57 35.82 35.04
N LYS F 320 29.30 35.58 34.75
CA LYS F 320 28.42 34.96 35.74
C LYS F 320 28.85 33.54 36.07
N HIS F 321 29.44 32.84 35.11
CA HIS F 321 30.06 31.56 35.46
C HIS F 321 31.41 31.72 36.14
N PHE F 322 32.25 32.65 35.70
CA PHE F 322 33.65 32.62 36.10
C PHE F 322 34.04 33.65 37.15
N GLY F 323 33.32 34.76 37.26
CA GLY F 323 33.66 35.74 38.28
C GLY F 323 33.86 37.15 37.76
N ASN F 324 35.08 37.68 37.89
CA ASN F 324 35.42 39.02 37.41
C ASN F 324 36.75 38.98 36.66
N ASN F 325 36.85 38.06 35.71
CA ASN F 325 38.04 37.89 34.89
C ASN F 325 37.96 38.77 33.64
N THR F 326 39.12 38.94 33.02
CA THR F 326 39.23 39.60 31.72
C THR F 326 39.25 38.54 30.64
N ILE F 327 38.31 38.64 29.70
CA ILE F 327 38.22 37.64 28.65
C ILE F 327 39.17 38.04 27.54
N ILE F 328 40.45 37.67 27.68
CA ILE F 328 41.53 38.21 26.86
C ILE F 328 42.27 37.04 26.24
N ARG F 329 41.85 36.61 25.04
CA ARG F 329 40.75 37.21 24.29
C ARG F 329 39.90 36.10 23.71
N PHE F 330 38.85 36.47 22.98
CA PHE F 330 38.33 35.53 22.01
C PHE F 330 39.40 35.39 20.94
N ALA F 331 40.13 34.30 20.91
CA ALA F 331 41.27 34.21 20.02
C ALA F 331 40.86 33.65 18.67
N ASN F 332 41.86 33.33 17.86
CA ASN F 332 41.66 32.60 16.62
C ASN F 332 41.59 31.12 16.93
N SER F 333 41.26 30.31 15.93
CA SER F 333 41.34 28.87 16.08
C SER F 333 42.80 28.45 16.27
N SER F 334 43.01 27.43 17.08
CA SER F 334 44.36 27.07 17.47
C SER F 334 45.09 26.30 16.38
N GLY F 335 44.38 25.76 15.41
CA GLY F 335 45.02 25.03 14.34
C GLY F 335 44.43 23.65 14.18
N GLY F 336 45.16 22.77 13.50
CA GLY F 336 44.70 21.41 13.35
C GLY F 336 44.13 21.12 11.98
N ASP F 337 42.93 20.58 11.96
CA ASP F 337 42.31 20.22 10.70
C ASP F 337 41.72 21.47 10.06
N LEU F 338 41.46 21.39 8.77
CA LEU F 338 40.95 22.54 8.03
C LEU F 338 39.48 22.79 8.36
N GLU F 339 38.70 21.73 8.58
CA GLU F 339 37.27 21.91 8.78
C GLU F 339 36.92 22.41 10.17
N VAL F 340 37.83 22.30 11.14
CA VAL F 340 37.57 22.84 12.47
C VAL F 340 38.23 24.19 12.68
N THR F 341 39.28 24.50 11.93
CA THR F 341 39.93 25.80 12.03
C THR F 341 39.02 26.88 11.49
N THR F 342 38.23 26.55 10.49
CA THR F 342 37.44 27.50 9.73
C THR F 342 35.97 27.18 9.88
N HIS F 343 35.12 28.18 9.65
CA HIS F 343 33.68 27.98 9.65
C HIS F 343 33.29 27.21 8.38
N SER F 344 33.41 25.90 8.44
CA SER F 344 32.97 25.06 7.35
C SER F 344 31.46 24.97 7.36
N PHE F 345 30.84 25.09 6.19
CA PHE F 345 29.43 24.73 6.05
C PHE F 345 29.16 24.39 4.60
N ASN F 346 27.93 23.99 4.33
CA ASN F 346 27.47 23.68 2.99
C ASN F 346 26.43 24.72 2.60
N CYS F 347 26.44 25.10 1.33
CA CYS F 347 25.44 26.02 0.81
C CYS F 347 25.33 25.78 -0.68
N GLY F 348 24.12 25.44 -1.13
CA GLY F 348 23.90 25.18 -2.54
C GLY F 348 24.66 23.99 -3.09
N GLY F 349 25.05 23.05 -2.24
CA GLY F 349 25.89 21.96 -2.68
C GLY F 349 27.36 22.28 -2.74
N GLU F 350 27.76 23.51 -2.45
CA GLU F 350 29.17 23.89 -2.44
C GLU F 350 29.63 24.07 -1.01
N PHE F 351 30.86 23.65 -0.72
CA PHE F 351 31.37 23.62 0.64
C PHE F 351 32.21 24.87 0.90
N PHE F 352 31.72 25.74 1.76
CA PHE F 352 32.40 27.00 2.03
C PHE F 352 33.24 26.84 3.28
N TYR F 353 34.51 27.20 3.22
CA TYR F 353 35.37 27.26 4.39
C TYR F 353 35.76 28.71 4.61
N CYS F 354 35.18 29.35 5.61
CA CYS F 354 35.38 30.77 5.82
C CYS F 354 36.64 31.03 6.63
N ASN F 355 36.76 32.22 7.20
CA ASN F 355 37.90 32.58 8.05
C ASN F 355 37.34 33.45 9.16
N THR F 356 37.15 32.87 10.33
CA THR F 356 36.48 33.55 11.44
C THR F 356 37.49 34.26 12.34
N SER F 357 38.65 34.62 11.80
CA SER F 357 39.70 35.18 12.65
C SER F 357 39.38 36.62 13.02
N GLY F 358 38.79 37.38 12.12
CA GLY F 358 38.44 38.75 12.42
C GLY F 358 37.20 38.89 13.26
N LEU F 359 36.34 37.88 13.26
CA LEU F 359 35.10 37.92 14.01
C LEU F 359 35.31 37.66 15.51
N PHE F 360 36.43 37.03 15.86
CA PHE F 360 36.81 36.72 17.25
C PHE F 360 38.17 37.36 17.50
N ASN F 361 38.18 38.63 17.91
CA ASN F 361 39.42 39.22 18.40
C ASN F 361 39.03 40.37 19.32
N SER F 362 38.95 40.12 20.62
CA SER F 362 38.58 41.18 21.55
C SER F 362 38.92 40.82 22.99
N THR F 363 39.63 41.70 23.68
CA THR F 363 39.78 41.58 25.12
C THR F 363 38.71 42.40 25.81
N TRP F 364 38.35 41.98 27.02
CA TRP F 364 37.17 42.51 27.71
C TRP F 364 37.52 42.79 29.17
N ILE F 365 37.93 44.02 29.45
CA ILE F 365 38.16 44.43 30.83
C ILE F 365 36.82 44.63 31.52
N SER F 366 36.81 44.46 32.84
CA SER F 366 35.58 44.61 33.60
C SER F 366 35.47 46.02 34.20
N ASP F 380 32.25 49.80 8.58
CA ASP F 380 31.14 49.26 9.36
C ASP F 380 31.25 47.73 9.44
N SER F 381 30.63 47.04 8.48
CA SER F 381 30.47 45.59 8.52
C SER F 381 31.80 44.87 8.36
N ILE F 382 31.83 43.63 8.85
CA ILE F 382 33.03 42.80 8.82
C ILE F 382 32.91 41.85 7.64
N THR F 383 33.97 41.76 6.84
CA THR F 383 34.02 40.85 5.71
C THR F 383 34.91 39.67 6.06
N LEU F 384 34.40 38.47 5.83
CA LEU F 384 35.12 37.25 6.17
C LEU F 384 35.59 36.54 4.92
N PRO F 385 36.90 36.37 4.72
CA PRO F 385 37.40 35.80 3.48
C PRO F 385 37.11 34.31 3.36
N CYS F 386 36.15 33.92 2.52
CA CYS F 386 35.61 32.58 2.57
C CYS F 386 35.83 31.88 1.22
N ARG F 387 36.79 30.96 1.17
CA ARG F 387 37.07 30.24 -0.06
C ARG F 387 36.09 29.08 -0.25
N ILE F 388 36.29 28.30 -1.30
CA ILE F 388 35.51 27.10 -1.57
C ILE F 388 36.48 25.97 -1.84
N LYS F 389 36.48 24.95 -0.98
CA LYS F 389 37.50 23.93 -1.03
C LYS F 389 36.86 22.58 -1.31
N GLN F 390 37.60 21.70 -1.98
CA GLN F 390 36.99 20.52 -2.58
C GLN F 390 37.71 19.20 -2.36
N ILE F 391 38.78 19.19 -1.59
CA ILE F 391 39.26 17.91 -1.08
C ILE F 391 38.96 17.94 0.41
N ILE F 392 37.80 17.42 0.78
CA ILE F 392 37.24 17.62 2.09
C ILE F 392 37.57 16.42 2.96
N ASN F 393 37.54 16.65 4.26
CA ASN F 393 37.49 15.59 5.23
C ASN F 393 36.03 15.27 5.52
N MET F 394 35.67 14.00 5.44
CA MET F 394 34.33 13.61 5.80
C MET F 394 34.10 13.83 7.29
N TRP F 395 32.90 14.25 7.64
CA TRP F 395 32.51 14.22 9.04
C TRP F 395 31.72 12.98 9.38
N GLN F 396 31.24 12.24 8.37
CA GLN F 396 30.47 11.04 8.62
C GLN F 396 31.33 9.97 9.27
N ARG F 397 32.59 9.91 8.88
CA ARG F 397 33.52 8.89 9.34
C ARG F 397 34.92 9.44 9.10
N ILE F 398 35.91 8.57 9.18
CA ILE F 398 37.28 8.97 8.89
C ILE F 398 37.52 8.70 7.41
N GLY F 399 37.75 9.76 6.66
CA GLY F 399 37.99 9.60 5.24
C GLY F 399 38.22 10.95 4.61
N GLN F 400 38.39 10.94 3.30
CA GLN F 400 38.42 12.16 2.51
C GLN F 400 37.57 11.98 1.27
N ALA F 401 37.03 13.07 0.79
CA ALA F 401 36.19 13.04 -0.39
C ALA F 401 36.61 14.15 -1.34
N MET F 402 36.30 13.95 -2.62
CA MET F 402 36.56 14.93 -3.65
C MET F 402 35.26 15.21 -4.37
N TYR F 403 34.94 16.47 -4.59
CA TYR F 403 33.68 16.83 -5.20
C TYR F 403 33.89 17.47 -6.57
N ALA F 404 32.78 17.77 -7.21
CA ALA F 404 32.78 18.40 -8.52
C ALA F 404 33.30 19.83 -8.41
N PRO F 405 33.82 20.38 -9.51
CA PRO F 405 34.14 21.81 -9.55
C PRO F 405 32.90 22.66 -9.34
N PRO F 406 33.06 23.95 -8.93
CA PRO F 406 31.89 24.74 -8.51
C PRO F 406 30.89 25.07 -9.60
N ILE F 407 29.86 25.81 -9.22
CA ILE F 407 28.68 25.96 -10.02
C ILE F 407 28.79 27.28 -10.79
N GLN F 408 27.83 27.51 -11.68
CA GLN F 408 27.83 28.60 -12.67
C GLN F 408 27.97 29.98 -12.04
N GLY F 409 26.98 30.40 -11.25
CA GLY F 409 26.86 31.80 -10.91
C GLY F 409 26.71 32.16 -9.46
N VAL F 410 25.73 33.00 -9.15
CA VAL F 410 25.61 33.63 -7.85
C VAL F 410 25.09 32.61 -6.84
N ILE F 411 25.74 32.53 -5.68
CA ILE F 411 25.34 31.66 -4.59
C ILE F 411 24.99 32.53 -3.40
N ARG F 412 23.76 32.42 -2.91
CA ARG F 412 23.28 33.20 -1.78
C ARG F 412 23.04 32.29 -0.58
N CYS F 413 23.50 32.73 0.59
CA CYS F 413 23.47 31.90 1.79
C CYS F 413 22.98 32.72 2.98
N VAL F 414 21.84 33.37 2.83
CA VAL F 414 21.25 34.16 3.93
C VAL F 414 20.90 33.25 5.09
N SER F 415 21.52 33.49 6.25
CA SER F 415 21.49 32.53 7.34
C SER F 415 21.20 33.25 8.65
N ASN F 416 21.33 32.50 9.74
CA ASN F 416 21.25 33.04 11.10
C ASN F 416 22.33 32.38 11.93
N ILE F 417 23.23 33.15 12.51
CA ILE F 417 24.11 32.57 13.52
C ILE F 417 23.37 32.56 14.84
N THR F 418 22.89 31.40 15.26
CA THR F 418 22.17 31.28 16.52
C THR F 418 22.97 30.51 17.56
N GLY F 419 24.28 30.43 17.41
CA GLY F 419 25.03 29.62 18.35
C GLY F 419 26.51 29.85 18.21
N LEU F 420 27.24 29.30 19.16
CA LEU F 420 28.69 29.23 19.08
C LEU F 420 29.11 27.88 19.61
N ILE F 421 30.37 27.54 19.37
CA ILE F 421 31.01 26.41 20.02
C ILE F 421 32.38 26.89 20.45
N LEU F 422 32.63 26.96 21.74
CA LEU F 422 33.88 27.48 22.24
C LEU F 422 34.62 26.40 23.00
N THR F 423 35.93 26.61 23.17
CA THR F 423 36.70 25.81 24.13
C THR F 423 37.45 26.77 25.04
N ARG F 424 38.37 26.26 25.84
CA ARG F 424 39.10 27.11 26.76
C ARG F 424 40.59 26.86 26.72
N ASP F 425 41.31 27.50 27.65
CA ASP F 425 42.72 27.25 27.89
C ASP F 425 42.91 27.01 29.38
N GLY F 426 43.47 25.85 29.73
CA GLY F 426 43.72 25.56 31.12
C GLY F 426 44.85 26.40 31.69
N GLY F 427 44.91 26.45 33.02
CA GLY F 427 45.91 27.25 33.70
C GLY F 427 45.63 28.75 33.59
N SER F 428 46.45 29.55 34.27
CA SER F 428 47.57 29.10 35.12
C SER F 428 47.56 29.88 36.42
N THR F 429 48.64 29.77 37.17
CA THR F 429 48.78 30.51 38.42
C THR F 429 49.39 31.87 38.16
N SER F 431 45.72 35.62 38.01
CA SER F 431 44.62 34.68 38.25
C SER F 431 44.49 33.45 37.31
N THR F 432 44.44 33.56 35.96
CA THR F 432 44.69 34.70 35.09
C THR F 432 43.52 34.97 34.18
N THR F 433 43.75 35.79 33.16
CA THR F 433 42.76 36.04 32.11
C THR F 433 42.45 34.76 31.34
N GLU F 434 41.27 34.74 30.72
CA GLU F 434 40.81 33.55 30.02
C GLU F 434 40.69 33.80 28.52
N THR F 435 40.89 32.73 27.76
CA THR F 435 40.98 32.80 26.31
C THR F 435 40.09 31.72 25.71
N PHE F 436 39.16 32.12 24.85
CA PHE F 436 38.11 31.25 24.34
C PHE F 436 38.30 31.04 22.84
N ARG F 437 39.09 30.10 22.48
CA ARG F 437 39.22 29.79 21.07
C ARG F 437 38.01 29.00 20.62
N PRO F 438 37.45 29.30 19.46
CA PRO F 438 36.34 28.49 18.95
C PRO F 438 36.82 27.13 18.50
N GLY F 439 35.87 26.20 18.46
CA GLY F 439 36.14 24.85 18.06
C GLY F 439 34.89 24.22 17.49
N GLY F 440 34.81 22.91 17.49
CA GLY F 440 33.68 22.23 16.93
C GLY F 440 34.13 21.04 16.14
N GLY F 441 33.25 20.53 15.30
CA GLY F 441 33.62 19.41 14.47
C GLY F 441 32.91 18.14 14.86
N ASP F 442 32.76 17.91 16.16
CA ASP F 442 31.90 16.82 16.62
C ASP F 442 30.47 17.21 16.36
N MET F 443 29.84 16.55 15.39
CA MET F 443 28.53 16.99 14.94
C MET F 443 27.43 16.67 15.93
N ARG F 444 27.67 15.80 16.90
CA ARG F 444 26.67 15.58 17.92
C ARG F 444 26.52 16.76 18.85
N ASP F 445 27.53 17.63 18.93
CA ASP F 445 27.35 18.91 19.59
C ASP F 445 26.37 19.81 18.85
N ASN F 446 26.15 19.57 17.56
CA ASN F 446 25.07 20.27 16.89
C ASN F 446 23.72 19.73 17.32
N TRP F 447 23.65 18.49 17.77
CA TRP F 447 22.35 17.90 18.07
C TRP F 447 22.12 17.78 19.55
N ARG F 448 23.06 18.26 20.37
CA ARG F 448 22.78 18.55 21.75
C ARG F 448 22.47 20.01 21.95
N SER F 449 22.08 20.70 20.88
CA SER F 449 21.60 22.05 20.94
C SER F 449 20.15 22.16 20.54
N GLU F 450 19.57 21.11 19.97
CA GLU F 450 18.20 21.15 19.52
C GLU F 450 17.39 19.97 20.03
N LEU F 451 18.04 18.85 20.35
CA LEU F 451 17.47 17.79 21.16
C LEU F 451 17.77 17.99 22.64
N TYR F 452 17.90 19.23 23.05
CA TYR F 452 18.26 19.66 24.38
C TYR F 452 17.13 19.53 25.38
N LYS F 453 15.91 19.77 24.97
CA LYS F 453 14.77 19.85 25.87
C LYS F 453 14.10 18.51 26.13
N TYR F 454 14.50 17.44 25.46
CA TYR F 454 13.64 16.28 25.29
C TYR F 454 14.16 15.10 26.07
N LYS F 455 13.32 14.07 26.15
CA LYS F 455 13.56 12.83 26.87
C LYS F 455 12.48 11.85 26.45
N VAL F 456 12.82 10.58 26.33
CA VAL F 456 11.89 9.57 25.85
C VAL F 456 11.52 8.67 27.02
N VAL F 457 10.22 8.51 27.27
CA VAL F 457 9.74 7.69 28.36
C VAL F 457 8.80 6.63 27.82
N LYS F 458 8.64 5.57 28.60
CA LYS F 458 7.72 4.49 28.30
C LYS F 458 6.54 4.58 29.24
N ILE F 459 5.33 4.48 28.71
CA ILE F 459 4.13 4.64 29.50
C ILE F 459 3.64 3.26 29.96
N GLU F 460 3.71 3.02 31.27
CA GLU F 460 3.20 1.77 31.84
C GLU F 460 1.90 2.06 32.58
N PRO F 461 0.75 1.71 32.03
CA PRO F 461 -0.53 2.20 32.55
C PRO F 461 -1.22 1.33 33.57
N LEU F 462 -0.56 0.31 34.11
CA LEU F 462 -1.24 -0.76 34.84
C LEU F 462 -0.78 -0.76 36.29
N GLY F 463 -1.69 -0.47 37.23
CA GLY F 463 -1.33 -0.39 38.62
C GLY F 463 -2.36 -1.08 39.50
N VAL F 464 -1.93 -1.39 40.73
CA VAL F 464 -2.79 -2.06 41.70
C VAL F 464 -2.82 -1.25 42.99
N ALA F 465 -3.86 -1.48 43.79
CA ALA F 465 -4.18 -0.58 44.90
C ALA F 465 -5.13 -1.30 45.84
N PRO F 466 -5.34 -0.77 47.05
CA PRO F 466 -6.41 -1.29 47.91
C PRO F 466 -7.81 -0.88 47.46
N THR F 467 -8.81 -1.41 48.16
CA THR F 467 -10.21 -1.09 47.90
C THR F 467 -10.97 -0.92 49.20
N ARG F 468 -12.28 -0.67 49.04
CA ARG F 468 -13.26 -0.86 50.09
C ARG F 468 -14.49 -1.56 49.49
N CYS F 469 -14.25 -2.56 48.65
CA CYS F 469 -15.33 -3.28 47.98
C CYS F 469 -16.12 -4.19 48.93
N LYS G 1 -19.53 -55.90 -18.39
CA LYS G 1 -18.68 -56.45 -19.44
C LYS G 1 -19.13 -56.01 -20.81
N LYS G 2 -18.19 -55.98 -21.75
CA LYS G 2 -18.53 -55.78 -23.16
C LYS G 2 -17.72 -56.76 -23.98
N VAL G 3 -18.20 -57.03 -25.20
CA VAL G 3 -17.52 -57.91 -26.13
C VAL G 3 -17.35 -57.17 -27.45
N VAL G 4 -16.11 -57.05 -27.90
CA VAL G 4 -15.79 -56.37 -29.15
C VAL G 4 -14.96 -57.33 -30.01
N LEU G 5 -15.40 -57.52 -31.25
CA LEU G 5 -14.78 -58.46 -32.18
C LEU G 5 -13.95 -57.73 -33.23
N GLY G 6 -12.92 -58.39 -33.71
CA GLY G 6 -12.18 -57.94 -34.88
C GLY G 6 -11.83 -59.13 -35.74
N LYS G 7 -11.27 -58.85 -36.91
CA LYS G 7 -10.90 -59.93 -37.82
C LYS G 7 -9.39 -60.11 -37.95
N LYS G 8 -8.68 -59.10 -38.45
CA LYS G 8 -7.22 -59.10 -38.59
C LYS G 8 -6.78 -57.72 -39.05
N GLY G 9 -5.65 -57.25 -38.53
CA GLY G 9 -4.98 -56.09 -39.12
C GLY G 9 -5.55 -54.71 -38.87
N ASP G 10 -6.86 -54.56 -39.00
CA ASP G 10 -7.51 -53.26 -38.87
C ASP G 10 -7.48 -52.78 -37.42
N THR G 11 -7.75 -51.48 -37.26
CA THR G 11 -7.79 -50.88 -35.94
C THR G 11 -9.01 -51.37 -35.17
N VAL G 12 -8.89 -51.35 -33.85
CA VAL G 12 -10.03 -51.65 -32.99
C VAL G 12 -9.97 -50.70 -31.81
N GLU G 13 -11.15 -50.31 -31.33
CA GLU G 13 -11.29 -49.28 -30.32
C GLU G 13 -12.03 -49.83 -29.11
N LEU G 14 -11.44 -49.67 -27.95
CA LEU G 14 -12.06 -49.95 -26.67
C LEU G 14 -12.16 -48.64 -25.91
N THR G 15 -13.07 -48.57 -24.94
CA THR G 15 -13.29 -47.32 -24.23
C THR G 15 -13.37 -47.52 -22.72
N CYS G 16 -12.75 -46.61 -21.97
CA CYS G 16 -13.21 -46.28 -20.64
C CYS G 16 -14.14 -45.08 -20.76
N THR G 17 -14.78 -44.72 -19.65
CA THR G 17 -15.50 -43.45 -19.56
C THR G 17 -15.60 -43.06 -18.10
N ALA G 18 -15.11 -41.89 -17.75
CA ALA G 18 -15.36 -41.31 -16.45
C ALA G 18 -16.50 -40.31 -16.56
N SER G 19 -17.02 -39.90 -15.40
CA SER G 19 -18.16 -39.00 -15.33
C SER G 19 -17.80 -37.73 -14.57
N GLN G 20 -16.62 -37.16 -14.85
CA GLN G 20 -16.18 -35.95 -14.19
C GLN G 20 -15.63 -34.89 -15.13
N LYS G 21 -15.22 -35.25 -16.35
CA LYS G 21 -14.60 -34.36 -17.35
C LYS G 21 -13.33 -33.71 -16.80
N LYS G 22 -12.42 -34.54 -16.26
CA LYS G 22 -11.29 -34.00 -15.52
C LYS G 22 -9.92 -34.54 -15.93
N SER G 23 -9.85 -35.48 -16.87
CA SER G 23 -8.60 -36.12 -17.33
C SER G 23 -7.84 -36.78 -16.17
N ILE G 24 -8.53 -37.63 -15.44
CA ILE G 24 -7.96 -38.31 -14.30
C ILE G 24 -7.16 -39.51 -14.76
N GLN G 25 -6.38 -40.10 -13.85
CA GLN G 25 -5.45 -41.15 -14.20
C GLN G 25 -6.19 -42.46 -14.45
N PHE G 26 -5.83 -43.15 -15.53
CA PHE G 26 -6.38 -44.46 -15.85
C PHE G 26 -5.24 -45.41 -16.17
N HIS G 27 -5.58 -46.69 -16.26
CA HIS G 27 -4.66 -47.70 -16.75
C HIS G 27 -5.42 -48.78 -17.48
N TRP G 28 -4.84 -49.29 -18.55
CA TRP G 28 -5.40 -50.41 -19.31
C TRP G 28 -4.50 -51.61 -19.10
N LYS G 29 -5.08 -52.69 -18.57
CA LYS G 29 -4.36 -53.93 -18.29
C LYS G 29 -5.01 -55.08 -19.02
N ASN G 30 -4.42 -56.26 -18.88
CA ASN G 30 -5.02 -57.48 -19.43
C ASN G 30 -5.33 -58.45 -18.28
N SER G 31 -5.67 -59.69 -18.67
CA SER G 31 -6.09 -60.69 -17.68
C SER G 31 -4.94 -61.12 -16.79
N ASN G 32 -3.73 -61.20 -17.32
CA ASN G 32 -2.57 -61.62 -16.54
C ASN G 32 -1.92 -60.46 -15.81
N GLN G 33 -2.59 -59.31 -15.73
CA GLN G 33 -2.14 -58.11 -15.03
C GLN G 33 -0.83 -57.58 -15.60
N ILE G 34 -0.71 -57.60 -16.92
CA ILE G 34 0.36 -56.92 -17.64
C ILE G 34 -0.21 -55.59 -18.11
N LYS G 35 0.57 -54.52 -17.98
CA LYS G 35 0.08 -53.22 -18.39
C LYS G 35 0.05 -53.10 -19.90
N ILE G 36 -0.92 -52.36 -20.40
CA ILE G 36 -1.05 -52.04 -21.82
C ILE G 36 -0.94 -50.54 -22.05
N LEU G 37 -1.66 -49.76 -21.27
CA LEU G 37 -1.48 -48.32 -21.31
C LEU G 37 -1.53 -47.72 -19.93
N GLY G 38 -0.98 -46.52 -19.82
CA GLY G 38 -1.09 -45.77 -18.61
C GLY G 38 -1.03 -44.27 -18.85
N ASN G 39 -2.03 -43.57 -18.35
CA ASN G 39 -1.92 -42.14 -18.20
C ASN G 39 -0.93 -41.83 -17.09
N GLN G 40 -0.01 -40.89 -17.34
CA GLN G 40 0.85 -40.38 -16.29
C GLN G 40 0.77 -38.87 -16.40
N GLY G 41 -0.12 -38.27 -15.62
CA GLY G 41 -0.35 -36.84 -15.73
C GLY G 41 -1.02 -36.52 -17.04
N SER G 42 -0.27 -35.94 -17.96
CA SER G 42 -0.74 -35.75 -19.32
C SER G 42 0.21 -36.40 -20.32
N PHE G 43 0.84 -37.49 -19.91
CA PHE G 43 1.78 -38.24 -20.74
C PHE G 43 1.27 -39.66 -20.91
N LEU G 44 1.79 -40.34 -21.91
CA LEU G 44 1.39 -41.70 -22.24
C LEU G 44 2.51 -42.66 -21.89
N THR G 45 2.18 -43.79 -21.30
CA THR G 45 3.17 -44.84 -21.05
C THR G 45 2.67 -46.16 -21.57
N LYS G 46 3.48 -46.84 -22.37
CA LYS G 46 3.15 -48.17 -22.83
C LYS G 46 3.55 -49.18 -21.76
N GLY G 47 3.48 -50.45 -22.09
CA GLY G 47 3.78 -51.48 -21.14
C GLY G 47 4.61 -52.58 -21.76
N PRO G 48 5.27 -53.38 -20.95
CA PRO G 48 6.14 -54.43 -21.48
C PRO G 48 5.36 -55.65 -21.95
N SER G 49 4.60 -55.48 -23.02
CA SER G 49 3.78 -56.57 -23.53
C SER G 49 3.95 -56.71 -25.04
N LYS G 50 3.12 -57.56 -25.65
CA LYS G 50 3.13 -57.70 -27.10
C LYS G 50 2.44 -56.54 -27.79
N LEU G 51 1.66 -55.75 -27.07
CA LEU G 51 1.06 -54.53 -27.59
C LEU G 51 1.89 -53.30 -27.22
N ASN G 52 3.21 -53.48 -27.08
CA ASN G 52 4.08 -52.35 -26.78
C ASN G 52 4.16 -51.39 -27.95
N ASP G 53 4.16 -51.91 -29.17
CA ASP G 53 4.28 -51.09 -30.36
C ASP G 53 2.95 -50.81 -31.04
N ARG G 54 1.94 -51.62 -30.79
CA ARG G 54 0.74 -51.61 -31.61
C ARG G 54 -0.44 -50.93 -30.92
N ALA G 55 -0.30 -50.52 -29.67
CA ALA G 55 -1.38 -49.87 -28.94
C ALA G 55 -1.22 -48.36 -28.97
N ASP G 56 -2.34 -47.66 -28.91
CA ASP G 56 -2.34 -46.21 -28.98
C ASP G 56 -3.65 -45.70 -28.41
N SER G 57 -3.66 -44.44 -28.00
CA SER G 57 -4.85 -43.79 -27.50
C SER G 57 -4.90 -42.37 -28.05
N ARG G 58 -6.12 -41.90 -28.30
CA ARG G 58 -6.31 -40.52 -28.74
C ARG G 58 -6.10 -39.60 -27.56
N ARG G 59 -5.07 -38.77 -27.65
CA ARG G 59 -4.65 -37.99 -26.49
C ARG G 59 -5.60 -36.84 -26.20
N SER G 60 -6.15 -36.22 -27.23
CA SER G 60 -6.98 -35.03 -27.05
C SER G 60 -8.34 -35.33 -26.43
N LEU G 61 -8.75 -36.59 -26.38
CA LEU G 61 -10.04 -36.94 -25.80
C LEU G 61 -9.99 -37.06 -24.29
N TRP G 62 -8.81 -37.00 -23.67
CA TRP G 62 -8.71 -37.25 -22.25
C TRP G 62 -9.31 -36.12 -21.44
N ASP G 63 -9.29 -34.90 -21.96
CA ASP G 63 -9.89 -33.77 -21.25
C ASP G 63 -11.41 -33.87 -21.18
N GLN G 64 -12.03 -34.64 -22.07
CA GLN G 64 -13.46 -34.88 -22.03
C GLN G 64 -13.81 -36.17 -21.32
N GLY G 65 -12.89 -36.74 -20.56
CA GLY G 65 -13.14 -37.93 -19.79
C GLY G 65 -12.97 -39.23 -20.56
N ASN G 66 -13.23 -39.23 -21.87
CA ASN G 66 -13.18 -40.45 -22.66
C ASN G 66 -11.75 -40.94 -22.81
N PHE G 67 -11.52 -42.19 -22.46
CA PHE G 67 -10.18 -42.79 -22.39
C PHE G 67 -10.15 -43.97 -23.34
N PRO G 68 -9.85 -43.77 -24.61
CA PRO G 68 -9.92 -44.85 -25.58
C PRO G 68 -8.64 -45.67 -25.60
N LEU G 69 -8.74 -46.82 -26.24
CA LEU G 69 -7.61 -47.68 -26.57
C LEU G 69 -7.76 -48.09 -28.02
N ILE G 70 -6.71 -47.89 -28.81
CA ILE G 70 -6.74 -48.19 -30.23
C ILE G 70 -5.62 -49.18 -30.50
N ILE G 71 -6.00 -50.38 -30.90
CA ILE G 71 -5.03 -51.43 -31.25
C ILE G 71 -4.99 -51.55 -32.76
N LYS G 72 -3.78 -51.57 -33.31
CA LYS G 72 -3.58 -51.80 -34.73
C LYS G 72 -2.86 -53.13 -34.94
N ASN G 73 -3.03 -53.67 -36.15
CA ASN G 73 -2.45 -54.95 -36.58
C ASN G 73 -2.90 -56.09 -35.66
N LEU G 74 -4.20 -56.35 -35.72
CA LEU G 74 -4.83 -57.40 -34.91
C LEU G 74 -4.33 -58.77 -35.33
N LYS G 75 -3.50 -59.38 -34.50
CA LYS G 75 -3.05 -60.75 -34.70
C LYS G 75 -3.89 -61.70 -33.86
N ILE G 76 -3.56 -62.98 -33.93
CA ILE G 76 -4.32 -63.99 -33.21
C ILE G 76 -4.01 -63.97 -31.72
N GLU G 77 -2.87 -63.41 -31.32
CA GLU G 77 -2.45 -63.41 -29.94
C GLU G 77 -2.95 -62.19 -29.16
N ASP G 78 -3.97 -61.51 -29.66
CA ASP G 78 -4.51 -60.32 -29.03
C ASP G 78 -5.99 -60.49 -28.74
N SER G 79 -6.36 -61.65 -28.20
CA SER G 79 -7.74 -61.96 -27.83
C SER G 79 -7.77 -62.25 -26.35
N ASP G 80 -8.00 -61.21 -25.54
CA ASP G 80 -7.94 -61.37 -24.09
C ASP G 80 -8.75 -60.25 -23.47
N THR G 81 -9.15 -60.47 -22.21
CA THR G 81 -9.95 -59.49 -21.49
C THR G 81 -9.09 -58.30 -21.10
N TYR G 82 -9.50 -57.12 -21.53
CA TYR G 82 -8.79 -55.89 -21.23
C TYR G 82 -9.60 -55.07 -20.24
N ILE G 83 -8.89 -54.45 -19.30
CA ILE G 83 -9.47 -53.92 -18.08
C ILE G 83 -9.11 -52.45 -17.97
N CYS G 84 -10.13 -51.60 -17.94
CA CYS G 84 -9.99 -50.25 -17.44
C CYS G 84 -9.87 -50.25 -15.93
N GLU G 85 -8.90 -49.51 -15.42
CA GLU G 85 -8.90 -49.09 -14.03
C GLU G 85 -8.87 -47.57 -14.05
N VAL G 86 -9.97 -46.94 -13.62
CA VAL G 86 -9.98 -45.49 -13.67
C VAL G 86 -9.95 -44.91 -12.27
N GLU G 87 -11.01 -45.13 -11.49
CA GLU G 87 -10.97 -44.86 -10.06
C GLU G 87 -11.33 -46.11 -9.27
N ASP G 88 -12.50 -46.66 -9.53
CA ASP G 88 -12.87 -48.00 -9.09
C ASP G 88 -13.59 -48.80 -10.16
N GLN G 89 -14.07 -48.17 -11.22
CA GLN G 89 -14.89 -48.83 -12.23
C GLN G 89 -13.98 -49.68 -13.11
N LYS G 90 -13.61 -50.84 -12.60
CA LYS G 90 -12.72 -51.76 -13.29
C LYS G 90 -13.50 -52.40 -14.43
N GLU G 91 -13.56 -51.67 -15.54
CA GLU G 91 -14.39 -52.09 -16.67
C GLU G 91 -13.70 -53.20 -17.44
N GLU G 92 -14.47 -54.19 -17.86
CA GLU G 92 -13.90 -55.33 -18.57
C GLU G 92 -14.53 -55.44 -19.94
N VAL G 93 -13.69 -55.40 -20.97
CA VAL G 93 -14.10 -55.73 -22.32
C VAL G 93 -13.32 -56.96 -22.74
N GLN G 94 -13.83 -57.64 -23.77
CA GLN G 94 -13.20 -58.84 -24.27
C GLN G 94 -13.05 -58.71 -25.78
N LEU G 95 -11.82 -58.82 -26.26
CA LEU G 95 -11.53 -58.62 -27.67
C LEU G 95 -11.45 -59.97 -28.36
N LEU G 96 -12.03 -60.06 -29.56
CA LEU G 96 -12.09 -61.30 -30.31
C LEU G 96 -11.51 -61.09 -31.71
N VAL G 97 -10.59 -61.97 -32.09
CA VAL G 97 -9.93 -61.88 -33.39
C VAL G 97 -10.36 -63.04 -34.28
N LYS H 1 51.09 4.20 34.86
CA LYS H 1 52.06 5.11 34.27
C LYS H 1 52.97 4.38 33.30
N LYS H 2 53.51 5.12 32.34
CA LYS H 2 54.57 4.60 31.48
C LYS H 2 55.65 5.66 31.33
N VAL H 3 56.84 5.22 30.97
CA VAL H 3 57.97 6.12 30.75
C VAL H 3 58.54 5.83 29.37
N VAL H 4 58.59 6.85 28.52
CA VAL H 4 59.12 6.74 27.16
C VAL H 4 60.20 7.79 26.98
N LEU H 5 61.37 7.36 26.53
CA LEU H 5 62.53 8.23 26.37
C LEU H 5 62.77 8.56 24.90
N GLY H 6 63.35 9.73 24.66
CA GLY H 6 63.85 10.08 23.36
C GLY H 6 65.17 10.82 23.52
N LYS H 7 65.82 11.09 22.38
CA LYS H 7 67.10 11.79 22.43
C LYS H 7 67.02 13.21 21.89
N LYS H 8 66.67 13.38 20.61
CA LYS H 8 66.51 14.67 19.96
C LYS H 8 65.99 14.44 18.55
N GLY H 9 65.09 15.30 18.11
CA GLY H 9 64.74 15.37 16.69
C GLY H 9 63.84 14.30 16.11
N ASP H 10 64.11 13.03 16.43
CA ASP H 10 63.37 11.92 15.87
C ASP H 10 61.93 11.88 16.41
N THR H 11 61.09 11.11 15.72
CA THR H 11 59.71 10.95 16.12
C THR H 11 59.62 10.14 17.39
N VAL H 12 58.56 10.36 18.15
CA VAL H 12 58.28 9.55 19.32
C VAL H 12 56.77 9.31 19.36
N GLU H 13 56.39 8.13 19.84
CA GLU H 13 55.01 7.67 19.80
C GLU H 13 54.53 7.35 21.20
N LEU H 14 53.40 7.93 21.57
CA LEU H 14 52.69 7.62 22.79
C LEU H 14 51.34 7.05 22.41
N THR H 15 50.71 6.30 23.29
CA THR H 15 49.45 5.64 22.94
C THR H 15 48.40 5.80 24.03
N CYS H 16 47.17 6.05 23.61
CA CYS H 16 46.00 5.62 24.37
C CYS H 16 45.57 4.27 23.84
N THR H 17 44.61 3.65 24.52
CA THR H 17 43.93 2.47 23.97
C THR H 17 42.57 2.36 24.65
N ALA H 18 41.51 2.34 23.85
CA ALA H 18 40.18 1.99 24.34
C ALA H 18 39.90 0.53 24.02
N SER H 19 38.85 0.01 24.65
CA SER H 19 38.48 -1.39 24.52
C SER H 19 37.08 -1.53 23.96
N GLN H 20 36.74 -0.75 22.94
CA GLN H 20 35.43 -0.79 22.33
C GLN H 20 35.44 -0.84 20.81
N LYS H 21 36.54 -0.44 20.17
CA LYS H 21 36.67 -0.34 18.70
C LYS H 21 35.62 0.58 18.08
N LYS H 22 35.51 1.79 18.63
CA LYS H 22 34.40 2.67 18.28
C LYS H 22 34.78 4.09 17.86
N SER H 23 36.06 4.46 17.91
CA SER H 23 36.56 5.80 17.58
C SER H 23 35.89 6.88 18.44
N ILE H 24 35.94 6.68 19.74
CA ILE H 24 35.33 7.60 20.69
C ILE H 24 36.26 8.79 20.94
N GLN H 25 35.73 9.82 21.58
CA GLN H 25 36.45 11.07 21.74
C GLN H 25 37.56 10.94 22.77
N PHE H 26 38.75 11.44 22.45
CA PHE H 26 39.86 11.48 23.37
C PHE H 26 40.47 12.86 23.39
N HIS H 27 41.35 13.09 24.36
CA HIS H 27 42.15 14.32 24.38
C HIS H 27 43.51 14.00 24.99
N TRP H 28 44.54 14.64 24.47
CA TRP H 28 45.89 14.53 25.00
C TRP H 28 46.27 15.87 25.60
N LYS H 29 46.59 15.86 26.88
CA LYS H 29 46.96 17.07 27.63
C LYS H 29 48.34 16.88 28.25
N ASN H 30 48.81 17.92 28.91
CA ASN H 30 50.06 17.86 29.66
C ASN H 30 49.80 18.10 31.14
N SER H 31 50.89 18.28 31.90
CA SER H 31 50.78 18.41 33.35
C SER H 31 50.11 19.72 33.75
N ASN H 32 50.35 20.79 33.01
CA ASN H 32 49.77 22.09 33.31
C ASN H 32 48.39 22.26 32.70
N GLN H 33 47.78 21.17 32.23
CA GLN H 33 46.43 21.13 31.64
C GLN H 33 46.32 22.04 30.42
N ILE H 34 47.35 22.03 29.59
CA ILE H 34 47.32 22.63 28.26
C ILE H 34 47.01 21.52 27.27
N LYS H 35 46.13 21.78 26.32
CA LYS H 35 45.78 20.75 25.36
C LYS H 35 46.90 20.53 24.36
N ILE H 36 47.06 19.28 23.93
CA ILE H 36 48.00 18.89 22.90
C ILE H 36 47.29 18.34 21.68
N LEU H 37 46.35 17.43 21.89
CA LEU H 37 45.50 16.98 20.80
C LEU H 37 44.07 16.83 21.25
N GLY H 38 43.18 16.82 20.26
CA GLY H 38 41.81 16.52 20.53
C GLY H 38 41.10 15.92 19.34
N ASN H 39 40.48 14.78 19.55
CA ASN H 39 39.50 14.27 18.60
C ASN H 39 38.27 15.16 18.68
N GLN H 40 37.74 15.56 17.53
CA GLN H 40 36.45 16.22 17.46
C GLN H 40 35.66 15.50 16.39
N GLY H 41 34.86 14.52 16.80
CA GLY H 41 34.15 13.71 15.84
C GLY H 41 35.12 12.83 15.08
N SER H 42 35.37 13.17 13.82
CA SER H 42 36.42 12.53 13.05
C SER H 42 37.40 13.57 12.51
N PHE H 43 37.61 14.64 13.28
CA PHE H 43 38.51 15.72 12.93
C PHE H 43 39.57 15.85 14.00
N LEU H 44 40.66 16.50 13.65
CA LEU H 44 41.80 16.68 14.54
C LEU H 44 41.87 18.13 14.98
N THR H 45 42.15 18.37 16.26
CA THR H 45 42.37 19.73 16.74
C THR H 45 43.65 19.78 17.54
N LYS H 46 44.52 20.73 17.19
CA LYS H 46 45.73 20.95 17.97
C LYS H 46 45.40 21.83 19.16
N GLY H 47 46.43 22.28 19.86
CA GLY H 47 46.23 23.09 21.03
C GLY H 47 47.20 24.22 21.09
N PRO H 48 46.90 25.23 21.88
CA PRO H 48 47.78 26.42 21.94
C PRO H 48 49.01 26.19 22.80
N SER H 49 49.90 25.32 22.34
CA SER H 49 51.10 25.00 23.09
C SER H 49 52.33 25.06 22.21
N LYS H 50 53.47 24.62 22.75
CA LYS H 50 54.69 24.54 21.95
C LYS H 50 54.68 23.36 20.99
N LEU H 51 53.80 22.38 21.21
CA LEU H 51 53.59 21.28 20.27
C LEU H 51 52.43 21.55 19.33
N ASN H 52 52.18 22.82 19.01
CA ASN H 52 51.12 23.15 18.08
C ASN H 52 51.46 22.70 16.68
N ASP H 53 52.73 22.81 16.29
CA ASP H 53 53.16 22.46 14.95
C ASP H 53 53.78 21.08 14.86
N ARG H 54 54.25 20.53 15.97
CA ARG H 54 55.11 19.36 15.94
C ARG H 54 54.40 18.08 16.35
N ALA H 55 53.14 18.16 16.78
CA ALA H 55 52.39 16.99 17.19
C ALA H 55 51.50 16.49 16.06
N ASP H 56 51.26 15.19 16.05
CA ASP H 56 50.46 14.57 15.01
C ASP H 56 49.97 13.23 15.52
N SER H 57 48.90 12.73 14.90
CA SER H 57 48.35 11.43 15.22
C SER H 57 47.95 10.72 13.93
N ARG H 58 48.12 9.41 13.92
CA ARG H 58 47.69 8.62 12.78
C ARG H 58 46.18 8.53 12.77
N ARG H 59 45.55 9.09 11.75
CA ARG H 59 44.11 9.25 11.75
C ARG H 59 43.39 7.95 11.50
N SER H 60 43.94 7.08 10.66
CA SER H 60 43.25 5.86 10.28
C SER H 60 43.20 4.81 11.39
N LEU H 61 43.98 4.99 12.45
CA LEU H 61 43.96 4.03 13.54
C LEU H 61 42.84 4.26 14.54
N TRP H 62 42.11 5.37 14.41
CA TRP H 62 41.11 5.70 15.41
C TRP H 62 39.93 4.76 15.36
N ASP H 63 39.61 4.21 14.19
CA ASP H 63 38.51 3.26 14.07
C ASP H 63 38.80 1.95 14.78
N GLN H 64 40.07 1.63 15.01
CA GLN H 64 40.45 0.44 15.76
C GLN H 64 40.72 0.74 17.22
N GLY H 65 40.27 1.88 17.72
CA GLY H 65 40.42 2.24 19.11
C GLY H 65 41.74 2.86 19.47
N ASN H 66 42.83 2.50 18.78
CA ASN H 66 44.16 2.99 19.11
C ASN H 66 44.29 4.47 18.79
N PHE H 67 44.71 5.24 19.79
CA PHE H 67 44.75 6.70 19.72
C PHE H 67 46.20 7.14 19.95
N PRO H 68 47.01 7.19 18.91
CA PRO H 68 48.43 7.50 19.10
C PRO H 68 48.68 9.00 19.16
N LEU H 69 49.88 9.33 19.59
CA LEU H 69 50.43 10.68 19.55
C LEU H 69 51.84 10.57 19.01
N ILE H 70 52.14 11.35 17.98
CA ILE H 70 53.43 11.32 17.33
C ILE H 70 54.02 12.71 17.41
N ILE H 71 55.11 12.85 18.15
CA ILE H 71 55.81 14.13 18.27
C ILE H 71 57.07 14.07 17.42
N LYS H 72 57.29 15.11 16.63
CA LYS H 72 58.50 15.25 15.85
C LYS H 72 59.31 16.43 16.36
N ASN H 73 60.61 16.40 16.06
CA ASN H 73 61.59 17.41 16.46
C ASN H 73 61.63 17.59 17.98
N LEU H 74 62.07 16.51 18.63
CA LEU H 74 62.17 16.47 20.09
C LEU H 74 63.21 17.47 20.58
N LYS H 75 62.76 18.55 21.20
CA LYS H 75 63.63 19.50 21.83
C LYS H 75 63.68 19.24 23.33
N ILE H 76 64.43 20.08 24.05
CA ILE H 76 64.61 19.87 25.48
C ILE H 76 63.37 20.30 26.26
N GLU H 77 62.50 21.12 25.67
CA GLU H 77 61.32 21.65 26.34
C GLU H 77 60.10 20.75 26.17
N ASP H 78 60.28 19.50 25.80
CA ASP H 78 59.19 18.57 25.57
C ASP H 78 59.34 17.34 26.44
N SER H 79 59.67 17.54 27.71
CA SER H 79 59.83 16.46 28.68
C SER H 79 58.83 16.72 29.81
N ASP H 80 57.64 16.16 29.68
CA ASP H 80 56.58 16.41 30.64
C ASP H 80 55.58 15.26 30.56
N THR H 81 54.80 15.13 31.64
CA THR H 81 53.81 14.06 31.71
C THR H 81 52.64 14.37 30.79
N TYR H 82 52.36 13.46 29.88
CA TYR H 82 51.27 13.60 28.92
C TYR H 82 50.16 12.63 29.29
N ILE H 83 48.92 13.11 29.15
CA ILE H 83 47.77 12.47 29.75
C ILE H 83 46.74 12.18 28.66
N CYS H 84 46.42 10.91 28.50
CA CYS H 84 45.20 10.51 27.81
C CYS H 84 44.00 10.77 28.69
N GLU H 85 42.98 11.38 28.12
CA GLU H 85 41.63 11.35 28.67
C GLU H 85 40.75 10.72 27.60
N VAL H 86 40.25 9.52 27.85
CA VAL H 86 39.44 8.87 26.82
C VAL H 86 37.99 8.80 27.27
N GLU H 87 37.71 8.01 28.29
CA GLU H 87 36.42 8.06 28.98
C GLU H 87 36.60 8.35 30.45
N ASP H 88 37.35 7.52 31.14
CA ASP H 88 37.86 7.79 32.48
C ASP H 88 39.30 7.38 32.65
N GLN H 89 39.86 6.56 31.76
CA GLN H 89 41.21 6.01 31.92
C GLN H 89 42.22 7.10 31.62
N LYS H 90 42.42 7.97 32.59
CA LYS H 90 43.34 9.11 32.45
C LYS H 90 44.76 8.56 32.50
N GLU H 91 45.22 8.08 31.35
CA GLU H 91 46.50 7.40 31.27
C GLU H 91 47.64 8.42 31.31
N GLU H 92 48.69 8.11 32.02
CA GLU H 92 49.81 9.02 32.15
C GLU H 92 51.08 8.37 31.64
N VAL H 93 51.71 9.02 30.67
CA VAL H 93 53.04 8.65 30.23
C VAL H 93 53.95 9.83 30.51
N GLN H 94 55.25 9.55 30.56
CA GLN H 94 56.24 10.59 30.83
C GLN H 94 57.31 10.51 29.76
N LEU H 95 57.52 11.61 29.08
CA LEU H 95 58.46 11.67 27.97
C LEU H 95 59.78 12.24 28.45
N LEU H 96 60.88 11.63 28.00
CA LEU H 96 62.22 12.03 28.42
C LEU H 96 63.08 12.33 27.20
N VAL H 97 63.72 13.49 27.21
CA VAL H 97 64.56 13.92 26.10
C VAL H 97 66.03 13.94 26.52
N LYS I 1 -39.76 47.53 -1.19
CA LYS I 1 -40.02 47.98 -2.55
C LYS I 1 -39.01 49.02 -2.98
N LYS I 2 -38.80 49.11 -4.29
CA LYS I 2 -38.02 50.20 -4.86
C LYS I 2 -38.74 50.71 -6.10
N VAL I 3 -38.43 51.95 -6.47
CA VAL I 3 -39.01 52.57 -7.66
C VAL I 3 -37.86 53.08 -8.53
N VAL I 4 -37.81 52.62 -9.77
CA VAL I 4 -36.77 53.02 -10.72
C VAL I 4 -37.46 53.54 -11.98
N LEU I 5 -37.09 54.74 -12.42
CA LEU I 5 -37.70 55.40 -13.56
C LEU I 5 -36.78 55.35 -14.77
N GLY I 6 -37.41 55.36 -15.95
CA GLY I 6 -36.68 55.54 -17.19
C GLY I 6 -37.49 56.44 -18.11
N LYS I 7 -36.90 56.81 -19.24
CA LYS I 7 -37.59 57.68 -20.17
C LYS I 7 -37.99 56.96 -21.46
N LYS I 8 -37.03 56.47 -22.23
CA LYS I 8 -37.24 55.71 -23.46
C LYS I 8 -35.90 55.21 -23.96
N GLY I 9 -35.89 53.99 -24.49
CA GLY I 9 -34.74 53.53 -25.27
C GLY I 9 -33.48 53.12 -24.55
N ASP I 10 -33.04 53.91 -23.57
CA ASP I 10 -31.81 53.66 -22.86
C ASP I 10 -31.92 52.43 -21.96
N THR I 11 -30.76 51.93 -21.53
CA THR I 11 -30.72 50.78 -20.64
C THR I 11 -31.22 51.16 -19.26
N VAL I 12 -31.73 50.18 -18.54
CA VAL I 12 -32.12 50.37 -17.16
C VAL I 12 -31.72 49.12 -16.39
N GLU I 13 -31.33 49.30 -15.15
CA GLU I 13 -30.75 48.25 -14.33
C GLU I 13 -31.56 48.09 -13.05
N LEU I 14 -31.99 46.85 -12.79
CA LEU I 14 -32.62 46.45 -11.56
C LEU I 14 -31.71 45.43 -10.89
N THR I 15 -31.84 45.26 -9.58
CA THR I 15 -30.93 44.37 -8.86
C THR I 15 -31.68 43.45 -7.90
N CYS I 16 -31.26 42.19 -7.85
CA CYS I 16 -31.37 41.40 -6.65
C CYS I 16 -30.07 41.52 -5.88
N THR I 17 -30.05 40.98 -4.66
CA THR I 17 -28.81 40.81 -3.92
C THR I 17 -29.00 39.69 -2.92
N ALA I 18 -28.15 38.67 -2.98
CA ALA I 18 -28.08 37.67 -1.93
C ALA I 18 -26.92 37.99 -1.02
N SER I 19 -26.90 37.33 0.13
CA SER I 19 -25.90 37.57 1.16
C SER I 19 -25.10 36.30 1.46
N GLN I 20 -24.70 35.58 0.41
CA GLN I 20 -23.94 34.35 0.58
C GLN I 20 -22.72 34.24 -0.32
N LYS I 21 -22.66 35.01 -1.43
CA LYS I 21 -21.60 34.96 -2.44
C LYS I 21 -21.46 33.56 -3.05
N LYS I 22 -22.57 33.00 -3.51
CA LYS I 22 -22.59 31.60 -3.91
C LYS I 22 -23.17 31.31 -5.29
N SER I 23 -23.68 32.32 -6.01
CA SER I 23 -24.31 32.17 -7.33
C SER I 23 -25.49 31.20 -7.29
N ILE I 24 -26.41 31.45 -6.37
CA ILE I 24 -27.58 30.59 -6.19
C ILE I 24 -28.65 30.95 -7.22
N GLN I 25 -29.66 30.10 -7.33
CA GLN I 25 -30.66 30.24 -8.37
C GLN I 25 -31.61 31.39 -8.07
N PHE I 26 -31.88 32.22 -9.07
CA PHE I 26 -32.84 33.30 -8.96
C PHE I 26 -33.80 33.26 -10.14
N HIS I 27 -34.85 34.05 -10.04
CA HIS I 27 -35.75 34.28 -11.17
C HIS I 27 -36.30 35.68 -11.10
N TRP I 28 -36.47 36.30 -12.26
CA TRP I 28 -37.08 37.61 -12.38
C TRP I 28 -38.42 37.44 -13.08
N LYS I 29 -39.49 37.85 -12.41
CA LYS I 29 -40.85 37.75 -12.92
C LYS I 29 -41.50 39.13 -12.95
N ASN I 30 -42.73 39.18 -13.44
CA ASN I 30 -43.52 40.40 -13.42
C ASN I 30 -44.77 40.20 -12.57
N SER I 31 -45.68 41.18 -12.65
CA SER I 31 -46.88 41.15 -11.81
C SER I 31 -47.84 40.03 -12.21
N ASN I 32 -47.92 39.73 -13.49
CA ASN I 32 -48.82 38.69 -13.97
C ASN I 32 -48.18 37.31 -13.95
N GLN I 33 -47.04 37.18 -13.25
CA GLN I 33 -46.29 35.93 -13.07
C GLN I 33 -45.85 35.33 -14.40
N ILE I 34 -45.39 36.19 -15.30
CA ILE I 34 -44.70 35.78 -16.52
C ILE I 34 -43.21 35.90 -16.24
N LYS I 35 -42.44 34.90 -16.67
CA LYS I 35 -41.01 34.93 -16.41
C LYS I 35 -40.31 35.95 -17.30
N ILE I 36 -39.27 36.57 -16.76
CA ILE I 36 -38.42 37.50 -17.49
C ILE I 36 -37.00 36.98 -17.58
N LEU I 37 -36.45 36.52 -16.46
CA LEU I 37 -35.16 35.85 -16.49
C LEU I 37 -35.15 34.65 -15.56
N GLY I 38 -34.20 33.77 -15.82
CA GLY I 38 -33.96 32.67 -14.93
C GLY I 38 -32.54 32.18 -14.98
N ASN I 39 -31.90 32.12 -13.82
CA ASN I 39 -30.68 31.36 -13.69
C ASN I 39 -31.02 29.89 -13.77
N GLN I 40 -30.24 29.14 -14.55
CA GLN I 40 -30.34 27.68 -14.56
C GLN I 40 -28.91 27.17 -14.41
N GLY I 41 -28.50 26.91 -13.18
CA GLY I 41 -27.13 26.52 -12.94
C GLY I 41 -26.21 27.70 -13.17
N SER I 42 -25.47 27.66 -14.26
CA SER I 42 -24.69 28.81 -14.71
C SER I 42 -25.08 29.21 -16.13
N PHE I 43 -26.34 29.02 -16.47
CA PHE I 43 -26.88 29.35 -17.78
C PHE I 43 -28.00 30.35 -17.61
N LEU I 44 -28.32 31.03 -18.70
CA LEU I 44 -29.36 32.06 -18.71
C LEU I 44 -30.57 31.56 -19.47
N THR I 45 -31.76 31.82 -18.96
CA THR I 45 -32.98 31.49 -19.68
C THR I 45 -33.89 32.70 -19.73
N LYS I 46 -34.35 33.06 -20.92
CA LYS I 46 -35.31 34.13 -21.06
C LYS I 46 -36.71 33.56 -20.82
N GLY I 47 -37.72 34.37 -21.09
CA GLY I 47 -39.08 33.96 -20.85
C GLY I 47 -39.98 34.37 -21.98
N PRO I 48 -41.14 33.74 -22.07
CA PRO I 48 -42.06 34.05 -23.19
C PRO I 48 -42.84 35.33 -22.96
N SER I 49 -42.13 36.45 -23.00
CA SER I 49 -42.77 37.74 -22.77
C SER I 49 -42.35 38.75 -23.82
N LYS I 50 -42.73 40.01 -23.63
CA LYS I 50 -42.30 41.08 -24.53
C LYS I 50 -40.86 41.48 -24.30
N LEU I 51 -40.28 41.11 -23.15
CA LEU I 51 -38.86 41.30 -22.89
C LEU I 51 -38.05 40.05 -23.21
N ASN I 52 -38.50 39.27 -24.19
CA ASN I 52 -37.76 38.07 -24.58
C ASN I 52 -36.46 38.45 -25.27
N ASP I 53 -36.47 39.51 -26.06
CA ASP I 53 -35.29 39.93 -26.80
C ASP I 53 -34.53 41.06 -26.13
N ARG I 54 -35.17 41.82 -25.26
CA ARG I 54 -34.61 43.08 -24.80
C ARG I 54 -34.05 43.02 -23.40
N ALA I 55 -34.19 41.89 -22.70
CA ALA I 55 -33.68 41.74 -21.35
C ALA I 55 -32.32 41.05 -21.37
N ASP I 56 -31.50 41.36 -20.38
CA ASP I 56 -30.16 40.81 -20.28
C ASP I 56 -29.68 40.98 -18.85
N SER I 57 -28.69 40.17 -18.49
CA SER I 57 -28.07 40.24 -17.18
C SER I 57 -26.57 40.07 -17.33
N ARG I 58 -25.82 40.77 -16.48
CA ARG I 58 -24.37 40.61 -16.47
C ARG I 58 -24.02 39.28 -15.84
N ARG I 59 -23.42 38.39 -16.62
CA ARG I 59 -23.25 37.02 -16.18
C ARG I 59 -22.13 36.89 -15.15
N SER I 60 -21.07 37.68 -15.28
CA SER I 60 -19.92 37.53 -14.41
C SER I 60 -20.17 38.02 -12.99
N LEU I 61 -21.25 38.75 -12.75
CA LEU I 61 -21.55 39.25 -11.42
C LEU I 61 -22.24 38.22 -10.54
N TRP I 62 -22.65 37.08 -11.10
CA TRP I 62 -23.45 36.13 -10.33
C TRP I 62 -22.61 35.44 -9.26
N ASP I 63 -21.31 35.30 -9.48
CA ASP I 63 -20.44 34.69 -8.48
C ASP I 63 -20.28 35.56 -7.24
N GLN I 64 -20.52 36.86 -7.36
CA GLN I 64 -20.48 37.78 -6.23
C GLN I 64 -21.86 38.03 -5.65
N GLY I 65 -22.84 37.18 -5.96
CA GLY I 65 -24.16 37.30 -5.41
C GLY I 65 -25.08 38.27 -6.13
N ASN I 66 -24.53 39.33 -6.72
CA ASN I 66 -25.34 40.36 -7.35
C ASN I 66 -25.99 39.83 -8.61
N PHE I 67 -27.31 39.98 -8.71
CA PHE I 67 -28.12 39.39 -9.77
C PHE I 67 -28.84 40.52 -10.48
N PRO I 68 -28.22 41.15 -11.46
CA PRO I 68 -28.82 42.32 -12.11
C PRO I 68 -29.79 41.91 -13.20
N LEU I 69 -30.57 42.90 -13.64
CA LEU I 69 -31.43 42.82 -14.80
C LEU I 69 -31.22 44.10 -15.60
N ILE I 70 -30.93 43.94 -16.88
CA ILE I 70 -30.65 45.08 -17.74
C ILE I 70 -31.66 45.03 -18.89
N ILE I 71 -32.53 46.02 -18.95
CA ILE I 71 -33.51 46.13 -20.02
C ILE I 71 -33.05 47.20 -20.98
N LYS I 72 -33.09 46.90 -22.27
CA LYS I 72 -32.79 47.87 -23.32
C LYS I 72 -34.05 48.15 -24.13
N ASN I 73 -34.05 49.30 -24.79
CA ASN I 73 -35.15 49.81 -25.62
C ASN I 73 -36.45 49.90 -24.82
N LEU I 74 -36.42 50.81 -23.84
CA LEU I 74 -37.56 51.04 -22.96
C LEU I 74 -38.73 51.62 -23.75
N LYS I 75 -39.76 50.80 -23.94
CA LYS I 75 -41.00 51.25 -24.55
C LYS I 75 -42.02 51.55 -23.46
N ILE I 76 -43.21 51.95 -23.89
CA ILE I 76 -44.26 52.31 -22.94
C ILE I 76 -44.88 51.07 -22.28
N GLU I 77 -44.73 49.90 -22.88
CA GLU I 77 -45.34 48.68 -22.37
C GLU I 77 -44.45 47.93 -21.40
N ASP I 78 -43.45 48.60 -20.84
CA ASP I 78 -42.51 47.97 -19.91
C ASP I 78 -42.50 48.71 -18.59
N SER I 79 -43.68 49.02 -18.07
CA SER I 79 -43.84 49.72 -16.79
C SER I 79 -44.67 48.82 -15.89
N ASP I 80 -44.00 47.96 -15.13
CA ASP I 80 -44.70 46.98 -14.31
C ASP I 80 -43.78 46.56 -13.18
N THR I 81 -44.39 46.01 -12.13
CA THR I 81 -43.63 45.57 -10.97
C THR I 81 -42.86 44.30 -11.29
N TYR I 82 -41.55 44.35 -11.12
CA TYR I 82 -40.67 43.21 -11.39
C TYR I 82 -40.17 42.65 -10.07
N ILE I 83 -40.10 41.32 -10.00
CA ILE I 83 -39.97 40.60 -8.76
C ILE I 83 -38.75 39.70 -8.83
N CYS I 84 -37.80 39.93 -7.94
CA CYS I 84 -36.79 38.93 -7.61
C CYS I 84 -37.40 37.81 -6.79
N GLU I 85 -37.11 36.58 -7.18
CA GLU I 85 -37.26 35.43 -6.30
C GLU I 85 -35.88 34.80 -6.18
N VAL I 86 -35.27 34.89 -5.00
CA VAL I 86 -33.93 34.32 -4.89
C VAL I 86 -33.96 33.09 -4.00
N GLU I 87 -34.25 33.26 -2.72
CA GLU I 87 -34.56 32.13 -1.85
C GLU I 87 -35.92 32.30 -1.22
N ASP I 88 -36.11 33.40 -0.49
CA ASP I 88 -37.41 33.87 -0.05
C ASP I 88 -37.61 35.36 -0.22
N GLN I 89 -36.53 36.12 -0.42
CA GLN I 89 -36.59 37.58 -0.45
C GLN I 89 -37.18 38.02 -1.78
N LYS I 90 -38.51 37.92 -1.87
CA LYS I 90 -39.24 38.26 -3.08
C LYS I 90 -39.24 39.77 -3.22
N GLU I 91 -38.14 40.29 -3.77
CA GLU I 91 -37.93 41.73 -3.84
C GLU I 91 -38.78 42.32 -4.95
N GLU I 92 -39.37 43.48 -4.70
CA GLU I 92 -40.22 44.11 -5.69
C GLU I 92 -39.69 45.49 -6.04
N VAL I 93 -39.42 45.69 -7.32
CA VAL I 93 -39.12 47.01 -7.84
C VAL I 93 -40.21 47.36 -8.83
N GLN I 94 -40.34 48.66 -9.11
CA GLN I 94 -41.35 49.13 -10.03
C GLN I 94 -40.70 50.05 -11.05
N LEU I 95 -40.84 49.71 -12.32
CA LEU I 95 -40.18 50.43 -13.39
C LEU I 95 -41.15 51.43 -13.99
N LEU I 96 -40.65 52.63 -14.27
CA LEU I 96 -41.48 53.72 -14.80
C LEU I 96 -40.87 54.25 -16.09
N VAL I 97 -41.68 54.35 -17.13
CA VAL I 97 -41.24 54.83 -18.43
C VAL I 97 -41.86 56.18 -18.74
N ASP J 1 7.90 -1.48 -42.46
CA ASP J 1 8.25 -1.59 -41.05
C ASP J 1 9.75 -1.52 -40.86
N ILE J 2 10.50 -1.99 -41.85
CA ILE J 2 11.95 -2.00 -41.76
C ILE J 2 12.55 -1.14 -42.88
N MET J 4 14.75 -2.24 -44.95
CA MET J 4 15.42 -3.17 -45.84
C MET J 4 15.76 -2.57 -47.20
N THR J 5 16.73 -1.68 -47.22
CA THR J 5 17.30 -1.17 -48.46
C THR J 5 18.69 -1.74 -48.66
N GLN J 6 19.10 -1.83 -49.90
CA GLN J 6 20.46 -2.25 -50.22
C GLN J 6 21.30 -1.02 -50.45
N SER J 7 22.53 -1.04 -49.95
CA SER J 7 23.38 0.14 -49.92
C SER J 7 23.88 0.59 -51.29
N PRO J 8 24.14 -0.28 -52.27
CA PRO J 8 24.19 0.20 -53.65
C PRO J 8 22.82 0.04 -54.32
N ALA J 9 22.74 0.57 -55.55
CA ALA J 9 21.57 0.37 -56.38
C ALA J 9 21.90 -0.39 -57.66
N THR J 10 22.88 0.09 -58.42
CA THR J 10 23.27 -0.53 -59.68
C THR J 10 24.79 -0.62 -59.71
N LEU J 11 25.31 -1.78 -60.13
CA LEU J 11 26.75 -2.02 -60.18
C LEU J 11 27.09 -2.50 -61.59
N SER J 12 27.31 -1.55 -62.50
CA SER J 12 27.53 -1.89 -63.91
C SER J 12 29.03 -2.03 -64.18
N VAL J 13 29.61 -3.08 -63.60
CA VAL J 13 31.04 -3.27 -63.62
C VAL J 13 31.39 -4.40 -64.59
N SER J 14 32.69 -4.58 -64.78
CA SER J 14 33.51 -5.45 -65.61
C SER J 14 33.98 -6.66 -64.81
N PRO J 15 34.18 -7.80 -65.48
CA PRO J 15 34.75 -8.97 -64.80
C PRO J 15 36.20 -8.71 -64.38
N GLY J 16 36.61 -9.42 -63.32
CA GLY J 16 37.87 -9.19 -62.68
C GLY J 16 37.81 -8.15 -61.57
N GLU J 17 36.91 -7.18 -61.69
CA GLU J 17 36.71 -6.15 -60.68
C GLU J 17 36.00 -6.75 -59.47
N ARG J 18 36.43 -6.35 -58.28
CA ARG J 18 35.75 -6.78 -57.07
C ARG J 18 34.42 -6.07 -56.92
N ALA J 19 33.37 -6.83 -56.63
CA ALA J 19 32.02 -6.27 -56.54
C ALA J 19 31.80 -5.58 -55.20
N THR J 20 30.74 -4.78 -55.16
CA THR J 20 30.34 -4.00 -53.99
C THR J 20 28.88 -4.29 -53.70
N LEU J 21 28.61 -5.18 -52.74
CA LEU J 21 27.24 -5.52 -52.35
C LEU J 21 27.11 -5.34 -50.85
N SER J 22 26.10 -4.58 -50.43
CA SER J 22 25.86 -4.37 -49.00
C SER J 22 24.37 -4.25 -48.76
N CYS J 23 23.97 -4.47 -47.50
CA CYS J 23 22.56 -4.47 -47.12
C CYS J 23 22.36 -3.65 -45.86
N ARG J 24 21.37 -2.77 -45.90
CA ARG J 24 21.05 -1.83 -44.84
C ARG J 24 19.72 -2.20 -44.21
N ALA J 25 19.69 -2.27 -42.88
CA ALA J 25 18.48 -2.59 -42.16
C ALA J 25 18.20 -1.52 -41.11
N SER J 26 16.93 -1.39 -40.76
CA SER J 26 16.51 -0.36 -39.81
C SER J 26 16.81 -0.72 -38.37
N GLU J 27 16.63 -1.99 -37.99
CA GLU J 27 16.86 -2.42 -36.61
C GLU J 27 17.92 -3.50 -36.60
N SER J 28 18.50 -3.72 -35.42
CA SER J 28 19.64 -4.60 -35.29
C SER J 28 19.22 -6.06 -35.40
N VAL J 29 20.01 -6.83 -36.12
CA VAL J 29 19.74 -8.25 -36.36
C VAL J 29 20.92 -9.06 -35.86
N SER J 30 22.09 -8.79 -36.44
CA SER J 30 23.43 -9.23 -36.07
C SER J 30 23.69 -10.71 -36.31
N SER J 31 22.69 -11.52 -36.65
CA SER J 31 22.97 -12.89 -37.01
C SER J 31 22.18 -13.44 -38.18
N ASP J 32 21.10 -12.79 -38.61
CA ASP J 32 20.16 -13.41 -39.55
C ASP J 32 20.04 -12.56 -40.80
N LEU J 33 20.94 -12.78 -41.75
CA LEU J 33 20.77 -12.18 -43.06
C LEU J 33 21.10 -13.23 -44.11
N ALA J 34 20.21 -13.41 -45.06
CA ALA J 34 20.39 -14.40 -46.11
C ALA J 34 20.68 -13.72 -47.43
N TRP J 35 21.67 -14.22 -48.16
CA TRP J 35 22.06 -13.67 -49.44
C TRP J 35 21.59 -14.56 -50.58
N TYR J 36 20.99 -13.96 -51.59
CA TYR J 36 20.43 -14.67 -52.72
C TYR J 36 20.89 -14.02 -54.02
N GLN J 37 20.97 -14.84 -55.06
CA GLN J 37 21.40 -14.40 -56.38
C GLN J 37 20.39 -14.93 -57.40
N GLN J 38 19.80 -14.02 -58.18
CA GLN J 38 18.75 -14.39 -59.13
C GLN J 38 19.10 -13.84 -60.49
N LYS J 39 19.50 -14.71 -61.41
CA LYS J 39 19.47 -14.34 -62.81
C LYS J 39 18.01 -14.25 -63.26
N PRO J 40 17.70 -13.38 -64.22
CA PRO J 40 16.32 -13.28 -64.73
C PRO J 40 15.90 -14.56 -65.44
N GLY J 41 14.88 -15.20 -64.90
CA GLY J 41 14.43 -16.48 -65.38
C GLY J 41 14.90 -17.67 -64.57
N GLN J 42 15.44 -17.45 -63.38
CA GLN J 42 15.94 -18.51 -62.53
C GLN J 42 15.40 -18.35 -61.12
N ALA J 43 15.30 -19.47 -60.42
CA ALA J 43 14.95 -19.43 -59.01
C ALA J 43 16.14 -18.91 -58.20
N PRO J 44 15.90 -18.08 -57.18
CA PRO J 44 17.02 -17.41 -56.49
C PRO J 44 17.91 -18.35 -55.70
N ARG J 45 19.14 -18.52 -56.15
CA ARG J 45 20.09 -19.39 -55.50
C ARG J 45 20.61 -18.76 -54.22
N LEU J 46 20.63 -19.54 -53.14
CA LEU J 46 21.17 -19.02 -51.88
C LEU J 46 22.68 -18.97 -51.97
N LEU J 47 23.27 -17.94 -51.35
CA LEU J 47 24.70 -17.82 -51.26
C LEU J 47 25.20 -17.93 -49.82
N ILE J 48 24.74 -17.04 -48.95
CA ILE J 48 25.23 -16.94 -47.58
C ILE J 48 24.02 -16.85 -46.67
N TYR J 49 23.87 -17.81 -45.76
CA TYR J 49 22.84 -17.75 -44.75
C TYR J 49 23.49 -17.48 -43.40
N GLY J 50 22.78 -16.75 -42.55
CA GLY J 50 23.35 -16.34 -41.27
C GLY J 50 24.37 -15.24 -41.36
N ALA J 51 24.56 -14.66 -42.54
CA ALA J 51 25.54 -13.61 -42.86
C ALA J 51 26.99 -14.02 -42.58
N SER J 52 27.28 -15.31 -42.38
CA SER J 52 28.63 -15.71 -42.05
C SER J 52 29.09 -17.04 -42.62
N THR J 53 28.27 -17.75 -43.39
CA THR J 53 28.71 -19.07 -43.84
C THR J 53 28.15 -19.38 -45.21
N ARG J 54 28.86 -20.25 -45.92
CA ARG J 54 28.50 -20.67 -47.26
C ARG J 54 27.61 -21.90 -47.21
N ALA J 55 26.71 -22.01 -48.18
CA ALA J 55 25.85 -23.17 -48.31
C ALA J 55 26.59 -24.26 -49.07
N THR J 56 25.86 -25.29 -49.49
CA THR J 56 26.45 -26.35 -50.29
C THR J 56 26.67 -25.88 -51.72
N GLY J 57 27.86 -26.14 -52.25
CA GLY J 57 28.15 -25.77 -53.63
C GLY J 57 28.39 -24.30 -53.85
N VAL J 58 28.67 -23.54 -52.79
CA VAL J 58 28.95 -22.12 -52.93
C VAL J 58 30.44 -21.94 -53.18
N PRO J 59 30.84 -21.20 -54.21
CA PRO J 59 32.27 -20.92 -54.42
C PRO J 59 32.82 -20.02 -53.33
N ALA J 60 34.14 -20.09 -53.17
CA ALA J 60 34.83 -19.38 -52.11
C ALA J 60 34.93 -17.87 -52.37
N ARG J 61 34.63 -17.42 -53.59
CA ARG J 61 34.71 -16.00 -53.88
C ARG J 61 33.55 -15.21 -53.27
N PHE J 62 32.49 -15.88 -52.85
CA PHE J 62 31.38 -15.24 -52.16
C PHE J 62 31.73 -15.14 -50.68
N SER J 63 32.04 -13.94 -50.20
CA SER J 63 32.46 -13.75 -48.82
C SER J 63 31.53 -12.74 -48.16
N GLY J 64 30.66 -13.22 -47.28
CA GLY J 64 29.73 -12.38 -46.56
C GLY J 64 30.22 -12.10 -45.15
N SER J 65 29.97 -10.89 -44.68
CA SER J 65 30.39 -10.49 -43.35
C SER J 65 29.52 -9.33 -42.90
N GLY J 66 29.76 -8.87 -41.69
CA GLY J 66 29.02 -7.76 -41.11
C GLY J 66 28.41 -8.15 -39.78
N SER J 67 27.77 -7.14 -39.16
CA SER J 67 27.15 -7.32 -37.86
C SER J 67 26.09 -6.25 -37.68
N GLY J 68 25.24 -6.45 -36.68
CA GLY J 68 24.17 -5.52 -36.39
C GLY J 68 23.12 -5.47 -37.48
N ALA J 69 22.96 -4.31 -38.10
CA ALA J 69 21.99 -4.15 -39.17
C ALA J 69 22.63 -4.06 -40.55
N GLU J 70 23.86 -3.53 -40.65
CA GLU J 70 24.55 -3.39 -41.92
C GLU J 70 25.41 -4.61 -42.19
N PHE J 71 25.28 -5.17 -43.39
CA PHE J 71 26.08 -6.33 -43.78
C PHE J 71 26.66 -6.09 -45.16
N THR J 72 27.62 -6.94 -45.55
CA THR J 72 28.34 -6.75 -46.80
C THR J 72 28.75 -8.09 -47.37
N LEU J 73 28.37 -8.35 -48.62
CA LEU J 73 28.87 -9.48 -49.38
C LEU J 73 29.85 -9.00 -50.43
N THR J 74 30.99 -9.68 -50.52
CA THR J 74 32.05 -9.33 -51.45
C THR J 74 32.26 -10.47 -52.43
N ILE J 75 32.43 -10.11 -53.70
CA ILE J 75 32.80 -11.03 -54.76
C ILE J 75 34.08 -10.48 -55.38
N SER J 76 35.20 -11.15 -55.12
CA SER J 76 36.48 -10.67 -55.64
C SER J 76 36.61 -10.97 -57.13
N SER J 77 36.56 -12.24 -57.50
CA SER J 77 36.70 -12.66 -58.89
C SER J 77 35.33 -12.71 -59.53
N LEU J 78 34.85 -11.55 -59.97
CA LEU J 78 33.56 -11.45 -60.64
C LEU J 78 33.65 -12.13 -61.99
N GLN J 79 32.91 -13.22 -62.16
CA GLN J 79 33.01 -14.05 -63.36
C GLN J 79 32.02 -13.56 -64.41
N SER J 80 31.85 -14.34 -65.46
CA SER J 80 30.84 -14.11 -66.48
C SER J 80 29.51 -14.79 -66.14
N GLU J 81 29.27 -15.04 -64.86
CA GLU J 81 27.99 -15.54 -64.38
C GLU J 81 27.49 -14.78 -63.17
N ASP J 82 28.27 -13.84 -62.64
CA ASP J 82 27.89 -13.07 -61.46
C ASP J 82 27.16 -11.79 -61.82
N PHE J 83 26.51 -11.74 -62.98
CA PHE J 83 25.62 -10.63 -63.32
C PHE J 83 24.19 -11.12 -63.13
N ALA J 84 23.54 -10.59 -62.10
CA ALA J 84 22.23 -11.05 -61.63
C ALA J 84 21.70 -10.00 -60.66
N VAL J 85 20.62 -10.33 -59.97
CA VAL J 85 20.03 -9.48 -58.95
C VAL J 85 20.34 -10.10 -57.60
N TYR J 86 20.91 -9.32 -56.70
CA TYR J 86 21.33 -9.80 -55.39
C TYR J 86 20.36 -9.33 -54.32
N TYR J 87 19.84 -10.29 -53.55
CA TYR J 87 18.86 -10.03 -52.51
C TYR J 87 19.45 -10.31 -51.14
N CYS J 88 19.01 -9.54 -50.15
CA CYS J 88 19.31 -9.80 -48.75
C CYS J 88 17.99 -9.91 -48.00
N GLN J 89 17.90 -10.91 -47.12
CA GLN J 89 16.68 -11.21 -46.39
C GLN J 89 16.94 -11.18 -44.90
N GLN J 90 16.22 -10.31 -44.21
CA GLN J 90 16.24 -10.25 -42.75
C GLN J 90 15.28 -11.28 -42.19
N TYR J 91 15.80 -12.24 -41.43
CA TYR J 91 14.94 -13.25 -40.81
C TYR J 91 15.13 -13.28 -39.31
N ASN J 92 15.21 -12.11 -38.70
CA ASN J 92 15.42 -12.03 -37.25
C ASN J 92 14.13 -12.31 -36.48
N ASN J 93 13.09 -11.54 -36.77
CA ASN J 93 11.99 -11.36 -35.82
C ASN J 93 11.08 -12.58 -35.71
N TRP J 94 10.46 -12.70 -34.54
CA TRP J 94 9.41 -13.67 -34.28
C TRP J 94 8.24 -12.91 -33.69
N PRO J 95 6.99 -13.13 -34.15
CA PRO J 95 6.39 -13.96 -35.21
C PRO J 95 6.92 -13.61 -36.59
N PRO J 96 6.88 -14.55 -37.55
CA PRO J 96 7.62 -14.35 -38.82
C PRO J 96 7.06 -13.20 -39.63
N ARG J 97 7.93 -12.23 -39.92
CA ARG J 97 7.68 -11.14 -40.86
C ARG J 97 8.91 -10.95 -41.73
N TYR J 98 9.41 -12.05 -42.30
CA TYR J 98 10.75 -12.09 -42.87
C TYR J 98 10.77 -11.34 -44.19
N THR J 99 10.95 -10.02 -44.12
CA THR J 99 10.96 -9.20 -45.32
C THR J 99 12.27 -9.39 -46.10
N PHE J 100 12.22 -9.02 -47.37
CA PHE J 100 13.36 -9.09 -48.28
C PHE J 100 13.95 -7.71 -48.50
N GLY J 101 15.15 -7.69 -49.08
CA GLY J 101 15.72 -6.47 -49.60
C GLY J 101 15.15 -6.14 -50.96
N GLN J 102 15.76 -5.14 -51.59
CA GLN J 102 15.23 -4.66 -52.86
C GLN J 102 15.84 -5.40 -54.04
N GLY J 103 17.16 -5.38 -54.17
CA GLY J 103 17.83 -6.04 -55.28
C GLY J 103 18.80 -5.12 -55.99
N THR J 104 19.91 -5.69 -56.47
CA THR J 104 20.96 -4.93 -57.12
C THR J 104 21.32 -5.61 -58.44
N ARG J 105 21.06 -4.93 -59.54
CA ARG J 105 21.30 -5.46 -60.87
C ARG J 105 22.69 -5.08 -61.35
N LEU J 106 23.33 -6.00 -62.06
CA LEU J 106 24.74 -5.88 -62.46
C LEU J 106 24.91 -6.07 -63.97
N GLU J 107 24.13 -5.35 -64.78
CA GLU J 107 24.28 -5.41 -66.23
C GLU J 107 25.62 -4.80 -66.64
N ILE J 108 26.42 -5.57 -67.37
CA ILE J 108 27.73 -5.13 -67.80
C ILE J 108 27.62 -4.14 -68.95
N GLU K 1 16.88 -33.86 -49.14
CA GLU K 1 16.87 -32.78 -50.09
C GLU K 1 15.77 -32.99 -51.12
N VAL K 2 14.60 -32.43 -50.85
CA VAL K 2 13.45 -32.59 -51.73
C VAL K 2 13.60 -31.69 -52.94
N GLN K 3 13.17 -32.21 -54.08
CA GLN K 3 12.94 -31.39 -55.26
C GLN K 3 11.49 -30.93 -55.21
N LEU K 4 11.27 -29.65 -55.44
CA LEU K 4 9.97 -29.02 -55.25
C LEU K 4 9.39 -28.74 -56.63
N VAL K 5 8.71 -29.73 -57.18
CA VAL K 5 8.04 -29.58 -58.46
C VAL K 5 6.76 -28.80 -58.23
N GLU K 6 6.66 -27.62 -58.83
CA GLU K 6 5.50 -26.78 -58.60
C GLU K 6 4.37 -27.19 -59.54
N SER K 7 3.24 -26.48 -59.43
CA SER K 7 2.13 -26.71 -60.34
C SER K 7 2.35 -25.94 -61.63
N GLY K 8 1.46 -26.18 -62.60
CA GLY K 8 1.53 -25.45 -63.84
C GLY K 8 0.99 -24.04 -63.72
N ALA K 9 1.35 -23.21 -64.71
CA ALA K 9 0.85 -21.84 -64.74
C ALA K 9 -0.63 -21.83 -65.04
N GLU K 10 -1.35 -20.89 -64.45
CA GLU K 10 -2.80 -20.82 -64.60
C GLU K 10 -3.24 -19.44 -65.05
N VAL K 11 -4.44 -19.39 -65.60
CA VAL K 11 -5.10 -18.15 -65.99
C VAL K 11 -6.24 -17.93 -65.01
N LYS K 12 -6.18 -16.83 -64.26
CA LYS K 12 -7.17 -16.57 -63.24
C LYS K 12 -7.91 -15.27 -63.55
N LYS K 13 -8.92 -15.00 -62.75
CA LYS K 13 -9.85 -13.90 -62.91
C LYS K 13 -9.77 -12.99 -61.69
N PRO K 14 -10.17 -11.73 -61.82
CA PRO K 14 -10.27 -10.87 -60.63
C PRO K 14 -11.37 -11.35 -59.70
N GLY K 15 -11.04 -11.43 -58.41
CA GLY K 15 -11.98 -11.92 -57.42
C GLY K 15 -12.19 -13.42 -57.47
N SER K 16 -11.11 -14.17 -57.65
CA SER K 16 -11.18 -15.62 -57.76
C SER K 16 -10.37 -16.26 -56.62
N SER K 17 -10.22 -17.58 -56.70
CA SER K 17 -9.55 -18.36 -55.66
C SER K 17 -8.63 -19.36 -56.34
N VAL K 18 -7.33 -19.10 -56.31
CA VAL K 18 -6.35 -19.93 -56.98
C VAL K 18 -5.83 -20.95 -55.97
N LYS K 19 -5.49 -22.14 -56.46
CA LYS K 19 -4.94 -23.22 -55.64
C LYS K 19 -3.67 -23.74 -56.29
N VAL K 20 -2.54 -23.46 -55.67
CA VAL K 20 -1.23 -23.79 -56.22
C VAL K 20 -0.58 -24.83 -55.31
N SER K 21 -0.21 -25.97 -55.88
CA SER K 21 0.43 -27.04 -55.14
C SER K 21 1.94 -27.00 -55.34
N CYS K 22 2.64 -27.81 -54.54
CA CYS K 22 4.10 -27.90 -54.61
C CYS K 22 4.50 -29.27 -54.08
N LYS K 23 4.79 -30.20 -55.00
CA LYS K 23 5.16 -31.55 -54.63
C LYS K 23 6.64 -31.57 -54.25
N ALA K 24 6.93 -31.83 -52.99
CA ALA K 24 8.29 -31.93 -52.51
C ALA K 24 8.65 -33.40 -52.43
N SER K 25 9.28 -33.93 -53.49
CA SER K 25 9.65 -35.33 -53.55
C SER K 25 11.10 -35.49 -53.14
N GLY K 26 11.38 -36.49 -52.31
CA GLY K 26 12.73 -36.64 -51.79
C GLY K 26 12.78 -37.17 -50.38
N ASP K 27 13.36 -36.40 -49.47
CA ASP K 27 13.59 -36.82 -48.09
C ASP K 27 12.29 -36.70 -47.29
N THR K 28 12.39 -36.76 -45.97
CA THR K 28 11.22 -36.82 -45.11
C THR K 28 10.44 -35.52 -45.13
N PHE K 29 9.14 -35.62 -45.37
CA PHE K 29 8.31 -34.44 -45.60
C PHE K 29 8.08 -33.63 -44.32
N ILE K 30 8.00 -34.30 -43.17
CA ILE K 30 7.72 -33.57 -41.93
C ILE K 30 8.94 -32.88 -41.37
N ARG K 31 10.13 -33.15 -41.88
CA ARG K 31 11.35 -32.52 -41.41
C ARG K 31 11.64 -31.20 -42.10
N TYR K 32 10.72 -30.69 -42.92
CA TYR K 32 10.97 -29.57 -43.81
C TYR K 32 9.90 -28.52 -43.60
N SER K 33 10.30 -27.35 -43.12
CA SER K 33 9.38 -26.22 -43.02
C SER K 33 9.35 -25.49 -44.35
N PHE K 34 8.16 -25.14 -44.81
CA PHE K 34 8.02 -24.59 -46.14
C PHE K 34 7.56 -23.13 -46.10
N THR K 35 7.72 -22.46 -47.23
CA THR K 35 7.57 -21.02 -47.29
C THR K 35 7.14 -20.62 -48.70
N TRP K 36 6.06 -19.87 -48.79
CA TRP K 36 5.61 -19.29 -50.04
C TRP K 36 6.07 -17.83 -50.11
N VAL K 37 6.74 -17.51 -51.21
CA VAL K 37 7.28 -16.18 -51.49
C VAL K 37 6.91 -15.83 -52.93
N ARG K 38 6.23 -14.70 -53.11
CA ARG K 38 5.83 -14.25 -54.45
C ARG K 38 6.87 -13.32 -55.04
N GLN K 39 6.82 -13.19 -56.37
CA GLN K 39 7.67 -12.26 -57.09
C GLN K 39 6.82 -11.53 -58.13
N ALA K 40 6.60 -10.24 -57.90
CA ALA K 40 6.04 -9.37 -58.91
C ALA K 40 7.01 -9.29 -60.09
N PRO K 41 6.50 -9.10 -61.32
CA PRO K 41 7.38 -9.15 -62.50
C PRO K 41 8.36 -7.99 -62.54
N GLY K 42 9.65 -8.32 -62.51
CA GLY K 42 10.70 -7.34 -62.47
C GLY K 42 11.07 -6.83 -61.09
N GLN K 43 10.21 -7.05 -60.10
CA GLN K 43 10.40 -6.49 -58.77
C GLN K 43 11.10 -7.48 -57.84
N GLY K 44 11.31 -7.06 -56.60
CA GLY K 44 11.93 -7.89 -55.60
C GLY K 44 10.97 -8.91 -55.03
N LEU K 45 11.50 -9.75 -54.15
CA LEU K 45 10.71 -10.82 -53.56
C LEU K 45 9.87 -10.30 -52.40
N GLU K 46 8.62 -10.71 -52.35
CA GLU K 46 7.73 -10.42 -51.23
C GLU K 46 7.42 -11.72 -50.50
N TRP K 47 7.68 -11.73 -49.20
CA TRP K 47 7.41 -12.91 -48.38
C TRP K 47 5.92 -13.00 -48.11
N MET K 48 5.32 -14.13 -48.46
CA MET K 48 3.90 -14.35 -48.22
C MET K 48 3.66 -15.09 -46.90
N GLY K 49 4.28 -16.26 -46.73
CA GLY K 49 3.99 -16.99 -45.51
C GLY K 49 4.91 -18.18 -45.33
N ARG K 50 4.85 -18.75 -44.14
CA ARG K 50 5.67 -19.89 -43.75
C ARG K 50 4.84 -20.88 -42.96
N ILE K 51 4.85 -22.14 -43.38
CA ILE K 51 4.18 -23.22 -42.67
C ILE K 51 5.23 -24.12 -42.04
N ILE K 52 4.99 -24.47 -40.78
CA ILE K 52 5.77 -25.50 -40.09
C ILE K 52 5.06 -26.81 -40.33
N THR K 53 5.78 -27.81 -40.80
CA THR K 53 5.10 -29.00 -41.30
C THR K 53 4.60 -29.89 -40.16
N ILE K 54 5.47 -30.23 -39.21
CA ILE K 54 5.09 -31.24 -38.23
C ILE K 54 4.15 -30.67 -37.17
N LEU K 55 4.27 -29.38 -36.85
CA LEU K 55 3.28 -28.77 -35.98
C LEU K 55 2.04 -28.36 -36.72
N ASP K 56 2.10 -28.32 -38.06
CA ASP K 56 0.99 -27.98 -38.95
C ASP K 56 0.45 -26.58 -38.64
N VAL K 57 1.35 -25.64 -38.41
CA VAL K 57 1.00 -24.26 -38.09
C VAL K 57 1.62 -23.36 -39.15
N ALA K 58 0.83 -22.45 -39.71
CA ALA K 58 1.27 -21.57 -40.76
C ALA K 58 1.11 -20.11 -40.31
N HIS K 59 2.16 -19.33 -40.50
CA HIS K 59 2.13 -17.90 -40.20
C HIS K 59 2.17 -17.11 -41.49
N TYR K 60 1.65 -15.88 -41.43
CA TYR K 60 1.43 -15.09 -42.62
C TYR K 60 1.96 -13.68 -42.46
N ALA K 61 2.24 -13.05 -43.59
CA ALA K 61 2.64 -11.65 -43.61
C ALA K 61 1.45 -10.77 -43.27
N PRO K 62 1.69 -9.56 -42.74
CA PRO K 62 0.56 -8.69 -42.37
C PRO K 62 -0.26 -8.18 -43.55
N HIS K 63 0.24 -8.25 -44.76
CA HIS K 63 -0.50 -7.79 -45.93
C HIS K 63 -1.49 -8.82 -46.44
N LEU K 64 -1.44 -10.04 -45.95
CA LEU K 64 -2.25 -11.14 -46.48
C LEU K 64 -3.16 -11.73 -45.41
N GLN K 65 -3.84 -10.88 -44.66
CA GLN K 65 -4.66 -11.31 -43.55
C GLN K 65 -6.05 -11.71 -44.05
N GLY K 66 -6.41 -12.97 -43.82
CA GLY K 66 -7.73 -13.46 -44.15
C GLY K 66 -7.96 -13.83 -45.58
N ARG K 67 -6.97 -13.68 -46.45
CA ARG K 67 -7.15 -13.92 -47.87
C ARG K 67 -6.26 -15.03 -48.42
N VAL K 68 -5.50 -15.72 -47.58
CA VAL K 68 -4.61 -16.78 -48.03
C VAL K 68 -4.67 -17.92 -47.01
N THR K 69 -4.54 -19.14 -47.50
CA THR K 69 -4.56 -20.32 -46.65
C THR K 69 -3.51 -21.30 -47.14
N ILE K 70 -2.51 -21.58 -46.31
CA ILE K 70 -1.47 -22.55 -46.64
C ILE K 70 -1.80 -23.83 -45.90
N THR K 71 -2.13 -24.87 -46.64
CA THR K 71 -2.34 -26.20 -46.08
C THR K 71 -1.23 -27.13 -46.57
N ALA K 72 -1.18 -28.32 -45.99
CA ALA K 72 -0.25 -29.33 -46.45
C ALA K 72 -0.82 -30.71 -46.13
N ASP K 73 -0.51 -31.67 -46.97
CA ASP K 73 -0.83 -33.07 -46.69
C ASP K 73 0.47 -33.88 -46.71
N LYS K 74 0.60 -34.74 -45.71
CA LYS K 74 1.79 -35.52 -45.47
C LYS K 74 1.82 -36.83 -46.24
N SER K 75 0.66 -37.34 -46.63
CA SER K 75 0.64 -38.52 -47.48
C SER K 75 0.93 -38.17 -48.93
N THR K 76 0.30 -37.11 -49.43
CA THR K 76 0.60 -36.64 -50.77
C THR K 76 1.90 -35.86 -50.86
N SER K 77 2.49 -35.52 -49.70
CA SER K 77 3.73 -34.73 -49.60
C SER K 77 3.60 -33.40 -50.31
N THR K 78 2.43 -32.77 -50.18
CA THR K 78 2.09 -31.65 -51.05
C THR K 78 1.67 -30.45 -50.22
N VAL K 79 2.23 -29.29 -50.53
CA VAL K 79 1.96 -28.05 -49.81
C VAL K 79 1.06 -27.20 -50.70
N TYR K 80 -0.20 -27.07 -50.32
CA TYR K 80 -1.17 -26.33 -51.10
C TYR K 80 -1.27 -24.90 -50.59
N LEU K 81 -1.45 -23.97 -51.51
CA LEU K 81 -1.80 -22.59 -51.19
C LEU K 81 -3.12 -22.27 -51.86
N GLU K 82 -4.00 -21.59 -51.14
CA GLU K 82 -5.29 -21.17 -51.70
C GLU K 82 -5.48 -19.69 -51.41
N LEU K 83 -5.54 -18.89 -52.48
CA LEU K 83 -5.84 -17.47 -52.40
C LEU K 83 -7.29 -17.21 -52.77
N ARG K 84 -7.98 -16.48 -51.91
CA ARG K 84 -9.25 -15.86 -52.25
C ARG K 84 -9.01 -14.38 -52.46
N ASN K 85 -10.00 -13.73 -53.10
CA ASN K 85 -9.97 -12.30 -53.44
C ASN K 85 -8.74 -11.95 -54.29
N LEU K 86 -8.68 -12.56 -55.48
CA LEU K 86 -7.60 -12.26 -56.41
C LEU K 86 -7.80 -10.88 -57.02
N ARG K 87 -6.76 -10.06 -56.97
CA ARG K 87 -6.80 -8.70 -57.49
C ARG K 87 -5.85 -8.60 -58.68
N SER K 88 -5.72 -7.39 -59.22
CA SER K 88 -4.95 -7.18 -60.44
C SER K 88 -3.45 -7.35 -60.20
N ASP K 89 -2.99 -6.98 -59.01
CA ASP K 89 -1.57 -7.12 -58.66
C ASP K 89 -1.16 -8.56 -58.38
N ASP K 90 -2.11 -9.49 -58.29
CA ASP K 90 -1.80 -10.87 -57.93
C ASP K 90 -1.19 -11.66 -59.08
N THR K 91 -1.16 -11.10 -60.28
CA THR K 91 -0.41 -11.69 -61.38
C THR K 91 1.07 -11.60 -61.05
N ALA K 92 1.66 -12.73 -60.67
CA ALA K 92 3.03 -12.73 -60.15
C ALA K 92 3.60 -14.13 -60.24
N VAL K 93 4.90 -14.22 -59.98
CA VAL K 93 5.61 -15.50 -59.95
C VAL K 93 5.68 -15.96 -58.50
N TYR K 94 5.13 -17.14 -58.22
CA TYR K 94 5.10 -17.68 -56.87
C TYR K 94 6.16 -18.75 -56.70
N PHE K 95 6.61 -18.90 -55.45
CA PHE K 95 7.71 -19.78 -55.09
C PHE K 95 7.35 -20.54 -53.81
N CYS K 96 7.50 -21.85 -53.86
CA CYS K 96 7.54 -22.68 -52.65
C CYS K 96 8.99 -23.02 -52.35
N ALA K 97 9.37 -22.99 -51.08
CA ALA K 97 10.75 -23.20 -50.70
C ALA K 97 10.82 -23.86 -49.34
N GLY K 98 11.70 -24.85 -49.21
CA GLY K 98 11.87 -25.59 -47.99
C GLY K 98 13.28 -25.47 -47.43
N VAL K 99 13.46 -26.01 -46.23
CA VAL K 99 14.74 -25.97 -45.54
C VAL K 99 14.76 -27.10 -44.53
N TYR K 100 15.93 -27.65 -44.28
CA TYR K 100 16.07 -28.75 -43.33
C TYR K 100 16.06 -28.21 -41.91
N GLU K 101 15.16 -28.75 -41.08
CA GLU K 101 14.96 -28.25 -39.74
C GLU K 101 15.46 -29.17 -38.65
N GLY K 102 15.93 -30.35 -39.00
CA GLY K 102 16.40 -31.30 -38.02
C GLY K 102 15.41 -32.43 -37.82
N GLU K 103 15.74 -33.31 -36.88
CA GLU K 103 14.91 -34.48 -36.59
C GLU K 103 13.68 -34.00 -35.83
N ALA K 104 12.69 -33.54 -36.58
CA ALA K 104 11.47 -33.04 -35.97
C ALA K 104 10.58 -34.14 -35.44
N ASP K 105 10.82 -35.39 -35.85
CA ASP K 105 9.98 -36.50 -35.42
C ASP K 105 10.11 -36.75 -33.92
N GLU K 106 11.31 -36.56 -33.37
CA GLU K 106 11.52 -36.66 -31.94
C GLU K 106 11.91 -35.32 -31.33
N GLY K 107 13.02 -34.78 -31.77
CA GLY K 107 13.64 -33.68 -31.09
C GLY K 107 13.72 -32.38 -31.86
N GLU K 108 14.88 -32.19 -32.47
CA GLU K 108 15.35 -30.94 -33.04
C GLU K 108 14.36 -30.28 -33.97
N TYR K 109 14.17 -28.98 -33.78
CA TYR K 109 13.54 -28.11 -34.75
C TYR K 109 14.29 -26.79 -34.67
N ASP K 110 15.08 -26.47 -35.69
CA ASP K 110 16.01 -25.35 -35.59
C ASP K 110 15.38 -24.00 -35.87
N ASN K 111 14.17 -23.96 -36.47
CA ASN K 111 13.43 -22.74 -36.79
C ASN K 111 14.24 -21.81 -37.69
N ASN K 112 14.62 -22.33 -38.84
CA ASN K 112 15.41 -21.58 -39.80
C ASN K 112 14.52 -20.70 -40.67
N GLY K 113 15.01 -19.51 -40.98
CA GLY K 113 14.27 -18.57 -41.80
C GLY K 113 14.79 -18.47 -43.21
N PHE K 114 16.06 -18.80 -43.40
CA PHE K 114 16.64 -18.83 -44.74
C PHE K 114 16.07 -19.99 -45.54
N LEU K 115 16.08 -19.85 -46.86
CA LEU K 115 15.44 -20.81 -47.76
C LEU K 115 16.50 -21.50 -48.61
N LYS K 116 16.83 -22.74 -48.24
CA LYS K 116 17.86 -23.48 -48.95
C LYS K 116 17.35 -24.03 -50.27
N HIS K 117 16.37 -24.91 -50.21
CA HIS K 117 15.84 -25.54 -51.42
C HIS K 117 14.68 -24.72 -51.96
N TRP K 118 14.64 -24.58 -53.28
CA TRP K 118 13.65 -23.76 -53.96
C TRP K 118 12.85 -24.61 -54.93
N GLY K 119 11.73 -24.05 -55.37
CA GLY K 119 10.93 -24.68 -56.40
C GLY K 119 11.44 -24.32 -57.76
N GLN K 120 10.56 -23.80 -58.61
CA GLN K 120 10.97 -23.30 -59.92
C GLN K 120 10.31 -21.99 -60.31
N GLY K 121 9.30 -21.52 -59.58
CA GLY K 121 8.60 -20.32 -59.95
C GLY K 121 7.45 -20.60 -60.88
N THR K 122 6.26 -20.13 -60.54
CA THR K 122 5.08 -20.35 -61.38
C THR K 122 4.33 -19.04 -61.51
N LEU K 123 4.12 -18.60 -62.75
CA LEU K 123 3.41 -17.36 -63.01
C LEU K 123 1.90 -17.58 -62.96
N VAL K 124 1.22 -16.85 -62.09
CA VAL K 124 -0.23 -16.84 -62.04
C VAL K 124 -0.71 -15.51 -62.59
N THR K 125 -1.59 -15.59 -63.58
CA THR K 125 -2.07 -14.43 -64.32
C THR K 125 -3.53 -14.17 -64.00
N VAL K 126 -3.83 -12.97 -63.53
CA VAL K 126 -5.18 -12.57 -63.17
C VAL K 126 -5.75 -11.79 -64.34
N SER K 127 -6.67 -12.39 -65.08
CA SER K 127 -7.28 -11.73 -66.23
C SER K 127 -8.80 -11.89 -66.21
N ASP L 1 32.82 3.54 -27.87
CA ASP L 1 31.71 4.02 -27.05
C ASP L 1 31.19 5.36 -27.55
N ILE L 2 32.07 6.16 -28.13
CA ILE L 2 31.69 7.47 -28.63
C ILE L 2 31.93 7.55 -30.13
N MET L 4 33.72 9.84 -31.51
CA MET L 4 34.81 10.78 -31.69
C MET L 4 35.45 10.72 -33.07
N THR L 5 34.74 11.22 -34.06
CA THR L 5 35.27 11.39 -35.39
C THR L 5 35.46 12.88 -35.65
N GLN L 6 36.40 13.20 -36.53
CA GLN L 6 36.59 14.57 -36.95
C GLN L 6 35.87 14.78 -38.27
N SER L 7 35.23 15.94 -38.41
CA SER L 7 34.33 16.19 -39.52
C SER L 7 35.03 16.33 -40.88
N PRO L 8 36.25 16.87 -40.98
CA PRO L 8 37.03 16.60 -42.19
C PRO L 8 37.95 15.39 -41.97
N ALA L 9 38.62 15.00 -43.06
CA ALA L 9 39.65 13.97 -42.99
C ALA L 9 41.01 14.51 -43.39
N THR L 10 41.12 15.13 -44.57
CA THR L 10 42.38 15.65 -45.07
C THR L 10 42.12 17.05 -45.60
N LEU L 11 43.01 17.99 -45.27
CA LEU L 11 42.87 19.39 -45.68
C LEU L 11 44.19 19.79 -46.37
N SER L 12 44.30 19.51 -47.66
CA SER L 12 45.55 19.74 -48.39
C SER L 12 45.52 21.13 -49.03
N VAL L 13 45.55 22.14 -48.18
CA VAL L 13 45.37 23.51 -48.61
C VAL L 13 46.70 24.25 -48.57
N SER L 14 46.69 25.48 -49.07
CA SER L 14 47.66 26.53 -49.30
C SER L 14 47.64 27.54 -48.16
N PRO L 15 48.79 28.15 -47.86
CA PRO L 15 48.81 29.23 -46.86
C PRO L 15 48.02 30.45 -47.32
N GLY L 16 47.52 31.21 -46.35
CA GLY L 16 46.60 32.29 -46.59
C GLY L 16 45.14 31.86 -46.60
N GLU L 17 44.87 30.62 -46.99
CA GLU L 17 43.52 30.08 -46.99
C GLU L 17 43.08 29.79 -45.56
N ARG L 18 41.81 30.09 -45.26
CA ARG L 18 41.27 29.76 -43.95
C ARG L 18 41.03 28.26 -43.84
N ALA L 19 41.47 27.67 -42.73
CA ALA L 19 41.37 26.24 -42.55
C ALA L 19 39.97 25.83 -42.10
N THR L 20 39.71 24.53 -42.22
CA THR L 20 38.41 23.93 -41.87
C THR L 20 38.68 22.75 -40.94
N LEU L 21 38.50 22.98 -39.64
CA LEU L 21 38.69 21.92 -38.64
C LEU L 21 37.45 21.84 -37.78
N SER L 22 36.89 20.64 -37.65
CA SER L 22 35.72 20.45 -36.82
C SER L 22 35.77 19.07 -36.18
N CYS L 23 35.00 18.90 -35.10
CA CYS L 23 35.03 17.67 -34.31
C CYS L 23 33.60 17.23 -34.02
N ARG L 24 33.33 15.94 -34.27
CA ARG L 24 32.02 15.33 -34.14
C ARG L 24 32.03 14.35 -32.98
N ALA L 25 31.04 14.45 -32.10
CA ALA L 25 30.93 13.55 -30.97
C ALA L 25 29.54 12.92 -30.95
N SER L 26 29.46 11.74 -30.33
CA SER L 26 28.22 10.99 -30.29
C SER L 26 27.24 11.53 -29.26
N GLU L 27 27.71 11.94 -28.09
CA GLU L 27 26.85 12.44 -27.04
C GLU L 27 27.24 13.87 -26.69
N SER L 28 26.32 14.57 -26.03
CA SER L 28 26.48 15.98 -25.79
C SER L 28 27.51 16.23 -24.69
N VAL L 29 28.36 17.22 -24.92
CA VAL L 29 29.43 17.57 -23.99
C VAL L 29 29.26 19.03 -23.57
N SER L 30 29.30 19.91 -24.56
CA SER L 30 28.97 21.34 -24.54
C SER L 30 29.97 22.20 -23.77
N SER L 31 30.92 21.62 -23.06
CA SER L 31 31.95 22.45 -22.44
C SER L 31 33.36 21.89 -22.49
N ASP L 32 33.55 20.61 -22.79
CA ASP L 32 34.85 19.96 -22.58
C ASP L 32 35.35 19.38 -23.90
N LEU L 33 36.03 20.22 -24.68
CA LEU L 33 36.75 19.71 -25.84
C LEU L 33 38.10 20.39 -25.89
N ALA L 34 39.15 19.59 -26.01
CA ALA L 34 40.51 20.11 -26.06
C ALA L 34 41.08 19.96 -27.45
N TRP L 35 41.73 21.02 -27.93
CA TRP L 35 42.31 21.03 -29.27
C TRP L 35 43.83 20.91 -29.17
N TYR L 36 44.40 20.03 -29.99
CA TYR L 36 45.82 19.76 -29.99
C TYR L 36 46.35 19.79 -31.41
N GLN L 37 47.63 20.14 -31.53
CA GLN L 37 48.31 20.23 -32.81
C GLN L 37 49.63 19.49 -32.70
N GLN L 38 49.85 18.51 -33.55
CA GLN L 38 51.03 17.66 -33.50
C GLN L 38 51.70 17.62 -34.86
N LYS L 39 52.83 18.29 -34.98
CA LYS L 39 53.72 18.00 -36.09
C LYS L 39 54.34 16.62 -35.88
N PRO L 40 54.65 15.89 -36.95
CA PRO L 40 55.28 14.57 -36.80
C PRO L 40 56.68 14.69 -36.21
N GLY L 41 56.86 14.09 -35.03
CA GLY L 41 58.08 14.22 -34.28
C GLY L 41 58.04 15.21 -33.15
N GLN L 42 56.86 15.69 -32.77
CA GLN L 42 56.71 16.67 -31.70
C GLN L 42 55.63 16.21 -30.73
N ALA L 43 55.76 16.66 -29.49
CA ALA L 43 54.71 16.44 -28.51
C ALA L 43 53.52 17.34 -28.83
N PRO L 44 52.28 16.85 -28.68
CA PRO L 44 51.12 17.60 -29.13
C PRO L 44 50.85 18.87 -28.33
N ARG L 45 51.03 20.01 -28.98
CA ARG L 45 50.83 21.30 -28.33
C ARG L 45 49.34 21.58 -28.17
N LEU L 46 48.94 22.02 -26.99
CA LEU L 46 47.56 22.38 -26.77
C LEU L 46 47.26 23.71 -27.43
N LEU L 47 46.05 23.82 -27.98
CA LEU L 47 45.60 25.08 -28.57
C LEU L 47 44.43 25.67 -27.78
N ILE L 48 43.32 24.95 -27.69
CA ILE L 48 42.09 25.44 -27.09
C ILE L 48 41.59 24.39 -26.12
N TYR L 49 41.47 24.74 -24.84
CA TYR L 49 40.86 23.87 -23.86
C TYR L 49 39.51 24.43 -23.45
N GLY L 50 38.57 23.54 -23.16
CA GLY L 50 37.22 23.96 -22.87
C GLY L 50 36.42 24.41 -24.06
N ALA L 51 36.97 24.23 -25.27
CA ALA L 51 36.39 24.63 -26.56
C ALA L 51 36.09 26.12 -26.66
N SER L 52 36.62 26.96 -25.76
CA SER L 52 36.30 28.38 -25.80
C SER L 52 37.43 29.32 -25.42
N THR L 53 38.62 28.83 -25.10
CA THR L 53 39.64 29.76 -24.64
C THR L 53 41.03 29.30 -25.05
N ARG L 54 41.94 30.27 -25.18
CA ARG L 54 43.31 30.02 -25.58
C ARG L 54 44.17 29.76 -24.36
N ALA L 55 45.19 28.93 -24.55
CA ALA L 55 46.16 28.65 -23.50
C ALA L 55 47.24 29.73 -23.50
N THR L 56 48.33 29.48 -22.79
CA THR L 56 49.44 30.42 -22.78
C THR L 56 50.23 30.30 -24.08
N GLY L 57 50.55 31.44 -24.68
CA GLY L 57 51.34 31.44 -25.89
C GLY L 57 50.60 31.00 -27.13
N VAL L 58 49.28 31.01 -27.11
CA VAL L 58 48.48 30.63 -28.27
C VAL L 58 48.25 31.88 -29.12
N PRO L 59 48.54 31.83 -30.42
CA PRO L 59 48.23 32.96 -31.29
C PRO L 59 46.72 33.16 -31.45
N ALA L 60 46.36 34.39 -31.80
CA ALA L 60 44.95 34.77 -31.89
C ALA L 60 44.26 34.20 -33.12
N ARG L 61 45.01 33.63 -34.08
CA ARG L 61 44.39 33.06 -35.26
C ARG L 61 43.70 31.74 -34.98
N PHE L 62 44.01 31.11 -33.85
CA PHE L 62 43.33 29.88 -33.44
C PHE L 62 42.04 30.27 -32.73
N SER L 63 40.90 30.05 -33.37
CA SER L 63 39.62 30.45 -32.80
C SER L 63 38.72 29.23 -32.73
N GLY L 64 38.50 28.73 -31.52
CA GLY L 64 37.65 27.57 -31.31
C GLY L 64 36.27 28.00 -30.81
N SER L 65 35.26 27.29 -31.25
CA SER L 65 33.88 27.59 -30.86
C SER L 65 33.05 26.33 -31.04
N GLY L 66 31.78 26.44 -30.70
CA GLY L 66 30.84 25.35 -30.82
C GLY L 66 30.15 25.06 -29.49
N SER L 67 29.23 24.11 -29.56
CA SER L 67 28.44 23.71 -28.39
C SER L 67 27.92 22.31 -28.61
N GLY L 68 27.44 21.71 -27.53
CA GLY L 68 26.89 20.37 -27.57
C GLY L 68 27.94 19.33 -27.88
N ALA L 69 27.78 18.63 -28.99
CA ALA L 69 28.75 17.62 -29.40
C ALA L 69 29.63 18.05 -30.57
N GLU L 70 29.13 18.90 -31.45
CA GLU L 70 29.88 19.37 -32.60
C GLU L 70 30.63 20.65 -32.26
N PHE L 71 31.92 20.69 -32.58
CA PHE L 71 32.73 21.88 -32.33
C PHE L 71 33.55 22.20 -33.57
N THR L 72 34.13 23.40 -33.60
CA THR L 72 34.83 23.86 -34.78
C THR L 72 35.98 24.78 -34.37
N LEU L 73 37.18 24.45 -34.83
CA LEU L 73 38.35 25.33 -34.70
C LEU L 73 38.65 25.93 -36.06
N THR L 74 38.88 27.23 -36.09
CA THR L 74 39.18 27.96 -37.31
C THR L 74 40.57 28.58 -37.21
N ILE L 75 41.32 28.48 -38.31
CA ILE L 75 42.60 29.13 -38.48
C ILE L 75 42.48 30.00 -39.73
N SER L 76 42.42 31.31 -39.54
CA SER L 76 42.28 32.21 -40.69
C SER L 76 43.58 32.34 -41.45
N SER L 77 44.63 32.82 -40.79
CA SER L 77 45.92 33.03 -41.42
C SER L 77 46.77 31.77 -41.25
N LEU L 78 46.52 30.81 -42.14
CA LEU L 78 47.26 29.55 -42.12
C LEU L 78 48.71 29.82 -42.53
N GLN L 79 49.63 29.63 -41.61
CA GLN L 79 51.03 29.98 -41.82
C GLN L 79 51.78 28.81 -42.43
N SER L 80 53.11 28.92 -42.48
CA SER L 80 53.98 27.82 -42.88
C SER L 80 54.40 26.96 -41.70
N GLU L 81 53.60 26.94 -40.64
CA GLU L 81 53.79 26.05 -39.51
C GLU L 81 52.51 25.37 -39.09
N ASP L 82 51.37 25.70 -39.70
CA ASP L 82 50.09 25.11 -39.35
C ASP L 82 49.78 23.86 -40.17
N PHE L 83 50.81 23.17 -40.67
CA PHE L 83 50.62 21.87 -41.31
C PHE L 83 51.07 20.81 -40.31
N ALA L 84 50.10 20.07 -39.77
CA ALA L 84 50.28 19.14 -38.67
C ALA L 84 49.02 18.28 -38.59
N VAL L 85 48.91 17.50 -37.52
CA VAL L 85 47.74 16.68 -37.25
C VAL L 85 46.98 17.32 -36.10
N TYR L 86 45.68 17.57 -36.29
CA TYR L 86 44.86 18.26 -35.31
C TYR L 86 43.96 17.26 -34.60
N TYR L 87 44.04 17.26 -33.27
CA TYR L 87 43.28 16.35 -32.43
C TYR L 87 42.25 17.11 -31.61
N CYS L 88 41.13 16.45 -31.36
CA CYS L 88 40.11 16.93 -30.44
C CYS L 88 39.88 15.86 -29.39
N GLN L 89 39.80 16.28 -28.12
CA GLN L 89 39.67 15.37 -26.99
C GLN L 89 38.43 15.70 -26.20
N GLN L 90 37.54 14.73 -26.08
CA GLN L 90 36.36 14.83 -25.23
C GLN L 90 36.73 14.46 -23.80
N TYR L 91 36.58 15.40 -22.88
CA TYR L 91 36.88 15.10 -21.49
C TYR L 91 35.68 15.40 -20.59
N ASN L 92 34.49 15.02 -21.05
CA ASN L 92 33.27 15.27 -20.30
C ASN L 92 33.11 14.30 -19.13
N ASN L 93 33.11 13.00 -19.43
CA ASN L 93 32.51 12.01 -18.56
C ASN L 93 33.34 11.75 -17.30
N TRP L 94 32.64 11.33 -16.25
CA TRP L 94 33.23 10.82 -15.02
C TRP L 94 32.58 9.48 -14.73
N PRO L 95 33.34 8.42 -14.38
CA PRO L 95 34.78 8.16 -14.24
C PRO L 95 35.53 8.38 -15.55
N PRO L 96 36.83 8.69 -15.48
CA PRO L 96 37.55 9.16 -16.67
C PRO L 96 37.64 8.10 -17.77
N ARG L 97 37.10 8.44 -18.93
CA ARG L 97 37.25 7.67 -20.16
C ARG L 97 37.56 8.63 -21.31
N TYR L 98 38.54 9.51 -21.10
CA TYR L 98 38.72 10.68 -21.94
C TYR L 98 39.31 10.29 -23.28
N THR L 99 38.45 9.87 -24.21
CA THR L 99 38.90 9.44 -25.52
C THR L 99 39.34 10.64 -26.37
N PHE L 100 40.13 10.34 -27.39
CA PHE L 100 40.62 11.32 -28.34
C PHE L 100 39.87 11.23 -29.66
N GLY L 101 40.04 12.26 -30.49
CA GLY L 101 39.61 12.21 -31.86
C GLY L 101 40.60 11.44 -32.72
N GLN L 102 40.38 11.51 -34.02
CA GLN L 102 41.21 10.73 -34.93
C GLN L 102 42.44 11.52 -35.39
N GLY L 103 42.23 12.68 -36.00
CA GLY L 103 43.33 13.49 -36.48
C GLY L 103 43.14 13.91 -37.93
N THR L 104 43.61 15.11 -38.25
CA THR L 104 43.45 15.68 -39.58
C THR L 104 44.80 16.19 -40.07
N ARG L 105 45.32 15.57 -41.13
CA ARG L 105 46.62 15.93 -41.67
C ARG L 105 46.46 16.98 -42.77
N LEU L 106 47.42 17.90 -42.83
CA LEU L 106 47.36 19.07 -43.69
C LEU L 106 48.61 19.20 -44.56
N GLU L 107 48.98 18.12 -45.26
CA GLU L 107 50.12 18.18 -46.17
C GLU L 107 49.81 19.09 -47.36
N ILE L 108 50.66 20.08 -47.59
CA ILE L 108 50.44 21.04 -48.67
C ILE L 108 50.78 20.42 -50.01
N GLU M 1 55.44 24.53 -13.31
CA GLU M 1 55.56 23.98 -14.66
C GLU M 1 56.69 22.95 -14.72
N VAL M 2 56.34 21.70 -14.48
CA VAL M 2 57.33 20.62 -14.46
C VAL M 2 57.75 20.26 -15.89
N GLN M 3 59.02 19.97 -16.05
CA GLN M 3 59.53 19.31 -17.24
C GLN M 3 59.46 17.82 -16.98
N LEU M 4 58.93 17.08 -17.94
CA LEU M 4 58.63 15.65 -17.77
C LEU M 4 59.67 14.87 -18.57
N VAL M 5 60.81 14.61 -17.94
CA VAL M 5 61.85 13.80 -18.57
C VAL M 5 61.42 12.34 -18.49
N GLU M 6 61.22 11.71 -19.64
CA GLU M 6 60.75 10.34 -19.64
C GLU M 6 61.94 9.38 -19.49
N SER M 7 61.62 8.08 -19.49
CA SER M 7 62.67 7.08 -19.46
C SER M 7 63.21 6.83 -20.86
N GLY M 8 64.27 6.03 -20.94
CA GLY M 8 64.82 5.66 -22.22
C GLY M 8 63.98 4.62 -22.93
N ALA M 9 64.22 4.50 -24.24
CA ALA M 9 63.53 3.49 -25.02
C ALA M 9 64.02 2.10 -24.65
N GLU M 10 63.12 1.12 -24.69
CA GLU M 10 63.45 -0.23 -24.26
C GLU M 10 63.08 -1.23 -25.34
N VAL M 11 63.70 -2.41 -25.24
CA VAL M 11 63.39 -3.55 -26.09
C VAL M 11 62.69 -4.57 -25.22
N LYS M 12 61.45 -4.89 -25.56
CA LYS M 12 60.65 -5.79 -24.74
C LYS M 12 60.26 -7.03 -25.55
N LYS M 13 59.64 -7.97 -24.87
CA LYS M 13 59.29 -9.28 -25.40
C LYS M 13 57.79 -9.46 -25.32
N PRO M 14 57.21 -10.35 -26.13
CA PRO M 14 55.79 -10.67 -25.97
C PRO M 14 55.52 -11.37 -24.65
N GLY M 15 54.50 -10.91 -23.95
CA GLY M 15 54.17 -11.46 -22.65
C GLY M 15 55.12 -11.04 -21.55
N SER M 16 55.52 -9.77 -21.53
CA SER M 16 56.47 -9.25 -20.56
C SER M 16 55.80 -8.16 -19.74
N SER M 17 56.62 -7.48 -18.92
CA SER M 17 56.13 -6.45 -18.01
C SER M 17 57.09 -5.27 -18.06
N VAL M 18 56.69 -4.20 -18.74
CA VAL M 18 57.53 -3.04 -18.92
C VAL M 18 57.24 -2.04 -17.80
N LYS M 19 58.27 -1.30 -17.40
CA LYS M 19 58.16 -0.29 -16.35
C LYS M 19 58.76 1.01 -16.88
N VAL M 20 57.90 1.99 -17.12
CA VAL M 20 58.29 3.26 -17.73
C VAL M 20 58.08 4.37 -16.70
N SER M 21 59.13 5.10 -16.39
CA SER M 21 59.06 6.20 -15.44
C SER M 21 58.94 7.53 -16.15
N CYS M 22 58.67 8.58 -15.38
CA CYS M 22 58.50 9.93 -15.92
C CYS M 22 58.83 10.91 -14.79
N LYS M 23 60.05 11.45 -14.81
CA LYS M 23 60.48 12.38 -13.78
C LYS M 23 59.94 13.76 -14.10
N ALA M 24 59.04 14.26 -13.27
CA ALA M 24 58.47 15.60 -13.43
C ALA M 24 59.22 16.54 -12.49
N SER M 25 60.24 17.20 -13.01
CA SER M 25 61.05 18.11 -12.20
C SER M 25 60.57 19.54 -12.39
N GLY M 26 60.45 20.28 -11.31
CA GLY M 26 59.89 21.61 -11.40
C GLY M 26 59.08 22.01 -10.18
N ASP M 27 57.81 22.32 -10.41
CA ASP M 27 56.93 22.85 -9.37
C ASP M 27 56.45 21.70 -8.47
N THR M 28 55.43 21.95 -7.66
CA THR M 28 54.98 21.00 -6.64
C THR M 28 54.37 19.76 -7.28
N PHE M 29 54.85 18.59 -6.85
CA PHE M 29 54.48 17.34 -7.51
C PHE M 29 53.04 16.93 -7.21
N ILE M 30 52.53 17.24 -6.02
CA ILE M 30 51.18 16.82 -5.68
C ILE M 30 50.10 17.70 -6.29
N ARG M 31 50.47 18.84 -6.86
CA ARG M 31 49.51 19.74 -7.48
C ARG M 31 49.22 19.39 -8.93
N TYR M 32 49.75 18.27 -9.42
CA TYR M 32 49.74 17.95 -10.85
C TYR M 32 49.15 16.57 -11.05
N SER M 33 48.01 16.50 -11.72
CA SER M 33 47.43 15.22 -12.10
C SER M 33 48.06 14.76 -13.40
N PHE M 34 48.42 13.49 -13.48
CA PHE M 34 49.18 13.00 -14.62
C PHE M 34 48.37 12.00 -15.43
N THR M 35 48.84 11.75 -16.64
CA THR M 35 48.08 11.02 -17.64
C THR M 35 49.03 10.32 -18.59
N TRP M 36 48.84 9.02 -18.76
CA TRP M 36 49.58 8.26 -19.76
C TRP M 36 48.70 8.08 -20.99
N VAL M 37 49.26 8.43 -22.15
CA VAL M 37 48.61 8.36 -23.45
C VAL M 37 49.60 7.73 -24.42
N ARG M 38 49.20 6.63 -25.06
CA ARG M 38 50.06 5.96 -26.02
C ARG M 38 49.81 6.47 -27.43
N GLN M 39 50.79 6.23 -28.30
CA GLN M 39 50.67 6.54 -29.73
C GLN M 39 51.21 5.37 -30.53
N ALA M 40 50.30 4.66 -31.21
CA ALA M 40 50.69 3.69 -32.22
C ALA M 40 51.40 4.42 -33.35
N PRO M 41 52.36 3.76 -34.03
CA PRO M 41 53.17 4.47 -35.04
C PRO M 41 52.35 4.87 -36.25
N GLY M 42 52.28 6.18 -36.50
CA GLY M 42 51.50 6.74 -37.57
C GLY M 42 50.04 7.00 -37.22
N GLN M 43 49.53 6.42 -36.14
CA GLN M 43 48.13 6.50 -35.81
C GLN M 43 47.85 7.63 -34.82
N GLY M 44 46.58 7.77 -34.46
CA GLY M 44 46.18 8.78 -33.50
C GLY M 44 46.49 8.37 -32.07
N LEU M 45 46.20 9.29 -31.16
CA LEU M 45 46.50 9.07 -29.76
C LEU M 45 45.41 8.22 -29.10
N GLU M 46 45.84 7.25 -28.29
CA GLU M 46 44.94 6.44 -27.48
C GLU M 46 45.17 6.77 -26.02
N TRP M 47 44.11 7.14 -25.32
CA TRP M 47 44.20 7.46 -23.90
C TRP M 47 44.31 6.17 -23.10
N MET M 48 45.35 6.05 -22.29
CA MET M 48 45.54 4.87 -21.45
C MET M 48 44.98 5.09 -20.05
N GLY M 49 45.42 6.14 -19.37
CA GLY M 49 44.94 6.32 -18.01
C GLY M 49 45.33 7.64 -17.42
N ARG M 50 44.73 7.94 -16.27
CA ARG M 50 44.95 9.20 -15.56
C ARG M 50 45.05 8.93 -14.07
N ILE M 51 46.12 9.42 -13.45
CA ILE M 51 46.31 9.31 -12.02
C ILE M 51 46.14 10.70 -11.40
N ILE M 52 45.40 10.76 -10.30
CA ILE M 52 45.32 11.94 -9.47
C ILE M 52 46.41 11.81 -8.41
N THR M 53 47.24 12.84 -8.27
CA THR M 53 48.45 12.65 -7.48
C THR M 53 48.17 12.67 -5.99
N ILE M 54 47.46 13.69 -5.51
CA ILE M 54 47.34 13.86 -4.06
C ILE M 54 46.33 12.89 -3.47
N LEU M 55 45.31 12.50 -4.22
CA LEU M 55 44.43 11.44 -3.74
C LEU M 55 45.00 10.07 -4.00
N ASP M 56 46.02 9.97 -4.87
CA ASP M 56 46.72 8.74 -5.21
C ASP M 56 45.75 7.70 -5.79
N VAL M 57 44.86 8.16 -6.66
CA VAL M 57 43.86 7.32 -7.29
C VAL M 57 44.05 7.40 -8.80
N ALA M 58 44.10 6.26 -9.47
CA ALA M 58 44.33 6.19 -10.90
C ALA M 58 43.17 5.50 -11.58
N HIS M 59 42.66 6.11 -12.64
CA HIS M 59 41.59 5.54 -13.45
C HIS M 59 42.13 5.11 -14.80
N TYR M 60 41.46 4.15 -15.42
CA TYR M 60 41.98 3.51 -16.61
C TYR M 60 40.93 3.43 -17.71
N ALA M 61 41.40 3.32 -18.93
CA ALA M 61 40.54 3.11 -20.07
C ALA M 61 39.96 1.69 -20.03
N PRO M 62 38.79 1.47 -20.65
CA PRO M 62 38.17 0.13 -20.60
C PRO M 62 38.94 -0.94 -21.35
N HIS M 63 39.87 -0.58 -22.24
CA HIS M 63 40.64 -1.57 -22.97
C HIS M 63 41.83 -2.10 -22.19
N LEU M 64 42.15 -1.49 -21.05
CA LEU M 64 43.35 -1.84 -20.30
C LEU M 64 43.01 -2.31 -18.90
N GLN M 65 42.04 -3.21 -18.79
CA GLN M 65 41.56 -3.66 -17.49
C GLN M 65 42.43 -4.80 -16.99
N GLY M 66 43.05 -4.60 -15.83
CA GLY M 66 43.83 -5.63 -15.17
C GLY M 66 45.23 -5.83 -15.70
N ARG M 67 45.65 -5.08 -16.70
CA ARG M 67 46.95 -5.29 -17.32
C ARG M 67 47.87 -4.09 -17.22
N VAL M 68 47.48 -3.03 -16.52
CA VAL M 68 48.30 -1.85 -16.39
C VAL M 68 48.17 -1.32 -14.96
N THR M 69 49.26 -0.76 -14.44
CA THR M 69 49.29 -0.21 -13.10
C THR M 69 50.07 1.09 -13.11
N ILE M 70 49.39 2.19 -12.80
CA ILE M 70 50.04 3.50 -12.71
C ILE M 70 50.27 3.80 -11.25
N THR M 71 51.53 3.86 -10.84
CA THR M 71 51.90 4.27 -9.50
C THR M 71 52.64 5.60 -9.56
N ALA M 72 52.87 6.19 -8.40
CA ALA M 72 53.66 7.39 -8.32
C ALA M 72 54.31 7.47 -6.95
N ASP M 73 55.49 8.07 -6.90
CA ASP M 73 56.14 8.38 -5.64
C ASP M 73 56.40 9.88 -5.57
N LYS M 74 56.10 10.45 -4.41
CA LYS M 74 56.16 11.88 -4.18
C LYS M 74 57.52 12.36 -3.74
N SER M 75 58.34 11.48 -3.18
CA SER M 75 59.72 11.86 -2.84
C SER M 75 60.60 11.82 -4.08
N THR M 76 60.48 10.77 -4.89
CA THR M 76 61.22 10.71 -6.14
C THR M 76 60.60 11.57 -7.24
N SER M 77 59.38 12.08 -7.00
CA SER M 77 58.61 12.89 -7.96
C SER M 77 58.42 12.16 -9.28
N THR M 78 58.15 10.87 -9.20
CA THR M 78 58.24 10.01 -10.38
C THR M 78 56.96 9.22 -10.55
N VAL M 79 56.42 9.22 -11.77
CA VAL M 79 55.18 8.54 -12.09
C VAL M 79 55.54 7.29 -12.89
N TYR M 80 55.38 6.14 -12.27
CA TYR M 80 55.73 4.87 -12.87
C TYR M 80 54.51 4.25 -13.53
N LEU M 81 54.71 3.60 -14.67
CA LEU M 81 53.72 2.76 -15.30
C LEU M 81 54.29 1.36 -15.44
N GLU M 82 53.48 0.36 -15.13
CA GLU M 82 53.89 -1.03 -15.28
C GLU M 82 52.83 -1.78 -16.07
N LEU M 83 53.23 -2.27 -17.24
CA LEU M 83 52.38 -3.11 -18.08
C LEU M 83 52.78 -4.56 -17.93
N ARG M 84 51.79 -5.41 -17.65
CA ARG M 84 51.92 -6.85 -17.80
C ARG M 84 51.17 -7.26 -19.05
N ASN M 85 51.47 -8.47 -19.53
CA ASN M 85 50.90 -9.08 -20.74
C ASN M 85 51.15 -8.19 -21.96
N LEU M 86 52.43 -8.01 -22.28
CA LEU M 86 52.78 -7.24 -23.47
C LEU M 86 52.50 -8.05 -24.73
N ARG M 87 51.80 -7.44 -25.67
CA ARG M 87 51.42 -8.08 -26.92
C ARG M 87 52.14 -7.38 -28.07
N SER M 88 51.82 -7.81 -29.29
CA SER M 88 52.54 -7.32 -30.47
C SER M 88 52.19 -5.87 -30.77
N ASP M 89 50.94 -5.47 -30.49
CA ASP M 89 50.50 -4.10 -30.73
C ASP M 89 51.05 -3.11 -29.71
N ASP M 90 51.69 -3.59 -28.64
CA ASP M 90 52.17 -2.72 -27.57
C ASP M 90 53.43 -1.95 -27.95
N THR M 91 54.06 -2.27 -29.08
CA THR M 91 55.14 -1.45 -29.62
C THR M 91 54.56 -0.12 -30.05
N ALA M 92 54.82 0.92 -29.25
CA ALA M 92 54.16 2.21 -29.46
C ALA M 92 54.96 3.30 -28.76
N VAL M 93 54.57 4.53 -29.02
CA VAL M 93 55.18 5.69 -28.38
C VAL M 93 54.30 6.10 -27.22
N TYR M 94 54.86 6.12 -26.01
CA TYR M 94 54.12 6.44 -24.81
C TYR M 94 54.43 7.87 -24.37
N PHE M 95 53.46 8.46 -23.67
CA PHE M 95 53.49 9.85 -23.25
C PHE M 95 52.98 9.97 -21.82
N CYS M 96 53.76 10.63 -20.98
CA CYS M 96 53.28 11.12 -19.70
C CYS M 96 53.01 12.61 -19.83
N ALA M 97 51.90 13.06 -19.23
CA ALA M 97 51.48 14.44 -19.39
C ALA M 97 50.79 14.92 -18.13
N GLY M 98 51.12 16.14 -17.68
CA GLY M 98 50.55 16.71 -16.50
C GLY M 98 49.80 18.00 -16.79
N VAL M 99 49.13 18.51 -15.75
CA VAL M 99 48.34 19.72 -15.85
C VAL M 99 48.20 20.31 -14.46
N TYR M 100 48.11 21.62 -14.38
CA TYR M 100 47.99 22.28 -13.08
C TYR M 100 46.55 22.20 -12.60
N GLU M 101 46.37 21.70 -11.38
CA GLU M 101 45.05 21.43 -10.84
C GLU M 101 44.65 22.38 -9.72
N GLY M 102 45.53 23.26 -9.28
CA GLY M 102 45.23 24.17 -8.20
C GLY M 102 45.92 23.74 -6.92
N GLU M 103 45.62 24.50 -5.86
CA GLU M 103 46.23 24.25 -4.56
C GLU M 103 45.56 23.02 -3.96
N ALA M 104 46.07 21.86 -4.36
CA ALA M 104 45.50 20.61 -3.89
C ALA M 104 45.88 20.30 -2.45
N ASP M 105 46.90 20.99 -1.92
CA ASP M 105 47.35 20.74 -0.55
C ASP M 105 46.29 21.10 0.48
N GLU M 106 45.54 22.17 0.23
CA GLU M 106 44.43 22.54 1.07
C GLU M 106 43.09 22.41 0.36
N GLY M 107 42.94 23.15 -0.72
CA GLY M 107 41.64 23.35 -1.31
C GLY M 107 41.46 22.80 -2.71
N GLU M 108 41.64 23.72 -3.66
CA GLU M 108 41.27 23.58 -5.05
C GLU M 108 41.79 22.31 -5.71
N TYR M 109 40.90 21.62 -6.42
CA TYR M 109 41.28 20.61 -7.39
C TYR M 109 40.31 20.76 -8.54
N ASP M 110 40.79 21.23 -9.68
CA ASP M 110 39.88 21.63 -10.76
C ASP M 110 39.43 20.48 -11.64
N ASN M 111 40.09 19.31 -11.56
CA ASN M 111 39.76 18.10 -12.32
C ASN M 111 39.78 18.36 -13.83
N ASN M 112 40.94 18.81 -14.31
CA ASN M 112 41.11 19.13 -15.72
C ASN M 112 41.43 17.87 -16.51
N GLY M 113 40.90 17.80 -17.73
CA GLY M 113 41.12 16.66 -18.59
C GLY M 113 42.08 16.95 -19.71
N PHE M 114 42.21 18.22 -20.08
CA PHE M 114 43.18 18.61 -21.08
C PHE M 114 44.59 18.48 -20.54
N LEU M 115 45.55 18.31 -21.45
CA LEU M 115 46.94 18.03 -21.07
C LEU M 115 47.84 19.19 -21.50
N LYS M 116 48.21 20.03 -20.55
CA LYS M 116 49.03 21.20 -20.85
C LYS M 116 50.48 20.82 -21.07
N HIS M 117 51.14 20.30 -20.04
CA HIS M 117 52.54 19.94 -20.13
C HIS M 117 52.69 18.50 -20.58
N TRP M 118 53.65 18.29 -21.47
CA TRP M 118 53.89 16.98 -22.06
C TRP M 118 55.29 16.50 -21.75
N GLY M 119 55.51 15.21 -21.98
CA GLY M 119 56.84 14.64 -21.85
C GLY M 119 57.60 14.81 -23.13
N GLN M 120 58.13 13.71 -23.67
CA GLN M 120 58.80 13.75 -24.96
C GLN M 120 58.46 12.57 -25.85
N GLY M 121 57.78 11.55 -25.36
CA GLY M 121 57.48 10.38 -26.16
C GLY M 121 58.59 9.36 -26.09
N THR M 122 58.25 8.12 -25.75
CA THR M 122 59.25 7.06 -25.66
C THR M 122 58.73 5.83 -26.38
N LEU M 123 59.49 5.33 -27.34
CA LEU M 123 59.07 4.15 -28.11
C LEU M 123 59.43 2.89 -27.33
N VAL M 124 58.44 2.05 -27.06
CA VAL M 124 58.64 0.74 -26.48
C VAL M 124 58.38 -0.30 -27.57
N THR M 125 59.37 -1.17 -27.77
CA THR M 125 59.36 -2.14 -28.85
C THR M 125 59.21 -3.54 -28.27
N VAL M 126 58.18 -4.25 -28.71
CA VAL M 126 57.91 -5.61 -28.26
C VAL M 126 58.46 -6.57 -29.30
N SER M 127 59.56 -7.23 -28.97
CA SER M 127 60.20 -8.16 -29.90
C SER M 127 60.54 -9.48 -29.20
N ASP N 1 13.47 25.30 -32.13
CA ASP N 1 12.76 24.15 -31.56
C ASP N 1 12.47 23.10 -32.62
N ILE N 2 12.28 23.54 -33.86
CA ILE N 2 11.97 22.62 -34.95
C ILE N 2 13.07 22.69 -36.00
N MET N 4 12.45 23.27 -39.10
CA MET N 4 11.83 23.88 -40.28
C MET N 4 12.84 24.37 -41.30
N THR N 5 13.46 23.43 -42.00
CA THR N 5 14.30 23.74 -43.15
C THR N 5 13.60 23.29 -44.42
N GLN N 6 13.92 23.95 -45.51
CA GLN N 6 13.40 23.53 -46.81
C GLN N 6 14.46 22.68 -47.51
N SER N 7 14.00 21.62 -48.16
CA SER N 7 14.90 20.61 -48.69
C SER N 7 15.75 21.08 -49.88
N PRO N 8 15.29 21.95 -50.77
CA PRO N 8 16.24 22.69 -51.60
C PRO N 8 16.61 24.03 -50.96
N ALA N 9 17.56 24.69 -51.59
CA ALA N 9 17.92 26.06 -51.20
C ALA N 9 17.66 27.05 -52.33
N THR N 10 18.20 26.81 -53.52
CA THR N 10 18.05 27.70 -54.66
C THR N 10 17.70 26.86 -55.88
N LEU N 11 16.71 27.31 -56.65
CA LEU N 11 16.24 26.60 -57.83
C LEU N 11 16.29 27.58 -59.00
N SER N 12 17.45 27.68 -59.65
CA SER N 12 17.65 28.66 -60.71
C SER N 12 17.34 28.03 -62.07
N VAL N 13 16.07 27.71 -62.28
CA VAL N 13 15.63 26.95 -63.43
C VAL N 13 14.91 27.88 -64.40
N SER N 14 14.59 27.34 -65.56
CA SER N 14 13.96 27.78 -66.80
C SER N 14 12.47 27.44 -66.80
N PRO N 15 11.66 28.26 -67.47
CA PRO N 15 10.24 27.93 -67.63
C PRO N 15 10.04 26.68 -68.47
N GLY N 16 8.92 26.00 -68.22
CA GLY N 16 8.65 24.71 -68.79
C GLY N 16 9.18 23.55 -67.96
N GLU N 17 10.27 23.77 -67.23
CA GLU N 17 10.84 22.76 -66.36
C GLU N 17 9.97 22.59 -65.12
N ARG N 18 9.80 21.35 -64.68
CA ARG N 18 9.07 21.09 -63.45
C ARG N 18 9.92 21.48 -62.24
N ALA N 19 9.31 22.21 -61.32
CA ALA N 19 10.02 22.72 -60.15
C ALA N 19 10.18 21.65 -59.09
N THR N 20 11.09 21.92 -58.15
CA THR N 20 11.41 21.01 -57.05
C THR N 20 11.33 21.80 -55.75
N LEU N 21 10.21 21.66 -55.04
CA LEU N 21 10.00 22.35 -53.77
C LEU N 21 9.61 21.31 -52.72
N SER N 22 10.32 21.30 -51.60
CA SER N 22 10.01 20.38 -50.52
C SER N 22 10.30 21.05 -49.19
N CYS N 23 9.71 20.49 -48.13
CA CYS N 23 9.80 21.06 -46.78
C CYS N 23 10.10 19.98 -45.77
N ARG N 24 11.11 20.23 -44.94
CA ARG N 24 11.61 19.29 -43.94
C ARG N 24 11.28 19.80 -42.55
N ALA N 25 10.72 18.92 -41.72
CA ALA N 25 10.38 19.28 -40.35
C ALA N 25 10.99 18.28 -39.40
N SER N 26 11.22 18.73 -38.17
CA SER N 26 11.86 17.89 -37.16
C SER N 26 10.93 16.87 -36.54
N GLU N 27 9.67 17.24 -36.29
CA GLU N 27 8.71 16.33 -35.67
C GLU N 27 7.53 16.14 -36.61
N SER N 28 6.78 15.08 -36.36
CA SER N 28 5.72 14.66 -37.26
C SER N 28 4.52 15.60 -37.14
N VAL N 29 3.94 15.95 -38.27
CA VAL N 29 2.81 16.86 -38.35
C VAL N 29 1.65 16.15 -39.04
N SER N 30 1.90 15.75 -40.28
CA SER N 30 1.11 14.88 -41.16
C SER N 30 -0.19 15.51 -41.65
N SER N 31 -0.58 16.67 -41.16
CA SER N 31 -1.76 17.32 -41.73
C SER N 31 -1.65 18.82 -41.88
N ASP N 32 -0.70 19.49 -41.24
CA ASP N 32 -0.73 20.95 -41.14
C ASP N 32 0.54 21.53 -41.73
N LEU N 33 0.55 21.75 -43.04
CA LEU N 33 1.62 22.51 -43.65
C LEU N 33 1.00 23.47 -44.65
N ALA N 34 1.37 24.74 -44.56
CA ALA N 34 0.84 25.76 -45.44
C ALA N 34 1.92 26.22 -46.41
N TRP N 35 1.55 26.35 -47.68
CA TRP N 35 2.47 26.77 -48.72
C TRP N 35 2.18 28.21 -49.12
N TYR N 36 3.23 29.01 -49.22
CA TYR N 36 3.13 30.43 -49.55
C TYR N 36 4.12 30.78 -50.64
N GLN N 37 3.77 31.78 -51.42
CA GLN N 37 4.59 32.27 -52.52
C GLN N 37 4.68 33.78 -52.42
N GLN N 38 5.91 34.31 -52.33
CA GLN N 38 6.13 35.73 -52.13
C GLN N 38 7.10 36.24 -53.18
N LYS N 39 6.58 36.99 -54.15
CA LYS N 39 7.45 37.84 -54.94
C LYS N 39 7.98 38.97 -54.07
N PRO N 40 9.20 39.46 -54.33
CA PRO N 40 9.74 40.58 -53.55
C PRO N 40 8.93 41.85 -53.78
N GLY N 41 8.33 42.35 -52.71
CA GLY N 41 7.44 43.48 -52.78
C GLY N 41 5.97 43.13 -52.76
N GLN N 42 5.61 41.89 -52.44
CA GLN N 42 4.22 41.45 -52.42
C GLN N 42 3.93 40.73 -51.11
N ALA N 43 2.67 40.77 -50.70
CA ALA N 43 2.24 39.99 -49.56
C ALA N 43 2.18 38.51 -49.95
N PRO N 44 2.59 37.60 -49.07
CA PRO N 44 2.71 36.19 -49.45
C PRO N 44 1.39 35.50 -49.74
N ARG N 45 1.19 35.15 -51.01
CA ARG N 45 -0.03 34.51 -51.45
C ARG N 45 -0.04 33.05 -51.00
N LEU N 46 -1.16 32.61 -50.44
CA LEU N 46 -1.27 31.21 -50.05
C LEU N 46 -1.48 30.35 -51.27
N LEU N 47 -0.89 29.15 -51.25
CA LEU N 47 -1.08 28.19 -52.32
C LEU N 47 -1.82 26.95 -51.83
N ILE N 48 -1.26 26.24 -50.86
CA ILE N 48 -1.79 24.97 -50.39
C ILE N 48 -1.83 25.02 -48.86
N TYR N 49 -3.02 24.88 -48.29
CA TYR N 49 -3.17 24.76 -46.85
C TYR N 49 -3.56 23.33 -46.50
N GLY N 50 -3.09 22.85 -45.36
CA GLY N 50 -3.32 21.48 -44.98
C GLY N 50 -2.49 20.47 -45.73
N ALA N 51 -1.53 20.93 -46.55
CA ALA N 51 -0.65 20.15 -47.41
C ALA N 51 -1.39 19.26 -48.41
N SER N 52 -2.68 19.48 -48.64
CA SER N 52 -3.42 18.61 -49.54
C SER N 52 -4.50 19.29 -50.37
N THR N 53 -4.69 20.60 -50.28
CA THR N 53 -5.80 21.20 -51.02
C THR N 53 -5.46 22.61 -51.46
N ARG N 54 -6.10 23.03 -52.54
CA ARG N 54 -5.90 24.35 -53.12
C ARG N 54 -6.87 25.35 -52.50
N ALA N 55 -6.43 26.59 -52.40
CA ALA N 55 -7.27 27.68 -51.92
C ALA N 55 -8.11 28.22 -53.08
N THR N 56 -8.73 29.37 -52.87
CA THR N 56 -9.50 30.01 -53.92
C THR N 56 -8.57 30.68 -54.92
N GLY N 57 -8.83 30.45 -56.20
CA GLY N 57 -8.01 31.07 -57.23
C GLY N 57 -6.65 30.47 -57.42
N VAL N 58 -6.41 29.27 -56.92
CA VAL N 58 -5.13 28.60 -57.09
C VAL N 58 -5.15 27.81 -58.39
N PRO N 59 -4.15 27.99 -59.26
CA PRO N 59 -4.08 27.17 -60.48
C PRO N 59 -3.79 25.72 -60.16
N ALA N 60 -4.17 24.86 -61.10
CA ALA N 60 -4.05 23.41 -60.91
C ALA N 60 -2.62 22.92 -61.01
N ARG N 61 -1.68 23.75 -61.48
CA ARG N 61 -0.29 23.32 -61.58
C ARG N 61 0.40 23.25 -60.22
N PHE N 62 -0.18 23.87 -59.19
CA PHE N 62 0.35 23.78 -57.84
C PHE N 62 -0.19 22.51 -57.20
N SER N 63 0.66 21.50 -57.03
CA SER N 63 0.23 20.22 -56.50
C SER N 63 1.05 19.90 -55.27
N GLY N 64 0.44 20.01 -54.09
CA GLY N 64 1.11 19.71 -52.84
C GLY N 64 0.73 18.34 -52.33
N SER N 65 1.70 17.65 -51.73
CA SER N 65 1.47 16.32 -51.20
C SER N 65 2.51 16.05 -50.12
N GLY N 66 2.42 14.87 -49.53
CA GLY N 66 3.34 14.45 -48.49
C GLY N 66 2.60 14.04 -47.22
N SER N 67 3.38 13.58 -46.26
CA SER N 67 2.84 13.12 -44.99
C SER N 67 3.94 13.19 -43.95
N GLY N 68 3.53 13.09 -42.68
CA GLY N 68 4.45 13.13 -41.57
C GLY N 68 5.11 14.47 -41.41
N ALA N 69 6.44 14.52 -41.55
CA ALA N 69 7.16 15.78 -41.44
C ALA N 69 7.66 16.31 -42.78
N GLU N 70 7.95 15.43 -43.74
CA GLU N 70 8.43 15.84 -45.05
C GLU N 70 7.27 16.03 -46.01
N PHE N 71 7.25 17.16 -46.71
CA PHE N 71 6.20 17.45 -47.68
C PHE N 71 6.84 17.95 -48.97
N THR N 72 6.04 18.01 -50.03
CA THR N 72 6.56 18.37 -51.34
C THR N 72 5.49 19.07 -52.15
N LEU N 73 5.81 20.26 -52.64
CA LEU N 73 4.97 20.97 -53.60
C LEU N 73 5.63 20.90 -54.96
N THR N 74 4.84 20.58 -55.99
CA THR N 74 5.30 20.46 -57.35
C THR N 74 4.61 21.48 -58.23
N ILE N 75 5.39 22.11 -59.11
CA ILE N 75 4.89 23.01 -60.14
C ILE N 75 5.39 22.45 -61.47
N SER N 76 4.48 21.87 -62.25
CA SER N 76 4.87 21.28 -63.52
C SER N 76 5.16 22.36 -64.57
N SER N 77 4.15 23.17 -64.89
CA SER N 77 4.28 24.22 -65.90
C SER N 77 4.73 25.51 -65.21
N LEU N 78 6.04 25.60 -65.00
CA LEU N 78 6.62 26.79 -64.38
C LEU N 78 6.51 27.96 -65.34
N GLN N 79 5.72 28.96 -64.98
CA GLN N 79 5.42 30.06 -65.86
C GLN N 79 6.44 31.17 -65.69
N SER N 80 6.16 32.34 -66.28
CA SER N 80 6.96 33.54 -66.08
C SER N 80 6.47 34.37 -64.90
N GLU N 81 5.79 33.74 -63.95
CA GLU N 81 5.38 34.36 -62.70
C GLU N 81 5.70 33.50 -61.50
N ASP N 82 6.20 32.29 -61.69
CA ASP N 82 6.52 31.39 -60.60
C ASP N 82 7.95 31.54 -60.11
N PHE N 83 8.56 32.71 -60.31
CA PHE N 83 9.86 33.01 -59.72
C PHE N 83 9.63 33.93 -58.52
N ALA N 84 9.82 33.38 -57.33
CA ALA N 84 9.46 34.02 -56.06
C ALA N 84 10.14 33.22 -54.96
N VAL N 85 9.78 33.53 -53.72
CA VAL N 85 10.28 32.82 -52.54
C VAL N 85 9.14 31.95 -52.01
N TYR N 86 9.40 30.67 -51.82
CA TYR N 86 8.38 29.72 -51.41
C TYR N 86 8.57 29.35 -49.95
N TYR N 87 7.52 29.54 -49.16
CA TYR N 87 7.53 29.28 -47.73
C TYR N 87 6.64 28.10 -47.38
N CYS N 88 7.05 27.37 -46.35
CA CYS N 88 6.22 26.32 -45.75
C CYS N 88 6.07 26.63 -44.28
N GLN N 89 4.85 26.49 -43.76
CA GLN N 89 4.52 26.85 -42.39
C GLN N 89 3.94 25.64 -41.68
N GLN N 90 4.59 25.23 -40.60
CA GLN N 90 4.09 24.18 -39.72
C GLN N 90 3.11 24.79 -38.72
N TYR N 91 1.86 24.35 -38.75
CA TYR N 91 0.88 24.85 -37.81
C TYR N 91 0.23 23.72 -37.03
N ASN N 92 1.04 22.75 -36.60
CA ASN N 92 0.53 21.59 -35.87
C ASN N 92 0.22 21.94 -34.42
N ASN N 93 1.22 22.44 -33.70
CA ASN N 93 1.22 22.36 -32.25
C ASN N 93 0.24 23.33 -31.59
N TRP N 94 -0.20 22.94 -30.39
CA TRP N 94 -0.98 23.79 -29.51
C TRP N 94 -0.30 23.76 -28.15
N PRO N 95 -0.10 24.92 -27.48
CA PRO N 95 -0.32 26.35 -27.73
C PRO N 95 0.43 26.83 -28.96
N PRO N 96 -0.05 27.90 -29.62
CA PRO N 96 0.47 28.27 -30.94
C PRO N 96 1.94 28.68 -30.90
N ARG N 97 2.76 27.97 -31.66
CA ARG N 97 4.15 28.31 -31.93
C ARG N 97 4.43 28.10 -33.41
N TYR N 98 3.56 28.66 -34.26
CA TYR N 98 3.49 28.27 -35.66
C TYR N 98 4.67 28.86 -36.42
N THR N 99 5.80 28.17 -36.38
CA THR N 99 7.00 28.65 -37.05
C THR N 99 6.88 28.49 -38.57
N PHE N 100 7.72 29.25 -39.28
CA PHE N 100 7.78 29.22 -40.72
C PHE N 100 9.02 28.47 -41.19
N GLY N 101 9.02 28.15 -42.48
CA GLY N 101 10.22 27.65 -43.14
C GLY N 101 11.15 28.80 -43.49
N GLN N 102 12.18 28.46 -44.26
CA GLN N 102 13.19 29.45 -44.58
C GLN N 102 12.86 30.22 -45.85
N GLY N 103 12.69 29.52 -46.96
CA GLY N 103 12.39 30.15 -48.23
C GLY N 103 13.32 29.69 -49.34
N THR N 104 12.77 29.61 -50.55
CA THR N 104 13.51 29.11 -51.71
C THR N 104 13.34 30.10 -52.85
N ARG N 105 14.43 30.73 -53.26
CA ARG N 105 14.41 31.73 -54.32
C ARG N 105 14.68 31.08 -55.67
N LEU N 106 14.00 31.58 -56.70
CA LEU N 106 14.00 30.97 -58.03
C LEU N 106 14.38 31.99 -59.11
N GLU N 107 15.49 32.71 -58.91
CA GLU N 107 15.95 33.65 -59.94
C GLU N 107 16.42 32.89 -61.18
N ILE N 108 15.85 33.24 -62.33
CA ILE N 108 16.16 32.58 -63.59
C ILE N 108 17.53 33.02 -64.10
N GLU O 1 -14.63 38.43 -46.34
CA GLU O 1 -13.28 38.64 -46.83
C GLU O 1 -12.85 40.09 -46.58
N VAL O 2 -12.23 40.33 -45.44
CA VAL O 2 -11.81 41.67 -45.08
C VAL O 2 -10.55 42.05 -45.85
N GLN O 3 -10.50 43.31 -46.25
CA GLN O 3 -9.26 43.93 -46.71
C GLN O 3 -8.58 44.53 -45.49
N LEU O 4 -7.28 44.27 -45.37
CA LEU O 4 -6.54 44.62 -44.16
C LEU O 4 -5.64 45.81 -44.51
N VAL O 5 -6.19 47.01 -44.39
CA VAL O 5 -5.43 48.23 -44.61
C VAL O 5 -4.56 48.47 -43.39
N GLU O 6 -3.25 48.44 -43.58
CA GLU O 6 -2.34 48.60 -42.46
C GLU O 6 -2.12 50.08 -42.16
N SER O 7 -1.30 50.35 -41.15
CA SER O 7 -0.94 51.72 -40.83
C SER O 7 0.21 52.18 -41.73
N GLY O 8 0.54 53.46 -41.64
CA GLY O 8 1.66 54.00 -42.38
C GLY O 8 2.98 53.61 -41.76
N ALA O 9 4.04 53.75 -42.57
CA ALA O 9 5.39 53.47 -42.09
C ALA O 9 5.80 54.55 -41.09
N GLU O 10 6.58 54.14 -40.09
CA GLU O 10 6.98 55.05 -39.02
C GLU O 10 8.48 55.03 -38.84
N VAL O 11 8.99 56.09 -38.22
CA VAL O 11 10.38 56.22 -37.83
C VAL O 11 10.44 56.10 -36.31
N LYS O 12 11.12 55.08 -35.83
CA LYS O 12 11.17 54.82 -34.40
C LYS O 12 12.60 54.91 -33.90
N LYS O 13 12.75 54.83 -32.58
CA LYS O 13 13.99 55.00 -31.86
C LYS O 13 14.32 53.73 -31.11
N PRO O 14 15.60 53.51 -30.76
CA PRO O 14 15.94 52.38 -29.90
C PRO O 14 15.36 52.55 -28.50
N GLY O 15 14.73 51.50 -27.99
CA GLY O 15 14.10 51.57 -26.69
C GLY O 15 12.80 52.35 -26.68
N SER O 16 11.98 52.17 -27.70
CA SER O 16 10.72 52.90 -27.83
C SER O 16 9.56 51.92 -27.84
N SER O 17 8.36 52.45 -28.11
CA SER O 17 7.13 51.66 -28.08
C SER O 17 6.30 52.03 -29.30
N VAL O 18 6.28 51.14 -30.29
CA VAL O 18 5.57 51.40 -31.53
C VAL O 18 4.17 50.82 -31.43
N LYS O 19 3.22 51.47 -32.09
CA LYS O 19 1.81 51.05 -32.10
C LYS O 19 1.35 51.00 -33.55
N VAL O 20 1.13 49.79 -34.05
CA VAL O 20 0.78 49.54 -35.45
C VAL O 20 -0.63 48.98 -35.49
N SER O 21 -1.51 49.65 -36.23
CA SER O 21 -2.89 49.21 -36.37
C SER O 21 -3.09 48.47 -37.69
N CYS O 22 -4.26 47.86 -37.83
CA CYS O 22 -4.60 47.10 -39.02
C CYS O 22 -6.12 47.08 -39.14
N LYS O 23 -6.66 47.95 -39.99
CA LYS O 23 -8.10 48.04 -40.19
C LYS O 23 -8.55 46.94 -41.13
N ALA O 24 -9.33 45.99 -40.62
CA ALA O 24 -9.88 44.91 -41.42
C ALA O 24 -11.31 45.29 -41.76
N SER O 25 -11.50 45.87 -42.94
CA SER O 25 -12.82 46.29 -43.39
C SER O 25 -13.41 45.24 -44.31
N GLY O 26 -14.68 44.92 -44.11
CA GLY O 26 -15.28 43.84 -44.87
C GLY O 26 -16.32 43.05 -44.10
N ASP O 27 -16.08 41.76 -43.95
CA ASP O 27 -17.03 40.84 -43.34
C ASP O 27 -16.97 40.99 -41.81
N THR O 28 -17.55 40.03 -41.09
CA THR O 28 -17.71 40.12 -39.65
C THR O 28 -16.37 40.04 -38.94
N PHE O 29 -16.10 41.01 -38.06
CA PHE O 29 -14.79 41.13 -37.45
C PHE O 29 -14.50 40.05 -36.43
N ILE O 30 -15.53 39.56 -35.72
CA ILE O 30 -15.29 38.55 -34.70
C ILE O 30 -15.11 37.16 -35.27
N ARG O 31 -15.41 36.96 -36.54
CA ARG O 31 -15.27 35.64 -37.17
C ARG O 31 -13.87 35.40 -37.70
N TYR O 32 -12.92 36.29 -37.43
CA TYR O 32 -11.61 36.29 -38.08
C TYR O 32 -10.52 36.32 -37.02
N SER O 33 -9.74 35.26 -36.94
CA SER O 33 -8.57 35.23 -36.07
C SER O 33 -7.41 35.88 -36.79
N PHE O 34 -6.66 36.74 -36.09
CA PHE O 34 -5.63 37.52 -36.74
C PHE O 34 -4.25 37.13 -36.24
N THR O 35 -3.24 37.55 -36.99
CA THR O 35 -1.88 37.07 -36.80
C THR O 35 -0.90 38.13 -37.27
N TRP O 36 0.03 38.50 -36.40
CA TRP O 36 1.12 39.38 -36.78
C TRP O 36 2.36 38.55 -37.05
N VAL O 37 2.95 38.79 -38.22
CA VAL O 37 4.15 38.12 -38.71
C VAL O 37 5.09 39.18 -39.26
N ARG O 38 6.31 39.23 -38.74
CA ARG O 38 7.30 40.20 -39.20
C ARG O 38 8.15 39.63 -40.30
N GLN O 39 8.79 40.52 -41.06
CA GLN O 39 9.75 40.15 -42.09
C GLN O 39 10.97 41.05 -41.99
N ALA O 40 12.09 40.47 -41.57
CA ALA O 40 13.38 41.13 -41.66
C ALA O 40 13.71 41.37 -43.13
N PRO O 41 14.44 42.44 -43.46
CA PRO O 41 14.67 42.78 -44.88
C PRO O 41 15.54 41.75 -45.58
N GLY O 42 14.98 41.12 -46.61
CA GLY O 42 15.64 40.07 -47.35
C GLY O 42 15.49 38.68 -46.76
N GLN O 43 15.09 38.58 -45.50
CA GLN O 43 15.05 37.30 -44.80
C GLN O 43 13.66 36.67 -44.87
N GLY O 44 13.53 35.50 -44.26
CA GLY O 44 12.27 34.80 -44.21
C GLY O 44 11.33 35.39 -43.18
N LEU O 45 10.12 34.82 -43.14
CA LEU O 45 9.09 35.31 -42.24
C LEU O 45 9.28 34.76 -40.84
N GLU O 46 9.13 35.63 -39.85
CA GLU O 46 9.15 35.24 -38.45
C GLU O 46 7.76 35.45 -37.87
N TRP O 47 7.20 34.40 -37.28
CA TRP O 47 5.89 34.48 -36.67
C TRP O 47 5.99 35.19 -35.34
N MET O 48 5.23 36.27 -35.16
CA MET O 48 5.22 37.01 -33.91
C MET O 48 4.10 36.54 -32.98
N GLY O 49 2.86 36.56 -33.46
CA GLY O 49 1.78 36.18 -32.56
C GLY O 49 0.46 36.03 -33.27
N ARG O 50 -0.50 35.47 -32.54
CA ARG O 50 -1.84 35.22 -33.06
C ARG O 50 -2.87 35.55 -32.00
N ILE O 51 -3.85 36.37 -32.37
CA ILE O 51 -4.96 36.73 -31.50
C ILE O 51 -6.22 36.05 -32.02
N ILE O 52 -6.97 35.46 -31.11
CA ILE O 52 -8.31 34.97 -31.37
C ILE O 52 -9.27 36.10 -31.07
N THR O 53 -10.14 36.43 -32.00
CA THR O 53 -10.89 37.68 -31.87
C THR O 53 -12.02 37.56 -30.86
N ILE O 54 -12.87 36.54 -30.99
CA ILE O 54 -14.08 36.50 -30.19
C ILE O 54 -13.78 36.05 -28.76
N LEU O 55 -12.77 35.22 -28.55
CA LEU O 55 -12.34 34.91 -27.19
C LEU O 55 -11.44 35.99 -26.62
N ASP O 56 -10.91 36.86 -27.47
CA ASP O 56 -10.04 37.98 -27.10
C ASP O 56 -8.79 37.49 -26.37
N VAL O 57 -8.21 36.41 -26.87
CA VAL O 57 -7.01 35.80 -26.29
C VAL O 57 -5.92 35.79 -27.36
N ALA O 58 -4.74 36.26 -26.98
CA ALA O 58 -3.62 36.36 -27.90
C ALA O 58 -2.46 35.54 -27.39
N HIS O 59 -1.88 34.72 -28.26
CA HIS O 59 -0.71 33.93 -27.94
C HIS O 59 0.51 34.47 -28.69
N TYR O 60 1.69 34.20 -28.15
CA TYR O 60 2.90 34.84 -28.63
C TYR O 60 4.01 33.81 -28.83
N ALA O 61 4.95 34.18 -29.69
CA ALA O 61 6.14 33.36 -29.91
C ALA O 61 7.04 33.45 -28.68
N PRO O 62 7.89 32.42 -28.45
CA PRO O 62 8.75 32.45 -27.26
C PRO O 62 9.83 33.52 -27.28
N HIS O 63 10.14 34.12 -28.43
CA HIS O 63 11.14 35.16 -28.50
C HIS O 63 10.61 36.53 -28.11
N LEU O 64 9.30 36.67 -27.96
CA LEU O 64 8.68 37.97 -27.72
C LEU O 64 7.92 38.00 -26.40
N GLN O 65 8.54 37.51 -25.35
CA GLN O 65 7.88 37.39 -24.05
C GLN O 65 7.99 38.71 -23.30
N GLY O 66 6.84 39.30 -22.96
CA GLY O 66 6.78 40.49 -22.15
C GLY O 66 7.05 41.79 -22.87
N ARG O 67 7.32 41.75 -24.17
CA ARG O 67 7.68 42.95 -24.91
C ARG O 67 6.72 43.29 -26.04
N VAL O 68 5.61 42.56 -26.18
CA VAL O 68 4.66 42.81 -27.25
C VAL O 68 3.25 42.61 -26.68
N THR O 69 2.30 43.40 -27.18
CA THR O 69 0.92 43.32 -26.74
C THR O 69 0.01 43.47 -27.95
N ILE O 70 -0.75 42.43 -28.26
CA ILE O 70 -1.71 42.47 -29.36
C ILE O 70 -3.09 42.69 -28.76
N THR O 71 -3.68 43.84 -29.03
CA THR O 71 -5.05 44.12 -28.64
C THR O 71 -5.91 44.23 -29.88
N ALA O 72 -7.22 44.30 -29.67
CA ALA O 72 -8.15 44.51 -30.76
C ALA O 72 -9.39 45.19 -30.22
N ASP O 73 -10.01 46.02 -31.07
CA ASP O 73 -11.31 46.59 -30.76
C ASP O 73 -12.29 46.20 -31.86
N LYS O 74 -13.48 45.80 -31.42
CA LYS O 74 -14.51 45.26 -32.30
C LYS O 74 -15.40 46.34 -32.89
N SER O 75 -15.49 47.51 -32.25
CA SER O 75 -16.23 48.61 -32.84
C SER O 75 -15.41 49.31 -33.92
N THR O 76 -14.13 49.56 -33.64
CA THR O 76 -13.25 50.14 -34.64
C THR O 76 -12.79 49.11 -35.67
N SER O 77 -13.04 47.82 -35.40
CA SER O 77 -12.61 46.70 -36.26
C SER O 77 -11.10 46.71 -36.48
N THR O 78 -10.35 47.01 -35.43
CA THR O 78 -8.94 47.35 -35.59
C THR O 78 -8.10 46.51 -34.66
N VAL O 79 -7.05 45.90 -35.19
CA VAL O 79 -6.15 45.04 -34.45
C VAL O 79 -4.85 45.82 -34.20
N TYR O 80 -4.64 46.22 -32.96
CA TYR O 80 -3.48 47.02 -32.60
C TYR O 80 -2.36 46.12 -32.10
N LEU O 81 -1.14 46.46 -32.44
CA LEU O 81 0.05 45.86 -31.85
C LEU O 81 0.87 46.95 -31.19
N GLU O 82 1.38 46.67 -30.00
CA GLU O 82 2.23 47.61 -29.28
C GLU O 82 3.50 46.90 -28.84
N LEU O 83 4.63 47.35 -29.37
CA LEU O 83 5.94 46.86 -28.97
C LEU O 83 6.61 47.84 -28.03
N ARG O 84 7.07 47.34 -26.89
CA ARG O 84 8.01 48.04 -26.05
C ARG O 84 9.39 47.42 -26.23
N ASN O 85 10.41 48.17 -25.81
CA ASN O 85 11.82 47.79 -25.91
C ASN O 85 12.22 47.52 -27.37
N LEU O 86 12.12 48.57 -28.18
CA LEU O 86 12.53 48.46 -29.58
C LEU O 86 14.05 48.42 -29.67
N ARG O 87 14.56 47.44 -30.40
CA ARG O 87 15.99 47.25 -30.58
C ARG O 87 16.35 47.50 -32.04
N SER O 88 17.62 47.29 -32.37
CA SER O 88 18.12 47.62 -33.70
C SER O 88 17.58 46.65 -34.75
N ASP O 89 17.36 45.39 -34.37
CA ASP O 89 16.82 44.40 -35.29
C ASP O 89 15.34 44.56 -35.57
N ASP O 90 14.66 45.44 -34.83
CA ASP O 90 13.21 45.60 -34.97
C ASP O 90 12.82 46.38 -36.21
N THR O 91 13.77 46.98 -36.92
CA THR O 91 13.51 47.56 -38.24
C THR O 91 13.17 46.43 -39.20
N ALA O 92 11.88 46.31 -39.53
CA ALA O 92 11.42 45.15 -40.30
C ALA O 92 10.08 45.49 -40.92
N VAL O 93 9.63 44.59 -41.79
CA VAL O 93 8.32 44.70 -42.44
C VAL O 93 7.34 43.84 -41.66
N TYR O 94 6.28 44.46 -41.16
CA TYR O 94 5.28 43.77 -40.36
C TYR O 94 4.04 43.49 -41.19
N PHE O 95 3.34 42.42 -40.80
CA PHE O 95 2.18 41.90 -41.52
C PHE O 95 1.09 41.54 -40.53
N CYS O 96 -0.11 42.04 -40.78
CA CYS O 96 -1.32 41.53 -40.14
C CYS O 96 -2.05 40.63 -41.15
N ALA O 97 -2.56 39.52 -40.66
CA ALA O 97 -3.17 38.53 -41.55
C ALA O 97 -4.32 37.82 -40.84
N GLY O 98 -5.43 37.65 -41.54
CA GLY O 98 -6.60 37.01 -40.99
C GLY O 98 -6.98 35.76 -41.77
N VAL O 99 -7.97 35.05 -41.22
CA VAL O 99 -8.44 33.81 -41.83
C VAL O 99 -9.87 33.57 -41.31
N TYR O 100 -10.69 32.94 -42.15
CA TYR O 100 -12.07 32.67 -41.76
C TYR O 100 -12.12 31.45 -40.85
N GLU O 101 -12.75 31.63 -39.69
CA GLU O 101 -12.77 30.59 -38.67
C GLU O 101 -14.12 29.94 -38.49
N GLY O 102 -15.15 30.41 -39.17
CA GLY O 102 -16.48 29.85 -39.03
C GLY O 102 -17.37 30.77 -38.20
N GLU O 103 -18.59 30.30 -37.97
CA GLU O 103 -19.59 31.05 -37.23
C GLU O 103 -19.20 31.03 -35.76
N ALA O 104 -18.30 31.94 -35.40
CA ALA O 104 -17.83 31.99 -34.02
C ALA O 104 -18.85 32.61 -33.08
N ASP O 105 -19.86 33.30 -33.62
CA ASP O 105 -20.88 33.94 -32.78
C ASP O 105 -21.70 32.92 -32.00
N GLU O 106 -21.97 31.77 -32.60
CA GLU O 106 -22.66 30.69 -31.90
C GLU O 106 -21.76 29.47 -31.74
N GLY O 107 -21.31 28.92 -32.84
CA GLY O 107 -20.70 27.61 -32.85
C GLY O 107 -19.26 27.54 -33.26
N GLU O 108 -19.09 27.23 -34.54
CA GLU O 108 -17.84 26.82 -35.15
C GLU O 108 -16.68 27.77 -34.87
N TYR O 109 -15.55 27.19 -34.49
CA TYR O 109 -14.27 27.87 -34.53
C TYR O 109 -13.25 26.81 -34.96
N ASP O 110 -12.73 26.94 -36.18
CA ASP O 110 -11.95 25.86 -36.75
C ASP O 110 -10.49 25.85 -36.32
N ASN O 111 -10.00 26.94 -35.72
CA ASN O 111 -8.62 27.09 -35.23
C ASN O 111 -7.59 26.85 -36.33
N ASN O 112 -7.71 27.66 -37.38
CA ASN O 112 -6.82 27.55 -38.53
C ASN O 112 -5.52 28.30 -38.27
N GLY O 113 -4.42 27.73 -38.76
CA GLY O 113 -3.11 28.33 -38.58
C GLY O 113 -2.58 28.97 -39.84
N PHE O 114 -3.07 28.51 -41.00
CA PHE O 114 -2.69 29.12 -42.26
C PHE O 114 -3.32 30.51 -42.38
N LEU O 115 -2.70 31.36 -43.19
CA LEU O 115 -3.08 32.76 -43.29
C LEU O 115 -3.60 33.05 -44.71
N LYS O 116 -4.92 33.12 -44.85
CA LYS O 116 -5.53 33.33 -46.16
C LYS O 116 -5.41 34.78 -46.59
N HIS O 117 -6.04 35.68 -45.86
CA HIS O 117 -6.04 37.09 -46.21
C HIS O 117 -4.85 37.79 -45.56
N TRP O 118 -4.21 38.67 -46.31
CA TRP O 118 -3.02 39.38 -45.87
C TRP O 118 -3.25 40.88 -45.88
N GLY O 119 -2.36 41.60 -45.22
CA GLY O 119 -2.39 43.04 -45.26
C GLY O 119 -1.63 43.54 -46.46
N GLN O 120 -0.66 44.42 -46.23
CA GLN O 120 0.21 44.89 -47.30
C GLN O 120 1.67 44.99 -46.91
N GLY O 121 2.01 44.87 -45.64
CA GLY O 121 3.38 45.02 -45.20
C GLY O 121 3.72 46.45 -44.89
N THR O 122 4.24 46.70 -43.69
CA THR O 122 4.60 48.06 -43.29
C THR O 122 5.99 48.04 -42.67
N LEU O 123 6.89 48.84 -43.21
CA LEU O 123 8.27 48.89 -42.71
C LEU O 123 8.33 49.82 -41.50
N VAL O 124 8.81 49.30 -40.38
CA VAL O 124 9.08 50.09 -39.19
C VAL O 124 10.59 50.19 -39.04
N THR O 125 11.07 51.43 -38.94
CA THR O 125 12.49 51.74 -38.92
C THR O 125 12.89 52.24 -37.55
N VAL O 126 13.86 51.57 -36.93
CA VAL O 126 14.35 51.94 -35.61
C VAL O 126 15.63 52.74 -35.80
N SER O 127 15.54 54.05 -35.57
CA SER O 127 16.69 54.93 -35.73
C SER O 127 16.85 55.85 -34.53
N GLN P 1 -14.33 -50.30 -1.02
CA GLN P 1 -14.66 -51.60 -1.60
C GLN P 1 -13.89 -52.71 -0.91
N ILE P 2 -14.10 -52.84 0.39
CA ILE P 2 -13.49 -53.93 1.14
C ILE P 2 -14.24 -55.21 0.84
N HIS P 3 -13.52 -56.23 0.41
CA HIS P 3 -14.07 -57.52 0.06
C HIS P 3 -13.36 -58.59 0.86
N LEU P 4 -13.38 -58.39 2.17
CA LEU P 4 -12.71 -59.21 3.16
C LEU P 4 -13.07 -60.69 3.03
N VAL P 5 -12.04 -61.53 2.98
CA VAL P 5 -12.18 -62.95 2.71
C VAL P 5 -11.49 -63.73 3.80
N GLN P 6 -12.14 -64.75 4.32
CA GLN P 6 -11.62 -65.61 5.37
C GLN P 6 -11.28 -66.98 4.81
N SER P 7 -10.89 -67.89 5.69
CA SER P 7 -10.59 -69.25 5.29
C SER P 7 -11.86 -70.08 5.33
N GLY P 8 -11.72 -71.41 5.25
CA GLY P 8 -12.87 -72.29 5.16
C GLY P 8 -13.23 -72.95 6.48
N THR P 9 -14.25 -73.81 6.41
CA THR P 9 -14.79 -74.47 7.58
C THR P 9 -13.81 -75.51 8.11
N GLU P 10 -13.54 -75.47 9.41
CA GLU P 10 -12.56 -76.37 10.01
C GLU P 10 -13.13 -77.05 11.25
N VAL P 11 -12.55 -78.20 11.57
CA VAL P 11 -12.93 -78.98 12.74
C VAL P 11 -11.65 -79.50 13.41
N LYS P 12 -11.60 -79.40 14.73
CA LYS P 12 -10.41 -79.82 15.46
C LYS P 12 -10.73 -80.73 16.64
N LYS P 13 -9.73 -81.03 17.42
CA LYS P 13 -9.79 -81.80 18.64
C LYS P 13 -9.72 -80.89 19.86
N PRO P 14 -10.33 -81.29 20.97
CA PRO P 14 -10.18 -80.52 22.20
C PRO P 14 -8.76 -80.57 22.72
N GLY P 15 -8.37 -79.52 23.44
CA GLY P 15 -7.01 -79.41 23.92
C GLY P 15 -6.00 -79.18 22.83
N SER P 16 -6.37 -78.43 21.79
CA SER P 16 -5.48 -78.20 20.66
C SER P 16 -5.45 -76.73 20.26
N SER P 17 -4.82 -76.43 19.13
CA SER P 17 -4.75 -75.07 18.60
C SER P 17 -5.38 -75.04 17.23
N VAL P 18 -5.70 -73.83 16.77
CA VAL P 18 -6.31 -73.62 15.46
C VAL P 18 -5.92 -72.22 14.99
N THR P 19 -5.99 -72.00 13.67
CA THR P 19 -5.65 -70.71 13.09
C THR P 19 -6.61 -70.40 11.96
N VAL P 20 -7.15 -69.18 11.98
CA VAL P 20 -8.10 -68.69 10.98
C VAL P 20 -7.50 -67.46 10.30
N SER P 21 -7.51 -67.46 8.97
CA SER P 21 -6.93 -66.39 8.18
C SER P 21 -7.97 -65.32 7.88
N CYS P 22 -7.48 -64.13 7.53
CA CYS P 22 -8.35 -63.01 7.19
C CYS P 22 -7.59 -62.11 6.22
N LYS P 23 -7.87 -62.26 4.94
CA LYS P 23 -7.21 -61.47 3.92
C LYS P 23 -8.06 -60.26 3.59
N ALA P 24 -7.47 -59.08 3.60
CA ALA P 24 -8.23 -57.84 3.56
C ALA P 24 -8.02 -57.16 2.22
N TYR P 25 -8.83 -57.55 1.24
CA TYR P 25 -8.79 -56.93 -0.07
C TYR P 25 -9.34 -55.52 0.02
N GLY P 26 -8.71 -54.59 -0.67
CA GLY P 26 -9.23 -53.23 -0.69
C GLY P 26 -8.93 -52.40 0.54
N VAL P 27 -8.12 -52.91 1.44
CA VAL P 27 -7.69 -52.18 2.63
C VAL P 27 -6.36 -51.52 2.35
N ASN P 28 -6.26 -50.22 2.64
CA ASN P 28 -5.02 -49.46 2.51
C ASN P 28 -3.93 -50.08 3.36
N THR P 29 -4.10 -50.04 4.67
CA THR P 29 -3.18 -50.63 5.62
C THR P 29 -3.89 -50.82 6.95
N PHE P 30 -3.29 -51.62 7.81
CA PHE P 30 -3.83 -51.78 9.15
C PHE P 30 -3.37 -50.69 10.10
N GLY P 31 -2.61 -49.72 9.62
CA GLY P 31 -2.32 -48.55 10.41
C GLY P 31 -3.53 -47.66 10.41
N LEU P 32 -4.17 -47.52 9.24
CA LEU P 32 -5.37 -46.71 9.16
C LEU P 32 -6.59 -47.47 9.63
N TYR P 33 -6.73 -48.73 9.26
CA TYR P 33 -7.92 -49.45 9.66
C TYR P 33 -7.64 -50.20 10.96
N ALA P 34 -8.66 -50.89 11.46
CA ALA P 34 -8.48 -51.69 12.65
C ALA P 34 -9.32 -52.94 12.52
N VAL P 35 -8.73 -54.06 12.91
CA VAL P 35 -9.33 -55.38 12.77
C VAL P 35 -9.89 -55.78 14.11
N ASN P 36 -11.17 -56.09 14.17
CA ASN P 36 -11.81 -56.60 15.37
C ASN P 36 -12.27 -58.01 15.08
N TRP P 37 -11.73 -58.98 15.81
CA TRP P 37 -12.20 -60.34 15.72
C TRP P 37 -13.36 -60.55 16.68
N VAL P 38 -14.43 -61.17 16.17
CA VAL P 38 -15.66 -61.40 16.92
C VAL P 38 -16.11 -62.82 16.59
N ARG P 39 -16.96 -63.40 17.44
CA ARG P 39 -17.46 -64.73 17.16
C ARG P 39 -18.94 -64.82 17.47
N GLN P 40 -19.52 -65.96 17.12
CA GLN P 40 -20.94 -66.21 17.35
C GLN P 40 -21.14 -67.69 17.56
N ALA P 41 -21.53 -68.07 18.77
CA ALA P 41 -21.96 -69.43 19.02
C ALA P 41 -23.26 -69.68 18.26
N PRO P 42 -23.51 -70.93 17.82
CA PRO P 42 -24.72 -71.21 17.04
C PRO P 42 -26.02 -70.96 17.80
N GLY P 43 -26.77 -69.96 17.35
CA GLY P 43 -28.00 -69.56 17.98
C GLY P 43 -27.88 -68.37 18.91
N GLN P 44 -26.67 -68.09 19.40
CA GLN P 44 -26.46 -67.05 20.40
C GLN P 44 -26.29 -65.69 19.73
N SER P 45 -25.88 -64.70 20.51
CA SER P 45 -25.54 -63.39 20.00
C SER P 45 -24.04 -63.25 19.84
N LEU P 46 -23.62 -62.16 19.21
CA LEU P 46 -22.24 -61.99 18.82
C LEU P 46 -21.37 -61.65 20.01
N GLU P 47 -20.28 -62.39 20.17
CA GLU P 47 -19.37 -62.27 21.30
C GLU P 47 -18.02 -61.74 20.83
N TYR P 48 -17.60 -60.60 21.38
CA TYR P 48 -16.34 -59.98 21.03
C TYR P 48 -15.16 -60.86 21.43
N ILE P 49 -14.07 -60.77 20.67
CA ILE P 49 -12.85 -61.48 21.03
C ILE P 49 -11.69 -60.53 21.21
N GLY P 50 -11.29 -59.82 20.16
CA GLY P 50 -10.06 -59.04 20.31
C GLY P 50 -9.83 -58.09 19.16
N GLN P 51 -8.69 -57.39 19.22
CA GLN P 51 -8.38 -56.41 18.19
C GLN P 51 -6.88 -56.16 18.12
N ILE P 52 -6.47 -55.48 17.04
CA ILE P 52 -5.08 -55.08 16.80
C ILE P 52 -4.95 -53.62 16.39
N TRP P 53 -5.81 -52.75 16.91
CA TRP P 53 -5.82 -51.34 16.53
C TRP P 53 -4.50 -50.64 16.82
N ARG P 54 -3.99 -49.93 15.80
CA ARG P 54 -2.69 -49.24 15.81
C ARG P 54 -1.55 -50.16 16.16
N TRP P 55 -1.61 -51.38 15.63
CA TRP P 55 -0.60 -52.43 15.80
C TRP P 55 -0.38 -52.79 17.27
N LYS P 56 -1.45 -52.74 18.06
CA LYS P 56 -1.42 -53.14 19.46
C LYS P 56 -2.40 -54.29 19.61
N SER P 57 -1.88 -55.51 19.67
CA SER P 57 -2.75 -56.67 19.80
C SER P 57 -3.31 -56.73 21.21
N SER P 58 -4.61 -56.95 21.31
CA SER P 58 -5.25 -57.02 22.61
C SER P 58 -6.52 -57.84 22.50
N ALA P 59 -6.75 -58.71 23.48
CA ALA P 59 -7.95 -59.52 23.55
C ALA P 59 -8.72 -59.16 24.80
N SER P 60 -9.99 -59.58 24.84
CA SER P 60 -10.82 -59.30 25.99
C SER P 60 -10.42 -60.16 27.17
N HIS P 61 -10.98 -59.82 28.34
CA HIS P 61 -10.57 -60.43 29.59
C HIS P 61 -11.01 -61.89 29.72
N HIS P 62 -12.00 -62.32 28.95
CA HIS P 62 -12.39 -63.72 28.98
C HIS P 62 -11.39 -64.63 28.31
N PHE P 63 -10.60 -64.08 27.38
CA PHE P 63 -9.84 -64.87 26.42
C PHE P 63 -8.34 -64.70 26.56
N ARG P 64 -7.88 -64.13 27.68
CA ARG P 64 -6.48 -63.78 27.81
C ARG P 64 -5.62 -65.03 27.95
N GLY P 65 -4.47 -65.02 27.29
CA GLY P 65 -3.54 -66.13 27.32
C GLY P 65 -3.85 -67.26 26.37
N ARG P 66 -5.09 -67.37 25.89
CA ARG P 66 -5.49 -68.45 25.00
C ARG P 66 -5.50 -68.06 23.53
N VAL P 67 -5.51 -66.77 23.23
CA VAL P 67 -5.78 -66.26 21.89
C VAL P 67 -4.62 -65.38 21.47
N LEU P 68 -4.10 -65.61 20.26
CA LEU P 68 -3.11 -64.75 19.63
C LEU P 68 -3.69 -64.17 18.36
N ILE P 69 -3.53 -62.86 18.17
CA ILE P 69 -4.05 -62.16 17.01
C ILE P 69 -2.89 -61.44 16.35
N SER P 70 -2.55 -61.86 15.13
CA SER P 70 -1.40 -61.31 14.45
C SER P 70 -1.80 -60.67 13.13
N ALA P 71 -0.90 -59.85 12.58
CA ALA P 71 -1.19 -59.15 11.34
C ALA P 71 0.10 -58.83 10.58
N VAL P 72 0.01 -58.96 9.27
CA VAL P 72 1.06 -58.60 8.33
C VAL P 72 0.44 -57.68 7.30
N ASP P 73 1.14 -56.60 6.96
CA ASP P 73 0.59 -55.52 6.15
C ASP P 73 0.59 -55.93 4.67
N LEU P 74 0.39 -54.98 3.74
CA LEU P 74 0.01 -55.29 2.37
C LEU P 74 1.18 -55.67 1.47
N THR P 75 2.28 -56.15 2.06
CA THR P 75 3.57 -56.20 1.40
C THR P 75 3.60 -57.15 0.20
N GLY P 76 3.95 -56.59 -0.96
CA GLY P 76 4.53 -57.34 -2.05
C GLY P 76 3.63 -58.07 -3.02
N SER P 77 3.13 -59.22 -2.61
CA SER P 77 2.29 -60.04 -3.47
C SER P 77 1.05 -60.53 -2.74
N SER P 78 0.86 -60.11 -1.50
CA SER P 78 -0.22 -60.55 -0.66
C SER P 78 -0.90 -59.36 -0.02
N PRO P 79 -2.22 -59.38 0.11
CA PRO P 79 -2.96 -58.31 0.78
C PRO P 79 -2.72 -58.37 2.28
N PRO P 80 -3.19 -57.39 3.06
CA PRO P 80 -2.99 -57.47 4.51
C PRO P 80 -3.71 -58.65 5.13
N ILE P 81 -2.97 -59.44 5.90
CA ILE P 81 -3.49 -60.66 6.49
C ILE P 81 -3.54 -60.47 8.00
N SER P 82 -4.72 -60.64 8.57
CA SER P 82 -4.87 -60.87 10.00
C SER P 82 -5.06 -62.36 10.24
N SER P 83 -4.74 -62.79 11.45
CA SER P 83 -4.82 -64.21 11.74
C SER P 83 -5.12 -64.42 13.21
N LEU P 84 -5.95 -65.44 13.46
CA LEU P 84 -6.49 -65.75 14.78
C LEU P 84 -6.04 -67.15 15.18
N GLU P 85 -5.20 -67.24 16.21
CA GLU P 85 -4.73 -68.51 16.74
C GLU P 85 -5.39 -68.76 18.10
N ILE P 86 -5.91 -69.96 18.29
CA ILE P 86 -6.52 -70.35 19.56
C ILE P 86 -5.79 -71.57 20.11
N LYS P 87 -5.24 -71.43 21.31
CA LYS P 87 -4.56 -72.50 22.02
C LYS P 87 -5.49 -73.11 23.06
N ASN P 88 -5.31 -74.40 23.31
CA ASN P 88 -6.03 -75.19 24.32
C ASN P 88 -7.54 -75.12 24.11
N LEU P 89 -7.96 -75.69 22.99
CA LEU P 89 -9.37 -75.69 22.62
C LEU P 89 -10.21 -76.52 23.57
N THR P 90 -11.42 -76.06 23.82
CA THR P 90 -12.46 -76.82 24.49
C THR P 90 -13.57 -77.11 23.50
N SER P 91 -14.54 -77.89 23.95
CA SER P 91 -15.69 -78.20 23.12
C SER P 91 -16.76 -77.12 23.17
N ASP P 92 -16.47 -75.99 23.80
CA ASP P 92 -17.40 -74.87 23.91
C ASP P 92 -16.97 -73.68 23.06
N ASP P 93 -16.03 -73.89 22.14
CA ASP P 93 -15.60 -72.86 21.21
C ASP P 93 -16.08 -73.12 19.79
N THR P 94 -16.96 -74.09 19.61
CA THR P 94 -17.58 -74.36 18.31
C THR P 94 -18.44 -73.17 17.93
N ALA P 95 -18.03 -72.43 16.91
CA ALA P 95 -18.66 -71.14 16.64
C ALA P 95 -18.33 -70.68 15.23
N VAL P 96 -19.10 -69.71 14.77
CA VAL P 96 -18.82 -69.01 13.53
C VAL P 96 -17.96 -67.81 13.87
N TYR P 97 -16.78 -67.72 13.27
CA TYR P 97 -15.88 -66.62 13.59
C TYR P 97 -15.96 -65.58 12.48
N PHE P 98 -15.62 -64.34 12.84
CA PHE P 98 -15.60 -63.24 11.91
C PHE P 98 -14.38 -62.39 12.22
N CYS P 99 -13.69 -61.96 11.18
CA CYS P 99 -12.84 -60.79 11.26
C CYS P 99 -13.60 -59.61 10.67
N THR P 100 -13.49 -58.46 11.31
CA THR P 100 -14.13 -57.25 10.85
C THR P 100 -13.07 -56.17 10.75
N THR P 101 -13.30 -55.19 9.88
CA THR P 101 -12.40 -54.06 9.77
C THR P 101 -13.21 -52.79 9.77
N THR P 102 -12.71 -51.78 10.47
CA THR P 102 -13.34 -50.47 10.42
C THR P 102 -12.27 -49.39 10.30
N SER P 103 -12.66 -48.27 9.69
CA SER P 103 -11.74 -47.19 9.40
C SER P 103 -11.55 -46.31 10.61
N THR P 104 -10.30 -46.10 11.00
CA THR P 104 -9.99 -45.23 12.13
C THR P 104 -9.29 -43.95 11.68
N TYR P 105 -9.55 -43.52 10.45
CA TYR P 105 -8.80 -42.39 9.92
C TYR P 105 -9.30 -41.07 10.48
N ASP P 106 -10.61 -40.87 10.56
CA ASP P 106 -11.17 -39.61 10.98
C ASP P 106 -11.48 -39.67 12.47
N LYS P 107 -10.97 -38.68 13.22
CA LYS P 107 -11.26 -38.67 14.65
C LYS P 107 -12.71 -38.35 14.94
N TRP P 108 -13.34 -37.49 14.16
CA TRP P 108 -14.72 -37.10 14.42
C TRP P 108 -15.70 -37.94 13.63
N SER P 109 -15.38 -39.21 13.42
CA SER P 109 -16.26 -40.09 12.65
C SER P 109 -17.47 -40.49 13.47
N GLY P 110 -17.26 -41.20 14.56
CA GLY P 110 -18.35 -41.77 15.31
C GLY P 110 -18.42 -43.27 15.23
N LEU P 111 -17.68 -43.88 14.32
CA LEU P 111 -17.59 -45.33 14.28
C LEU P 111 -16.67 -45.89 15.34
N HIS P 112 -15.89 -45.05 16.02
CA HIS P 112 -14.95 -45.55 16.99
C HIS P 112 -14.83 -44.60 18.16
N HIS P 113 -14.66 -45.16 19.35
CA HIS P 113 -14.59 -44.42 20.59
C HIS P 113 -13.37 -44.92 21.35
N ASP P 114 -12.21 -44.33 21.05
CA ASP P 114 -10.94 -44.59 21.74
C ASP P 114 -10.54 -46.06 21.73
N GLY P 115 -10.68 -46.68 20.57
CA GLY P 115 -10.33 -48.07 20.44
C GLY P 115 -11.46 -49.03 20.71
N VAL P 116 -12.67 -48.54 20.97
CA VAL P 116 -13.85 -49.36 21.09
C VAL P 116 -14.75 -49.00 19.92
N MET P 117 -15.01 -49.94 19.04
CA MET P 117 -15.40 -49.64 17.67
C MET P 117 -16.71 -50.29 17.30
N ALA P 118 -17.45 -49.62 16.43
CA ALA P 118 -18.49 -50.28 15.67
C ALA P 118 -17.86 -50.97 14.47
N PHE P 119 -18.51 -52.02 14.00
CA PHE P 119 -17.88 -52.98 13.10
C PHE P 119 -18.41 -52.70 11.70
N SER P 120 -17.76 -51.77 11.00
CA SER P 120 -18.35 -51.21 9.79
C SER P 120 -18.26 -52.12 8.58
N SER P 121 -17.40 -53.14 8.59
CA SER P 121 -17.28 -54.01 7.44
C SER P 121 -16.84 -55.40 7.90
N TRP P 122 -17.45 -56.42 7.32
CA TRP P 122 -17.47 -57.75 7.90
C TRP P 122 -16.90 -58.79 6.95
N GLY P 123 -16.55 -59.94 7.52
CA GLY P 123 -16.05 -61.05 6.74
C GLY P 123 -17.17 -61.86 6.13
N GLN P 124 -17.05 -63.19 6.14
CA GLN P 124 -18.20 -63.98 5.73
C GLN P 124 -18.47 -65.18 6.63
N GLY P 125 -17.56 -65.56 7.51
CA GLY P 125 -17.84 -66.64 8.43
C GLY P 125 -16.89 -67.81 8.33
N THR P 126 -16.21 -68.13 9.42
CA THR P 126 -15.35 -69.30 9.48
C THR P 126 -15.87 -70.19 10.59
N LEU P 127 -16.57 -71.27 10.23
CA LEU P 127 -17.11 -72.16 11.24
C LEU P 127 -16.03 -73.10 11.74
N ILE P 128 -15.87 -73.17 13.06
CA ILE P 128 -15.00 -74.17 13.67
C ILE P 128 -15.84 -75.06 14.55
N SER P 129 -15.79 -76.35 14.29
CA SER P 129 -16.38 -77.38 15.13
C SER P 129 -15.29 -78.07 15.93
N VAL P 130 -15.66 -78.52 17.13
CA VAL P 130 -14.74 -79.22 18.03
C VAL P 130 -15.34 -80.57 18.35
N SER P 131 -14.56 -81.63 18.15
CA SER P 131 -15.03 -82.98 18.42
C SER P 131 -14.14 -83.68 19.44
N ASP Q 1 -18.29 -55.63 32.09
CA ASP Q 1 -18.73 -54.60 31.16
C ASP Q 1 -20.09 -54.02 31.53
N ILE Q 2 -20.82 -53.54 30.52
CA ILE Q 2 -22.10 -52.90 30.71
C ILE Q 2 -23.11 -53.67 29.88
N GLN Q 3 -23.99 -54.42 30.54
CA GLN Q 3 -24.88 -55.33 29.84
C GLN Q 3 -26.03 -54.59 29.18
N MET Q 4 -26.34 -54.97 27.94
CA MET Q 4 -27.48 -54.43 27.20
C MET Q 4 -28.68 -55.35 27.35
N THR Q 5 -29.85 -54.82 27.02
CA THR Q 5 -31.08 -55.59 27.08
C THR Q 5 -31.96 -55.19 25.90
N GLN Q 6 -32.13 -56.10 24.97
CA GLN Q 6 -32.85 -55.81 23.75
C GLN Q 6 -34.31 -56.22 23.91
N SER Q 7 -35.22 -55.41 23.36
CA SER Q 7 -36.64 -55.62 23.55
C SER Q 7 -37.40 -55.27 22.28
N PRO Q 8 -38.38 -56.10 21.88
CA PRO Q 8 -38.72 -57.39 22.47
C PRO Q 8 -37.81 -58.50 21.94
N SER Q 9 -37.88 -59.68 22.54
CA SER Q 9 -37.00 -60.77 22.10
C SER Q 9 -37.43 -61.36 20.76
N THR Q 10 -38.70 -61.19 20.38
CA THR Q 10 -39.19 -61.69 19.10
C THR Q 10 -40.47 -60.94 18.76
N LEU Q 11 -40.54 -60.36 17.57
CA LEU Q 11 -41.79 -59.82 17.06
C LEU Q 11 -42.00 -60.32 15.65
N SER Q 12 -43.08 -59.88 15.02
CA SER Q 12 -43.33 -60.12 13.61
C SER Q 12 -44.24 -59.02 13.10
N ALA Q 13 -44.03 -58.62 11.84
CA ALA Q 13 -44.80 -57.55 11.25
C ALA Q 13 -44.96 -57.83 9.76
N SER Q 14 -45.70 -56.96 9.10
CA SER Q 14 -46.04 -57.09 7.70
C SER Q 14 -45.32 -56.04 6.87
N ILE Q 15 -45.52 -56.12 5.56
CA ILE Q 15 -44.88 -55.20 4.64
C ILE Q 15 -45.55 -53.84 4.72
N GLY Q 16 -44.75 -52.81 4.97
CA GLY Q 16 -45.28 -51.47 5.13
C GLY Q 16 -45.68 -51.12 6.55
N ASP Q 17 -45.11 -51.78 7.54
CA ASP Q 17 -45.48 -51.59 8.94
C ASP Q 17 -44.32 -50.96 9.69
N THR Q 18 -44.59 -49.85 10.37
CA THR Q 18 -43.58 -49.20 11.19
C THR Q 18 -43.28 -50.04 12.41
N VAL Q 19 -42.02 -50.47 12.55
CA VAL Q 19 -41.60 -51.33 13.64
C VAL Q 19 -40.68 -50.53 14.55
N ARG Q 20 -40.96 -50.56 15.85
CA ARG Q 20 -40.14 -49.91 16.86
C ARG Q 20 -39.50 -50.98 17.74
N ILE Q 21 -38.17 -51.00 17.78
CA ILE Q 21 -37.42 -51.94 18.60
C ILE Q 21 -36.58 -51.14 19.58
N SER Q 22 -36.67 -51.47 20.85
CA SER Q 22 -35.94 -50.72 21.87
C SER Q 22 -34.76 -51.53 22.37
N CYS Q 23 -33.78 -50.82 22.89
CA CYS Q 23 -32.61 -51.44 23.51
C CYS Q 23 -32.28 -50.58 24.72
N ARG Q 24 -32.17 -51.23 25.88
CA ARG Q 24 -31.99 -50.54 27.15
C ARG Q 24 -30.66 -50.93 27.75
N ALA Q 25 -29.86 -49.95 28.10
CA ALA Q 25 -28.59 -50.21 28.74
C ALA Q 25 -28.78 -50.28 30.25
N SER Q 26 -27.89 -51.04 30.91
CA SER Q 26 -27.92 -51.09 32.37
C SER Q 26 -27.46 -49.77 32.96
N GLN Q 27 -26.54 -49.09 32.30
CA GLN Q 27 -26.15 -47.74 32.67
C GLN Q 27 -26.84 -46.75 31.73
N SER Q 28 -26.42 -45.50 31.80
CA SER Q 28 -26.86 -44.47 30.87
C SER Q 28 -25.73 -44.16 29.91
N ILE Q 29 -25.99 -44.26 28.62
CA ILE Q 29 -24.99 -44.01 27.60
C ILE Q 29 -25.25 -42.59 27.10
N THR Q 30 -24.64 -41.62 27.75
CA THR Q 30 -24.69 -40.24 27.30
C THR Q 30 -23.50 -40.03 26.38
N GLY Q 31 -23.76 -39.99 25.09
CA GLY Q 31 -22.71 -39.98 24.11
C GLY Q 31 -23.10 -40.89 22.96
N ASN Q 32 -24.24 -41.55 23.13
CA ASN Q 32 -24.97 -42.24 22.07
C ASN Q 32 -24.17 -43.37 21.46
N TRP Q 33 -23.31 -44.02 22.24
CA TRP Q 33 -22.36 -44.99 21.69
C TRP Q 33 -23.05 -46.34 21.51
N VAL Q 34 -23.98 -46.38 20.56
CA VAL Q 34 -24.78 -47.57 20.29
C VAL Q 34 -24.85 -47.80 18.80
N ALA Q 35 -24.47 -49.01 18.37
CA ALA Q 35 -24.61 -49.43 16.99
C ALA Q 35 -25.79 -50.37 16.84
N TRP Q 36 -26.21 -50.55 15.58
CA TRP Q 36 -27.35 -51.38 15.20
C TRP Q 36 -26.99 -52.15 13.95
N TYR Q 37 -27.13 -53.47 14.03
CA TYR Q 37 -26.76 -54.41 13.00
C TYR Q 37 -27.97 -55.21 12.55
N GLN Q 38 -27.97 -55.60 11.29
CA GLN Q 38 -28.93 -56.54 10.72
C GLN Q 38 -28.20 -57.78 10.24
N GLN Q 39 -28.63 -58.95 10.67
CA GLN Q 39 -28.08 -60.21 10.21
C GLN Q 39 -29.17 -60.98 9.49
N ARG Q 40 -29.00 -61.16 8.19
CA ARG Q 40 -29.80 -62.14 7.48
C ARG Q 40 -29.21 -63.54 7.72
N PRO Q 41 -30.01 -64.59 7.65
CA PRO Q 41 -29.51 -65.92 7.98
C PRO Q 41 -28.55 -66.45 6.92
N GLY Q 42 -27.45 -67.04 7.38
CA GLY Q 42 -26.42 -67.53 6.49
C GLY Q 42 -25.45 -66.48 5.99
N LYS Q 43 -25.52 -65.27 6.52
CA LYS Q 43 -24.65 -64.20 6.07
C LYS Q 43 -23.88 -63.58 7.23
N ALA Q 44 -23.18 -62.51 6.97
CA ALA Q 44 -22.52 -61.72 7.98
C ALA Q 44 -23.37 -60.51 8.32
N PRO Q 45 -23.39 -60.09 9.58
CA PRO Q 45 -24.25 -58.96 9.96
C PRO Q 45 -23.68 -57.64 9.46
N ARG Q 46 -24.44 -56.95 8.64
CA ARG Q 46 -24.00 -55.64 8.18
C ARG Q 46 -24.40 -54.57 9.19
N LEU Q 47 -23.67 -53.47 9.16
CA LEU Q 47 -23.95 -52.34 10.03
C LEU Q 47 -25.10 -51.51 9.49
N LEU Q 48 -26.06 -51.16 10.34
CA LEU Q 48 -27.11 -50.25 9.94
C LEU Q 48 -26.88 -48.84 10.46
N ILE Q 49 -26.78 -48.68 11.78
CA ILE Q 49 -26.74 -47.33 12.36
C ILE Q 49 -25.69 -47.25 13.46
N TYR Q 50 -24.78 -46.29 13.35
CA TYR Q 50 -23.83 -45.98 14.40
C TYR Q 50 -24.18 -44.64 15.04
N ARG Q 51 -23.64 -44.42 16.24
CA ARG Q 51 -23.93 -43.24 17.08
C ARG Q 51 -25.41 -42.98 17.28
N GLY Q 52 -26.18 -44.04 17.45
CA GLY Q 52 -27.60 -43.82 17.71
C GLY Q 52 -28.47 -43.43 16.54
N ALA Q 53 -28.09 -42.38 15.80
CA ALA Q 53 -28.92 -41.94 14.68
C ALA Q 53 -28.14 -41.59 13.42
N ALA Q 54 -26.82 -41.79 13.38
CA ALA Q 54 -26.08 -41.55 12.17
C ALA Q 54 -26.28 -42.70 11.22
N LEU Q 55 -26.72 -42.41 10.01
CA LEU Q 55 -27.03 -43.43 9.04
C LEU Q 55 -25.83 -43.69 8.16
N LEU Q 56 -25.55 -44.96 7.93
CA LEU Q 56 -24.39 -45.35 7.13
C LEU Q 56 -24.66 -45.03 5.66
N GLY Q 57 -23.59 -45.03 4.85
CA GLY Q 57 -23.71 -44.58 3.47
C GLY Q 57 -24.53 -45.51 2.59
N GLY Q 58 -24.19 -46.80 2.60
CA GLY Q 58 -24.89 -47.76 1.76
C GLY Q 58 -26.11 -48.38 2.41
N VAL Q 59 -26.98 -47.54 2.98
CA VAL Q 59 -28.18 -47.98 3.70
C VAL Q 59 -29.36 -47.20 3.14
N PRO Q 60 -30.49 -47.85 2.84
CA PRO Q 60 -31.69 -47.09 2.45
C PRO Q 60 -32.20 -46.26 3.62
N SER Q 61 -32.70 -45.08 3.29
CA SER Q 61 -33.06 -44.07 4.29
C SER Q 61 -34.42 -44.28 4.91
N ARG Q 62 -34.98 -45.49 4.80
CA ARG Q 62 -36.24 -45.79 5.47
C ARG Q 62 -36.07 -45.81 6.97
N PHE Q 63 -34.90 -46.19 7.46
CA PHE Q 63 -34.67 -46.38 8.87
C PHE Q 63 -34.55 -45.04 9.58
N SER Q 64 -34.73 -45.08 10.89
CA SER Q 64 -34.41 -43.93 11.74
C SER Q 64 -34.08 -44.45 13.13
N GLY Q 65 -33.33 -43.65 13.88
CA GLY Q 65 -32.91 -44.03 15.20
C GLY Q 65 -33.10 -42.88 16.18
N SER Q 66 -33.12 -43.24 17.45
CA SER Q 66 -33.27 -42.24 18.50
C SER Q 66 -32.57 -42.71 19.75
N ALA Q 67 -32.10 -41.76 20.54
CA ALA Q 67 -31.31 -42.04 21.73
C ALA Q 67 -31.80 -41.14 22.86
N ALA Q 68 -32.01 -41.71 24.04
CA ALA Q 68 -32.49 -40.95 25.18
C ALA Q 68 -31.75 -41.35 26.45
N GLY Q 69 -30.42 -41.47 26.35
CA GLY Q 69 -29.63 -41.76 27.53
C GLY Q 69 -29.60 -43.22 27.92
N THR Q 70 -30.77 -43.82 28.14
CA THR Q 70 -30.88 -45.24 28.43
C THR Q 70 -31.70 -46.01 27.43
N ASP Q 71 -32.63 -45.37 26.72
CA ASP Q 71 -33.48 -46.03 25.75
C ASP Q 71 -33.01 -45.70 24.34
N PHE Q 72 -32.82 -46.72 23.52
CA PHE Q 72 -32.39 -46.54 22.15
C PHE Q 72 -33.43 -47.18 21.24
N THR Q 73 -33.98 -46.39 20.32
CA THR Q 73 -35.19 -46.72 19.60
C THR Q 73 -34.91 -46.78 18.11
N LEU Q 74 -35.05 -47.97 17.53
CA LEU Q 74 -34.89 -48.16 16.10
C LEU Q 74 -36.26 -48.24 15.45
N THR Q 75 -36.49 -47.42 14.43
CA THR Q 75 -37.80 -47.27 13.81
C THR Q 75 -37.68 -47.57 12.32
N ILE Q 76 -38.39 -48.58 11.87
CA ILE Q 76 -38.46 -48.95 10.47
C ILE Q 76 -39.79 -48.45 9.91
N GLY Q 77 -39.72 -47.64 8.88
CA GLY Q 77 -40.90 -47.19 8.14
C GLY Q 77 -40.91 -47.80 6.76
N ASN Q 78 -42.08 -48.23 6.31
CA ASN Q 78 -42.31 -48.93 5.04
C ASN Q 78 -41.41 -50.17 4.95
N LEU Q 79 -41.67 -51.11 5.85
CA LEU Q 79 -40.89 -52.34 5.94
C LEU Q 79 -41.03 -53.17 4.67
N GLN Q 80 -39.90 -53.70 4.21
CA GLN Q 80 -39.84 -54.46 2.97
C GLN Q 80 -39.57 -55.93 3.26
N ALA Q 81 -39.51 -56.72 2.19
CA ALA Q 81 -39.27 -58.15 2.33
C ALA Q 81 -37.80 -58.45 2.59
N GLU Q 82 -36.91 -57.57 2.14
CA GLU Q 82 -35.48 -57.78 2.30
C GLU Q 82 -35.02 -57.57 3.74
N ASP Q 83 -35.82 -56.88 4.55
CA ASP Q 83 -35.39 -56.42 5.87
C ASP Q 83 -35.86 -57.35 6.98
N PHE Q 84 -35.88 -58.66 6.71
CA PHE Q 84 -36.39 -59.64 7.65
C PHE Q 84 -35.21 -60.43 8.20
N GLY Q 85 -34.61 -59.93 9.28
CA GLY Q 85 -33.47 -60.61 9.85
C GLY Q 85 -33.27 -60.22 11.29
N THR Q 86 -32.41 -60.99 11.95
CA THR Q 86 -32.13 -60.79 13.37
C THR Q 86 -31.38 -59.49 13.58
N PHE Q 87 -31.91 -58.61 14.42
CA PHE Q 87 -31.22 -57.35 14.65
C PHE Q 87 -30.36 -57.46 15.89
N TYR Q 88 -29.47 -56.49 16.05
CA TYR Q 88 -28.59 -56.45 17.20
C TYR Q 88 -28.29 -55.00 17.56
N CYS Q 89 -28.26 -54.71 18.85
CA CYS Q 89 -27.77 -53.43 19.35
C CYS Q 89 -26.47 -53.65 20.09
N GLN Q 90 -25.49 -52.77 19.82
CA GLN Q 90 -24.17 -52.86 20.39
C GLN Q 90 -23.90 -51.63 21.22
N GLN Q 91 -23.36 -51.82 22.42
CA GLN Q 91 -22.77 -50.74 23.20
C GLN Q 91 -21.28 -50.75 22.98
N TYR Q 92 -20.77 -49.76 22.27
CA TYR Q 92 -19.33 -49.59 22.15
C TYR Q 92 -18.86 -48.39 22.97
N ASP Q 93 -19.49 -48.20 24.13
CA ASP Q 93 -19.06 -47.15 25.05
C ASP Q 93 -17.79 -47.53 25.77
N THR Q 94 -17.83 -48.61 26.54
CA THR Q 94 -16.69 -49.00 27.37
C THR Q 94 -16.15 -50.35 26.94
N TYR Q 95 -14.85 -50.52 27.12
CA TYR Q 95 -14.19 -51.74 26.72
C TYR Q 95 -14.55 -52.86 27.70
N PRO Q 96 -14.90 -54.05 27.21
CA PRO Q 96 -15.09 -54.39 25.81
C PRO Q 96 -16.52 -54.17 25.39
N GLY Q 97 -16.75 -54.02 24.09
CA GLY Q 97 -18.11 -53.92 23.61
C GLY Q 97 -18.84 -55.23 23.74
N THR Q 98 -20.13 -55.14 24.05
CA THR Q 98 -20.98 -56.31 24.11
C THR Q 98 -22.27 -56.03 23.38
N PHE Q 99 -22.93 -57.06 22.90
CA PHE Q 99 -24.03 -56.84 21.97
C PHE Q 99 -25.37 -57.13 22.64
N GLY Q 100 -26.43 -57.05 21.86
CA GLY Q 100 -27.76 -57.29 22.35
C GLY Q 100 -28.13 -58.76 22.40
N GLN Q 101 -29.37 -59.08 22.02
CA GLN Q 101 -29.85 -60.45 22.11
C GLN Q 101 -30.47 -60.96 20.81
N GLY Q 102 -31.15 -60.11 20.07
CA GLY Q 102 -31.71 -60.54 18.80
C GLY Q 102 -33.21 -60.43 18.68
N THR Q 103 -33.68 -59.48 17.88
CA THR Q 103 -35.10 -59.25 17.68
C THR Q 103 -35.49 -59.84 16.33
N LYS Q 104 -35.83 -61.12 16.33
CA LYS Q 104 -36.04 -61.85 15.08
C LYS Q 104 -37.35 -61.46 14.42
N VAL Q 105 -37.30 -60.45 13.55
CA VAL Q 105 -38.49 -59.96 12.87
C VAL Q 105 -38.91 -60.94 11.79
N GLU Q 106 -40.16 -61.40 11.85
CA GLU Q 106 -40.69 -62.37 10.89
C GLU Q 106 -42.02 -61.88 10.32
N VAL Q 107 -42.71 -62.75 9.60
CA VAL Q 107 -44.08 -62.47 9.18
C VAL Q 107 -44.98 -63.56 9.75
N GLN R 1 -42.08 30.29 5.84
CA GLN R 1 -42.96 31.44 5.63
C GLN R 1 -44.37 30.99 5.33
N ILE R 2 -44.97 30.27 6.27
CA ILE R 2 -46.35 29.85 6.12
C ILE R 2 -47.25 31.03 6.41
N HIS R 3 -48.13 31.34 5.47
CA HIS R 3 -49.06 32.46 5.57
C HIS R 3 -50.46 31.96 5.39
N LEU R 4 -50.78 30.95 6.21
CA LEU R 4 -52.05 30.23 6.19
C LEU R 4 -53.25 31.15 6.26
N VAL R 5 -54.20 30.95 5.34
CA VAL R 5 -55.34 31.83 5.13
C VAL R 5 -56.60 30.99 5.16
N GLN R 6 -57.60 31.44 5.91
CA GLN R 6 -58.88 30.77 6.03
C GLN R 6 -59.95 31.54 5.28
N SER R 7 -61.20 31.10 5.42
CA SER R 7 -62.33 31.78 4.80
C SER R 7 -62.85 32.85 5.76
N GLY R 8 -64.03 33.38 5.47
CA GLY R 8 -64.58 34.48 6.22
C GLY R 8 -65.62 34.05 7.26
N THR R 9 -66.17 35.06 7.93
CA THR R 9 -67.14 34.84 9.00
C THR R 9 -68.46 34.34 8.43
N GLU R 10 -68.99 33.26 9.01
CA GLU R 10 -70.22 32.66 8.51
C GLU R 10 -71.21 32.43 9.63
N VAL R 11 -72.47 32.34 9.26
CA VAL R 11 -73.57 32.08 10.19
C VAL R 11 -74.54 31.11 9.52
N LYS R 12 -74.98 30.11 10.29
CA LYS R 12 -75.86 29.09 9.74
C LYS R 12 -77.09 28.85 10.61
N LYS R 13 -77.85 27.86 10.27
CA LYS R 13 -79.02 27.37 10.98
C LYS R 13 -78.69 26.10 11.74
N PRO R 14 -79.37 25.84 12.86
CA PRO R 14 -79.19 24.57 13.56
C PRO R 14 -79.71 23.40 12.75
N GLY R 15 -79.11 22.24 12.97
CA GLY R 15 -79.46 21.07 12.20
C GLY R 15 -79.01 21.14 10.75
N SER R 16 -77.86 21.76 10.50
CA SER R 16 -77.38 21.94 9.14
C SER R 16 -75.90 21.56 9.02
N SER R 17 -75.30 21.86 7.87
CA SER R 17 -73.89 21.61 7.63
C SER R 17 -73.19 22.91 7.30
N VAL R 18 -71.86 22.90 7.40
CA VAL R 18 -71.06 24.08 7.11
C VAL R 18 -69.68 23.60 6.66
N THR R 19 -68.95 24.46 5.95
CA THR R 19 -67.62 24.11 5.44
C THR R 19 -66.71 25.32 5.56
N VAL R 20 -65.53 25.10 6.12
CA VAL R 20 -64.52 26.14 6.31
C VAL R 20 -63.26 25.74 5.56
N SER R 21 -62.73 26.67 4.76
CA SER R 21 -61.57 26.43 3.94
C SER R 21 -60.29 26.79 4.68
N CYS R 22 -59.17 26.24 4.21
CA CYS R 22 -57.87 26.52 4.80
C CYS R 22 -56.82 26.37 3.71
N LYS R 23 -56.39 27.47 3.13
CA LYS R 23 -55.40 27.47 2.07
C LYS R 23 -54.03 27.68 2.67
N ALA R 24 -53.09 26.82 2.33
CA ALA R 24 -51.81 26.76 3.02
C ALA R 24 -50.71 27.29 2.12
N TYR R 25 -50.53 28.60 2.13
CA TYR R 25 -49.45 29.23 1.37
C TYR R 25 -48.11 28.90 2.01
N GLY R 26 -47.13 28.61 1.18
CA GLY R 26 -45.80 28.35 1.72
C GLY R 26 -45.59 26.97 2.29
N VAL R 27 -46.56 26.08 2.14
CA VAL R 27 -46.45 24.70 2.61
C VAL R 27 -45.99 23.84 1.45
N ASN R 28 -44.95 23.03 1.67
CA ASN R 28 -44.46 22.08 0.68
C ASN R 28 -45.55 21.11 0.27
N THR R 29 -45.99 20.29 1.21
CA THR R 29 -47.07 19.35 0.98
C THR R 29 -47.62 18.92 2.32
N PHE R 30 -48.81 18.31 2.29
CA PHE R 30 -49.37 17.76 3.51
C PHE R 30 -48.85 16.38 3.83
N GLY R 31 -47.93 15.86 3.03
CA GLY R 31 -47.24 14.64 3.39
C GLY R 31 -46.20 14.96 4.44
N LEU R 32 -45.51 16.08 4.25
CA LEU R 32 -44.52 16.51 5.23
C LEU R 32 -45.16 17.20 6.41
N TYR R 33 -46.13 18.08 6.17
CA TYR R 33 -46.72 18.80 7.29
C TYR R 33 -47.95 18.05 7.77
N ALA R 34 -48.57 18.58 8.81
CA ALA R 34 -49.80 17.99 9.31
C ALA R 34 -50.72 19.10 9.77
N VAL R 35 -51.99 18.96 9.42
CA VAL R 35 -53.00 19.97 9.70
C VAL R 35 -53.80 19.52 10.90
N ASN R 36 -53.85 20.37 11.92
CA ASN R 36 -54.67 20.12 13.10
C ASN R 36 -55.74 21.20 13.15
N TRP R 37 -57.00 20.78 13.07
CA TRP R 37 -58.11 21.69 13.25
C TRP R 37 -58.45 21.79 14.73
N VAL R 38 -58.62 23.03 15.20
CA VAL R 38 -58.88 23.32 16.60
C VAL R 38 -59.94 24.42 16.63
N ARG R 39 -60.64 24.56 17.75
CA ARG R 39 -61.63 25.62 17.85
C ARG R 39 -61.56 26.30 19.19
N GLN R 40 -62.34 27.36 19.33
CA GLN R 40 -62.38 28.13 20.57
C GLN R 40 -63.77 28.73 20.71
N ALA R 41 -64.51 28.27 21.72
CA ALA R 41 -65.75 28.93 22.07
C ALA R 41 -65.44 30.32 22.62
N PRO R 42 -66.34 31.29 22.42
CA PRO R 42 -66.06 32.66 22.89
C PRO R 42 -65.91 32.78 24.40
N GLY R 43 -64.68 33.11 24.82
CA GLY R 43 -64.34 33.22 26.21
C GLY R 43 -63.67 31.99 26.79
N GLN R 44 -63.82 30.83 26.16
CA GLN R 44 -63.32 29.58 26.70
C GLN R 44 -61.86 29.37 26.30
N SER R 45 -61.36 28.17 26.53
CA SER R 45 -60.03 27.77 26.09
C SER R 45 -60.13 26.94 24.81
N LEU R 46 -58.98 26.68 24.23
CA LEU R 46 -58.92 26.07 22.90
C LEU R 46 -59.25 24.59 22.97
N GLU R 47 -60.19 24.16 22.13
CA GLU R 47 -60.70 22.79 22.10
C GLU R 47 -60.29 22.12 20.80
N TYR R 48 -59.56 21.01 20.91
CA TYR R 48 -59.09 20.26 19.75
C TYR R 48 -60.26 19.67 18.98
N ILE R 49 -60.08 19.52 17.66
CA ILE R 49 -61.10 18.87 16.85
C ILE R 49 -60.52 17.66 16.13
N GLY R 50 -59.55 17.86 15.25
CA GLY R 50 -59.13 16.72 14.45
C GLY R 50 -57.87 16.97 13.66
N GLN R 51 -57.48 15.97 12.87
CA GLN R 51 -56.24 16.08 12.10
C GLN R 51 -56.28 15.16 10.89
N ILE R 52 -55.32 15.37 9.99
CA ILE R 52 -55.11 14.57 8.78
C ILE R 52 -53.66 14.16 8.58
N TRP R 53 -52.93 13.93 9.65
CA TRP R 53 -51.51 13.60 9.57
C TRP R 53 -51.23 12.34 8.77
N ARG R 54 -50.29 12.45 7.83
CA ARG R 54 -49.91 11.40 6.87
C ARG R 54 -51.11 10.87 6.09
N TRP R 55 -51.98 11.80 5.68
CA TRP R 55 -53.18 11.54 4.89
C TRP R 55 -54.13 10.55 5.57
N LYS R 56 -54.19 10.59 6.90
CA LYS R 56 -55.10 9.76 7.68
C LYS R 56 -56.02 10.73 8.43
N SER R 57 -57.23 10.91 7.93
CA SER R 57 -58.17 11.81 8.58
C SER R 57 -58.67 11.18 9.86
N SER R 58 -58.67 11.96 10.94
CA SER R 58 -59.12 11.46 12.23
C SER R 58 -59.58 12.62 13.09
N ALA R 59 -60.71 12.45 13.76
CA ALA R 59 -61.24 13.44 14.67
C ALA R 59 -61.26 12.87 16.08
N SER R 60 -61.42 13.75 17.06
CA SER R 60 -61.45 13.32 18.45
C SER R 60 -62.77 12.62 18.76
N HIS R 61 -62.82 12.00 19.94
CA HIS R 61 -63.95 11.15 20.30
C HIS R 61 -65.22 11.92 20.58
N HIS R 62 -65.13 13.23 20.86
CA HIS R 62 -66.33 14.02 21.06
C HIS R 62 -67.05 14.29 19.76
N PHE R 63 -66.35 14.25 18.64
CA PHE R 63 -66.83 14.81 17.37
C PHE R 63 -67.01 13.76 16.29
N ARG R 64 -67.02 12.49 16.65
CA ARG R 64 -67.03 11.43 15.66
C ARG R 64 -68.36 11.36 14.94
N GLY R 65 -68.31 11.15 13.63
CA GLY R 65 -69.49 11.06 12.80
C GLY R 65 -70.08 12.38 12.37
N ARG R 66 -69.76 13.48 13.04
CA ARG R 66 -70.30 14.79 12.72
C ARG R 66 -69.37 15.64 11.88
N VAL R 67 -68.10 15.31 11.84
CA VAL R 67 -67.06 16.19 11.29
C VAL R 67 -66.31 15.43 10.21
N LEU R 68 -66.15 16.07 9.05
CA LEU R 68 -65.31 15.56 7.97
C LEU R 68 -64.17 16.54 7.72
N ILE R 69 -62.96 16.02 7.61
CA ILE R 69 -61.77 16.84 7.39
C ILE R 69 -61.08 16.32 6.15
N SER R 70 -61.03 17.13 5.10
CA SER R 70 -60.50 16.70 3.83
C SER R 70 -59.32 17.58 3.42
N ALA R 71 -58.53 17.09 2.46
CA ALA R 71 -57.36 17.83 2.00
C ALA R 71 -57.02 17.48 0.57
N VAL R 72 -56.60 18.49 -0.17
CA VAL R 72 -56.11 18.37 -1.53
C VAL R 72 -54.76 19.07 -1.58
N ASP R 73 -53.78 18.44 -2.23
CA ASP R 73 -52.38 18.86 -2.17
C ASP R 73 -52.18 20.07 -3.10
N LEU R 74 -50.92 20.42 -3.40
CA LEU R 74 -50.58 21.73 -3.97
C LEU R 74 -50.79 21.83 -5.48
N THR R 75 -51.66 20.99 -6.03
CA THR R 75 -51.69 20.72 -7.46
C THR R 75 -52.08 21.93 -8.31
N GLY R 76 -51.18 22.29 -9.22
CA GLY R 76 -51.53 23.03 -10.41
C GLY R 76 -51.64 24.54 -10.35
N SER R 77 -52.74 25.04 -9.82
CA SER R 77 -52.98 26.46 -9.75
C SER R 77 -53.48 26.89 -8.39
N SER R 78 -53.55 25.97 -7.45
CA SER R 78 -54.10 26.20 -6.13
C SER R 78 -53.14 25.63 -5.08
N PRO R 79 -52.96 26.34 -3.97
CA PRO R 79 -52.13 25.84 -2.87
C PRO R 79 -52.81 24.67 -2.17
N PRO R 80 -52.15 24.00 -1.23
CA PRO R 80 -52.83 22.90 -0.52
C PRO R 80 -54.00 23.40 0.31
N ILE R 81 -55.15 22.77 0.11
CA ILE R 81 -56.39 23.17 0.76
C ILE R 81 -56.80 22.07 1.73
N SER R 82 -56.96 22.44 2.99
CA SER R 82 -57.70 21.62 3.93
C SER R 82 -59.09 22.21 4.10
N SER R 83 -60.02 21.36 4.53
CA SER R 83 -61.40 21.81 4.62
C SER R 83 -62.11 21.06 5.73
N LEU R 84 -62.96 21.78 6.44
CA LEU R 84 -63.67 21.32 7.63
C LEU R 84 -65.17 21.37 7.37
N GLU R 85 -65.82 20.20 7.32
CA GLU R 85 -67.25 20.11 7.14
C GLU R 85 -67.88 19.66 8.45
N ILE R 86 -68.94 20.33 8.87
CA ILE R 86 -69.68 19.96 10.08
C ILE R 86 -71.13 19.68 9.71
N LYS R 87 -71.58 18.47 10.00
CA LYS R 87 -72.96 18.04 9.79
C LYS R 87 -73.73 18.11 11.10
N ASN R 88 -75.04 18.39 10.98
CA ASN R 88 -76.01 18.42 12.08
C ASN R 88 -75.57 19.42 13.15
N LEU R 89 -75.58 20.69 12.76
CA LEU R 89 -75.17 21.76 13.64
C LEU R 89 -76.13 21.95 14.80
N THR R 90 -75.57 22.28 15.96
CA THR R 90 -76.34 22.74 17.10
C THR R 90 -76.00 24.19 17.36
N SER R 91 -76.70 24.79 18.32
CA SER R 91 -76.43 26.16 18.70
C SER R 91 -75.28 26.29 19.69
N ASP R 92 -74.56 25.20 19.96
CA ASP R 92 -73.43 25.19 20.86
C ASP R 92 -72.11 25.02 20.12
N ASP R 93 -72.10 25.21 18.81
CA ASP R 93 -70.89 25.16 18.02
C ASP R 93 -70.48 26.54 17.51
N THR R 94 -71.11 27.59 18.00
CA THR R 94 -70.74 28.96 17.68
C THR R 94 -69.36 29.22 18.26
N ALA R 95 -68.36 29.38 17.38
CA ALA R 95 -66.98 29.39 17.85
C ALA R 95 -66.08 29.98 16.78
N VAL R 96 -64.87 30.33 17.22
CA VAL R 96 -63.81 30.74 16.32
C VAL R 96 -63.01 29.49 15.95
N TYR R 97 -62.93 29.18 14.67
CA TYR R 97 -62.23 27.98 14.25
C TYR R 97 -60.83 28.35 13.76
N PHE R 98 -59.94 27.38 13.83
CA PHE R 98 -58.57 27.53 13.36
C PHE R 98 -58.15 26.26 12.66
N CYS R 99 -57.49 26.41 11.53
CA CYS R 99 -56.63 25.35 11.03
C CYS R 99 -55.20 25.70 11.39
N THR R 100 -54.43 24.71 11.80
CA THR R 100 -53.04 24.89 12.15
C THR R 100 -52.23 23.88 11.36
N THR R 101 -50.97 24.21 11.11
CA THR R 101 -50.07 23.27 10.44
C THR R 101 -48.77 23.20 11.21
N THR R 102 -48.24 22.01 11.34
CA THR R 102 -46.92 21.85 11.93
C THR R 102 -46.09 20.85 11.12
N SER R 103 -44.78 21.03 11.18
CA SER R 103 -43.86 20.23 10.38
C SER R 103 -43.58 18.90 11.05
N THR R 104 -43.77 17.82 10.32
CA THR R 104 -43.50 16.48 10.82
C THR R 104 -42.31 15.86 10.13
N TYR R 105 -41.38 16.68 9.64
CA TYR R 105 -40.29 16.12 8.85
C TYR R 105 -39.23 15.47 9.71
N ASP R 106 -38.85 16.10 10.81
CA ASP R 106 -37.76 15.60 11.64
C ASP R 106 -38.34 14.76 12.76
N LYS R 107 -37.85 13.53 12.91
CA LYS R 107 -38.34 12.69 14.00
C LYS R 107 -37.91 13.21 15.36
N TRP R 108 -36.70 13.75 15.46
CA TRP R 108 -36.21 14.20 16.76
C TRP R 108 -36.46 15.68 16.98
N SER R 109 -37.58 16.17 16.47
CA SER R 109 -37.90 17.59 16.62
C SER R 109 -38.36 17.90 18.03
N GLY R 110 -39.47 17.32 18.45
CA GLY R 110 -40.07 17.67 19.72
C GLY R 110 -41.38 18.40 19.56
N LEU R 111 -41.70 18.87 18.37
CA LEU R 111 -43.01 19.46 18.14
C LEU R 111 -44.11 18.42 17.98
N HIS R 112 -43.76 17.14 17.87
CA HIS R 112 -44.78 16.14 17.66
C HIS R 112 -44.40 14.86 18.36
N HIS R 113 -45.40 14.17 18.89
CA HIS R 113 -45.24 12.94 19.65
C HIS R 113 -46.21 11.91 19.09
N ASP R 114 -45.78 11.21 18.05
CA ASP R 114 -46.52 10.10 17.43
C ASP R 114 -47.91 10.51 16.97
N GLY R 115 -47.99 11.65 16.32
CA GLY R 115 -49.26 12.13 15.83
C GLY R 115 -50.03 13.00 16.78
N VAL R 116 -49.45 13.31 17.94
CA VAL R 116 -50.02 14.27 18.88
C VAL R 116 -49.06 15.44 18.92
N MET R 117 -49.53 16.62 18.50
CA MET R 117 -48.63 17.66 18.02
C MET R 117 -48.83 18.96 18.77
N ALA R 118 -47.74 19.71 18.89
CA ALA R 118 -47.84 21.12 19.19
C ALA R 118 -48.11 21.88 17.91
N PHE R 119 -48.75 23.03 18.04
CA PHE R 119 -49.38 23.69 16.89
C PHE R 119 -48.48 24.85 16.49
N SER R 120 -47.48 24.57 15.67
CA SER R 120 -46.39 25.52 15.45
C SER R 120 -46.76 26.69 14.56
N SER R 121 -47.84 26.62 13.79
CA SER R 121 -48.20 27.71 12.90
C SER R 121 -49.70 27.72 12.70
N TRP R 122 -50.28 28.92 12.74
CA TRP R 122 -51.71 29.09 12.96
C TRP R 122 -52.38 29.86 11.84
N GLY R 123 -53.70 29.75 11.79
CA GLY R 123 -54.48 30.47 10.82
C GLY R 123 -54.77 31.88 11.26
N GLN R 124 -55.99 32.37 11.04
CA GLN R 124 -56.32 33.65 11.63
C GLN R 124 -57.70 33.71 12.26
N GLY R 125 -58.57 32.72 12.03
CA GLY R 125 -59.85 32.71 12.70
C GLY R 125 -61.03 32.72 11.77
N THR R 126 -61.88 31.70 11.86
CA THR R 126 -63.12 31.65 11.10
C THR R 126 -64.27 31.56 12.10
N LEU R 127 -64.97 32.67 12.31
CA LEU R 127 -66.06 32.66 13.27
C LEU R 127 -67.31 32.08 12.61
N ILE R 128 -67.92 31.12 13.28
CA ILE R 128 -69.22 30.60 12.86
C ILE R 128 -70.21 30.86 13.97
N SER R 129 -71.28 31.57 13.64
CA SER R 129 -72.42 31.75 14.51
C SER R 129 -73.57 30.85 14.08
N VAL R 130 -74.38 30.43 15.05
CA VAL R 130 -75.52 29.57 14.79
C VAL R 130 -76.76 30.27 15.32
N SER R 131 -77.77 30.40 14.47
CA SER R 131 -79.01 31.07 14.87
C SER R 131 -80.20 30.13 14.73
N ASP S 1 -58.97 12.13 28.68
CA ASP S 1 -57.59 12.59 28.55
C ASP S 1 -56.95 12.88 29.91
N ILE S 2 -55.99 13.80 29.91
CA ILE S 2 -55.24 14.17 31.11
C ILE S 2 -55.42 15.66 31.32
N GLN S 3 -56.17 16.04 32.33
CA GLN S 3 -56.55 17.43 32.52
C GLN S 3 -55.41 18.24 33.09
N MET S 4 -55.22 19.44 32.55
CA MET S 4 -54.22 20.39 33.04
C MET S 4 -54.88 21.38 33.98
N THR S 5 -54.05 22.09 34.75
CA THR S 5 -54.54 23.09 35.69
C THR S 5 -53.54 24.24 35.69
N GLN S 6 -53.97 25.38 35.18
CA GLN S 6 -53.09 26.52 35.03
C GLN S 6 -53.24 27.44 36.23
N SER S 7 -52.12 28.01 36.69
CA SER S 7 -52.12 28.80 37.90
C SER S 7 -51.16 29.98 37.76
N PRO S 8 -51.57 31.18 38.21
CA PRO S 8 -52.90 31.51 38.70
C PRO S 8 -53.86 31.81 37.57
N SER S 9 -55.15 31.94 37.86
CA SER S 9 -56.12 32.19 36.80
C SER S 9 -56.05 33.61 36.26
N THR S 10 -55.50 34.55 37.04
CA THR S 10 -55.36 35.94 36.61
C THR S 10 -54.31 36.60 37.48
N LEU S 11 -53.31 37.22 36.86
CA LEU S 11 -52.39 38.07 37.59
C LEU S 11 -52.25 39.39 36.83
N SER S 12 -51.40 40.27 37.35
CA SER S 12 -51.01 41.48 36.66
C SER S 12 -49.64 41.91 37.18
N ALA S 13 -48.84 42.48 36.28
CA ALA S 13 -47.50 42.90 36.63
C ALA S 13 -47.14 44.12 35.82
N SER S 14 -45.95 44.65 36.09
CA SER S 14 -45.47 45.88 35.49
C SER S 14 -44.33 45.58 34.52
N ILE S 15 -43.85 46.64 33.87
CA ILE S 15 -42.78 46.50 32.88
C ILE S 15 -41.46 46.27 33.60
N GLY S 16 -40.78 45.19 33.23
CA GLY S 16 -39.54 44.82 33.89
C GLY S 16 -39.70 43.93 35.08
N ASP S 17 -40.80 43.18 35.18
CA ASP S 17 -41.10 42.36 36.34
C ASP S 17 -41.05 40.90 35.94
N THR S 18 -40.27 40.12 36.68
CA THR S 18 -40.19 38.68 36.45
C THR S 18 -41.48 38.01 36.89
N VAL S 19 -42.15 37.36 35.93
CA VAL S 19 -43.44 36.72 36.18
C VAL S 19 -43.26 35.22 36.09
N ARG S 20 -43.74 34.51 37.11
CA ARG S 20 -43.70 33.05 37.13
C ARG S 20 -45.13 32.52 37.07
N ILE S 21 -45.42 31.72 36.04
CA ILE S 21 -46.72 31.11 35.85
C ILE S 21 -46.54 29.60 35.87
N SER S 22 -47.33 28.91 36.69
CA SER S 22 -47.19 27.47 36.81
C SER S 22 -48.34 26.77 36.11
N CYS S 23 -48.08 25.54 35.72
CA CYS S 23 -49.10 24.69 35.13
C CYS S 23 -48.88 23.29 35.67
N ARG S 24 -49.92 22.70 36.23
CA ARG S 24 -49.84 21.43 36.94
C ARG S 24 -50.69 20.40 36.22
N ALA S 25 -50.08 19.27 35.90
CA ALA S 25 -50.82 18.20 35.27
C ALA S 25 -51.43 17.29 36.32
N SER S 26 -52.53 16.65 35.96
CA SER S 26 -53.14 15.68 36.87
C SER S 26 -52.28 14.44 36.99
N GLN S 27 -51.58 14.06 35.94
CA GLN S 27 -50.59 13.01 35.99
C GLN S 27 -49.20 13.64 36.05
N SER S 28 -48.17 12.82 35.90
CA SER S 28 -46.81 13.28 35.77
C SER S 28 -46.37 13.15 34.33
N ILE S 29 -45.90 14.23 33.74
CA ILE S 29 -45.46 14.24 32.35
C ILE S 29 -43.94 14.14 32.39
N THR S 30 -43.44 12.92 32.40
CA THR S 30 -42.00 12.68 32.30
C THR S 30 -41.69 12.52 30.82
N GLY S 31 -41.11 13.56 30.25
CA GLY S 31 -40.91 13.62 28.82
C GLY S 31 -41.21 15.01 28.34
N ASN S 32 -41.65 15.84 29.28
CA ASN S 32 -41.71 17.29 29.13
C ASN S 32 -42.65 17.74 28.03
N TRP S 33 -43.70 16.97 27.76
CA TRP S 33 -44.53 17.20 26.58
C TRP S 33 -45.56 18.30 26.88
N VAL S 34 -45.05 19.51 27.03
CA VAL S 34 -45.85 20.67 27.38
C VAL S 34 -45.47 21.84 26.49
N ALA S 35 -46.46 22.41 25.82
CA ALA S 35 -46.27 23.63 25.05
C ALA S 35 -46.83 24.84 25.79
N TRP S 36 -46.42 26.02 25.34
CA TRP S 36 -46.81 27.29 25.92
C TRP S 36 -47.08 28.28 24.80
N TYR S 37 -48.27 28.87 24.83
CA TYR S 37 -48.78 29.76 23.81
C TYR S 37 -49.11 31.11 24.42
N GLN S 38 -48.96 32.15 23.60
CA GLN S 38 -49.40 33.51 23.92
C GLN S 38 -50.47 33.93 22.92
N GLN S 39 -51.61 34.39 23.42
CA GLN S 39 -52.67 34.91 22.59
C GLN S 39 -52.89 36.38 22.92
N ARG S 40 -52.56 37.25 21.99
CA ARG S 40 -53.02 38.62 22.08
C ARG S 40 -54.48 38.70 21.63
N PRO S 41 -55.25 39.67 22.12
CA PRO S 41 -56.68 39.71 21.78
C PRO S 41 -56.91 40.10 20.34
N GLY S 42 -57.84 39.39 19.70
CA GLY S 42 -58.13 39.60 18.30
C GLY S 42 -57.17 38.93 17.34
N LYS S 43 -56.28 38.09 17.83
CA LYS S 43 -55.30 37.43 16.97
C LYS S 43 -55.35 35.93 17.14
N ALA S 44 -54.41 35.24 16.53
CA ALA S 44 -54.22 33.82 16.71
C ALA S 44 -53.10 33.57 17.71
N PRO S 45 -53.22 32.54 18.54
CA PRO S 45 -52.17 32.30 19.54
C PRO S 45 -50.90 31.76 18.91
N ARG S 46 -49.81 32.48 19.09
CA ARG S 46 -48.54 31.98 18.59
C ARG S 46 -47.90 31.07 19.62
N LEU S 47 -47.03 30.20 19.14
CA LEU S 47 -46.30 29.27 20.01
C LEU S 47 -45.12 29.97 20.65
N LEU S 48 -44.97 29.80 21.96
CA LEU S 48 -43.79 30.32 22.64
C LEU S 48 -42.77 29.22 22.92
N ILE S 49 -43.15 28.18 23.65
CA ILE S 49 -42.17 27.19 24.11
C ILE S 49 -42.73 25.78 23.97
N TYR S 50 -41.99 24.92 23.27
CA TYR S 50 -42.31 23.50 23.19
C TYR S 50 -41.29 22.71 23.99
N ARG S 51 -41.65 21.47 24.34
CA ARG S 51 -40.86 20.55 25.18
C ARG S 51 -40.42 21.18 26.49
N GLY S 52 -41.29 21.96 27.09
CA GLY S 52 -40.93 22.52 28.39
C GLY S 52 -39.96 23.67 28.39
N ALA S 53 -38.79 23.52 27.75
CA ALA S 53 -37.81 24.59 27.76
C ALA S 53 -37.16 24.86 26.42
N ALA S 54 -37.57 24.19 25.34
CA ALA S 54 -37.01 24.48 24.03
C ALA S 54 -37.65 25.75 23.51
N LEU S 55 -36.82 26.71 23.14
CA LEU S 55 -37.30 27.99 22.70
C LEU S 55 -37.43 28.01 21.18
N LEU S 56 -38.53 28.55 20.69
CA LEU S 56 -38.79 28.58 19.26
C LEU S 56 -37.87 29.62 18.61
N GLY S 57 -37.76 29.55 17.28
CA GLY S 57 -36.79 30.38 16.58
C GLY S 57 -37.14 31.85 16.59
N GLY S 58 -38.36 32.20 16.21
CA GLY S 58 -38.76 33.60 16.15
C GLY S 58 -39.34 34.12 17.45
N VAL S 59 -38.65 33.89 18.55
CA VAL S 59 -39.09 34.28 19.88
C VAL S 59 -37.95 35.04 20.56
N PRO S 60 -38.20 36.18 21.21
CA PRO S 60 -37.14 36.82 21.98
C PRO S 60 -36.74 35.98 23.17
N SER S 61 -35.45 35.99 23.49
CA SER S 61 -34.88 35.09 24.47
C SER S 61 -35.05 35.55 25.91
N ARG S 62 -35.98 36.47 26.16
CA ARG S 62 -36.29 36.88 27.53
C ARG S 62 -36.92 35.74 28.31
N PHE S 63 -37.67 34.88 27.65
CA PHE S 63 -38.44 33.85 28.32
C PHE S 63 -37.53 32.72 28.77
N SER S 64 -38.05 31.94 29.72
CA SER S 64 -37.41 30.69 30.09
C SER S 64 -38.48 29.75 30.63
N GLY S 65 -38.19 28.46 30.57
CA GLY S 65 -39.14 27.45 31.03
C GLY S 65 -38.44 26.41 31.87
N SER S 66 -39.26 25.70 32.64
CA SER S 66 -38.73 24.64 33.49
C SER S 66 -39.79 23.56 33.65
N ALA S 67 -39.33 22.33 33.86
CA ALA S 67 -40.19 21.17 33.94
C ALA S 67 -39.74 20.30 35.09
N ALA S 68 -40.68 19.85 35.92
CA ALA S 68 -40.34 19.03 37.07
C ALA S 68 -41.33 17.88 37.22
N GLY S 69 -41.66 17.23 36.11
CA GLY S 69 -42.53 16.07 36.18
C GLY S 69 -44.01 16.40 36.24
N THR S 70 -44.40 17.19 37.24
CA THR S 70 -45.77 17.65 37.37
C THR S 70 -45.93 19.15 37.33
N ASP S 71 -44.89 19.92 37.68
CA ASP S 71 -44.94 21.37 37.69
C ASP S 71 -44.18 21.92 36.50
N PHE S 72 -44.82 22.80 35.75
CA PHE S 72 -44.20 23.42 34.59
C PHE S 72 -44.22 24.93 34.80
N THR S 73 -43.05 25.55 34.74
CA THR S 73 -42.85 26.90 35.23
C THR S 73 -42.37 27.78 34.09
N LEU S 74 -43.18 28.77 33.74
CA LEU S 74 -42.82 29.75 32.71
C LEU S 74 -42.38 31.04 33.39
N THR S 75 -41.20 31.53 33.03
CA THR S 75 -40.57 32.66 33.69
C THR S 75 -40.28 33.74 32.66
N ILE S 76 -40.89 34.90 32.86
CA ILE S 76 -40.66 36.07 32.02
C ILE S 76 -39.74 37.02 32.76
N GLY S 77 -38.61 37.36 32.16
CA GLY S 77 -37.70 38.36 32.70
C GLY S 77 -37.71 39.57 31.79
N ASN S 78 -37.69 40.75 32.40
CA ASN S 78 -37.78 42.06 31.73
C ASN S 78 -39.03 42.13 30.85
N LEU S 79 -40.18 42.06 31.51
CA LEU S 79 -41.47 42.05 30.83
C LEU S 79 -41.70 43.36 30.08
N GLN S 80 -42.22 43.24 28.86
CA GLN S 80 -42.43 44.38 27.99
C GLN S 80 -43.91 44.65 27.81
N ALA S 81 -44.21 45.68 27.03
CA ALA S 81 -45.61 46.04 26.79
C ALA S 81 -46.26 45.14 25.75
N GLU S 82 -45.46 44.55 24.88
CA GLU S 82 -45.99 43.69 23.82
C GLU S 82 -46.44 42.33 24.36
N ASP S 83 -45.99 41.94 25.54
CA ASP S 83 -46.17 40.60 26.06
C ASP S 83 -47.36 40.50 27.01
N PHE S 84 -48.42 41.24 26.73
CA PHE S 84 -49.58 41.32 27.61
C PHE S 84 -50.74 40.57 26.94
N GLY S 85 -50.81 39.28 27.19
CA GLY S 85 -51.86 38.49 26.57
C GLY S 85 -52.11 37.21 27.32
N THR S 86 -53.23 36.58 26.98
CA THR S 86 -53.66 35.36 27.64
C THR S 86 -52.70 34.23 27.31
N PHE S 87 -52.15 33.59 28.32
CA PHE S 87 -51.24 32.49 28.04
C PHE S 87 -51.98 31.16 28.11
N TYR S 88 -51.34 30.13 27.61
CA TYR S 88 -51.92 28.79 27.62
C TYR S 88 -50.81 27.77 27.74
N CYS S 89 -51.06 26.72 28.53
CA CYS S 89 -50.20 25.56 28.59
C CYS S 89 -50.93 24.38 27.98
N GLN S 90 -50.23 23.62 27.15
CA GLN S 90 -50.77 22.48 26.43
C GLN S 90 -50.04 21.22 26.85
N GLN S 91 -50.79 20.17 27.14
CA GLN S 91 -50.23 18.83 27.26
C GLN S 91 -50.44 18.11 25.95
N TYR S 92 -49.36 17.88 25.21
CA TYR S 92 -49.44 17.04 24.02
C TYR S 92 -48.77 15.69 24.27
N ASP S 93 -48.93 15.19 25.48
CA ASP S 93 -48.42 13.86 25.83
C ASP S 93 -49.29 12.77 25.22
N THR S 94 -50.56 12.71 25.61
CA THR S 94 -51.45 11.64 25.19
C THR S 94 -52.60 12.19 24.37
N TYR S 95 -53.06 11.38 23.44
CA TYR S 95 -54.14 11.78 22.56
C TYR S 95 -55.46 11.79 23.33
N PRO S 96 -56.28 12.83 23.19
CA PRO S 96 -56.01 14.07 22.45
C PRO S 96 -55.36 15.10 23.35
N GLY S 97 -54.69 16.07 22.75
CA GLY S 97 -54.13 17.15 23.53
C GLY S 97 -55.24 18.04 24.06
N THR S 98 -55.03 18.56 25.27
CA THR S 98 -55.95 19.50 25.86
C THR S 98 -55.16 20.65 26.46
N PHE S 99 -55.78 21.81 26.58
CA PHE S 99 -55.01 23.01 26.90
C PHE S 99 -55.27 23.44 28.34
N GLY S 100 -54.69 24.57 28.69
CA GLY S 100 -54.84 25.13 30.03
C GLY S 100 -56.11 25.92 30.20
N GLN S 101 -56.03 27.04 30.91
CA GLN S 101 -57.21 27.85 31.22
C GLN S 101 -57.04 29.32 30.86
N GLY S 102 -55.85 29.87 31.02
CA GLY S 102 -55.64 31.25 30.65
C GLY S 102 -55.21 32.18 31.76
N THR S 103 -53.95 32.61 31.74
CA THR S 103 -53.38 33.49 32.76
C THR S 103 -53.31 34.89 32.18
N LYS S 104 -54.41 35.64 32.33
CA LYS S 104 -54.54 36.92 31.66
C LYS S 104 -53.67 37.98 32.32
N VAL S 105 -52.44 38.13 31.86
CA VAL S 105 -51.50 39.09 32.43
C VAL S 105 -51.90 40.49 31.99
N GLU S 106 -52.09 41.38 32.98
CA GLU S 106 -52.48 42.76 32.71
C GLU S 106 -51.56 43.73 33.45
N VAL S 107 -51.93 45.01 33.46
CA VAL S 107 -51.26 45.98 34.33
C VAL S 107 -52.29 46.58 35.27
N GLN T 1 33.31 8.14 39.60
CA GLN T 1 34.58 8.34 40.27
C GLN T 1 34.55 9.56 41.16
N ILE T 2 33.65 9.55 42.14
CA ILE T 2 33.58 10.64 43.10
C ILE T 2 34.71 10.48 44.09
N HIS T 3 35.51 11.52 44.24
CA HIS T 3 36.65 11.53 45.14
C HIS T 3 36.52 12.70 46.09
N LEU T 4 35.37 12.72 46.75
CA LEU T 4 34.95 13.76 47.67
C LEU T 4 35.99 14.06 48.75
N VAL T 5 36.32 15.33 48.90
CA VAL T 5 37.40 15.78 49.77
C VAL T 5 36.87 16.85 50.71
N GLN T 6 37.19 16.74 51.98
CA GLN T 6 36.76 17.68 53.01
C GLN T 6 37.95 18.51 53.47
N SER T 7 37.71 19.32 54.49
CA SER T 7 38.78 20.13 55.07
C SER T 7 39.47 19.33 56.16
N GLY T 8 40.29 20.02 56.97
CA GLY T 8 41.10 19.36 57.97
C GLY T 8 40.51 19.42 59.37
N THR T 9 41.28 18.87 60.31
CA THR T 9 40.85 18.78 61.71
C THR T 9 40.86 20.15 62.36
N GLU T 10 39.76 20.50 63.02
CA GLU T 10 39.63 21.82 63.63
C GLU T 10 39.17 21.71 65.08
N VAL T 11 39.47 22.76 65.84
CA VAL T 11 39.08 22.85 67.24
C VAL T 11 38.62 24.28 67.51
N LYS T 12 37.52 24.42 68.23
CA LYS T 12 36.97 25.74 68.50
C LYS T 12 36.63 25.94 69.97
N LYS T 13 36.00 27.04 70.27
CA LYS T 13 35.51 27.44 71.58
C LYS T 13 34.00 27.22 71.67
N PRO T 14 33.48 26.96 72.86
CA PRO T 14 32.03 26.87 73.02
C PRO T 14 31.37 28.23 72.83
N GLY T 15 30.12 28.19 72.38
CA GLY T 15 29.41 29.42 72.07
C GLY T 15 29.95 30.14 70.85
N SER T 16 30.39 29.39 69.85
CA SER T 16 30.98 29.98 68.66
C SER T 16 30.41 29.36 67.39
N SER T 17 31.00 29.67 66.24
CA SER T 17 30.60 29.12 64.96
C SER T 17 31.79 28.40 64.33
N VAL T 18 31.50 27.56 63.34
CA VAL T 18 32.52 26.81 62.63
C VAL T 18 32.00 26.52 61.24
N THR T 19 32.91 26.23 60.32
CA THR T 19 32.56 25.94 58.93
C THR T 19 33.44 24.83 58.39
N VAL T 20 32.81 23.83 57.78
CA VAL T 20 33.49 22.68 57.20
C VAL T 20 33.18 22.63 55.70
N SER T 21 34.23 22.50 54.89
CA SER T 21 34.11 22.49 53.44
C SER T 21 33.91 21.07 52.93
N CYS T 22 33.40 20.98 51.71
CA CYS T 22 33.19 19.68 51.06
C CYS T 22 33.26 19.90 49.56
N LYS T 23 34.41 19.59 48.98
CA LYS T 23 34.62 19.75 47.55
C LYS T 23 34.34 18.44 46.85
N ALA T 24 33.51 18.47 45.82
CA ALA T 24 32.96 17.27 45.23
C ALA T 24 33.58 17.03 43.85
N TYR T 25 34.74 16.38 43.86
CA TYR T 25 35.38 16.03 42.60
C TYR T 25 34.60 14.93 41.90
N GLY T 26 34.46 15.04 40.59
CA GLY T 26 33.79 14.01 39.85
C GLY T 26 32.28 14.04 39.90
N VAL T 27 31.70 15.08 40.49
CA VAL T 27 30.26 15.26 40.56
C VAL T 27 29.84 16.16 39.41
N ASN T 28 28.82 15.72 38.66
CA ASN T 28 28.24 16.50 37.57
C ASN T 28 27.72 17.84 38.09
N THR T 29 26.70 17.78 38.94
CA THR T 29 26.13 18.96 39.56
C THR T 29 25.34 18.52 40.77
N PHE T 30 25.01 19.48 41.62
CA PHE T 30 24.16 19.18 42.76
C PHE T 30 22.68 19.23 42.42
N GLY T 31 22.35 19.47 41.15
CA GLY T 31 20.98 19.31 40.72
C GLY T 31 20.69 17.83 40.57
N LEU T 32 21.64 17.10 40.01
CA LEU T 32 21.47 15.65 39.86
C LEU T 32 21.78 14.92 41.16
N TYR T 33 22.84 15.30 41.86
CA TYR T 33 23.18 14.57 43.06
C TYR T 33 22.55 15.26 44.26
N ALA T 34 22.76 14.68 45.43
CA ALA T 34 22.26 15.29 46.65
C ALA T 34 23.26 15.06 47.76
N VAL T 35 23.50 16.10 48.53
CA VAL T 35 24.49 16.10 49.59
C VAL T 35 23.78 15.91 50.91
N ASN T 36 24.17 14.88 51.65
CA ASN T 36 23.65 14.64 52.98
C ASN T 36 24.80 14.79 53.96
N TRP T 37 24.69 15.75 54.87
CA TRP T 37 25.65 15.90 55.94
C TRP T 37 25.25 15.03 57.11
N VAL T 38 26.22 14.29 57.65
CA VAL T 38 26.00 13.34 58.74
C VAL T 38 27.18 13.50 59.69
N ARG T 39 27.02 13.07 60.94
CA ARG T 39 28.12 13.15 61.88
C ARG T 39 28.22 11.88 62.71
N GLN T 40 29.27 11.81 63.50
CA GLN T 40 29.51 10.66 64.36
C GLN T 40 30.25 11.13 65.60
N ALA T 41 29.59 11.05 66.75
CA ALA T 41 30.29 11.27 68.00
C ALA T 41 31.28 10.13 68.22
N PRO T 42 32.41 10.39 68.91
CA PRO T 42 33.42 9.34 69.10
C PRO T 42 32.93 8.15 69.89
N GLY T 43 32.84 7.00 69.22
CA GLY T 43 32.35 5.78 69.80
C GLY T 43 30.89 5.48 69.51
N GLN T 44 30.12 6.49 69.14
CA GLN T 44 28.69 6.33 68.96
C GLN T 44 28.38 5.85 67.55
N SER T 45 27.09 5.88 67.18
CA SER T 45 26.66 5.57 65.83
C SER T 45 26.41 6.87 65.06
N LEU T 46 26.19 6.71 63.76
CA LEU T 46 26.13 7.84 62.86
C LEU T 46 24.81 8.60 63.02
N GLU T 47 24.92 9.91 63.20
CA GLU T 47 23.78 10.79 63.46
C GLU T 47 23.59 11.73 62.28
N TYR T 48 22.41 11.68 61.67
CA TYR T 48 22.07 12.52 60.54
C TYR T 48 22.04 13.99 60.92
N ILE T 49 22.38 14.87 59.98
CA ILE T 49 22.28 16.30 60.22
C ILE T 49 21.34 16.96 59.21
N GLY T 50 21.69 16.92 57.93
CA GLY T 50 20.87 17.71 57.02
C GLY T 50 21.17 17.41 55.56
N GLN T 51 20.50 18.14 54.67
CA GLN T 51 20.66 17.91 53.24
C GLN T 51 20.28 19.15 52.46
N ILE T 52 20.64 19.13 51.17
CA ILE T 52 20.33 20.18 50.20
C ILE T 52 19.77 19.65 48.89
N TRP T 53 19.02 18.56 48.95
CA TRP T 53 18.49 17.91 47.74
C TRP T 53 17.59 18.83 46.93
N ARG T 54 17.88 18.89 45.62
CA ARG T 54 17.21 19.76 44.64
C ARG T 54 17.26 21.23 45.05
N TRP T 55 18.41 21.65 45.59
CA TRP T 55 18.69 23.01 46.03
C TRP T 55 17.71 23.50 47.08
N LYS T 56 17.26 22.59 47.95
CA LYS T 56 16.39 22.92 49.07
C LYS T 56 17.14 22.54 50.33
N SER T 57 17.71 23.53 51.00
CA SER T 57 18.46 23.25 52.22
C SER T 57 17.50 22.91 53.35
N SER T 58 17.80 21.83 54.07
CA SER T 58 16.94 21.41 55.16
C SER T 58 17.76 20.60 56.16
N ALA T 59 17.55 20.86 57.43
CA ALA T 59 18.21 20.13 58.50
C ALA T 59 17.15 19.40 59.32
N SER T 60 17.62 18.44 60.13
CA SER T 60 16.70 17.67 60.95
C SER T 60 16.20 18.51 62.11
N HIS T 61 15.20 17.98 62.82
CA HIS T 61 14.49 18.73 63.85
C HIS T 61 15.33 18.97 65.10
N HIS T 62 16.38 18.18 65.31
CA HIS T 62 17.26 18.41 66.45
C HIS T 62 18.13 19.64 66.26
N PHE T 63 18.39 20.04 65.02
CA PHE T 63 19.45 20.96 64.69
C PHE T 63 18.95 22.25 64.07
N ARG T 64 17.65 22.53 64.18
CA ARG T 64 17.07 23.66 63.48
C ARG T 64 17.52 24.98 64.09
N GLY T 65 17.81 25.95 63.23
CA GLY T 65 18.26 27.25 63.65
C GLY T 65 19.74 27.36 63.98
N ARG T 66 20.42 26.25 64.24
CA ARG T 66 21.83 26.25 64.60
C ARG T 66 22.75 25.95 63.43
N VAL T 67 22.24 25.37 62.36
CA VAL T 67 23.04 24.78 61.30
C VAL T 67 22.62 25.40 59.97
N LEU T 68 23.62 25.85 59.20
CA LEU T 68 23.41 26.33 57.83
C LEU T 68 24.18 25.44 56.87
N ILE T 69 23.53 25.01 55.80
CA ILE T 69 24.13 24.14 54.82
C ILE T 69 24.01 24.81 53.46
N SER T 70 25.14 25.17 52.87
CA SER T 70 25.13 25.92 51.63
C SER T 70 25.86 25.17 50.54
N ALA T 71 25.63 25.57 49.28
CA ALA T 71 26.26 24.90 48.16
C ALA T 71 26.42 25.85 46.98
N VAL T 72 27.55 25.70 46.29
CA VAL T 72 27.87 26.41 45.06
C VAL T 72 28.26 25.36 44.03
N ASP T 73 27.76 25.50 42.81
CA ASP T 73 27.86 24.47 41.79
C ASP T 73 29.26 24.50 41.17
N LEU T 74 29.47 23.83 40.03
CA LEU T 74 30.81 23.49 39.55
C LEU T 74 31.51 24.62 38.80
N THR T 75 31.12 25.87 39.07
CA THR T 75 31.42 26.99 38.20
C THR T 75 32.90 27.31 38.10
N GLY T 76 33.42 27.27 36.88
CA GLY T 76 34.60 28.01 36.50
C GLY T 76 35.97 27.42 36.76
N SER T 77 36.43 27.49 38.00
CA SER T 77 37.74 27.00 38.36
C SER T 77 37.70 26.17 39.62
N SER T 78 36.52 25.93 40.17
CA SER T 78 36.33 25.22 41.41
C SER T 78 35.25 24.17 41.25
N PRO T 79 35.43 23.00 41.84
CA PRO T 79 34.41 21.95 41.82
C PRO T 79 33.22 22.33 42.67
N PRO T 80 32.12 21.56 42.66
CA PRO T 80 30.98 21.93 43.52
C PRO T 80 31.33 21.83 45.00
N ILE T 81 31.05 22.89 45.72
CA ILE T 81 31.40 23.01 47.12
C ILE T 81 30.12 23.02 47.94
N SER T 82 29.99 22.08 48.86
CA SER T 82 29.04 22.19 49.95
C SER T 82 29.76 22.67 51.20
N SER T 83 29.00 23.24 52.11
CA SER T 83 29.63 23.80 53.30
C SER T 83 28.66 23.76 54.46
N LEU T 84 29.21 23.47 55.64
CA LEU T 84 28.46 23.24 56.87
C LEU T 84 28.88 24.29 57.90
N GLU T 85 27.97 25.17 58.27
CA GLU T 85 28.20 26.19 59.29
C GLU T 85 27.42 25.83 60.54
N ILE T 86 28.07 25.87 61.69
CA ILE T 86 27.42 25.62 62.98
C ILE T 86 27.56 26.84 63.86
N LYS T 87 26.44 27.41 64.28
CA LYS T 87 26.37 28.52 65.20
C LYS T 87 26.09 28.04 66.62
N ASN T 88 26.63 28.78 67.60
CA ASN T 88 26.42 28.56 69.03
C ASN T 88 26.84 27.15 69.44
N LEU T 89 28.14 26.91 69.32
CA LEU T 89 28.71 25.61 69.63
C LEU T 89 28.61 25.29 71.12
N THR T 90 28.37 24.02 71.41
CA THR T 90 28.50 23.49 72.76
C THR T 90 29.66 22.51 72.78
N SER T 91 29.97 22.00 73.97
CA SER T 91 31.02 21.01 74.12
C SER T 91 30.55 19.60 73.82
N ASP T 92 29.32 19.44 73.32
CA ASP T 92 28.77 18.15 72.97
C ASP T 92 28.64 17.95 71.47
N ASP T 93 29.31 18.79 70.68
CA ASP T 93 29.35 18.65 69.23
C ASP T 93 30.71 18.20 68.74
N THR T 94 31.60 17.79 69.64
CA THR T 94 32.89 17.24 69.27
C THR T 94 32.66 15.92 68.55
N ALA T 95 32.95 15.88 67.25
CA ALA T 95 32.52 14.74 66.45
C ALA T 95 33.29 14.71 65.15
N VAL T 96 33.23 13.56 64.49
CA VAL T 96 33.74 13.40 63.14
C VAL T 96 32.61 13.69 62.18
N TYR T 97 32.79 14.66 61.31
CA TYR T 97 31.74 15.04 60.39
C TYR T 97 31.99 14.42 59.02
N PHE T 98 30.93 14.24 58.26
CA PHE T 98 31.01 13.70 56.92
C PHE T 98 30.02 14.47 56.05
N CYS T 99 30.46 14.80 54.85
CA CYS T 99 29.53 15.09 53.77
C CYS T 99 29.46 13.85 52.89
N THR T 100 28.26 13.52 52.44
CA THR T 100 28.04 12.39 51.57
C THR T 100 27.28 12.87 50.36
N THR T 101 27.43 12.18 49.25
CA THR T 101 26.67 12.50 48.04
C THR T 101 26.08 11.22 47.47
N THR T 102 24.84 11.32 47.02
CA THR T 102 24.22 10.20 46.33
C THR T 102 23.49 10.68 45.09
N SER T 103 23.38 9.79 44.11
CA SER T 103 22.79 10.15 42.82
C SER T 103 21.28 10.05 42.89
N THR T 104 20.61 11.13 42.49
CA THR T 104 19.16 11.16 42.46
C THR T 104 18.62 11.20 41.04
N TYR T 105 19.38 10.67 40.08
CA TYR T 105 18.99 10.80 38.69
C TYR T 105 17.87 9.85 38.31
N ASP T 106 17.96 8.60 38.74
CA ASP T 106 16.98 7.59 38.35
C ASP T 106 15.90 7.49 39.41
N LYS T 107 14.64 7.59 39.00
CA LYS T 107 13.56 7.48 39.97
C LYS T 107 13.44 6.06 40.50
N TRP T 108 13.66 5.05 39.66
CA TRP T 108 13.49 3.67 40.10
C TRP T 108 14.80 3.06 40.56
N SER T 109 15.64 3.87 41.20
CA SER T 109 16.93 3.37 41.67
C SER T 109 16.77 2.53 42.93
N GLY T 110 16.28 3.12 43.99
CA GLY T 110 16.24 2.46 45.28
C GLY T 110 17.20 3.02 46.28
N LEU T 111 18.13 3.86 45.86
CA LEU T 111 18.99 4.55 46.80
C LEU T 111 18.31 5.72 47.47
N HIS T 112 17.14 6.13 47.01
CA HIS T 112 16.49 7.28 47.59
C HIS T 112 14.98 7.09 47.60
N HIS T 113 14.36 7.60 48.65
CA HIS T 113 12.92 7.47 48.87
C HIS T 113 12.38 8.85 49.19
N ASP T 114 12.06 9.62 48.15
CA ASP T 114 11.41 10.93 48.26
C ASP T 114 12.21 11.91 49.12
N GLY T 115 13.52 11.95 48.89
CA GLY T 115 14.38 12.83 49.63
C GLY T 115 14.94 12.26 50.90
N VAL T 116 14.68 10.99 51.19
CA VAL T 116 15.30 10.27 52.29
C VAL T 116 16.17 9.20 51.66
N MET T 117 17.48 9.28 51.88
CA MET T 117 18.43 8.67 50.99
C MET T 117 19.38 7.73 51.72
N ALA T 118 19.81 6.70 51.01
CA ALA T 118 20.99 5.96 51.40
C ALA T 118 22.21 6.71 50.91
N PHE T 119 23.33 6.53 51.60
CA PHE T 119 24.47 7.42 51.45
C PHE T 119 25.52 6.69 50.62
N SER T 120 25.39 6.80 49.30
CA SER T 120 26.13 5.93 48.40
C SER T 120 27.61 6.28 48.26
N SER T 121 28.02 7.49 48.63
CA SER T 121 29.42 7.86 48.48
C SER T 121 29.78 8.88 49.54
N TRP T 122 30.96 8.71 50.13
CA TRP T 122 31.29 9.31 51.41
C TRP T 122 32.53 10.18 51.33
N GLY T 123 32.70 11.03 52.33
CA GLY T 123 33.87 11.88 52.42
C GLY T 123 35.03 11.16 53.05
N GLN T 124 35.78 11.82 53.93
CA GLN T 124 36.80 11.08 54.67
C GLN T 124 36.85 11.43 56.15
N GLY T 125 36.21 12.50 56.59
CA GLY T 125 36.17 12.79 58.01
C GLY T 125 36.75 14.13 58.37
N THR T 126 35.95 14.98 59.00
CA THR T 126 36.43 16.26 59.51
C THR T 126 36.18 16.28 61.01
N LEU T 127 37.23 16.07 61.80
CA LEU T 127 37.06 16.06 63.25
C LEU T 127 37.02 17.47 63.78
N ILE T 128 36.00 17.77 64.58
CA ILE T 128 35.93 19.03 65.29
C ILE T 128 35.92 18.74 66.78
N SER T 129 36.89 19.31 67.49
CA SER T 129 36.94 19.29 68.94
C SER T 129 36.50 20.64 69.49
N VAL T 130 35.90 20.61 70.68
CA VAL T 130 35.43 21.82 71.35
C VAL T 130 36.09 21.89 72.71
N SER T 131 36.71 23.02 73.00
CA SER T 131 37.39 23.19 74.29
C SER T 131 36.83 24.38 75.05
N ASP U 1 11.23 9.92 64.99
CA ASP U 1 11.43 9.00 63.87
C ASP U 1 11.06 7.57 64.22
N ILE U 2 11.70 6.61 63.56
CA ILE U 2 11.42 5.19 63.73
C ILE U 2 12.72 4.53 64.13
N GLN U 3 12.81 4.11 65.39
CA GLN U 3 14.07 3.63 65.94
C GLN U 3 14.37 2.21 65.46
N MET U 4 15.62 1.97 65.09
CA MET U 4 16.10 0.66 64.70
C MET U 4 16.75 -0.03 65.89
N THR U 5 16.93 -1.34 65.78
CA THR U 5 17.57 -2.13 66.82
C THR U 5 18.42 -3.20 66.17
N GLN U 6 19.73 -3.07 66.28
CA GLN U 6 20.65 -3.96 65.62
C GLN U 6 21.04 -5.09 66.55
N SER U 7 21.17 -6.30 66.02
CA SER U 7 21.41 -7.48 66.82
C SER U 7 22.35 -8.43 66.09
N PRO U 8 23.34 -9.01 66.81
CA PRO U 8 23.70 -8.71 68.19
C PRO U 8 24.60 -7.49 68.28
N SER U 9 24.85 -6.98 69.49
CA SER U 9 25.66 -5.79 69.62
C SER U 9 27.14 -6.06 69.37
N THR U 10 27.59 -7.30 69.51
CA THR U 10 28.97 -7.67 69.26
C THR U 10 29.04 -9.17 69.03
N LEU U 11 29.64 -9.58 67.92
CA LEU U 11 29.97 -10.99 67.73
C LEU U 11 31.41 -11.10 67.29
N SER U 12 31.83 -12.33 67.02
CA SER U 12 33.13 -12.59 66.41
C SER U 12 33.07 -13.92 65.68
N ALA U 13 33.77 -14.02 64.57
CA ALA U 13 33.75 -15.23 63.77
C ALA U 13 35.11 -15.40 63.10
N SER U 14 35.25 -16.50 62.37
CA SER U 14 36.51 -16.88 61.75
C SER U 14 36.39 -16.75 60.24
N ILE U 15 37.50 -17.03 59.56
CA ILE U 15 37.56 -16.92 58.11
C ILE U 15 36.82 -18.09 57.49
N GLY U 16 35.86 -17.79 56.62
CA GLY U 16 35.04 -18.81 56.01
C GLY U 16 33.80 -19.18 56.78
N ASP U 17 33.30 -18.28 57.63
CA ASP U 17 32.18 -18.56 58.50
C ASP U 17 30.99 -17.70 58.08
N THR U 18 29.85 -18.35 57.84
CA THR U 18 28.63 -17.63 57.50
C THR U 18 28.11 -16.88 58.72
N VAL U 19 28.01 -15.56 58.61
CA VAL U 19 27.58 -14.71 59.70
C VAL U 19 26.22 -14.13 59.36
N ARG U 20 25.28 -14.25 60.28
CA ARG U 20 23.95 -13.68 60.14
C ARG U 20 23.77 -12.57 61.17
N ILE U 21 23.50 -11.35 60.69
CA ILE U 21 23.26 -10.20 61.55
C ILE U 21 21.86 -9.69 61.27
N SER U 22 21.08 -9.49 62.32
CA SER U 22 19.71 -9.06 62.15
C SER U 22 19.56 -7.61 62.56
N CYS U 23 18.55 -6.97 62.00
CA CYS U 23 18.20 -5.60 62.36
C CYS U 23 16.69 -5.53 62.38
N ARG U 24 16.13 -5.05 63.50
CA ARG U 24 14.70 -5.06 63.73
C ARG U 24 14.21 -3.64 63.87
N ALA U 25 13.20 -3.29 63.09
CA ALA U 25 12.61 -1.97 63.18
C ALA U 25 11.51 -1.97 64.22
N SER U 26 11.28 -0.79 64.80
CA SER U 26 10.17 -0.66 65.74
C SER U 26 8.82 -0.73 65.02
N GLN U 27 8.77 -0.25 63.79
CA GLN U 27 7.60 -0.44 62.94
C GLN U 27 7.89 -1.56 61.95
N SER U 28 7.01 -1.70 60.97
CA SER U 28 7.22 -2.62 59.86
C SER U 28 7.57 -1.82 58.62
N ILE U 29 8.69 -2.15 58.00
CA ILE U 29 9.14 -1.44 56.81
C ILE U 29 8.76 -2.33 55.62
N THR U 30 7.56 -2.11 55.11
CA THR U 30 7.10 -2.78 53.91
C THR U 30 7.47 -1.88 52.74
N GLY U 31 8.52 -2.27 52.03
CA GLY U 31 9.08 -1.42 51.01
C GLY U 31 10.59 -1.49 51.09
N ASN U 32 11.06 -2.23 52.09
CA ASN U 32 12.44 -2.70 52.19
C ASN U 32 13.45 -1.57 52.29
N TRP U 33 13.04 -0.44 52.88
CA TRP U 33 13.87 0.76 52.84
C TRP U 33 14.93 0.69 53.93
N VAL U 34 15.89 -0.22 53.74
CA VAL U 34 16.95 -0.48 54.70
C VAL U 34 18.28 -0.58 53.97
N ALA U 35 19.24 0.23 54.38
CA ALA U 35 20.60 0.15 53.88
C ALA U 35 21.51 -0.54 54.90
N TRP U 36 22.67 -0.97 54.42
CA TRP U 36 23.67 -1.68 55.19
C TRP U 36 25.04 -1.16 54.81
N TYR U 37 25.79 -0.72 55.83
CA TYR U 37 27.09 -0.10 55.69
C TYR U 37 28.13 -0.88 56.45
N GLN U 38 29.36 -0.85 55.93
CA GLN U 38 30.55 -1.37 56.60
C GLN U 38 31.51 -0.24 56.88
N GLN U 39 31.95 -0.10 58.13
CA GLN U 39 32.95 0.88 58.49
C GLN U 39 34.18 0.16 59.01
N ARG U 40 35.27 0.24 58.26
CA ARG U 40 36.56 -0.12 58.82
C ARG U 40 37.08 1.02 59.70
N PRO U 41 37.92 0.72 60.70
CA PRO U 41 38.35 1.78 61.62
C PRO U 41 39.30 2.76 60.95
N GLY U 42 39.08 4.04 61.22
CA GLY U 42 39.87 5.09 60.62
C GLY U 42 39.47 5.47 59.22
N LYS U 43 38.33 4.96 58.73
CA LYS U 43 37.89 5.25 57.38
C LYS U 43 36.48 5.79 57.37
N ALA U 44 35.91 5.94 56.20
CA ALA U 44 34.53 6.32 56.02
C ALA U 44 33.71 5.07 55.72
N PRO U 45 32.48 5.00 56.22
CA PRO U 45 31.68 3.79 56.00
C PRO U 45 31.18 3.70 54.56
N ARG U 46 31.56 2.64 53.89
CA ARG U 46 31.06 2.44 52.53
C ARG U 46 29.71 1.73 52.56
N LEU U 47 28.95 1.92 51.50
CA LEU U 47 27.64 1.28 51.37
C LEU U 47 27.81 -0.15 50.90
N LEU U 48 27.11 -1.08 51.57
CA LEU U 48 27.10 -2.45 51.10
C LEU U 48 25.80 -2.79 50.36
N ILE U 49 24.65 -2.63 51.01
CA ILE U 49 23.40 -3.10 50.42
C ILE U 49 22.29 -2.09 50.64
N TYR U 50 21.64 -1.68 49.56
CA TYR U 50 20.44 -0.85 49.62
C TYR U 50 19.22 -1.66 49.23
N ARG U 51 18.04 -1.16 49.61
CA ARG U 51 16.75 -1.83 49.41
C ARG U 51 16.72 -3.26 49.94
N GLY U 52 17.36 -3.50 51.07
CA GLY U 52 17.29 -4.83 51.62
C GLY U 52 18.15 -5.90 50.97
N ALA U 53 18.04 -6.07 49.65
CA ALA U 53 18.82 -7.11 48.98
C ALA U 53 19.44 -6.67 47.67
N ALA U 54 19.33 -5.42 47.27
CA ALA U 54 19.99 -4.96 46.06
C ALA U 54 21.47 -4.75 46.36
N LEU U 55 22.32 -5.39 45.58
CA LEU U 55 23.75 -5.34 45.81
C LEU U 55 24.36 -4.22 44.99
N LEU U 56 25.25 -3.46 45.61
CA LEU U 56 25.89 -2.33 44.95
C LEU U 56 26.89 -2.85 43.92
N GLY U 57 27.32 -1.96 43.02
CA GLY U 57 28.16 -2.40 41.90
C GLY U 57 29.56 -2.82 42.32
N GLY U 58 30.25 -1.98 43.09
CA GLY U 58 31.60 -2.30 43.50
C GLY U 58 31.69 -3.07 44.79
N VAL U 59 30.92 -4.15 44.90
CA VAL U 59 30.84 -4.97 46.11
C VAL U 59 31.05 -6.42 45.69
N PRO U 60 31.88 -7.19 46.39
CA PRO U 60 31.96 -8.64 46.10
C PRO U 60 30.66 -9.33 46.43
N SER U 61 30.31 -10.32 45.62
CA SER U 61 29.00 -10.95 45.67
C SER U 61 28.90 -12.04 46.73
N ARG U 62 29.80 -12.06 47.71
CA ARG U 62 29.69 -12.99 48.82
C ARG U 62 28.50 -12.70 49.68
N PHE U 63 28.12 -11.42 49.79
CA PHE U 63 27.07 -11.00 50.70
C PHE U 63 25.71 -11.38 50.16
N SER U 64 24.73 -11.41 51.07
CA SER U 64 23.34 -11.51 50.66
C SER U 64 22.49 -10.87 51.75
N GLY U 65 21.29 -10.45 51.37
CA GLY U 65 20.40 -9.79 52.28
C GLY U 65 18.99 -10.34 52.16
N SER U 66 18.20 -10.10 53.20
CA SER U 66 16.82 -10.55 53.21
C SER U 66 15.99 -9.59 54.04
N ALA U 67 14.71 -9.49 53.67
CA ALA U 67 13.79 -8.54 54.30
C ALA U 67 12.47 -9.25 54.56
N ALA U 68 11.92 -9.08 55.76
CA ALA U 68 10.67 -9.73 56.12
C ALA U 68 9.77 -8.76 56.88
N GLY U 69 9.67 -7.54 56.40
CA GLY U 69 8.76 -6.58 57.01
C GLY U 69 9.32 -5.90 58.24
N THR U 70 9.72 -6.69 59.25
CA THR U 70 10.35 -6.16 60.44
C THR U 70 11.76 -6.67 60.67
N ASP U 71 12.10 -7.84 60.16
CA ASP U 71 13.42 -8.44 60.34
C ASP U 71 14.23 -8.29 59.07
N PHE U 72 15.44 -7.76 59.19
CA PHE U 72 16.34 -7.59 58.06
C PHE U 72 17.62 -8.34 58.35
N THR U 73 17.97 -9.25 57.46
CA THR U 73 18.97 -10.29 57.72
C THR U 73 20.12 -10.15 56.73
N LEU U 74 21.30 -9.84 57.25
CA LEU U 74 22.51 -9.75 56.44
C LEU U 74 23.33 -11.02 56.63
N THR U 75 23.68 -11.67 55.53
CA THR U 75 24.33 -12.97 55.54
C THR U 75 25.65 -12.89 54.79
N ILE U 76 26.74 -13.15 55.50
CA ILE U 76 28.07 -13.19 54.91
C ILE U 76 28.47 -14.65 54.74
N GLY U 77 28.78 -15.04 53.51
CA GLY U 77 29.31 -16.36 53.22
C GLY U 77 30.76 -16.24 52.78
N ASN U 78 31.59 -17.17 53.27
CA ASN U 78 33.04 -17.20 53.05
C ASN U 78 33.69 -15.88 53.50
N LEU U 79 33.58 -15.63 54.80
CA LEU U 79 34.09 -14.40 55.40
C LEU U 79 35.60 -14.30 55.25
N GLN U 80 36.06 -13.10 54.91
CA GLN U 80 37.46 -12.85 54.64
C GLN U 80 38.06 -11.96 55.73
N ALA U 81 39.36 -11.68 55.59
CA ALA U 81 40.04 -10.85 56.57
C ALA U 81 39.74 -9.37 56.36
N GLU U 82 39.40 -8.98 55.13
CA GLU U 82 39.13 -7.58 54.83
C GLU U 82 37.78 -7.12 55.39
N ASP U 83 36.89 -8.05 55.72
CA ASP U 83 35.50 -7.73 56.05
C ASP U 83 35.28 -7.66 57.55
N PHE U 84 36.26 -7.15 58.28
CA PHE U 84 36.21 -7.10 59.74
C PHE U 84 36.02 -5.65 60.17
N GLY U 85 34.76 -5.23 60.26
CA GLY U 85 34.50 -3.84 60.63
C GLY U 85 33.10 -3.69 61.16
N THR U 86 32.87 -2.53 61.77
CA THR U 86 31.59 -2.23 62.40
C THR U 86 30.51 -2.08 61.34
N PHE U 87 29.44 -2.85 61.45
CA PHE U 87 28.38 -2.72 60.47
C PHE U 87 27.30 -1.78 60.96
N TYR U 88 26.44 -1.37 60.05
CA TYR U 88 25.34 -0.48 60.39
C TYR U 88 24.16 -0.79 59.50
N CYS U 89 22.97 -0.75 60.08
CA CYS U 89 21.72 -0.80 59.32
C CYS U 89 21.03 0.55 59.42
N GLN U 90 20.53 1.03 58.27
CA GLN U 90 19.88 2.32 58.16
C GLN U 90 18.44 2.13 57.72
N GLN U 91 17.52 2.80 58.38
CA GLN U 91 16.16 2.95 57.90
C GLN U 91 16.06 4.29 57.19
N TYR U 92 15.93 4.26 55.87
CA TYR U 92 15.65 5.47 55.12
C TYR U 92 14.21 5.48 54.62
N ASP U 93 13.30 4.95 55.44
CA ASP U 93 11.88 4.97 55.12
C ASP U 93 11.29 6.36 55.33
N THR U 94 11.33 6.85 56.56
CA THR U 94 10.70 8.12 56.89
C THR U 94 11.73 9.13 57.36
N TYR U 95 11.45 10.38 57.08
CA TYR U 95 12.35 11.46 57.42
C TYR U 95 12.32 11.71 58.93
N PRO U 96 13.47 11.84 59.60
CA PRO U 96 14.81 11.67 59.04
C PRO U 96 15.27 10.24 59.18
N GLY U 97 16.25 9.85 58.38
CA GLY U 97 16.83 8.54 58.53
C GLY U 97 17.65 8.44 59.80
N THR U 98 17.60 7.27 60.42
CA THR U 98 18.40 7.00 61.60
C THR U 98 19.04 5.64 61.45
N PHE U 99 20.17 5.44 62.12
CA PHE U 99 20.98 4.26 61.82
C PHE U 99 20.86 3.24 62.95
N GLY U 100 21.64 2.18 62.82
CA GLY U 100 21.66 1.11 63.81
C GLY U 100 22.55 1.40 64.98
N GLN U 101 23.26 0.39 65.46
CA GLN U 101 24.11 0.53 66.65
C GLN U 101 25.53 0.08 66.44
N GLY U 102 25.75 -0.98 65.66
CA GLY U 102 27.10 -1.43 65.40
C GLY U 102 27.43 -2.83 65.83
N THR U 103 27.58 -3.74 64.86
CA THR U 103 27.87 -5.15 65.12
C THR U 103 29.35 -5.37 64.85
N LYS U 104 30.17 -5.15 65.87
CA LYS U 104 31.61 -5.14 65.70
C LYS U 104 32.15 -6.56 65.51
N VAL U 105 32.24 -7.01 64.27
CA VAL U 105 32.70 -8.36 63.98
C VAL U 105 34.21 -8.43 64.15
N GLU U 106 34.67 -9.36 64.99
CA GLU U 106 36.09 -9.53 65.26
C GLU U 106 36.51 -10.99 65.10
N VAL U 107 37.72 -11.32 65.52
CA VAL U 107 38.14 -12.71 65.61
C VAL U 107 38.51 -13.01 67.05
#